data_7TQS
#
_entry.id   7TQS
#
loop_
_entity.id
_entity.type
_entity.pdbx_description
1 polymer 'pAbC-3 light chain'
2 polymer 'pAbC-3 heavy chain'
3 polymer VP1
4 polymer VP2
5 polymer VP3
6 polymer VP4
7 non-polymer 'MYRISTIC ACID'
#
loop_
_entity_poly.entity_id
_entity_poly.type
_entity_poly.pdbx_seq_one_letter_code
_entity_poly.pdbx_strand_id
1 'polypeptide(L)'
;(UNK)(UNK)(UNK)(UNK)(UNK)(UNK)(UNK)(UNK)(UNK)(UNK)(UNK)(UNK)(UNK)(UNK)(UNK)(UNK)
(UNK)(UNK)(UNK)(UNK)(UNK)(UNK)(UNK)(UNK)(UNK)(UNK)(UNK)(UNK)(UNK)(UNK)(UNK)(UNK)
(UNK)(UNK)(UNK)(UNK)(UNK)(UNK)(UNK)(UNK)(UNK)(UNK)(UNK)(UNK)(UNK)(UNK)(UNK)(UNK)
(UNK)(UNK)(UNK)(UNK)(UNK)(UNK)(UNK)(UNK)(UNK)(UNK)(UNK)(UNK)(UNK)(UNK)(UNK)(UNK)
(UNK)(UNK)(UNK)(UNK)(UNK)(UNK)(UNK)(UNK)(UNK)(UNK)(UNK)(UNK)(UNK)(UNK)(UNK)(UNK)
(UNK)(UNK)(UNK)(UNK)(UNK)(UNK)(UNK)(UNK)(UNK)(UNK)(UNK)(UNK)(UNK)(UNK)(UNK)(UNK)
;
L
2 'polypeptide(L)'
;(UNK)(UNK)(UNK)(UNK)(UNK)(UNK)(UNK)(UNK)(UNK)(UNK)(UNK)(UNK)(UNK)(UNK)(UNK)(UNK)
(UNK)(UNK)(UNK)(UNK)(UNK)(UNK)(UNK)(UNK)(UNK)(UNK)(UNK)(UNK)(UNK)(UNK)(UNK)(UNK)
(UNK)(UNK)(UNK)(UNK)(UNK)(UNK)(UNK)(UNK)(UNK)(UNK)(UNK)(UNK)(UNK)(UNK)(UNK)(UNK)
(UNK)(UNK)(UNK)(UNK)(UNK)(UNK)(UNK)(UNK)(UNK)(UNK)(UNK)(UNK)(UNK)(UNK)(UNK)(UNK)
(UNK)(UNK)(UNK)(UNK)(UNK)(UNK)(UNK)(UNK)(UNK)(UNK)(UNK)(UNK)(UNK)(UNK)(UNK)(UNK)
(UNK)(UNK)(UNK)(UNK)(UNK)(UNK)(UNK)(UNK)(UNK)(UNK)(UNK)(UNK)(UNK)(UNK)(UNK)(UNK)
(UNK)(UNK)(UNK)(UNK)(UNK)(UNK)(UNK)(UNK)(UNK)(UNK)
;
H
3 'polypeptide(L)'
;GIEDLIDTAIKNALRVSQPPSTQSTEATSGVNSQEVPALTAVETGASGQAIPSDVVETRHVVNYKTRSESCLESFFGRAA
CVTILSLTNSSKSGEEKKHFNIWNITYTDTVQLRRKLEFFTYSRFDLEMTFVFTENYPSTASGEVRNQVYQIMYIPPGAP
RPSSWDDYTWQSSSNPSIFYMYGNAPPRMSIPYVGIANAYSHFYDGFARVPLEGENTDAGDTFYGLVSINDFGVLAVRAV
NRSNPHTIHTSVRVYMKPKHIRCWCPRPPRAVLYRGEGVDMISSAILPLAKVDSITTF
;
a,e,i,m,q
4 'polypeptide(L)'
;SPNVEACGYSDRVRQITLGNSTITTQEAANAIVAYGEWPTYINDSEANPVDAPTEPDVSSNRFYTLESVSWKTTSRGWWW
KLPDCLKDMGMFGQNMYYHYLGRSGYTIHVQCNASKFHQGALGVFLIPEFVMACNTESKTSYVSYINANPGERGGEFTNT
YNPSNTDASEGRKFAALDYLLGSGVLAGNAFVYPHQIINLRTNNSATIVVPYVNSLVIDCMAKHNNWGIVILPLAPLAFA
ATSSPQVPITVTIAPMCTEFNGLRNITVPVHQ
;
b,f,j,n,r
5 'polypeptide(L)'
;GLPTMNTPGSNQFLTSDDFQSPCALPNFDVTPPIHIPGEVKNMMELAEIDTLIPMNAVDGKVNTMEMYQIPLNDNLSKAP
IFCLSLSPASDKRLSHTMLGEILNYYTHWTGSIRFTFLFCGSMMATGKLLLSYSPPGAKPPTNRKDAMLGTHIIWDLGLQ
SSCSMVAPWISNTVYRRCARDDFTEGGFITCFYQTRIVVPASTPTSMFMLGFVSACPDFSVRLLRDTPHISQSKLIGRTQ
;
c,g,k,o,s
6 'polypeptide(L)' MGAQVSTQKTGAHENQNVAANGSTINYTTINYYKDSASNSATRQDLSQDPSKFTEPVKDLMLKTAPALN d,h,l,p,t
#
# COMPACT_ATOMS: atom_id res chain seq x y z
N UNK A 1 -28.79 41.14 3.69
CA UNK A 1 -29.41 42.41 4.02
C UNK A 1 -29.38 43.33 2.78
N UNK A 2 -30.24 43.01 1.79
CA UNK A 2 -30.44 43.78 0.56
C UNK A 2 -31.15 45.07 0.91
N UNK A 3 -30.83 46.14 0.22
CA UNK A 3 -31.44 47.41 0.50
C UNK A 3 -31.35 48.30 -0.70
N UNK A 4 -32.21 49.31 -0.74
CA UNK A 4 -32.13 50.30 -1.78
C UNK A 4 -32.63 51.62 -1.24
N UNK A 5 -32.07 52.69 -1.74
CA UNK A 5 -32.46 54.04 -1.36
C UNK A 5 -33.70 54.53 -2.06
N UNK A 6 -33.98 53.98 -3.24
CA UNK A 6 -35.08 54.47 -4.04
C UNK A 6 -36.40 53.92 -3.60
N UNK A 7 -36.84 54.35 -2.41
CA UNK A 7 -38.10 53.90 -1.86
C UNK A 7 -39.27 54.55 -2.58
N UNK A 8 -39.07 55.79 -3.04
CA UNK A 8 -40.08 56.55 -3.74
C UNK A 8 -39.42 57.68 -4.51
N UNK A 9 -40.11 58.21 -5.50
CA UNK A 9 -39.63 59.38 -6.23
C UNK A 9 -40.80 60.16 -6.79
N UNK A 10 -40.60 61.44 -7.06
CA UNK A 10 -41.62 62.30 -7.66
C UNK A 10 -41.92 61.92 -9.09
N UNK A 11 -43.18 62.10 -9.51
CA UNK A 11 -43.56 61.82 -10.89
C UNK A 11 -43.27 62.97 -11.81
N UNK A 12 -41.99 63.28 -11.93
CA UNK A 12 -41.49 64.31 -12.81
C UNK A 12 -40.81 63.58 -13.93
N UNK A 13 -41.40 63.60 -15.10
CA UNK A 13 -40.78 62.81 -16.14
C UNK A 13 -39.43 63.38 -16.47
N UNK A 14 -38.45 62.51 -16.63
CA UNK A 14 -37.13 62.95 -17.01
C UNK A 14 -36.40 61.85 -17.72
N UNK A 15 -35.49 62.24 -18.60
CA UNK A 15 -34.63 61.30 -19.31
C UNK A 15 -33.47 60.84 -18.44
N UNK A 16 -33.18 61.62 -17.41
CA UNK A 16 -32.01 61.41 -16.56
C UNK A 16 -32.07 60.07 -15.87
N UNK A 17 -30.93 59.40 -15.76
CA UNK A 17 -30.89 58.13 -15.07
C UNK A 17 -30.53 58.28 -13.60
N UNK A 18 -31.25 57.57 -12.74
CA UNK A 18 -30.94 57.57 -11.32
C UNK A 18 -31.36 56.25 -10.67
N UNK A 19 -30.92 55.12 -11.21
CA UNK A 19 -31.34 53.83 -10.66
C UNK A 19 -30.42 53.31 -9.56
N UNK A 20 -29.29 53.97 -9.36
CA UNK A 20 -28.32 53.48 -8.40
C UNK A 20 -28.86 53.47 -6.97
N UNK A 21 -28.53 52.43 -6.23
CA UNK A 21 -28.95 52.30 -4.84
C UNK A 21 -28.05 51.34 -4.08
N UNK A 22 -27.95 51.47 -2.74
CA UNK A 22 -27.10 50.53 -2.00
C UNK A 22 -27.77 49.55 -1.10
N UNK A 23 -27.16 48.37 -1.14
CA UNK A 23 -27.42 47.21 -0.31
C UNK A 23 -26.43 47.23 0.82
N UNK A 24 -26.60 46.35 1.81
CA UNK A 24 -25.65 46.33 2.91
C UNK A 24 -24.22 46.02 2.48
N UNK A 25 -24.02 45.21 1.44
CA UNK A 25 -22.66 44.87 1.04
C UNK A 25 -22.54 44.61 -0.44
N UNK A 26 -21.32 44.78 -0.94
CA UNK A 26 -20.98 44.54 -2.33
C UNK A 26 -20.74 43.06 -2.63
N UNK A 27 -21.07 42.68 -3.84
CA UNK A 27 -20.78 41.37 -4.39
C UNK A 27 -20.70 41.53 -5.89
N UNK A 28 -19.91 40.70 -6.53
CA UNK A 28 -19.80 40.78 -7.97
C UNK A 28 -21.02 40.23 -8.68
N UNK A 29 -21.30 40.80 -9.86
CA UNK A 29 -22.30 40.35 -10.81
C UNK A 29 -23.72 40.16 -10.29
N UNK A 30 -24.25 41.13 -9.58
CA UNK A 30 -25.65 41.03 -9.19
C UNK A 30 -26.54 41.60 -10.31
N UNK A 31 -27.71 41.00 -10.50
CA UNK A 31 -28.77 41.39 -11.46
C UNK A 31 -29.76 42.38 -10.85
N UNK A 32 -30.62 43.00 -11.65
CA UNK A 32 -31.65 43.88 -11.08
C UNK A 32 -32.90 43.89 -11.94
N UNK A 33 -34.06 44.18 -11.35
CA UNK A 33 -35.30 44.10 -12.12
C UNK A 33 -36.37 45.11 -11.74
N UNK A 34 -37.31 45.32 -12.66
CA UNK A 34 -38.40 46.25 -12.37
C UNK A 34 -39.72 45.83 -13.01
N UNK A 35 -40.82 46.35 -12.45
CA UNK A 35 -42.17 45.98 -12.88
C UNK A 35 -43.22 47.07 -12.86
N UNK A 36 -44.23 46.83 -13.66
CA UNK A 36 -45.43 47.63 -13.65
C UNK A 36 -46.12 47.32 -12.34
N UNK A 37 -47.02 48.16 -11.91
CA UNK A 37 -47.70 47.82 -10.69
C UNK A 37 -48.45 46.52 -10.87
N UNK A 38 -48.45 45.68 -9.83
CA UNK A 38 -49.15 44.39 -9.87
C UNK A 38 -48.72 43.55 -11.05
N UNK A 39 -47.41 43.44 -11.23
CA UNK A 39 -46.86 42.68 -12.33
C UNK A 39 -45.51 42.09 -12.00
N UNK A 40 -45.17 41.00 -12.69
CA UNK A 40 -43.86 40.38 -12.56
C UNK A 40 -42.79 41.29 -13.17
N UNK A 41 -41.62 41.34 -12.54
CA UNK A 41 -40.52 42.17 -13.03
C UNK A 41 -39.66 41.52 -14.10
N UNK A 42 -39.05 42.36 -14.91
CA UNK A 42 -38.08 41.93 -15.91
C UNK A 42 -36.71 42.36 -15.48
N UNK A 43 -35.69 41.52 -15.72
CA UNK A 43 -34.37 41.88 -15.25
C UNK A 43 -33.38 42.28 -16.31
N UNK A 44 -32.52 43.20 -15.91
CA UNK A 44 -31.35 43.52 -16.66
C UNK A 44 -30.36 42.49 -16.19
N UNK A 45 -29.52 42.07 -17.08
CA UNK A 45 -28.54 41.08 -16.74
C UNK A 45 -27.52 41.68 -15.80
N UNK A 46 -27.03 40.81 -14.96
CA UNK A 46 -25.99 41.15 -14.04
C UNK A 46 -24.78 41.66 -14.73
N UNK A 47 -24.08 42.53 -14.02
CA UNK A 47 -22.86 43.14 -14.48
C UNK A 47 -23.03 43.99 -15.74
N UNK A 48 -24.10 44.80 -15.73
CA UNK A 48 -24.41 45.80 -16.77
C UNK A 48 -24.72 45.29 -18.16
N UNK A 49 -25.73 44.45 -18.30
CA UNK A 49 -26.09 43.93 -19.61
C UNK A 49 -27.56 43.61 -19.63
N UNK A 50 -28.13 43.40 -20.80
CA UNK A 50 -29.51 42.96 -20.80
C UNK A 50 -29.82 42.17 -22.05
N UNK A 51 -30.67 41.15 -21.93
CA UNK A 51 -31.11 40.37 -23.09
C UNK A 51 -32.28 41.06 -23.73
N UNK A 52 -32.01 42.27 -24.21
CA UNK A 52 -32.97 43.21 -24.76
C UNK A 52 -34.02 43.56 -23.71
N UNK A 53 -33.65 43.36 -22.46
CA UNK A 53 -34.48 43.61 -21.30
C UNK A 53 -34.32 45.02 -20.82
N UNK A 54 -33.39 45.74 -21.40
CA UNK A 54 -33.15 47.09 -20.97
C UNK A 54 -32.49 47.91 -22.04
N UNK A 55 -32.80 49.20 -22.06
CA UNK A 55 -32.12 50.13 -22.96
C UNK A 55 -30.90 50.72 -22.25
N UNK A 56 -30.76 50.40 -20.98
CA UNK A 56 -29.65 50.86 -20.16
C UNK A 56 -29.41 49.88 -19.02
N UNK A 57 -28.14 49.60 -18.75
CA UNK A 57 -27.78 48.74 -17.63
C UNK A 57 -26.41 49.15 -17.14
N UNK A 58 -26.19 49.02 -15.83
CA UNK A 58 -24.90 49.33 -15.23
C UNK A 58 -24.80 48.62 -13.89
N UNK A 59 -23.58 48.37 -13.42
CA UNK A 59 -23.40 47.84 -12.08
C UNK A 59 -22.01 48.08 -11.53
N UNK A 60 -21.93 48.37 -10.23
CA UNK A 60 -20.67 48.48 -9.49
C UNK A 60 -20.96 48.66 -8.00
N UNK A 61 -20.07 48.18 -7.13
CA UNK A 61 -20.10 48.41 -5.66
C UNK A 61 -21.35 47.96 -4.90
N UNK A 62 -21.35 48.20 -3.56
CA UNK A 62 -22.52 47.92 -2.71
C UNK A 62 -23.62 48.83 -3.15
N UNK A 63 -23.19 50.05 -3.52
CA UNK A 63 -24.03 51.08 -4.04
C UNK A 63 -24.20 50.81 -5.47
N UNK A 64 -24.93 49.74 -5.75
CA UNK A 64 -24.99 49.27 -7.07
C UNK A 64 -25.28 50.42 -7.96
N UNK A 65 -24.36 50.62 -8.89
CA UNK A 65 -24.45 51.71 -9.83
C UNK A 65 -25.35 51.39 -10.99
N UNK A 66 -26.60 51.15 -10.70
CA UNK A 66 -27.59 50.81 -11.69
C UNK A 66 -27.88 52.00 -12.58
N UNK A 67 -28.15 51.70 -13.83
CA UNK A 67 -28.51 52.66 -14.86
C UNK A 67 -29.98 52.63 -15.08
N UNK A 68 -30.46 53.66 -15.74
CA UNK A 68 -31.84 53.72 -16.12
C UNK A 68 -31.91 54.28 -17.51
N UNK A 69 -32.89 53.85 -18.25
CA UNK A 69 -33.12 54.33 -19.59
C UNK A 69 -33.91 55.62 -19.59
N UNK A 70 -33.78 56.37 -20.67
CA UNK A 70 -34.61 57.56 -20.87
C UNK A 70 -35.98 57.15 -21.40
N UNK A 71 -36.11 55.87 -21.69
CA UNK A 71 -37.32 55.25 -22.19
C UNK A 71 -38.29 55.17 -21.04
N UNK A 72 -39.58 55.25 -21.33
CA UNK A 72 -40.57 55.14 -20.27
C UNK A 72 -40.28 56.14 -19.16
N UNK A 73 -39.97 57.38 -19.55
CA UNK A 73 -39.66 58.47 -18.62
C UNK A 73 -40.89 58.89 -17.84
N UNK A 74 -42.06 58.55 -18.36
CA UNK A 74 -43.34 58.89 -17.80
C UNK A 74 -44.26 57.68 -17.80
N UNK A 75 -45.24 57.69 -16.89
CA UNK A 75 -46.25 56.65 -16.80
C UNK A 75 -45.69 55.23 -16.60
N UNK A 76 -44.72 55.10 -15.70
CA UNK A 76 -44.15 53.80 -15.37
C UNK A 76 -43.95 53.67 -13.86
N UNK A 77 -44.43 52.56 -13.28
CA UNK A 77 -44.34 52.31 -11.82
C UNK A 77 -42.92 52.14 -11.31
N UNK A 78 -42.08 51.52 -12.12
CA UNK A 78 -40.70 51.26 -11.76
C UNK A 78 -40.64 50.56 -10.41
N UNK A 79 -41.53 49.60 -10.19
CA UNK A 79 -41.45 48.87 -8.96
C UNK A 79 -40.13 48.22 -9.15
N UNK A 80 -39.32 48.07 -8.14
CA UNK A 80 -38.04 47.49 -8.48
C UNK A 80 -37.37 46.81 -7.34
N UNK A 81 -36.41 45.98 -7.70
CA UNK A 81 -35.61 45.33 -6.72
C UNK A 81 -34.23 45.04 -7.25
N UNK A 82 -33.31 44.97 -6.32
CA UNK A 82 -31.95 44.61 -6.67
C UNK A 82 -31.74 43.18 -6.29
N UNK A 83 -31.24 42.38 -7.22
CA UNK A 83 -31.00 40.97 -6.95
C UNK A 83 -29.70 40.84 -6.22
N UNK A 84 -29.57 39.78 -5.46
CA UNK A 84 -28.30 39.52 -4.79
C UNK A 84 -27.48 38.50 -5.53
N UNK A 85 -26.17 38.68 -5.50
CA UNK A 85 -25.27 37.69 -6.02
C UNK A 85 -25.08 36.67 -4.90
N UNK A 86 -24.79 35.43 -5.25
CA UNK A 86 -24.59 34.34 -4.29
C UNK A 86 -25.88 34.05 -3.52
N UNK A 87 -25.89 34.22 -2.19
CA UNK A 87 -27.12 33.91 -1.48
C UNK A 87 -28.23 34.81 -1.99
N UNK A 88 -29.41 34.25 -2.18
CA UNK A 88 -30.51 35.04 -2.68
C UNK A 88 -31.02 36.02 -1.64
N UNK A 89 -31.41 37.19 -2.13
CA UNK A 89 -31.99 38.28 -1.36
C UNK A 89 -32.57 39.26 -2.37
N UNK A 90 -33.39 40.22 -1.93
CA UNK A 90 -33.87 41.24 -2.85
C UNK A 90 -34.05 42.56 -2.13
N UNK A 91 -33.58 43.65 -2.75
CA UNK A 91 -33.75 45.00 -2.20
C UNK A 91 -35.07 45.54 -2.63
N UNK A 92 -35.78 46.30 -1.80
CA UNK A 92 -37.03 46.88 -2.26
C UNK A 92 -36.87 48.33 -2.74
N UNK A 93 -37.52 48.65 -3.86
CA UNK A 93 -37.52 49.99 -4.45
C UNK A 93 -38.80 50.27 -5.26
N UNK A 94 -39.02 51.55 -5.53
CA UNK A 94 -40.10 52.07 -6.37
C UNK A 94 -39.64 53.42 -6.93
N UNK A 95 -40.21 53.89 -8.03
CA UNK A 95 -39.72 55.17 -8.54
C UNK A 95 -40.76 55.80 -9.45
N UNK A 96 -40.54 57.08 -9.81
CA UNK A 96 -41.35 57.89 -10.70
C UNK A 96 -40.48 59.07 -11.09
N UNK B 1 -43.16 30.86 -21.21
CA UNK B 1 -42.72 30.71 -19.84
C UNK B 1 -43.67 29.75 -19.13
N UNK B 2 -43.19 29.14 -18.01
CA UNK B 2 -43.92 28.18 -17.17
C UNK B 2 -45.12 28.80 -16.50
N UNK B 3 -46.16 28.01 -16.38
CA UNK B 3 -47.38 28.46 -15.72
C UNK B 3 -47.17 28.36 -14.25
N UNK B 4 -47.83 29.18 -13.46
CA UNK B 4 -47.74 29.01 -12.02
C UNK B 4 -49.09 28.53 -11.47
N UNK B 5 -49.21 27.24 -11.14
CA UNK B 5 -50.47 26.69 -10.66
C UNK B 5 -50.36 26.35 -9.20
N UNK B 6 -51.37 26.67 -8.41
CA UNK B 6 -51.28 26.36 -6.98
C UNK B 6 -52.64 26.26 -6.35
N UNK B 7 -52.72 25.59 -5.20
CA UNK B 7 -54.00 25.65 -4.51
C UNK B 7 -54.32 27.12 -4.29
N UNK B 8 -55.53 27.53 -4.62
CA UNK B 8 -55.92 28.93 -4.43
C UNK B 8 -55.99 29.31 -2.96
N UNK B 9 -56.41 28.38 -2.14
CA UNK B 9 -56.56 28.62 -0.73
C UNK B 9 -56.40 27.33 0.02
N UNK B 10 -56.10 27.45 1.30
CA UNK B 10 -55.91 26.32 2.17
C UNK B 10 -56.28 26.70 3.59
N UNK B 11 -56.51 25.71 4.42
CA UNK B 11 -56.73 26.00 5.81
C UNK B 11 -55.42 26.49 6.37
N UNK B 12 -55.47 27.35 7.37
CA UNK B 12 -54.21 27.72 7.99
C UNK B 12 -53.75 26.52 8.77
N UNK B 13 -52.43 26.38 8.89
CA UNK B 13 -51.78 25.28 9.59
C UNK B 13 -52.18 23.96 8.94
N UNK B 14 -52.15 23.97 7.61
CA UNK B 14 -52.50 22.78 6.86
C UNK B 14 -51.66 22.67 5.61
N UNK B 15 -51.44 21.45 5.14
CA UNK B 15 -50.63 21.24 3.96
C UNK B 15 -51.19 21.88 2.71
N UNK B 16 -50.26 22.35 1.88
CA UNK B 16 -50.55 22.96 0.60
C UNK B 16 -49.43 22.65 -0.38
N UNK B 17 -49.74 22.73 -1.67
CA UNK B 17 -48.74 22.45 -2.70
C UNK B 17 -49.02 23.22 -3.96
N UNK B 18 -47.96 23.31 -4.77
CA UNK B 18 -47.99 24.01 -6.05
C UNK B 18 -47.03 23.40 -7.05
N UNK B 19 -47.28 23.69 -8.34
CA UNK B 19 -46.37 23.24 -9.38
C UNK B 19 -46.40 24.20 -10.55
N UNK B 20 -45.28 24.29 -11.24
CA UNK B 20 -45.22 25.16 -12.39
C UNK B 20 -45.06 24.37 -13.66
N UNK B 21 -46.13 24.29 -14.43
CA UNK B 21 -46.09 23.49 -15.62
C UNK B 21 -45.01 23.98 -16.54
N UNK B 22 -44.29 23.04 -17.11
CA UNK B 22 -43.19 23.31 -17.99
C UNK B 22 -43.67 23.99 -19.24
N UNK B 23 -42.79 24.77 -19.83
CA UNK B 23 -43.11 25.47 -21.06
C UNK B 23 -41.89 25.55 -21.93
N UNK B 24 -42.14 25.68 -23.24
CA UNK B 24 -41.13 25.89 -24.28
C UNK B 24 -40.07 24.81 -24.32
N UNK B 25 -40.41 23.64 -23.79
CA UNK B 25 -39.49 22.52 -23.75
C UNK B 25 -38.16 22.96 -23.15
N UNK B 26 -38.21 23.77 -22.11
CA UNK B 26 -37.00 24.26 -21.50
C UNK B 26 -36.14 23.12 -21.00
N UNK B 27 -34.84 23.27 -21.17
CA UNK B 27 -33.86 22.31 -20.73
C UNK B 27 -32.56 23.05 -20.47
N UNK B 28 -31.68 22.47 -19.67
CA UNK B 28 -30.38 23.08 -19.39
C UNK B 28 -30.57 24.51 -18.89
N UNK B 29 -31.50 24.66 -17.96
CA UNK B 29 -31.83 25.93 -17.37
C UNK B 29 -32.21 25.70 -15.93
N UNK B 30 -32.02 26.74 -15.11
CA UNK B 30 -32.34 26.69 -13.70
C UNK B 30 -33.79 27.02 -13.45
N UNK B 31 -34.28 26.48 -12.36
CA UNK B 31 -35.61 26.77 -11.86
C UNK B 31 -35.50 27.71 -10.67
N UNK B 32 -36.53 28.50 -10.43
CA UNK B 32 -36.51 29.37 -9.28
C UNK B 32 -37.90 29.64 -8.76
N UNK B 33 -37.98 30.08 -7.51
CA UNK B 33 -39.26 30.48 -6.95
C UNK B 33 -39.07 31.66 -6.03
N UNK B 34 -40.13 32.46 -5.89
CA UNK B 34 -40.13 33.62 -5.02
C UNK B 34 -41.54 34.04 -4.67
N UNK B 35 -41.69 34.89 -3.66
CA UNK B 35 -43.02 35.43 -3.38
C UNK B 35 -42.94 36.80 -2.75
N UNK B 36 -43.95 37.65 -2.99
CA UNK B 36 -43.99 38.94 -2.31
C UNK B 36 -45.15 39.08 -1.37
N UNK B 37 -44.85 39.17 -0.10
CA UNK B 37 -45.93 39.26 0.87
C UNK B 37 -46.32 40.71 1.01
N UNK B 38 -47.47 41.10 0.46
CA UNK B 38 -47.85 42.51 0.47
C UNK B 38 -46.72 43.37 -0.10
N UNK B 39 -46.17 42.89 -1.21
CA UNK B 39 -45.06 43.48 -1.98
C UNK B 39 -43.71 43.31 -1.29
N UNK B 40 -43.65 42.61 -0.17
CA UNK B 40 -42.41 42.33 0.49
C UNK B 40 -41.74 41.17 -0.18
N UNK B 41 -41.14 41.45 -1.32
CA UNK B 41 -40.54 40.44 -2.14
C UNK B 41 -39.37 39.79 -1.46
N UNK B 42 -39.32 38.47 -1.60
CA UNK B 42 -38.23 37.67 -1.11
C UNK B 42 -38.06 36.44 -1.99
N UNK B 43 -36.83 35.98 -2.09
CA UNK B 43 -36.52 34.77 -2.84
C UNK B 43 -36.95 33.56 -2.06
N UNK B 44 -37.18 32.46 -2.76
CA UNK B 44 -37.52 31.23 -2.07
C UNK B 44 -36.61 30.09 -2.53
N UNK B 45 -37.20 29.09 -3.17
CA UNK B 45 -36.53 27.89 -3.65
C UNK B 45 -35.74 28.09 -4.95
N UNK B 46 -34.84 27.15 -5.20
CA UNK B 46 -34.12 27.17 -6.46
C UNK B 46 -33.72 25.77 -6.83
N UNK B 47 -33.53 25.53 -8.11
CA UNK B 47 -33.03 24.24 -8.51
C UNK B 47 -32.19 24.32 -9.75
N UNK B 48 -31.20 23.48 -9.78
CA UNK B 48 -30.30 23.36 -10.88
C UNK B 48 -30.92 22.45 -11.86
N UNK B 49 -30.42 22.42 -13.07
CA UNK B 49 -30.97 21.48 -14.02
C UNK B 49 -30.96 20.06 -13.45
N UNK B 50 -29.96 19.72 -12.61
CA UNK B 50 -29.90 18.40 -12.00
C UNK B 50 -29.71 18.42 -10.48
N UNK B 51 -30.24 19.40 -9.74
CA UNK B 51 -30.01 19.45 -8.26
C UNK B 51 -30.93 20.47 -7.57
N UNK B 52 -30.93 20.55 -6.22
CA UNK B 52 -31.82 21.53 -5.57
C UNK B 52 -31.25 22.21 -4.32
N UNK B 53 -31.83 23.38 -4.01
CA UNK B 53 -31.46 24.25 -2.88
C UNK B 53 -32.69 24.97 -2.31
N UNK B 54 -32.57 25.50 -1.09
CA UNK B 54 -33.66 26.23 -0.45
C UNK B 54 -33.13 27.34 0.42
N UNK B 55 -33.97 28.34 0.68
CA UNK B 55 -33.62 29.48 1.52
C UNK B 55 -33.35 29.08 2.94
N UNK B 56 -32.34 29.68 3.56
CA UNK B 56 -32.07 29.37 4.97
C UNK B 56 -33.26 29.76 5.82
N UNK B 57 -33.90 30.85 5.42
CA UNK B 57 -35.06 31.41 6.07
C UNK B 57 -36.22 30.43 6.12
N UNK B 58 -36.24 29.53 5.17
CA UNK B 58 -37.28 28.55 5.03
C UNK B 58 -36.64 27.21 4.97
N UNK B 59 -35.51 27.05 5.66
CA UNK B 59 -34.86 25.79 5.61
C UNK B 59 -35.79 24.78 6.18
N UNK B 60 -35.89 23.64 5.50
CA UNK B 60 -36.72 22.52 5.90
C UNK B 60 -38.19 22.88 6.06
N UNK B 61 -38.61 24.04 5.54
CA UNK B 61 -39.99 24.41 5.62
C UNK B 61 -40.75 23.90 4.42
N UNK B 62 -40.05 23.68 3.30
CA UNK B 62 -40.76 23.28 2.11
C UNK B 62 -39.96 22.42 1.17
N UNK B 63 -40.68 21.62 0.41
CA UNK B 63 -40.16 20.80 -0.66
C UNK B 63 -39.90 21.68 -1.84
N UNK B 64 -38.95 21.27 -2.68
CA UNK B 64 -38.65 21.93 -3.95
C UNK B 64 -38.38 20.86 -4.99
N UNK B 65 -39.37 19.99 -5.15
CA UNK B 65 -39.37 18.83 -6.03
C UNK B 65 -39.46 19.22 -7.48
N UNK B 66 -39.05 18.32 -8.38
CA UNK B 66 -39.21 18.61 -9.78
C UNK B 66 -39.29 17.35 -10.62
N UNK B 67 -39.87 17.54 -11.78
CA UNK B 67 -40.00 16.53 -12.82
C UNK B 67 -39.87 17.28 -14.12
N UNK B 68 -39.53 16.61 -15.20
CA UNK B 68 -39.38 17.35 -16.46
C UNK B 68 -40.65 18.15 -16.80
N UNK B 69 -41.80 17.58 -16.46
CA UNK B 69 -43.08 18.20 -16.73
C UNK B 69 -43.37 19.48 -15.94
N UNK B 70 -42.83 19.63 -14.73
CA UNK B 70 -43.12 20.80 -13.89
C UNK B 70 -42.16 20.96 -12.71
N UNK B 71 -42.02 22.19 -12.26
CA UNK B 71 -41.34 22.44 -10.99
C UNK B 71 -42.37 22.22 -9.89
N UNK B 72 -41.98 21.91 -8.67
CA UNK B 72 -43.00 21.76 -7.64
C UNK B 72 -42.52 22.11 -6.25
N UNK B 73 -43.46 22.39 -5.35
CA UNK B 73 -43.14 22.68 -3.98
C UNK B 73 -44.27 22.30 -3.04
N UNK B 74 -43.93 22.06 -1.78
CA UNK B 74 -44.97 21.73 -0.80
C UNK B 74 -44.58 22.04 0.64
N UNK B 75 -45.56 22.40 1.45
CA UNK B 75 -45.29 22.74 2.85
C UNK B 75 -46.54 22.73 3.73
N UNK B 76 -46.34 22.74 5.06
CA UNK B 76 -47.46 22.99 5.94
C UNK B 76 -47.65 24.49 5.90
N UNK B 77 -48.81 24.96 5.50
CA UNK B 77 -49.03 26.38 5.31
C UNK B 77 -49.55 27.07 6.55
N UNK B 78 -48.69 27.87 7.15
CA UNK B 78 -48.98 28.61 8.36
C UNK B 78 -49.83 29.82 8.05
N UNK B 79 -50.52 30.34 9.04
CA UNK B 79 -51.26 31.55 8.80
C UNK B 79 -50.29 32.62 8.37
N UNK B 80 -50.70 33.46 7.46
CA UNK B 80 -49.88 34.56 6.93
C UNK B 80 -48.68 34.05 6.15
N UNK B 81 -48.71 32.77 5.76
CA UNK B 81 -47.69 32.21 4.89
C UNK B 81 -47.98 32.64 3.46
N UNK B 82 -49.18 33.14 3.28
CA UNK B 82 -49.67 33.59 2.00
C UNK B 82 -48.85 34.75 1.51
N UNK B 83 -48.54 34.73 0.23
CA UNK B 83 -47.77 35.76 -0.42
C UNK B 83 -48.04 35.75 -1.90
N UNK B 84 -47.70 36.81 -2.58
CA UNK B 84 -47.85 36.88 -4.02
C UNK B 84 -46.75 36.12 -4.69
N UNK B 85 -46.93 34.82 -4.71
CA UNK B 85 -46.01 33.81 -5.21
C UNK B 85 -45.77 33.93 -6.69
N UNK B 86 -44.63 33.47 -7.13
CA UNK B 86 -44.32 33.42 -8.55
C UNK B 86 -43.44 32.25 -8.94
N UNK B 87 -43.72 31.69 -10.11
CA UNK B 87 -42.83 30.69 -10.69
C UNK B 87 -41.72 31.49 -11.34
N UNK B 88 -40.51 30.96 -11.38
CA UNK B 88 -39.44 31.69 -12.02
C UNK B 88 -38.41 30.76 -12.65
N UNK B 89 -37.56 31.33 -13.49
CA UNK B 89 -36.51 30.56 -14.18
C UNK B 89 -35.27 31.39 -14.46
N UNK B 90 -34.15 30.71 -14.67
CA UNK B 90 -32.93 31.43 -15.00
C UNK B 90 -31.98 30.73 -15.97
N UNK B 91 -31.35 31.56 -16.75
CA UNK B 91 -30.36 31.23 -17.75
C UNK B 91 -28.98 31.16 -17.14
N UNK B 92 -28.01 30.71 -17.94
CA UNK B 92 -26.62 30.73 -17.48
C UNK B 92 -26.26 32.14 -17.10
N UNK B 93 -26.81 33.10 -17.87
CA UNK B 93 -26.67 34.50 -17.60
C UNK B 93 -27.67 34.87 -16.51
N UNK B 94 -27.26 35.74 -15.61
CA UNK B 94 -28.14 36.15 -14.53
C UNK B 94 -29.10 37.23 -14.98
N UNK B 95 -30.19 36.82 -15.64
CA UNK B 95 -31.12 37.80 -16.18
C UNK B 95 -32.61 37.47 -15.99
N UNK B 96 -33.03 36.74 -14.95
CA UNK B 96 -34.46 36.43 -14.73
C UNK B 96 -35.15 35.92 -15.99
N UNK B 97 -34.91 34.66 -16.36
CA UNK B 97 -35.48 34.14 -17.60
C UNK B 97 -37.00 34.20 -17.54
N UNK B 98 -37.55 33.99 -16.36
CA UNK B 98 -39.00 34.04 -16.22
C UNK B 98 -39.41 34.49 -14.84
N UNK B 99 -40.59 35.08 -14.79
CA UNK B 99 -41.26 35.47 -13.57
C UNK B 99 -42.76 35.50 -13.84
N UNK B 100 -43.47 34.51 -13.32
CA UNK B 100 -44.91 34.32 -13.53
C UNK B 100 -45.70 35.02 -12.47
N UNK B 101 -46.94 35.34 -12.75
CA UNK B 101 -47.79 35.86 -11.69
C UNK B 101 -48.54 34.73 -11.03
N UNK B 102 -48.68 34.79 -9.71
CA UNK B 102 -49.43 33.82 -8.91
C UNK B 102 -49.82 34.48 -7.59
N UNK B 103 -50.67 33.82 -6.82
CA UNK B 103 -51.13 34.33 -5.55
C UNK B 103 -51.43 33.17 -4.62
N UNK B 104 -51.54 33.45 -3.33
CA UNK B 104 -51.79 32.39 -2.35
C UNK B 104 -52.60 32.89 -1.16
N UNK B 105 -53.21 31.93 -0.47
CA UNK B 105 -53.98 32.13 0.75
C UNK B 105 -53.85 30.86 1.61
N UNK B 106 -54.07 30.96 2.95
CA UNK B 106 -54.02 29.83 3.90
C UNK B 106 -55.03 30.07 5.01
N SER C 17 -8.49 -12.83 30.00
CA SER C 17 -9.04 -14.16 30.21
C SER C 17 -10.30 -14.32 29.32
N GLN C 18 -11.24 -15.21 29.72
CA GLN C 18 -12.51 -15.51 29.07
C GLN C 18 -13.51 -14.38 29.31
N PRO C 19 -14.12 -13.76 28.28
CA PRO C 19 -15.08 -12.69 28.45
C PRO C 19 -16.31 -13.28 29.09
N PRO C 20 -17.09 -12.49 29.83
CA PRO C 20 -18.30 -12.91 30.48
C PRO C 20 -19.42 -13.20 29.52
N SER C 21 -20.24 -14.16 29.92
CA SER C 21 -21.45 -14.57 29.26
C SER C 21 -22.64 -14.01 29.99
N THR C 22 -23.82 -14.16 29.41
CA THR C 22 -25.03 -13.68 30.06
C THR C 22 -25.42 -14.66 31.14
N GLN C 23 -26.37 -14.28 31.97
CA GLN C 23 -26.74 -15.09 33.11
C GLN C 23 -27.11 -16.52 32.75
N SER C 24 -26.47 -17.47 33.44
CA SER C 24 -26.74 -18.89 33.27
C SER C 24 -27.98 -19.25 34.06
N THR C 25 -28.55 -20.42 33.80
CA THR C 25 -29.71 -20.81 34.59
C THR C 25 -29.40 -21.98 35.47
N GLU C 26 -29.65 -21.83 36.75
CA GLU C 26 -29.39 -22.91 37.69
C GLU C 26 -30.55 -23.89 37.67
N ALA C 27 -30.30 -25.13 38.05
CA ALA C 27 -31.43 -26.04 38.17
C ALA C 27 -32.18 -25.73 39.44
N THR C 28 -33.49 -25.88 39.41
CA THR C 28 -34.28 -25.70 40.62
C THR C 28 -35.51 -26.59 40.62
N SER C 29 -36.37 -26.40 41.60
CA SER C 29 -37.57 -27.21 41.69
C SER C 29 -38.72 -26.38 42.22
N GLY C 30 -39.82 -27.04 42.56
CA GLY C 30 -41.02 -26.34 43.02
C GLY C 30 -40.77 -25.75 44.40
N VAL C 31 -41.39 -24.61 44.66
CA VAL C 31 -41.22 -23.97 45.95
C VAL C 31 -42.50 -23.67 46.69
N ASN C 32 -42.52 -24.09 47.93
CA ASN C 32 -43.62 -23.82 48.84
C ASN C 32 -43.03 -23.03 49.98
N SER C 33 -43.18 -21.72 49.97
CA SER C 33 -42.51 -20.90 50.96
C SER C 33 -43.12 -19.54 51.18
N GLN C 34 -42.52 -18.80 52.11
CA GLN C 34 -42.91 -17.43 52.40
C GLN C 34 -42.08 -16.45 51.60
N GLU C 35 -41.07 -16.96 50.90
CA GLU C 35 -40.22 -16.15 50.05
C GLU C 35 -40.98 -15.94 48.77
N VAL C 36 -41.13 -14.71 48.31
CA VAL C 36 -41.92 -14.58 47.10
C VAL C 36 -41.27 -13.66 46.10
N PRO C 37 -40.37 -14.14 45.25
CA PRO C 37 -39.64 -13.32 44.31
C PRO C 37 -40.52 -12.70 43.22
N ALA C 38 -41.70 -13.26 43.02
CA ALA C 38 -42.59 -12.76 42.00
C ALA C 38 -43.43 -11.58 42.43
N LEU C 39 -43.53 -11.32 43.72
CA LEU C 39 -44.39 -10.21 44.12
C LEU C 39 -43.53 -9.13 44.67
N THR C 40 -43.66 -7.98 44.09
CA THR C 40 -42.84 -6.84 44.38
C THR C 40 -43.63 -5.56 44.25
N ALA C 41 -42.92 -4.47 44.03
CA ALA C 41 -43.52 -3.16 43.88
C ALA C 41 -42.69 -2.48 42.84
N VAL C 42 -43.28 -1.53 42.12
CA VAL C 42 -42.56 -0.78 41.11
C VAL C 42 -42.65 0.64 41.48
N GLU C 43 -43.39 0.84 42.56
CA GLU C 43 -43.60 2.16 43.13
C GLU C 43 -42.30 2.70 43.65
N THR C 44 -41.40 1.79 43.90
CA THR C 44 -40.09 2.01 44.43
C THR C 44 -39.13 2.52 43.38
N GLY C 45 -39.51 2.44 42.10
CA GLY C 45 -38.65 2.87 41.00
C GLY C 45 -37.82 1.74 40.46
N ALA C 46 -37.90 0.59 41.10
CA ALA C 46 -37.15 -0.55 40.66
C ALA C 46 -37.97 -1.40 39.70
N SER C 47 -37.26 -2.06 38.81
CA SER C 47 -37.83 -3.02 37.87
C SER C 47 -38.02 -4.33 38.59
N GLY C 48 -38.87 -5.21 38.05
CA GLY C 48 -39.04 -6.51 38.70
C GLY C 48 -37.76 -7.31 38.59
N GLN C 49 -37.42 -8.06 39.64
CA GLN C 49 -36.19 -8.84 39.64
C GLN C 49 -36.37 -10.35 39.55
N ALA C 50 -37.57 -10.83 39.28
CA ALA C 50 -37.77 -12.27 39.16
C ALA C 50 -37.19 -12.73 37.84
N ILE C 51 -36.57 -13.91 37.80
CA ILE C 51 -36.04 -14.49 36.57
C ILE C 51 -36.68 -15.90 36.43
N PRO C 52 -36.49 -16.65 35.34
CA PRO C 52 -37.12 -17.94 35.13
C PRO C 52 -37.01 -18.91 36.28
N SER C 53 -35.91 -18.91 37.04
CA SER C 53 -35.77 -19.85 38.15
C SER C 53 -36.65 -19.53 39.34
N ASP C 54 -37.21 -18.32 39.35
CA ASP C 54 -38.08 -17.88 40.41
C ASP C 54 -39.53 -18.20 40.08
N VAL C 55 -39.85 -18.19 38.80
CA VAL C 55 -41.22 -18.41 38.39
C VAL C 55 -41.54 -19.86 38.01
N VAL C 56 -40.65 -20.55 37.30
CA VAL C 56 -40.92 -21.91 36.88
C VAL C 56 -39.81 -22.84 37.31
N GLU C 57 -40.07 -24.13 37.31
CA GLU C 57 -38.97 -25.03 37.58
C GLU C 57 -38.06 -24.93 36.38
N THR C 58 -36.74 -24.85 36.61
CA THR C 58 -35.77 -24.76 35.54
C THR C 58 -34.72 -25.83 35.60
N ARG C 59 -34.04 -25.99 34.48
CA ARG C 59 -32.94 -26.93 34.40
C ARG C 59 -31.67 -26.18 34.38
N HIS C 60 -30.58 -26.87 34.60
CA HIS C 60 -29.32 -26.18 34.49
C HIS C 60 -29.02 -25.96 33.02
N VAL C 61 -28.74 -24.72 32.68
CA VAL C 61 -28.37 -24.37 31.32
C VAL C 61 -27.06 -23.64 31.37
N VAL C 62 -26.07 -24.14 30.67
CA VAL C 62 -24.80 -23.45 30.70
C VAL C 62 -24.85 -22.40 29.63
N ASN C 63 -24.59 -21.18 30.01
CA ASN C 63 -24.70 -20.07 29.10
C ASN C 63 -23.36 -19.51 28.67
N TYR C 64 -23.02 -19.70 27.40
CA TYR C 64 -21.78 -19.22 26.82
C TYR C 64 -22.03 -18.09 25.83
N LYS C 65 -23.24 -17.58 25.81
CA LYS C 65 -23.63 -16.52 24.87
C LYS C 65 -23.19 -15.20 25.45
N THR C 66 -22.88 -14.21 24.62
CA THR C 66 -22.45 -12.94 25.23
C THR C 66 -23.19 -11.73 24.68
N ARG C 67 -22.78 -10.54 25.10
CA ARG C 67 -23.38 -9.27 24.71
C ARG C 67 -22.44 -8.34 23.98
N SER C 68 -21.56 -8.88 23.19
CA SER C 68 -20.59 -8.06 22.49
C SER C 68 -21.21 -7.07 21.53
N GLU C 69 -22.32 -7.41 20.93
CA GLU C 69 -22.90 -6.52 19.95
C GLU C 69 -23.80 -5.50 20.57
N SER C 70 -23.93 -5.55 21.87
CA SER C 70 -24.72 -4.59 22.55
C SER C 70 -23.80 -3.56 23.19
N CYS C 71 -22.49 -3.71 22.99
CA CYS C 71 -21.60 -2.75 23.60
C CYS C 71 -21.84 -1.45 22.91
N LEU C 72 -21.71 -0.33 23.62
CA LEU C 72 -21.95 0.93 22.90
C LEU C 72 -20.99 1.11 21.77
N GLU C 73 -19.78 0.60 21.93
CA GLU C 73 -18.78 0.71 20.90
C GLU C 73 -19.24 0.01 19.62
N SER C 74 -19.96 -1.10 19.76
CA SER C 74 -20.43 -1.86 18.62
C SER C 74 -21.70 -1.23 18.04
N PHE C 75 -22.57 -0.75 18.93
CA PHE C 75 -23.85 -0.17 18.54
C PHE C 75 -23.60 0.99 17.60
N PHE C 76 -22.63 1.80 17.98
CA PHE C 76 -22.25 2.99 17.25
C PHE C 76 -21.03 2.76 16.39
N GLY C 77 -20.68 1.52 16.10
CA GLY C 77 -19.44 1.23 15.41
C GLY C 77 -19.48 1.25 13.88
N ARG C 78 -20.56 1.70 13.27
CA ARG C 78 -20.61 1.70 11.81
C ARG C 78 -20.72 3.14 11.32
N ALA C 79 -20.14 3.42 10.15
CA ALA C 79 -20.22 4.73 9.53
C ALA C 79 -21.60 4.99 8.98
N ALA C 80 -22.03 6.26 9.00
CA ALA C 80 -23.34 6.61 8.45
C ALA C 80 -23.30 7.87 7.62
N CYS C 81 -24.11 7.94 6.58
CA CYS C 81 -24.14 9.16 5.79
C CYS C 81 -24.79 10.30 6.54
N VAL C 82 -24.18 11.49 6.47
CA VAL C 82 -24.74 12.69 7.07
C VAL C 82 -25.03 13.86 6.14
N THR C 83 -24.52 13.85 4.91
CA THR C 83 -24.76 14.94 3.97
C THR C 83 -24.36 14.59 2.55
N ILE C 84 -24.92 15.33 1.59
CA ILE C 84 -24.67 15.20 0.14
C ILE C 84 -23.62 16.15 -0.47
N LEU C 85 -23.63 17.42 -0.08
CA LEU C 85 -22.66 18.42 -0.58
C LEU C 85 -22.47 18.57 -2.11
N SER C 86 -23.52 18.71 -2.89
CA SER C 86 -23.29 18.79 -4.33
C SER C 86 -22.59 20.05 -4.86
N LEU C 87 -21.82 19.84 -5.95
CA LEU C 87 -21.02 20.85 -6.69
C LEU C 87 -21.19 20.80 -8.20
N THR C 88 -21.04 21.95 -8.87
CA THR C 88 -21.01 21.94 -10.33
C THR C 88 -19.76 22.61 -10.93
N ASN C 89 -19.00 21.87 -11.73
CA ASN C 89 -17.84 22.46 -12.40
C ASN C 89 -18.25 22.82 -13.82
N SER C 90 -18.48 24.11 -14.07
CA SER C 90 -18.99 24.60 -15.35
C SER C 90 -18.41 25.91 -15.79
N SER C 91 -18.40 26.12 -17.10
CA SER C 91 -17.92 27.32 -17.75
C SER C 91 -18.94 28.46 -17.76
N LYS C 92 -20.16 28.14 -17.35
CA LYS C 92 -21.25 29.09 -17.33
C LYS C 92 -21.17 29.99 -16.11
N SER C 93 -21.68 31.22 -16.21
CA SER C 93 -21.54 32.16 -15.12
C SER C 93 -22.30 31.87 -13.83
N GLY C 94 -23.59 31.50 -13.87
CA GLY C 94 -24.29 31.28 -12.61
C GLY C 94 -23.70 30.11 -11.82
N GLU C 95 -23.25 29.15 -12.57
CA GLU C 95 -22.69 27.95 -12.06
C GLU C 95 -21.38 28.16 -11.34
N GLU C 96 -20.74 29.30 -11.53
CA GLU C 96 -19.51 29.50 -10.80
C GLU C 96 -19.83 29.51 -9.32
N LYS C 97 -20.94 30.12 -8.92
CA LYS C 97 -21.29 30.10 -7.47
C LYS C 97 -21.50 28.64 -7.06
N LYS C 98 -22.06 27.87 -7.97
CA LYS C 98 -22.39 26.48 -7.68
C LYS C 98 -21.17 25.57 -7.70
N HIS C 99 -20.00 26.12 -8.01
CA HIS C 99 -18.73 25.41 -8.06
C HIS C 99 -18.29 25.05 -6.67
N PHE C 100 -18.75 25.76 -5.64
CA PHE C 100 -18.17 25.50 -4.28
C PHE C 100 -19.25 25.53 -3.19
N ASN C 101 -19.29 24.49 -2.36
CA ASN C 101 -20.33 24.20 -1.37
C ASN C 101 -19.86 24.22 0.08
N ILE C 102 -20.37 25.16 0.88
CA ILE C 102 -19.96 25.22 2.28
C ILE C 102 -21.06 24.71 3.20
N TRP C 103 -20.74 23.64 3.94
CA TRP C 103 -21.66 22.97 4.85
C TRP C 103 -21.35 23.03 6.33
N ASN C 104 -22.38 23.21 7.14
CA ASN C 104 -22.22 23.23 8.60
C ASN C 104 -22.00 21.85 9.08
N ILE C 105 -21.05 21.65 9.96
CA ILE C 105 -20.87 20.30 10.42
C ILE C 105 -21.90 19.95 11.45
N THR C 106 -22.63 18.90 11.13
CA THR C 106 -23.71 18.39 11.93
C THR C 106 -24.05 17.00 11.49
N TYR C 107 -24.74 16.29 12.34
CA TYR C 107 -25.26 14.98 12.00
C TYR C 107 -26.77 15.02 11.97
N THR C 108 -27.32 16.20 12.14
CA THR C 108 -28.76 16.35 12.25
C THR C 108 -29.45 16.41 10.92
N ASP C 109 -28.69 16.33 9.85
CA ASP C 109 -29.26 16.33 8.54
C ASP C 109 -29.85 14.97 8.23
N THR C 110 -29.34 13.88 8.84
CA THR C 110 -29.85 12.55 8.52
C THR C 110 -30.42 11.86 9.74
N VAL C 111 -31.58 11.28 9.55
CA VAL C 111 -32.27 10.68 10.67
C VAL C 111 -31.72 9.41 11.26
N GLN C 112 -31.13 8.51 10.48
CA GLN C 112 -30.78 7.30 11.19
C GLN C 112 -29.69 7.50 12.23
N LEU C 113 -28.67 8.30 11.92
CA LEU C 113 -27.61 8.50 12.87
C LEU C 113 -28.09 9.37 13.99
N ARG C 114 -28.86 10.39 13.66
CA ARG C 114 -29.31 11.26 14.69
C ARG C 114 -30.08 10.49 15.72
N ARG C 115 -30.97 9.61 15.29
CA ARG C 115 -31.75 8.89 16.25
C ARG C 115 -30.91 8.03 17.15
N LYS C 116 -29.91 7.35 16.61
CA LYS C 116 -29.10 6.52 17.48
C LYS C 116 -28.36 7.36 18.53
N LEU C 117 -27.83 8.50 18.11
CA LEU C 117 -27.12 9.34 19.05
C LEU C 117 -28.04 9.90 20.11
N GLU C 118 -29.31 10.17 19.74
CA GLU C 118 -30.27 10.73 20.68
C GLU C 118 -30.78 9.74 21.72
N PHE C 119 -30.25 8.51 21.72
CA PHE C 119 -30.55 7.62 22.84
C PHE C 119 -29.85 8.16 24.06
N PHE C 120 -28.80 8.94 23.89
CA PHE C 120 -28.08 9.41 25.04
C PHE C 120 -28.13 10.90 25.20
N THR C 121 -28.07 11.36 26.44
CA THR C 121 -28.12 12.78 26.66
C THR C 121 -26.78 13.42 26.34
N TYR C 122 -25.70 12.75 26.76
CA TYR C 122 -24.35 13.24 26.56
C TYR C 122 -23.49 12.11 26.07
N SER C 123 -22.50 12.41 25.26
CA SER C 123 -21.55 11.39 24.84
C SER C 123 -20.20 11.97 24.50
N ARG C 124 -19.20 11.12 24.54
CA ARG C 124 -17.85 11.50 24.19
C ARG C 124 -17.23 10.49 23.28
N PHE C 125 -16.68 10.96 22.18
CA PHE C 125 -16.09 10.08 21.21
C PHE C 125 -15.13 10.76 20.29
N ASP C 126 -14.31 9.95 19.62
CA ASP C 126 -13.45 10.42 18.55
C ASP C 126 -14.24 10.16 17.29
N LEU C 127 -13.99 10.88 16.23
CA LEU C 127 -14.76 10.68 15.03
C LEU C 127 -13.99 10.38 13.75
N GLU C 128 -14.39 9.34 13.04
CA GLU C 128 -13.79 9.04 11.76
C GLU C 128 -14.64 9.56 10.61
N MET C 129 -14.04 10.30 9.68
CA MET C 129 -14.82 10.74 8.54
C MET C 129 -14.27 10.23 7.21
N THR C 130 -15.18 9.73 6.39
CA THR C 130 -14.85 9.21 5.05
C THR C 130 -15.69 9.91 4.00
N PHE C 131 -15.09 10.29 2.90
CA PHE C 131 -15.84 11.01 1.88
C PHE C 131 -16.02 10.26 0.57
N VAL C 132 -17.24 10.00 0.18
CA VAL C 132 -17.45 9.24 -1.04
C VAL C 132 -17.88 10.15 -2.17
N PHE C 133 -17.03 10.25 -3.16
CA PHE C 133 -17.27 11.12 -4.29
C PHE C 133 -17.87 10.36 -5.43
N THR C 134 -18.87 10.98 -6.03
CA THR C 134 -19.45 10.42 -7.27
C THR C 134 -19.62 11.60 -8.23
N GLU C 135 -19.73 11.31 -9.50
CA GLU C 135 -19.94 12.43 -10.42
C GLU C 135 -20.66 12.00 -11.70
N ASN C 136 -21.26 12.96 -12.38
CA ASN C 136 -21.93 12.72 -13.65
C ASN C 136 -21.98 13.95 -14.51
N TYR C 137 -22.32 13.77 -15.77
CA TYR C 137 -22.56 14.95 -16.57
C TYR C 137 -24.04 15.27 -16.31
N PRO C 138 -24.42 16.48 -15.85
CA PRO C 138 -25.79 16.88 -15.56
C PRO C 138 -26.49 17.44 -16.77
N SER C 139 -25.79 17.43 -17.86
CA SER C 139 -26.21 18.06 -19.08
C SER C 139 -27.00 17.15 -19.96
N THR C 140 -27.35 17.67 -21.12
CA THR C 140 -28.10 16.93 -22.09
C THR C 140 -27.11 16.20 -22.98
N ALA C 141 -25.84 16.60 -22.88
CA ALA C 141 -24.76 16.01 -23.64
C ALA C 141 -23.45 16.06 -22.87
N SER C 142 -22.64 15.02 -23.08
CA SER C 142 -21.31 14.87 -22.50
C SER C 142 -20.22 15.04 -23.52
N GLY C 143 -18.98 15.08 -23.04
CA GLY C 143 -17.82 15.16 -23.90
C GLY C 143 -16.56 15.08 -23.06
N GLU C 144 -15.40 15.16 -23.68
CA GLU C 144 -14.18 14.98 -22.92
C GLU C 144 -13.93 16.07 -21.89
N VAL C 145 -13.57 15.62 -20.69
CA VAL C 145 -13.19 16.42 -19.54
C VAL C 145 -12.05 15.68 -18.85
N ARG C 146 -11.12 16.40 -18.26
CA ARG C 146 -10.01 15.78 -17.55
C ARG C 146 -10.45 15.34 -16.15
N ASN C 147 -9.70 14.44 -15.52
CA ASN C 147 -10.07 14.00 -14.17
C ASN C 147 -10.05 15.15 -13.20
N GLN C 148 -11.04 15.16 -12.33
CA GLN C 148 -11.22 16.20 -11.34
C GLN C 148 -10.51 15.88 -10.05
N VAL C 149 -10.11 16.94 -9.38
CA VAL C 149 -9.47 16.90 -8.09
C VAL C 149 -10.28 17.79 -7.18
N TYR C 150 -10.51 17.33 -5.96
CA TYR C 150 -11.30 18.07 -5.01
C TYR C 150 -10.55 18.39 -3.73
N GLN C 151 -10.87 19.54 -3.17
CA GLN C 151 -10.31 19.96 -1.89
C GLN C 151 -11.36 20.13 -0.82
N ILE C 152 -11.15 19.47 0.29
CA ILE C 152 -12.04 19.60 1.43
C ILE C 152 -11.34 20.36 2.52
N MET C 153 -11.78 21.56 2.82
CA MET C 153 -11.13 22.34 3.84
C MET C 153 -11.99 22.48 5.08
N TYR C 154 -11.37 22.32 6.22
CA TYR C 154 -12.07 22.53 7.44
C TYR C 154 -11.91 23.93 7.87
N ILE C 155 -13.00 24.61 8.11
CA ILE C 155 -12.95 25.96 8.57
C ILE C 155 -13.55 25.99 9.95
N PRO C 156 -12.74 26.00 11.00
CA PRO C 156 -13.15 25.99 12.37
C PRO C 156 -13.92 27.26 12.64
N PRO C 157 -14.72 27.32 13.70
CA PRO C 157 -15.45 28.50 14.06
C PRO C 157 -14.49 29.64 14.23
N GLY C 158 -14.82 30.79 13.70
CA GLY C 158 -13.99 31.98 13.81
C GLY C 158 -12.99 32.14 12.69
N ALA C 159 -12.80 31.11 11.89
CA ALA C 159 -11.86 31.16 10.79
C ALA C 159 -12.50 31.87 9.62
N PRO C 160 -11.72 32.46 8.69
CA PRO C 160 -12.19 33.07 7.47
C PRO C 160 -12.95 32.11 6.62
N ARG C 161 -14.03 32.58 6.04
CA ARG C 161 -14.83 31.74 5.20
C ARG C 161 -14.78 32.32 3.79
N PRO C 162 -14.41 31.56 2.77
CA PRO C 162 -14.24 32.00 1.40
C PRO C 162 -15.55 32.43 0.79
N SER C 163 -15.48 33.45 -0.07
CA SER C 163 -16.66 33.92 -0.79
C SER C 163 -16.65 33.41 -2.22
N SER C 164 -15.63 32.66 -2.53
CA SER C 164 -15.40 32.13 -3.85
C SER C 164 -14.69 30.82 -3.84
N TRP C 165 -14.97 30.01 -4.82
CA TRP C 165 -14.30 28.74 -4.92
C TRP C 165 -12.79 28.90 -5.01
N ASP C 166 -12.32 30.02 -5.55
CA ASP C 166 -10.90 30.27 -5.70
C ASP C 166 -10.42 31.40 -4.79
N ASP C 167 -11.14 31.63 -3.70
CA ASP C 167 -10.76 32.70 -2.80
C ASP C 167 -9.46 32.35 -2.11
N TYR C 168 -8.78 33.36 -1.62
CA TYR C 168 -7.45 33.19 -1.03
C TYR C 168 -7.43 32.28 0.18
N THR C 169 -8.55 32.09 0.83
CA THR C 169 -8.54 31.31 2.04
C THR C 169 -8.24 29.84 1.77
N TRP C 170 -8.31 29.44 0.50
CA TRP C 170 -8.01 28.04 0.14
C TRP C 170 -6.50 27.77 0.17
N GLN C 171 -5.73 28.70 0.73
CA GLN C 171 -4.31 28.54 1.01
C GLN C 171 -4.15 27.52 2.12
N SER C 172 -5.10 27.49 3.05
CA SER C 172 -5.09 26.52 4.13
C SER C 172 -3.79 26.48 4.90
N SER C 173 -3.21 27.61 5.28
CA SER C 173 -1.95 27.46 6.02
C SER C 173 -2.15 26.94 7.43
N SER C 174 -3.33 27.15 7.99
CA SER C 174 -3.62 26.66 9.32
C SER C 174 -4.82 25.74 9.27
N ASN C 175 -5.80 26.10 8.45
CA ASN C 175 -6.99 25.28 8.33
C ASN C 175 -6.56 23.91 7.81
N PRO C 176 -6.93 22.79 8.43
CA PRO C 176 -6.65 21.47 7.94
C PRO C 176 -7.37 21.30 6.64
N SER C 177 -6.78 20.61 5.69
CA SER C 177 -7.47 20.35 4.45
C SER C 177 -6.96 19.09 3.79
N ILE C 178 -7.78 18.52 2.94
CA ILE C 178 -7.38 17.34 2.20
C ILE C 178 -7.68 17.38 0.71
N PHE C 179 -6.73 16.89 -0.07
CA PHE C 179 -6.85 16.82 -1.50
C PHE C 179 -7.05 15.40 -2.01
N TYR C 180 -8.16 15.21 -2.68
CA TYR C 180 -8.57 13.92 -3.23
C TYR C 180 -8.71 13.93 -4.73
N MET C 181 -8.17 12.93 -5.39
CA MET C 181 -8.32 12.88 -6.83
C MET C 181 -9.39 11.88 -7.14
N TYR C 182 -10.29 12.26 -8.00
CA TYR C 182 -11.35 11.34 -8.27
C TYR C 182 -10.74 10.12 -8.89
N GLY C 183 -11.13 8.96 -8.39
CA GLY C 183 -10.61 7.72 -8.90
C GLY C 183 -9.90 6.95 -7.79
N ASN C 184 -9.46 7.63 -6.75
CA ASN C 184 -8.82 6.89 -5.67
C ASN C 184 -9.80 6.45 -4.62
N ALA C 185 -9.30 5.73 -3.63
CA ALA C 185 -10.13 5.28 -2.54
C ALA C 185 -10.64 6.51 -1.82
N PRO C 186 -11.83 6.50 -1.22
CA PRO C 186 -12.35 7.62 -0.49
C PRO C 186 -11.31 8.07 0.49
N PRO C 187 -11.09 9.38 0.67
CA PRO C 187 -10.16 9.95 1.57
C PRO C 187 -10.72 9.78 2.96
N ARG C 188 -9.83 9.70 3.93
CA ARG C 188 -10.23 9.52 5.31
C ARG C 188 -9.42 10.34 6.30
N MET C 189 -10.11 10.87 7.31
CA MET C 189 -9.46 11.62 8.38
C MET C 189 -9.98 11.30 9.76
N SER C 190 -9.09 11.26 10.76
CA SER C 190 -9.55 11.10 12.13
C SER C 190 -9.59 12.42 12.88
N ILE C 191 -10.69 12.64 13.58
CA ILE C 191 -10.89 13.82 14.38
C ILE C 191 -10.98 13.43 15.87
N PRO C 192 -10.17 13.98 16.76
CA PRO C 192 -10.20 13.71 18.18
C PRO C 192 -11.42 14.37 18.76
N TYR C 193 -11.85 13.97 19.93
CA TYR C 193 -12.94 14.70 20.59
C TYR C 193 -12.56 16.16 20.70
N VAL C 194 -13.44 17.03 20.24
CA VAL C 194 -13.19 18.49 20.25
C VAL C 194 -14.19 19.32 21.01
N GLY C 195 -14.89 18.74 21.95
CA GLY C 195 -15.82 19.55 22.71
C GLY C 195 -15.08 20.44 23.71
N ILE C 196 -15.77 21.47 24.19
CA ILE C 196 -15.21 22.42 25.15
C ILE C 196 -15.85 22.24 26.51
N ALA C 197 -16.54 21.13 26.55
CA ALA C 197 -17.22 20.56 27.68
C ALA C 197 -16.56 19.23 27.84
N ASN C 198 -16.91 18.46 28.85
CA ASN C 198 -16.17 17.24 29.02
C ASN C 198 -16.86 16.10 28.27
N ALA C 199 -17.97 16.44 27.62
CA ALA C 199 -18.78 15.56 26.79
C ALA C 199 -19.56 16.42 25.83
N TYR C 200 -19.97 15.88 24.71
CA TYR C 200 -20.81 16.63 23.82
C TYR C 200 -22.20 16.51 24.34
N SER C 201 -22.98 17.57 24.27
CA SER C 201 -24.35 17.45 24.68
C SER C 201 -25.16 17.21 23.45
N HIS C 202 -26.17 16.36 23.54
CA HIS C 202 -27.06 16.16 22.40
C HIS C 202 -28.30 16.99 22.57
N PHE C 203 -28.47 17.50 23.77
CA PHE C 203 -29.62 18.29 24.14
C PHE C 203 -29.18 19.48 24.95
N TYR C 204 -29.87 20.59 24.84
CA TYR C 204 -29.58 21.70 25.72
C TYR C 204 -30.81 22.42 26.14
N ASP C 205 -31.25 22.16 27.35
CA ASP C 205 -32.47 22.77 27.82
C ASP C 205 -32.17 24.12 28.39
N GLY C 206 -32.02 25.06 27.52
CA GLY C 206 -31.63 26.37 27.96
C GLY C 206 -31.45 27.31 26.81
N PHE C 207 -30.98 28.48 27.17
CA PHE C 207 -30.77 29.53 26.22
C PHE C 207 -29.30 29.85 26.12
N ALA C 208 -28.88 30.31 24.94
CA ALA C 208 -27.50 30.78 24.75
C ALA C 208 -27.17 31.97 25.63
N ARG C 209 -28.15 32.84 25.87
CA ARG C 209 -27.95 34.02 26.71
C ARG C 209 -29.22 34.32 27.47
N VAL C 210 -29.11 35.05 28.57
CA VAL C 210 -30.30 35.42 29.33
C VAL C 210 -30.71 36.83 28.99
N PRO C 211 -31.88 37.08 28.43
CA PRO C 211 -32.32 38.40 28.09
C PRO C 211 -32.56 39.06 29.41
N LEU C 212 -32.16 40.31 29.58
CA LEU C 212 -32.34 41.00 30.84
C LEU C 212 -33.41 42.02 30.78
N GLU C 213 -33.99 42.34 31.91
CA GLU C 213 -35.07 43.30 31.93
C GLU C 213 -34.63 44.56 31.21
N GLY C 214 -35.47 44.99 30.28
CA GLY C 214 -35.28 46.12 29.40
C GLY C 214 -35.40 45.60 27.97
N GLU C 215 -35.12 44.30 27.83
CA GLU C 215 -35.27 43.58 26.58
C GLU C 215 -36.72 43.17 26.42
N ASN C 216 -37.10 42.87 25.19
CA ASN C 216 -38.44 42.45 24.85
C ASN C 216 -38.78 41.07 25.38
N THR C 217 -40.08 40.80 25.52
CA THR C 217 -40.52 39.51 26.01
C THR C 217 -40.54 38.44 24.93
N ASP C 218 -40.72 38.84 23.68
CA ASP C 218 -40.73 37.90 22.57
C ASP C 218 -39.31 37.73 22.08
N ALA C 219 -38.50 37.15 22.95
CA ALA C 219 -37.07 37.05 22.73
C ALA C 219 -36.57 35.62 22.67
N GLY C 220 -37.36 34.72 22.11
CA GLY C 220 -36.89 33.36 21.94
C GLY C 220 -35.73 33.49 21.00
N ASP C 221 -36.05 33.96 19.81
CA ASP C 221 -35.12 34.37 18.79
C ASP C 221 -34.01 33.38 18.52
N THR C 222 -34.35 32.10 18.41
CA THR C 222 -33.43 30.98 18.11
C THR C 222 -32.45 30.70 19.24
N PHE C 223 -32.53 31.43 20.34
CA PHE C 223 -31.61 31.24 21.44
C PHE C 223 -31.85 29.94 22.14
N TYR C 224 -33.08 29.43 22.03
CA TYR C 224 -33.42 28.22 22.76
C TYR C 224 -32.95 26.97 22.09
N GLY C 225 -32.26 26.13 22.85
CA GLY C 225 -31.82 24.84 22.35
C GLY C 225 -30.37 24.78 21.90
N LEU C 226 -29.93 23.57 21.63
CA LEU C 226 -28.55 23.23 21.29
C LEU C 226 -28.07 23.92 20.04
N VAL C 227 -29.00 24.26 19.21
CA VAL C 227 -28.77 24.88 17.92
C VAL C 227 -28.06 26.23 18.03
N SER C 228 -28.14 26.86 19.20
CA SER C 228 -27.51 28.14 19.45
C SER C 228 -26.23 27.99 20.27
N ILE C 229 -25.91 26.75 20.63
CA ILE C 229 -24.78 26.48 21.51
C ILE C 229 -23.58 25.93 20.78
N ASN C 230 -23.84 24.92 19.95
CA ASN C 230 -22.77 24.27 19.20
C ASN C 230 -22.41 24.96 17.92
N ASP C 231 -21.13 24.94 17.62
CA ASP C 231 -20.55 25.46 16.40
C ASP C 231 -19.31 24.65 16.10
N PHE C 232 -19.37 23.79 15.11
CA PHE C 232 -18.22 22.95 14.85
C PHE C 232 -17.52 23.40 13.61
N GLY C 233 -17.88 24.57 13.10
CA GLY C 233 -17.27 25.05 11.88
C GLY C 233 -17.97 24.43 10.70
N VAL C 234 -17.36 24.62 9.55
CA VAL C 234 -17.93 24.15 8.29
C VAL C 234 -16.92 23.40 7.43
N LEU C 235 -17.42 22.64 6.47
CA LEU C 235 -16.55 22.05 5.46
C LEU C 235 -16.74 22.76 4.15
N ALA C 236 -15.67 23.33 3.66
CA ALA C 236 -15.68 24.05 2.41
C ALA C 236 -15.16 23.14 1.33
N VAL C 237 -16.04 22.70 0.45
CA VAL C 237 -15.60 21.73 -0.53
C VAL C 237 -15.70 22.29 -1.93
N ARG C 238 -14.57 22.18 -2.65
CA ARG C 238 -14.40 22.86 -3.96
C ARG C 238 -13.74 21.89 -4.95
N ALA C 239 -14.09 21.97 -6.25
CA ALA C 239 -13.23 21.34 -7.23
C ALA C 239 -12.06 22.29 -7.37
N VAL C 240 -10.89 21.72 -7.66
CA VAL C 240 -9.63 22.52 -7.70
C VAL C 240 -9.11 22.54 -9.15
N ASN C 241 -9.99 22.22 -10.11
CA ASN C 241 -9.75 22.26 -11.53
C ASN C 241 -10.35 23.55 -12.00
N ARG C 242 -10.24 23.83 -13.29
CA ARG C 242 -10.88 24.98 -13.89
C ARG C 242 -12.02 24.44 -14.73
N SER C 243 -12.84 25.31 -15.25
CA SER C 243 -13.99 24.88 -16.03
C SER C 243 -13.62 24.27 -17.35
N ASN C 244 -14.59 23.55 -17.91
CA ASN C 244 -14.48 22.84 -19.18
C ASN C 244 -15.76 23.05 -19.99
N PRO C 245 -15.72 22.84 -21.31
CA PRO C 245 -16.86 22.85 -22.21
C PRO C 245 -17.99 21.92 -21.79
N HIS C 246 -17.67 20.88 -21.03
CA HIS C 246 -18.67 19.92 -20.60
C HIS C 246 -18.70 19.88 -19.10
N THR C 247 -19.84 20.25 -18.56
CA THR C 247 -20.05 20.35 -17.13
C THR C 247 -20.08 19.02 -16.40
N ILE C 248 -19.44 19.01 -15.22
CA ILE C 248 -19.51 17.85 -14.35
C ILE C 248 -20.12 18.18 -12.99
N HIS C 249 -21.12 17.39 -12.62
CA HIS C 249 -21.82 17.51 -11.37
C HIS C 249 -21.27 16.50 -10.41
N THR C 250 -21.01 16.93 -9.21
CA THR C 250 -20.43 16.06 -8.20
C THR C 250 -21.20 16.03 -6.92
N SER C 251 -21.25 14.87 -6.31
CA SER C 251 -21.84 14.72 -4.98
C SER C 251 -20.75 14.19 -4.10
N VAL C 252 -20.74 14.59 -2.84
CA VAL C 252 -19.75 14.06 -1.94
C VAL C 252 -20.46 13.60 -0.70
N ARG C 253 -20.68 12.33 -0.58
CA ARG C 253 -21.40 11.87 0.57
C ARG C 253 -20.46 11.77 1.74
N VAL C 254 -20.86 12.33 2.86
CA VAL C 254 -20.01 12.32 4.03
C VAL C 254 -20.43 11.26 5.00
N TYR C 255 -19.49 10.40 5.36
CA TYR C 255 -19.78 9.34 6.30
C TYR C 255 -19.09 9.53 7.63
N MET C 256 -19.88 9.55 8.69
CA MET C 256 -19.35 9.70 10.03
C MET C 256 -19.44 8.45 10.84
N LYS C 257 -18.35 8.11 11.51
CA LYS C 257 -18.33 6.97 12.41
C LYS C 257 -17.74 7.31 13.77
N PRO C 258 -18.52 7.48 14.81
CA PRO C 258 -18.01 7.80 16.11
C PRO C 258 -17.30 6.54 16.57
N LYS C 259 -16.23 6.67 17.30
CA LYS C 259 -15.52 5.53 17.85
C LYS C 259 -14.93 5.88 19.20
N HIS C 260 -14.52 4.89 19.98
CA HIS C 260 -13.95 5.18 21.30
C HIS C 260 -15.00 5.96 22.06
N ILE C 261 -16.21 5.39 22.13
CA ILE C 261 -17.36 6.11 22.67
C ILE C 261 -17.94 5.69 24.02
N ARG C 262 -18.21 6.71 24.84
CA ARG C 262 -18.89 6.56 26.13
C ARG C 262 -20.15 7.42 26.11
N CYS C 263 -21.18 7.00 26.83
CA CYS C 263 -22.43 7.76 26.92
C CYS C 263 -22.89 7.86 28.37
N TRP C 264 -23.45 9.00 28.76
CA TRP C 264 -23.84 9.13 30.16
C TRP C 264 -25.27 9.19 30.61
N CYS C 265 -26.21 8.98 29.76
CA CYS C 265 -27.57 9.00 30.28
C CYS C 265 -28.52 8.53 29.24
N PRO C 266 -29.26 7.47 29.45
CA PRO C 266 -30.18 6.96 28.50
C PRO C 266 -31.39 7.85 28.38
N ARG C 267 -32.00 7.85 27.22
CA ARG C 267 -33.24 8.54 26.93
C ARG C 267 -34.08 7.62 26.09
N PRO C 268 -35.39 7.79 26.00
CA PRO C 268 -36.20 7.04 25.10
C PRO C 268 -35.86 7.58 23.74
N PRO C 269 -35.94 6.79 22.68
CA PRO C 269 -35.74 7.18 21.31
C PRO C 269 -36.91 7.97 20.81
N ARG C 270 -36.68 8.83 19.84
CA ARG C 270 -37.78 9.56 19.24
C ARG C 270 -38.68 8.62 18.47
N ALA C 271 -39.98 8.76 18.67
CA ALA C 271 -41.02 7.94 18.05
C ALA C 271 -41.62 8.56 16.80
N VAL C 272 -41.29 9.80 16.53
CA VAL C 272 -41.90 10.56 15.45
C VAL C 272 -40.87 11.18 14.53
N LEU C 273 -41.30 11.63 13.38
CA LEU C 273 -40.38 12.25 12.43
C LEU C 273 -39.85 13.56 12.95
N TYR C 274 -38.59 13.86 12.65
CA TYR C 274 -37.92 15.09 13.05
C TYR C 274 -38.33 16.30 12.24
N ARG C 275 -38.39 17.47 12.89
CA ARG C 275 -38.61 18.73 12.21
C ARG C 275 -37.53 19.74 12.55
N GLY C 276 -36.52 19.81 11.72
CA GLY C 276 -35.42 20.71 12.00
C GLY C 276 -34.43 20.08 12.97
N GLU C 277 -33.52 20.90 13.45
CA GLU C 277 -32.39 20.53 14.31
C GLU C 277 -32.74 20.40 15.81
N GLY C 278 -33.94 20.83 16.17
CA GLY C 278 -34.40 20.82 17.54
C GLY C 278 -35.24 19.57 17.76
N VAL C 279 -36.18 19.62 18.70
CA VAL C 279 -36.98 18.42 18.97
C VAL C 279 -38.40 18.65 18.50
N ASP C 280 -38.56 19.70 17.72
CA ASP C 280 -39.83 20.12 17.22
C ASP C 280 -40.53 19.01 16.47
N MET C 281 -41.83 18.93 16.67
CA MET C 281 -42.71 17.93 16.06
C MET C 281 -43.57 18.54 14.99
N ILE C 282 -43.95 17.74 14.00
CA ILE C 282 -44.90 18.20 12.98
C ILE C 282 -46.21 17.46 13.20
N SER C 283 -47.37 18.13 13.14
CA SER C 283 -48.61 17.42 13.44
C SER C 283 -48.92 16.23 12.55
N SER C 284 -48.42 16.24 11.33
CA SER C 284 -48.66 15.18 10.38
C SER C 284 -47.99 13.88 10.78
N ALA C 285 -47.08 13.95 11.76
CA ALA C 285 -46.36 12.78 12.19
C ALA C 285 -46.41 12.54 13.68
N ILE C 286 -47.45 12.96 14.39
CA ILE C 286 -47.42 12.71 15.85
C ILE C 286 -48.30 11.58 16.29
N LEU C 287 -48.60 10.68 15.38
CA LEU C 287 -49.42 9.51 15.66
C LEU C 287 -48.68 8.23 15.30
N PRO C 288 -47.63 7.86 16.05
CA PRO C 288 -46.69 6.79 15.74
C PRO C 288 -47.16 5.34 15.77
N LEU C 289 -48.26 5.03 16.43
CA LEU C 289 -48.63 3.63 16.51
C LEU C 289 -49.76 3.19 15.62
N ALA C 290 -49.68 1.91 15.27
CA ALA C 290 -50.74 1.19 14.57
C ALA C 290 -51.77 0.75 15.60
N LYS C 291 -53.00 0.55 15.15
CA LYS C 291 -54.04 0.08 16.04
C LYS C 291 -54.35 -1.39 15.83
N VAL C 292 -54.95 -2.02 16.84
CA VAL C 292 -55.44 -3.38 16.71
C VAL C 292 -56.92 -3.34 16.96
N ASP C 293 -57.64 -4.36 16.51
CA ASP C 293 -59.09 -4.32 16.68
C ASP C 293 -59.52 -4.34 18.12
N SER C 294 -58.79 -5.07 18.93
CA SER C 294 -59.12 -5.16 20.33
C SER C 294 -57.91 -5.50 21.17
N ILE C 295 -58.05 -5.26 22.45
CA ILE C 295 -57.01 -5.54 23.41
C ILE C 295 -56.69 -7.04 23.48
N THR C 296 -57.63 -7.87 23.00
CA THR C 296 -57.58 -9.32 22.96
C THR C 296 -57.22 -9.95 21.59
N THR C 297 -56.65 -9.19 20.66
CA THR C 297 -56.30 -9.79 19.36
C THR C 297 -55.06 -10.70 19.27
N PHE C 298 -54.09 -10.66 20.23
CA PHE C 298 -52.82 -11.43 20.23
C PHE C 298 -51.85 -10.75 19.27
N TYR D 9 -39.03 -0.60 61.65
CA TYR D 9 -38.07 -0.11 60.67
C TYR D 9 -38.55 -0.35 59.21
N SER D 10 -39.84 -0.04 58.96
CA SER D 10 -40.51 -0.10 57.66
C SER D 10 -40.01 0.95 56.68
N ASP D 11 -39.94 0.59 55.41
CA ASP D 11 -39.51 1.47 54.32
C ASP D 11 -40.60 2.45 53.95
N ARG D 12 -41.76 2.27 54.57
CA ARG D 12 -42.89 3.13 54.39
C ARG D 12 -42.77 4.35 55.27
N VAL D 13 -41.84 4.33 56.22
CA VAL D 13 -41.73 5.45 57.11
C VAL D 13 -40.39 6.12 56.89
N ARG D 14 -40.42 7.38 56.52
CA ARG D 14 -39.18 8.07 56.25
C ARG D 14 -39.15 9.46 56.83
N GLN D 15 -37.96 9.90 57.15
CA GLN D 15 -37.75 11.26 57.60
C GLN D 15 -36.58 11.87 56.87
N ILE D 16 -36.82 12.97 56.20
CA ILE D 16 -35.76 13.61 55.47
C ILE D 16 -35.45 14.94 56.08
N THR D 17 -34.22 15.12 56.51
CA THR D 17 -33.87 16.38 57.11
C THR D 17 -32.81 17.10 56.33
N LEU D 18 -33.04 18.37 56.05
CA LEU D 18 -32.07 19.20 55.37
C LEU D 18 -32.13 20.59 55.92
N GLY D 19 -31.00 21.13 56.33
CA GLY D 19 -31.03 22.48 56.81
C GLY D 19 -31.96 22.63 57.99
N ASN D 20 -32.89 23.56 57.90
CA ASN D 20 -33.83 23.82 58.95
C ASN D 20 -35.22 23.32 58.64
N SER D 21 -35.36 22.34 57.74
CA SER D 21 -36.69 21.81 57.47
C SER D 21 -36.70 20.28 57.37
N THR D 22 -37.82 19.70 57.77
CA THR D 22 -37.98 18.25 57.77
C THR D 22 -39.27 17.79 57.13
N ILE D 23 -39.17 16.72 56.37
CA ILE D 23 -40.33 16.07 55.80
C ILE D 23 -40.54 14.70 56.37
N THR D 24 -41.73 14.43 56.87
CA THR D 24 -42.00 13.10 57.38
C THR D 24 -43.13 12.45 56.62
N THR D 25 -42.92 11.19 56.28
CA THR D 25 -43.89 10.39 55.56
C THR D 25 -44.13 9.02 56.20
N GLN D 26 -45.40 8.62 56.34
CA GLN D 26 -45.78 7.28 56.84
C GLN D 26 -46.27 6.36 55.72
N GLU D 27 -46.38 6.94 54.54
CA GLU D 27 -46.96 6.33 53.34
C GLU D 27 -45.96 6.22 52.21
N ALA D 28 -44.69 6.12 52.54
CA ALA D 28 -43.57 6.08 51.62
C ALA D 28 -43.39 4.73 50.96
N ALA D 29 -42.57 4.69 49.92
CA ALA D 29 -42.25 3.45 49.24
C ALA D 29 -40.77 3.42 48.84
N ASN D 30 -39.86 3.48 49.83
CA ASN D 30 -38.43 3.51 49.54
C ASN D 30 -38.13 4.85 48.84
N ALA D 31 -36.87 5.08 48.47
CA ALA D 31 -36.45 6.32 47.82
C ALA D 31 -35.41 6.02 46.76
N ILE D 32 -35.30 6.88 45.76
CA ILE D 32 -34.41 6.67 44.63
C ILE D 32 -33.20 7.54 44.56
N VAL D 33 -32.06 6.95 44.30
CA VAL D 33 -30.89 7.78 44.08
C VAL D 33 -30.52 7.63 42.64
N ALA D 34 -30.76 8.67 41.85
CA ALA D 34 -30.59 8.50 40.43
C ALA D 34 -29.17 8.11 40.13
N TYR D 35 -29.04 7.09 39.29
CA TYR D 35 -27.79 6.53 38.82
C TYR D 35 -26.87 6.05 39.93
N GLY D 36 -27.37 5.98 41.17
CA GLY D 36 -26.58 5.53 42.29
C GLY D 36 -25.59 6.57 42.76
N GLU D 37 -25.73 7.80 42.28
CA GLU D 37 -24.79 8.85 42.61
C GLU D 37 -25.37 9.87 43.56
N TRP D 38 -24.91 9.82 44.79
CA TRP D 38 -25.40 10.73 45.80
C TRP D 38 -24.82 12.09 45.39
N PRO D 39 -25.51 13.21 45.50
CA PRO D 39 -24.97 14.51 45.21
C PRO D 39 -23.72 14.84 46.01
N THR D 40 -22.72 15.38 45.33
CA THR D 40 -21.46 15.77 45.94
C THR D 40 -20.99 17.11 45.42
N TYR D 41 -19.95 17.60 46.09
CA TYR D 41 -19.23 18.83 45.76
C TYR D 41 -18.16 18.53 44.74
N ILE D 42 -17.77 19.54 43.96
CA ILE D 42 -16.73 19.36 42.96
C ILE D 42 -15.39 19.18 43.62
N ASN D 43 -14.69 18.12 43.21
CA ASN D 43 -13.36 17.80 43.70
C ASN D 43 -12.36 18.71 43.04
N ASP D 44 -11.25 18.98 43.71
CA ASP D 44 -10.23 19.83 43.11
C ASP D 44 -9.75 19.26 41.78
N SER D 45 -9.68 17.94 41.70
CA SER D 45 -9.17 17.25 40.53
C SER D 45 -9.98 17.46 39.27
N GLU D 46 -11.23 17.85 39.39
CA GLU D 46 -12.06 18.05 38.22
C GLU D 46 -12.57 19.48 38.16
N ALA D 47 -12.02 20.35 39.00
CA ALA D 47 -12.55 21.69 39.04
C ALA D 47 -12.21 22.47 37.79
N ASN D 48 -13.17 23.27 37.33
CA ASN D 48 -12.94 24.16 36.21
C ASN D 48 -12.57 25.60 36.59
N PRO D 49 -13.43 26.38 37.27
CA PRO D 49 -13.21 27.77 37.59
C PRO D 49 -12.16 27.86 38.65
N VAL D 50 -11.48 29.00 38.70
CA VAL D 50 -10.48 29.20 39.75
C VAL D 50 -10.92 30.16 40.82
N ASP D 51 -12.12 30.71 40.69
CA ASP D 51 -12.57 31.64 41.70
C ASP D 51 -12.87 30.86 42.94
N ALA D 52 -12.86 31.51 44.08
CA ALA D 52 -13.16 30.83 45.31
C ALA D 52 -14.59 30.37 45.24
N PRO D 53 -14.94 29.19 45.74
CA PRO D 53 -16.28 28.68 45.74
C PRO D 53 -17.09 29.36 46.81
N THR D 54 -18.38 29.42 46.59
CA THR D 54 -19.32 29.84 47.59
C THR D 54 -20.18 28.66 47.93
N GLU D 55 -20.29 28.38 49.21
CA GLU D 55 -21.10 27.27 49.68
C GLU D 55 -22.07 27.77 50.73
N PRO D 56 -23.30 28.14 50.36
CA PRO D 56 -24.34 28.69 51.21
C PRO D 56 -24.73 27.75 52.34
N ASP D 57 -24.42 26.46 52.17
CA ASP D 57 -24.72 25.48 53.19
C ASP D 57 -26.20 25.52 53.57
N VAL D 58 -26.51 25.61 54.86
CA VAL D 58 -27.89 25.60 55.33
C VAL D 58 -28.76 26.69 54.74
N SER D 59 -28.21 27.82 54.33
CA SER D 59 -29.10 28.83 53.80
C SER D 59 -29.78 28.41 52.49
N SER D 60 -29.22 27.44 51.77
CA SER D 60 -29.86 26.99 50.54
C SER D 60 -30.35 25.57 50.69
N ASN D 61 -29.68 24.79 51.52
CA ASN D 61 -29.98 23.37 51.61
C ASN D 61 -31.13 23.08 52.56
N ARG D 62 -32.32 23.41 52.12
CA ARG D 62 -33.55 23.26 52.89
C ARG D 62 -34.67 23.03 51.93
N PHE D 63 -35.81 22.56 52.38
CA PHE D 63 -36.91 22.38 51.46
C PHE D 63 -37.75 23.61 51.25
N TYR D 64 -38.15 23.80 50.01
CA TYR D 64 -39.03 24.86 49.60
C TYR D 64 -40.28 24.24 49.04
N THR D 65 -41.41 24.87 49.24
CA THR D 65 -42.64 24.29 48.69
C THR D 65 -43.08 25.08 47.49
N LEU D 66 -43.36 24.39 46.39
CA LEU D 66 -43.80 25.05 45.20
C LEU D 66 -45.30 25.21 45.26
N GLU D 67 -45.86 26.15 44.55
CA GLU D 67 -47.30 26.28 44.54
C GLU D 67 -47.87 24.93 44.12
N SER D 68 -48.85 24.46 44.88
CA SER D 68 -49.46 23.16 44.63
C SER D 68 -50.39 23.20 43.44
N VAL D 69 -50.72 22.03 42.94
CA VAL D 69 -51.64 21.92 41.81
C VAL D 69 -52.74 20.95 42.16
N SER D 70 -53.84 21.00 41.44
CA SER D 70 -54.89 20.04 41.69
C SER D 70 -54.93 18.95 40.66
N TRP D 71 -55.09 17.71 41.12
CA TRP D 71 -55.23 16.59 40.21
C TRP D 71 -56.69 16.44 39.88
N LYS D 72 -57.04 16.77 38.66
CA LYS D 72 -58.40 16.67 38.21
C LYS D 72 -58.47 15.43 37.38
N THR D 73 -59.66 14.93 37.11
CA THR D 73 -59.79 13.71 36.33
C THR D 73 -59.48 13.95 34.86
N THR D 74 -59.36 15.21 34.49
CA THR D 74 -59.07 15.63 33.15
C THR D 74 -57.64 16.17 33.03
N SER D 75 -56.85 16.11 34.11
CA SER D 75 -55.49 16.63 34.05
C SER D 75 -54.66 15.73 33.19
N ARG D 76 -53.71 16.30 32.46
CA ARG D 76 -52.85 15.45 31.66
C ARG D 76 -51.47 15.40 32.23
N GLY D 77 -51.10 16.38 33.01
CA GLY D 77 -49.78 16.39 33.59
C GLY D 77 -49.33 17.77 33.96
N TRP D 78 -48.22 17.81 34.67
CA TRP D 78 -47.61 19.04 35.15
C TRP D 78 -46.13 19.00 34.91
N TRP D 79 -45.52 20.15 34.72
CA TRP D 79 -44.07 20.10 34.63
C TRP D 79 -43.34 21.32 35.16
N TRP D 80 -42.11 21.08 35.57
CA TRP D 80 -41.25 22.16 36.05
C TRP D 80 -39.86 22.07 35.51
N LYS D 81 -39.22 23.20 35.38
CA LYS D 81 -37.80 23.17 35.11
C LYS D 81 -37.22 23.17 36.51
N LEU D 82 -36.30 22.27 36.81
CA LEU D 82 -35.89 22.16 38.19
C LEU D 82 -35.13 23.34 38.80
N PRO D 83 -33.99 23.83 38.30
CA PRO D 83 -33.35 24.96 38.92
C PRO D 83 -34.21 26.20 38.77
N ASP D 84 -35.08 26.22 37.78
CA ASP D 84 -35.92 27.38 37.60
C ASP D 84 -36.98 27.50 38.68
N CYS D 85 -37.55 26.39 39.10
CA CYS D 85 -38.63 26.50 40.04
C CYS D 85 -38.17 27.06 41.38
N LEU D 86 -36.89 26.97 41.70
CA LEU D 86 -36.41 27.53 42.95
C LEU D 86 -35.75 28.89 42.78
N LYS D 87 -35.75 29.44 41.57
CA LYS D 87 -34.98 30.66 41.32
C LYS D 87 -35.43 31.85 42.11
N ASP D 88 -36.67 31.88 42.54
CA ASP D 88 -37.14 33.04 43.26
C ASP D 88 -37.27 32.82 44.76
N MET D 89 -36.73 31.72 45.30
CA MET D 89 -36.91 31.55 46.74
C MET D 89 -35.66 31.37 47.58
N GLY D 90 -35.67 32.09 48.70
CA GLY D 90 -34.64 31.97 49.72
C GLY D 90 -33.31 32.41 49.23
N MET D 91 -32.28 31.95 49.93
CA MET D 91 -30.97 32.32 49.54
C MET D 91 -30.55 31.60 48.30
N PHE D 92 -31.14 30.42 48.05
CA PHE D 92 -30.78 29.70 46.85
C PHE D 92 -31.10 30.58 45.67
N GLY D 93 -32.32 31.13 45.66
CA GLY D 93 -32.72 31.97 44.56
C GLY D 93 -31.83 33.19 44.45
N GLN D 94 -31.46 33.79 45.57
CA GLN D 94 -30.62 34.96 45.43
C GLN D 94 -29.25 34.62 44.90
N ASN D 95 -28.70 33.49 45.33
CA ASN D 95 -27.39 33.11 44.89
C ASN D 95 -27.39 32.79 43.42
N MET D 96 -28.51 32.29 42.93
CA MET D 96 -28.61 32.00 41.53
C MET D 96 -28.47 33.26 40.71
N TYR D 97 -29.03 34.36 41.19
CA TYR D 97 -28.93 35.57 40.40
C TYR D 97 -27.62 36.32 40.64
N TYR D 98 -27.05 36.18 41.84
CA TYR D 98 -25.79 36.86 42.13
C TYR D 98 -24.55 36.18 41.58
N HIS D 99 -24.58 34.88 41.40
CA HIS D 99 -23.41 34.20 40.89
C HIS D 99 -23.59 33.69 39.48
N TYR D 100 -22.56 33.83 38.69
CA TYR D 100 -22.60 33.36 37.32
C TYR D 100 -22.70 31.87 37.19
N LEU D 101 -21.87 31.13 37.88
CA LEU D 101 -21.88 29.70 37.81
C LEU D 101 -22.45 29.08 39.06
N GLY D 102 -22.96 27.87 38.94
CA GLY D 102 -23.38 27.12 40.10
C GLY D 102 -23.69 25.67 39.79
N ARG D 103 -23.81 24.92 40.86
CA ARG D 103 -24.05 23.50 40.85
C ARG D 103 -25.07 23.17 41.89
N SER D 104 -26.00 22.30 41.59
CA SER D 104 -26.93 21.93 42.63
C SER D 104 -27.48 20.53 42.45
N GLY D 105 -27.49 19.73 43.50
CA GLY D 105 -28.13 18.45 43.44
C GLY D 105 -29.50 18.73 44.00
N TYR D 106 -30.40 17.77 44.00
CA TYR D 106 -31.71 18.03 44.55
C TYR D 106 -32.34 16.89 45.30
N THR D 107 -33.24 17.21 46.19
CA THR D 107 -34.11 16.21 46.76
C THR D 107 -35.50 16.61 46.35
N ILE D 108 -36.15 15.73 45.62
CA ILE D 108 -37.48 16.04 45.11
C ILE D 108 -38.46 15.19 45.86
N HIS D 109 -39.44 15.81 46.49
CA HIS D 109 -40.41 15.05 47.24
C HIS D 109 -41.82 15.42 46.76
N VAL D 110 -42.55 14.44 46.28
CA VAL D 110 -43.88 14.72 45.74
C VAL D 110 -44.94 14.00 46.52
N GLN D 111 -45.93 14.76 47.01
CA GLN D 111 -46.97 14.14 47.81
C GLN D 111 -48.36 14.25 47.22
N CYS D 112 -49.18 13.23 47.47
CA CYS D 112 -50.55 13.25 47.03
C CYS D 112 -51.42 12.36 47.93
N ASN D 113 -52.17 13.00 48.83
CA ASN D 113 -52.98 12.41 49.91
C ASN D 113 -54.38 11.99 49.47
N ALA D 114 -54.70 10.70 49.55
CA ALA D 114 -55.99 10.19 49.10
C ALA D 114 -56.42 9.00 49.97
N SER D 115 -57.72 8.66 49.94
CA SER D 115 -58.24 7.55 50.74
C SER D 115 -58.11 6.24 50.01
N LYS D 116 -58.45 5.16 50.70
CA LYS D 116 -58.43 3.81 50.13
C LYS D 116 -59.48 3.63 49.04
N PHE D 117 -60.42 4.57 48.97
CA PHE D 117 -61.52 4.52 48.04
C PHE D 117 -61.17 5.29 46.79
N HIS D 118 -59.99 5.85 46.74
CA HIS D 118 -59.54 6.56 45.56
C HIS D 118 -58.63 5.63 44.79
N GLN D 119 -58.57 5.83 43.50
CA GLN D 119 -57.65 5.07 42.68
C GLN D 119 -56.93 5.99 41.73
N GLY D 120 -56.02 5.46 40.93
CA GLY D 120 -55.25 6.29 40.02
C GLY D 120 -53.81 6.32 40.47
N ALA D 121 -52.93 6.79 39.59
CA ALA D 121 -51.51 6.81 39.89
C ALA D 121 -50.82 7.91 39.12
N LEU D 122 -49.77 8.45 39.72
CA LEU D 122 -48.94 9.47 39.09
C LEU D 122 -47.51 9.02 38.91
N GLY D 123 -46.99 9.17 37.72
CA GLY D 123 -45.61 8.84 37.53
C GLY D 123 -44.83 10.11 37.72
N VAL D 124 -43.77 10.03 38.50
CA VAL D 124 -42.93 11.17 38.71
C VAL D 124 -41.60 10.88 38.08
N PHE D 125 -41.23 11.65 37.08
CA PHE D 125 -40.01 11.38 36.37
C PHE D 125 -39.08 12.57 36.41
N LEU D 126 -37.80 12.31 36.55
CA LEU D 126 -36.87 13.40 36.47
C LEU D 126 -36.05 13.24 35.24
N ILE D 127 -36.15 14.21 34.39
CA ILE D 127 -35.52 14.14 33.11
C ILE D 127 -34.38 15.11 32.95
N PRO D 128 -33.15 14.66 32.75
CA PRO D 128 -32.03 15.50 32.50
C PRO D 128 -32.31 16.18 31.20
N GLU D 129 -31.91 17.42 31.04
CA GLU D 129 -32.11 18.08 29.77
C GLU D 129 -33.51 17.92 29.23
N PHE D 130 -34.52 18.29 30.00
CA PHE D 130 -35.87 18.13 29.52
C PHE D 130 -36.27 19.19 28.51
N VAL D 131 -35.78 18.97 27.30
CA VAL D 131 -35.97 19.83 26.16
C VAL D 131 -37.32 19.52 25.57
N MET D 132 -38.11 20.54 25.34
CA MET D 132 -39.46 20.41 24.80
C MET D 132 -39.56 21.13 23.47
N ALA D 133 -40.44 20.61 22.63
CA ALA D 133 -40.77 21.10 21.30
C ALA D 133 -41.56 22.38 21.32
N CYS D 134 -41.40 23.18 20.28
CA CYS D 134 -42.18 24.39 20.08
C CYS D 134 -43.55 24.07 19.57
N ASN D 135 -44.52 24.92 19.88
CA ASN D 135 -45.85 24.64 19.35
C ASN D 135 -46.13 25.36 18.04
N THR D 136 -45.10 25.89 17.41
CA THR D 136 -45.27 26.53 16.12
C THR D 136 -44.68 25.67 15.03
N GLU D 137 -45.45 25.50 13.96
CA GLU D 137 -45.06 24.71 12.81
C GLU D 137 -44.24 25.48 11.77
N SER D 138 -43.99 26.75 12.04
CA SER D 138 -43.22 27.56 11.11
C SER D 138 -41.76 27.65 11.58
N LYS D 139 -41.47 28.62 12.43
CA LYS D 139 -40.11 28.80 12.94
C LYS D 139 -39.79 27.80 14.04
N THR D 140 -38.69 27.07 13.87
CA THR D 140 -38.26 26.08 14.83
C THR D 140 -37.40 26.67 15.93
N SER D 141 -37.27 25.94 17.03
CA SER D 141 -36.42 26.32 18.17
C SER D 141 -36.68 27.75 18.62
N TYR D 142 -37.94 28.11 18.68
CA TYR D 142 -38.37 29.41 19.07
C TYR D 142 -39.30 29.38 20.25
N VAL D 143 -38.74 29.59 21.44
CA VAL D 143 -39.50 29.57 22.69
C VAL D 143 -39.06 30.79 23.46
N SER D 144 -39.95 31.58 24.02
CA SER D 144 -39.44 32.73 24.76
C SER D 144 -38.85 32.29 26.08
N TYR D 145 -37.99 33.12 26.64
CA TYR D 145 -37.38 32.85 27.93
C TYR D 145 -38.46 32.68 28.98
N ILE D 146 -39.44 33.57 28.91
CA ILE D 146 -40.52 33.65 29.86
C ILE D 146 -41.40 32.43 29.84
N ASN D 147 -41.71 31.92 28.66
CA ASN D 147 -42.57 30.78 28.59
C ASN D 147 -41.82 29.53 28.97
N ALA D 148 -40.52 29.53 28.69
CA ALA D 148 -39.69 28.40 28.99
C ALA D 148 -39.37 28.27 30.46
N ASN D 149 -39.39 29.37 31.20
CA ASN D 149 -39.03 29.38 32.61
C ASN D 149 -40.10 29.98 33.53
N PRO D 150 -41.21 29.25 33.80
CA PRO D 150 -42.37 29.64 34.57
C PRO D 150 -42.19 29.80 36.10
N GLY D 151 -41.08 29.34 36.66
CA GLY D 151 -40.93 29.43 38.10
C GLY D 151 -41.76 28.36 38.84
N GLU D 152 -42.26 28.73 40.01
CA GLU D 152 -42.98 27.83 40.93
C GLU D 152 -44.27 27.30 40.37
N ARG D 153 -44.97 28.12 39.58
CA ARG D 153 -46.26 27.65 39.08
C ARG D 153 -46.06 26.50 38.10
N GLY D 154 -44.93 26.47 37.40
CA GLY D 154 -44.64 25.42 36.45
C GLY D 154 -45.51 25.56 35.22
N GLY D 155 -45.61 24.49 34.48
CA GLY D 155 -46.41 24.44 33.28
C GLY D 155 -47.29 23.21 33.34
N GLU D 156 -48.01 22.95 32.27
CA GLU D 156 -48.94 21.82 32.22
C GLU D 156 -48.88 21.10 30.90
N PHE D 157 -49.34 19.87 30.92
CA PHE D 157 -49.43 19.10 29.69
C PHE D 157 -50.85 19.09 29.18
N THR D 158 -50.96 18.99 27.88
CA THR D 158 -52.21 18.84 27.16
C THR D 158 -52.19 17.55 26.42
N ASN D 159 -53.31 17.19 25.83
CA ASN D 159 -53.30 15.97 25.06
C ASN D 159 -53.51 16.25 23.60
N THR D 160 -53.67 17.51 23.26
CA THR D 160 -53.97 17.82 21.88
C THR D 160 -52.98 18.76 21.27
N TYR D 161 -52.42 18.34 20.14
CA TYR D 161 -51.48 19.19 19.44
C TYR D 161 -52.18 20.17 18.58
N ASN D 162 -52.71 21.19 19.20
CA ASN D 162 -53.33 22.22 18.44
C ASN D 162 -52.16 23.10 18.14
N PRO D 163 -51.71 23.26 16.90
CA PRO D 163 -50.54 24.02 16.57
C PRO D 163 -50.92 25.42 16.87
N SER D 164 -49.96 26.22 17.23
CA SER D 164 -50.19 27.61 17.50
C SER D 164 -50.47 28.35 16.24
N ASN D 165 -51.19 29.43 16.37
CA ASN D 165 -51.35 30.28 15.23
C ASN D 165 -49.97 30.84 15.08
N THR D 166 -49.65 31.31 13.90
CA THR D 166 -48.30 31.76 13.61
C THR D 166 -47.80 32.72 14.68
N ASP D 167 -48.60 33.71 15.03
CA ASP D 167 -48.24 34.57 16.14
C ASP D 167 -49.48 35.10 16.79
N ALA D 168 -49.92 34.36 17.77
CA ALA D 168 -51.06 34.71 18.58
C ALA D 168 -50.61 34.59 20.00
N SER D 169 -49.32 34.89 20.21
CA SER D 169 -48.60 34.82 21.49
C SER D 169 -48.30 33.39 21.96
N GLU D 170 -48.88 32.41 21.28
CA GLU D 170 -48.71 30.99 21.58
C GLU D 170 -47.56 30.39 20.79
N GLY D 171 -47.06 31.15 19.84
CA GLY D 171 -46.06 30.69 18.88
C GLY D 171 -44.70 30.56 19.49
N ARG D 172 -44.58 31.00 20.73
CA ARG D 172 -43.33 30.97 21.46
C ARG D 172 -43.50 30.22 22.78
N LYS D 173 -44.48 29.30 22.80
CA LYS D 173 -44.76 28.40 23.92
C LYS D 173 -44.47 26.96 23.55
N PHE D 174 -44.32 26.10 24.56
CA PHE D 174 -44.06 24.69 24.32
C PHE D 174 -45.28 23.85 23.96
N ALA D 175 -45.04 22.89 23.11
CA ALA D 175 -46.01 21.90 22.68
C ALA D 175 -46.05 20.78 23.67
N ALA D 176 -46.57 21.07 24.84
CA ALA D 176 -46.48 20.12 25.93
C ALA D 176 -47.48 18.99 25.84
N LEU D 177 -47.29 18.07 24.91
CA LEU D 177 -48.20 16.93 24.80
C LEU D 177 -47.84 15.94 25.88
N ASP D 178 -48.83 15.36 26.55
CA ASP D 178 -48.52 14.38 27.57
C ASP D 178 -48.04 13.11 26.92
N TYR D 179 -48.69 12.80 25.83
CA TYR D 179 -48.52 11.61 25.05
C TYR D 179 -47.08 11.39 24.63
N LEU D 180 -46.43 12.43 24.13
CA LEU D 180 -45.04 12.36 23.69
C LEU D 180 -44.06 13.11 24.60
N LEU D 181 -44.52 13.43 25.81
CA LEU D 181 -43.79 14.19 26.84
C LEU D 181 -43.34 15.53 26.34
N GLY D 182 -44.02 16.07 25.36
CA GLY D 182 -43.66 17.35 24.80
C GLY D 182 -42.41 17.31 23.93
N SER D 183 -41.79 16.14 23.71
CA SER D 183 -40.53 16.12 22.96
C SER D 183 -40.50 15.17 21.78
N GLY D 184 -41.49 14.30 21.63
CA GLY D 184 -41.45 13.38 20.49
C GLY D 184 -41.07 11.95 20.83
N VAL D 185 -41.16 11.57 22.08
CA VAL D 185 -40.82 10.21 22.47
C VAL D 185 -42.05 9.64 23.09
N LEU D 186 -42.24 8.35 23.11
CA LEU D 186 -43.45 7.90 23.78
C LEU D 186 -43.29 7.98 25.27
N ALA D 187 -44.35 8.41 25.94
CA ALA D 187 -44.35 8.48 27.39
C ALA D 187 -44.10 7.13 28.01
N GLY D 188 -44.50 6.04 27.38
CA GLY D 188 -44.29 4.75 28.00
C GLY D 188 -42.83 4.38 28.18
N ASN D 189 -41.92 5.07 27.50
CA ASN D 189 -40.52 4.75 27.63
C ASN D 189 -39.84 5.72 28.59
N ALA D 190 -40.64 6.56 29.25
CA ALA D 190 -40.20 7.58 30.19
C ALA D 190 -39.57 6.96 31.40
N PHE D 191 -39.88 5.71 31.63
CA PHE D 191 -39.43 4.93 32.77
C PHE D 191 -37.94 4.68 32.72
N VAL D 192 -37.31 5.01 31.59
CA VAL D 192 -35.87 4.90 31.48
C VAL D 192 -35.21 5.92 32.40
N TYR D 193 -35.90 7.03 32.66
CA TYR D 193 -35.42 8.10 33.49
C TYR D 193 -35.65 7.69 34.92
N PRO D 194 -34.91 8.20 35.90
CA PRO D 194 -35.17 7.86 37.28
C PRO D 194 -36.57 8.31 37.54
N HIS D 195 -37.34 7.44 38.16
CA HIS D 195 -38.73 7.75 38.40
C HIS D 195 -39.30 6.98 39.54
N GLN D 196 -40.41 7.46 40.04
CA GLN D 196 -41.06 6.77 41.11
C GLN D 196 -42.56 6.89 40.87
N ILE D 197 -43.33 5.93 41.35
CA ILE D 197 -44.77 6.00 41.08
C ILE D 197 -45.55 6.20 42.34
N ILE D 198 -46.42 7.19 42.33
CA ILE D 198 -47.28 7.38 43.45
C ILE D 198 -48.57 6.73 43.07
N ASN D 199 -48.78 5.57 43.62
CA ASN D 199 -49.94 4.77 43.35
C ASN D 199 -50.79 4.98 44.54
N LEU D 200 -51.92 5.64 44.38
CA LEU D 200 -52.67 6.05 45.57
C LEU D 200 -53.06 4.85 46.41
N ARG D 201 -53.11 3.68 45.82
CA ARG D 201 -53.49 2.51 46.53
C ARG D 201 -52.51 2.16 47.66
N THR D 202 -51.20 2.29 47.41
CA THR D 202 -50.17 1.87 48.36
C THR D 202 -49.12 2.90 48.73
N ASN D 203 -48.98 3.94 47.94
CA ASN D 203 -47.92 4.91 48.04
C ASN D 203 -48.40 6.32 47.86
N ASN D 204 -48.24 7.15 48.87
CA ASN D 204 -48.72 8.51 48.73
C ASN D 204 -47.60 9.52 48.58
N SER D 205 -46.37 9.04 48.40
CA SER D 205 -45.28 9.99 48.20
C SER D 205 -44.06 9.42 47.48
N ALA D 206 -43.43 10.26 46.67
CA ALA D 206 -42.19 9.89 45.98
C ALA D 206 -41.02 10.72 46.47
N THR D 207 -39.84 10.10 46.58
CA THR D 207 -38.62 10.83 46.90
C THR D 207 -37.51 10.51 45.94
N ILE D 208 -36.99 11.51 45.24
CA ILE D 208 -35.91 11.22 44.33
C ILE D 208 -34.72 12.11 44.62
N VAL D 209 -33.57 11.50 44.79
CA VAL D 209 -32.33 12.18 45.02
C VAL D 209 -31.65 12.34 43.68
N VAL D 210 -31.31 13.57 43.39
CA VAL D 210 -30.80 13.96 42.11
C VAL D 210 -29.37 14.51 42.12
N PRO D 211 -28.40 13.88 41.46
CA PRO D 211 -27.04 14.34 41.35
C PRO D 211 -27.03 15.47 40.36
N TYR D 212 -26.03 16.33 40.42
CA TYR D 212 -25.93 17.31 39.37
C TYR D 212 -25.54 16.61 38.08
N VAL D 213 -26.25 16.86 37.00
CA VAL D 213 -25.90 16.25 35.74
C VAL D 213 -25.74 17.24 34.62
N ASN D 214 -24.56 17.28 34.06
CA ASN D 214 -24.23 18.11 32.94
C ASN D 214 -22.99 17.55 32.28
N SER D 215 -22.57 18.18 31.20
CA SER D 215 -21.31 17.90 30.52
C SER D 215 -20.19 18.72 31.16
N LEU D 216 -20.58 19.60 32.03
CA LEU D 216 -19.72 20.50 32.76
C LEU D 216 -19.82 20.26 34.23
N VAL D 217 -18.79 20.60 34.98
CA VAL D 217 -18.90 20.45 36.42
C VAL D 217 -19.78 21.53 37.05
N ILE D 218 -19.79 22.71 36.46
CA ILE D 218 -20.55 23.80 36.99
C ILE D 218 -21.09 24.59 35.80
N ASP D 219 -22.26 25.22 35.89
CA ASP D 219 -22.76 26.01 34.76
C ASP D 219 -23.63 27.17 35.22
N CYS D 220 -24.14 27.97 34.31
CA CYS D 220 -24.95 29.09 34.74
C CYS D 220 -26.40 28.67 34.84
N MET D 221 -26.96 28.75 36.03
CA MET D 221 -28.31 28.21 36.20
C MET D 221 -29.38 29.15 35.72
N ALA D 222 -28.99 30.34 35.32
CA ALA D 222 -29.95 31.27 34.75
C ALA D 222 -30.13 30.97 33.27
N LYS D 223 -29.27 30.11 32.73
CA LYS D 223 -29.29 29.82 31.32
C LYS D 223 -29.69 28.39 31.04
N HIS D 224 -29.30 27.49 31.94
CA HIS D 224 -29.46 26.06 31.69
C HIS D 224 -30.22 25.31 32.75
N ASN D 225 -31.28 24.65 32.34
CA ASN D 225 -32.07 23.84 33.22
C ASN D 225 -31.60 22.41 33.10
N ASN D 226 -30.74 21.96 33.98
CA ASN D 226 -30.13 20.66 33.78
C ASN D 226 -31.06 19.48 34.02
N TRP D 227 -32.13 19.73 34.73
CA TRP D 227 -33.15 18.74 35.02
C TRP D 227 -34.53 19.35 34.89
N GLY D 228 -35.51 18.54 34.55
CA GLY D 228 -36.91 18.95 34.60
C GLY D 228 -37.70 17.90 35.37
N ILE D 229 -38.88 18.29 35.82
CA ILE D 229 -39.77 17.41 36.55
C ILE D 229 -41.02 17.18 35.77
N VAL D 230 -41.33 15.93 35.51
CA VAL D 230 -42.53 15.59 34.82
C VAL D 230 -43.45 14.70 35.63
N ILE D 231 -44.68 15.17 35.83
CA ILE D 231 -45.63 14.37 36.56
C ILE D 231 -46.82 14.08 35.68
N LEU D 232 -47.11 12.81 35.46
CA LEU D 232 -48.22 12.45 34.59
C LEU D 232 -49.15 11.47 35.27
N PRO D 233 -50.44 11.51 35.07
CA PRO D 233 -51.29 10.43 35.47
C PRO D 233 -50.83 9.25 34.64
N LEU D 234 -50.76 8.09 35.24
CA LEU D 234 -50.41 6.89 34.52
C LEU D 234 -51.71 6.18 34.45
N ALA D 235 -52.49 6.44 35.49
CA ALA D 235 -53.80 5.86 35.66
C ALA D 235 -54.64 7.04 36.12
N PRO D 236 -55.87 7.19 35.66
CA PRO D 236 -56.69 8.34 35.91
C PRO D 236 -57.12 8.38 37.34
N LEU D 237 -57.37 9.57 37.82
CA LEU D 237 -57.92 9.71 39.14
C LEU D 237 -59.35 9.27 39.12
N ALA D 238 -59.74 8.51 40.11
CA ALA D 238 -61.14 8.16 40.19
C ALA D 238 -61.59 7.94 41.62
N PHE D 239 -62.86 8.18 41.83
CA PHE D 239 -63.51 8.03 43.11
C PHE D 239 -64.96 7.75 42.80
N ALA D 240 -65.55 6.71 43.38
CA ALA D 240 -66.93 6.41 43.00
C ALA D 240 -67.99 7.21 43.70
N ALA D 241 -67.75 7.59 44.94
CA ALA D 241 -68.82 8.27 45.67
C ALA D 241 -69.19 9.62 45.09
N THR D 242 -68.21 10.35 44.60
CA THR D 242 -68.41 11.68 44.03
C THR D 242 -67.73 11.80 42.68
N SER D 243 -68.46 12.31 41.69
CA SER D 243 -67.89 12.49 40.38
C SER D 243 -66.93 13.65 40.36
N SER D 244 -66.07 13.69 39.37
CA SER D 244 -65.11 14.77 39.23
C SER D 244 -64.39 15.13 40.55
N PRO D 245 -63.74 14.17 41.23
CA PRO D 245 -62.98 14.35 42.45
C PRO D 245 -61.73 15.11 42.14
N GLN D 246 -61.17 15.76 43.14
CA GLN D 246 -59.88 16.38 42.96
C GLN D 246 -58.98 16.00 44.09
N VAL D 247 -57.72 15.78 43.78
CA VAL D 247 -56.74 15.49 44.81
C VAL D 247 -55.51 16.39 44.66
N PRO D 248 -55.19 17.25 45.61
CA PRO D 248 -54.03 18.13 45.54
C PRO D 248 -52.73 17.36 45.43
N ILE D 249 -51.79 17.92 44.69
CA ILE D 249 -50.44 17.40 44.54
C ILE D 249 -49.47 18.48 44.97
N THR D 250 -48.58 18.16 45.87
CA THR D 250 -47.62 19.14 46.33
C THR D 250 -46.21 18.72 46.03
N VAL D 251 -45.46 19.62 45.44
CA VAL D 251 -44.07 19.31 45.12
C VAL D 251 -43.18 20.15 45.99
N THR D 252 -42.32 19.48 46.76
CA THR D 252 -41.42 20.12 47.70
C THR D 252 -39.98 19.80 47.30
N ILE D 253 -39.17 20.83 47.13
CA ILE D 253 -37.80 20.63 46.66
C ILE D 253 -36.71 21.27 47.46
N ALA D 254 -35.66 20.54 47.69
CA ALA D 254 -34.50 21.14 48.34
C ALA D 254 -33.29 20.96 47.44
N PRO D 255 -32.52 21.99 47.16
CA PRO D 255 -31.29 21.87 46.44
C PRO D 255 -30.37 21.29 47.48
N MET D 256 -29.35 20.56 47.09
CA MET D 256 -28.38 20.08 48.06
C MET D 256 -26.96 20.07 47.54
N CYS D 257 -25.99 20.17 48.44
CA CYS D 257 -24.59 20.20 48.07
C CYS D 257 -24.40 21.29 47.03
N THR D 258 -24.96 22.46 47.27
CA THR D 258 -24.85 23.46 46.23
C THR D 258 -23.55 24.18 46.28
N GLU D 259 -23.19 24.75 45.14
CA GLU D 259 -22.03 25.61 44.97
C GLU D 259 -22.34 26.76 44.05
N PHE D 260 -21.74 27.89 44.32
CA PHE D 260 -21.84 29.05 43.45
C PHE D 260 -20.47 29.62 43.17
N ASN D 261 -20.26 30.19 41.98
CA ASN D 261 -18.93 30.70 41.65
C ASN D 261 -18.91 31.89 40.66
N GLY D 262 -18.30 32.99 41.10
CA GLY D 262 -18.18 34.20 40.29
C GLY D 262 -19.25 35.23 40.62
N LEU D 263 -18.90 36.24 41.40
CA LEU D 263 -19.89 37.23 41.80
C LEU D 263 -20.07 38.33 40.76
N ARG D 264 -21.32 38.74 40.57
CA ARG D 264 -21.68 39.84 39.69
C ARG D 264 -22.85 40.60 40.29
N ASN D 265 -23.25 41.68 39.66
CA ASN D 265 -24.41 42.38 40.18
C ASN D 265 -25.58 41.45 39.96
N ILE D 266 -26.63 41.60 40.71
CA ILE D 266 -27.71 40.64 40.58
C ILE D 266 -28.29 40.63 39.20
N THR D 267 -28.46 39.46 38.66
CA THR D 267 -29.02 39.27 37.36
C THR D 267 -30.50 39.43 37.42
N VAL D 268 -31.05 40.23 36.52
CA VAL D 268 -32.48 40.39 36.46
C VAL D 268 -33.00 40.12 35.05
N PRO D 269 -33.51 38.92 34.77
CA PRO D 269 -34.07 38.43 33.52
C PRO D 269 -35.32 39.20 33.15
N VAL D 270 -35.67 39.20 31.87
CA VAL D 270 -36.89 39.87 31.42
C VAL D 270 -38.17 39.23 31.96
N HIS D 271 -39.10 40.08 32.50
CA HIS D 271 -40.41 39.70 33.04
C HIS D 271 -41.39 39.62 31.87
N GLY E 1 12.08 -0.78 -2.57
CA GLY E 1 11.02 -0.93 -1.59
C GLY E 1 10.67 -2.41 -1.46
N LEU E 2 9.93 -2.75 -0.38
CA LEU E 2 9.46 -4.10 -0.03
C LEU E 2 8.42 -4.64 -1.01
N PRO E 3 8.67 -5.73 -1.73
CA PRO E 3 7.73 -6.30 -2.67
C PRO E 3 6.42 -6.63 -1.99
N THR E 4 5.33 -6.25 -2.62
CA THR E 4 4.00 -6.46 -2.08
C THR E 4 2.97 -6.80 -3.14
N MET E 5 1.88 -7.41 -2.75
CA MET E 5 0.84 -7.68 -3.73
C MET E 5 -0.53 -7.30 -3.25
N ASN E 6 -1.25 -6.47 -4.00
CA ASN E 6 -2.58 -6.10 -3.53
C ASN E 6 -3.54 -7.26 -3.70
N THR E 7 -4.31 -7.55 -2.67
CA THR E 7 -5.31 -8.60 -2.66
C THR E 7 -6.69 -8.01 -2.96
N PRO E 8 -7.71 -8.83 -3.27
CA PRO E 8 -9.07 -8.40 -3.42
C PRO E 8 -9.43 -7.70 -2.15
N GLY E 9 -10.25 -6.68 -2.29
CA GLY E 9 -10.65 -5.83 -1.21
C GLY E 9 -9.83 -4.55 -1.20
N SER E 10 -8.73 -4.50 -1.92
CA SER E 10 -7.94 -3.28 -1.93
C SER E 10 -8.74 -2.10 -2.49
N ASN E 11 -8.56 -0.94 -1.86
CA ASN E 11 -9.20 0.33 -2.18
C ASN E 11 -10.72 0.31 -2.12
N GLN E 12 -11.29 -0.34 -1.12
CA GLN E 12 -12.73 -0.37 -0.94
C GLN E 12 -13.10 0.32 0.34
N PHE E 13 -14.31 0.84 0.43
CA PHE E 13 -14.79 1.42 1.68
C PHE E 13 -15.92 0.68 2.34
N LEU E 14 -15.59 0.03 3.43
CA LEU E 14 -16.55 -0.74 4.16
C LEU E 14 -17.02 0.11 5.34
N THR E 15 -18.32 0.22 5.55
CA THR E 15 -18.81 1.09 6.62
C THR E 15 -18.57 0.51 8.00
N SER E 16 -18.18 -0.75 8.03
CA SER E 16 -17.86 -1.46 9.25
C SER E 16 -16.35 -1.70 9.37
N ASP E 17 -15.59 -1.02 8.52
CA ASP E 17 -14.13 -1.03 8.45
C ASP E 17 -13.52 -0.58 9.75
N ASP E 18 -12.46 -1.24 10.21
CA ASP E 18 -11.83 -0.84 11.46
C ASP E 18 -10.32 -0.75 11.35
N PHE E 19 -9.86 0.25 10.61
CA PHE E 19 -8.45 0.49 10.38
C PHE E 19 -8.05 1.81 10.92
N GLN E 20 -6.78 1.96 11.13
CA GLN E 20 -6.19 3.17 11.61
C GLN E 20 -6.15 4.21 10.52
N SER E 21 -6.15 5.47 10.91
CA SER E 21 -6.08 6.55 9.93
C SER E 21 -5.42 7.77 10.53
N PRO E 22 -4.80 8.64 9.74
CA PRO E 22 -4.14 9.84 10.22
C PRO E 22 -5.12 10.80 10.81
N CYS E 23 -4.66 11.48 11.84
CA CYS E 23 -5.42 12.50 12.52
C CYS E 23 -5.30 13.79 11.79
N ALA E 24 -6.41 14.44 11.54
CA ALA E 24 -6.37 15.70 10.82
C ALA E 24 -5.97 16.83 11.74
N LEU E 25 -6.08 16.61 13.04
CA LEU E 25 -5.81 17.62 14.03
C LEU E 25 -4.78 17.10 15.04
N PRO E 26 -3.52 16.86 14.64
CA PRO E 26 -2.48 16.25 15.43
C PRO E 26 -2.01 17.10 16.58
N ASN E 27 -1.52 16.43 17.62
CA ASN E 27 -0.99 17.06 18.83
C ASN E 27 -2.02 17.94 19.45
N PHE E 28 -3.24 17.50 19.44
CA PHE E 28 -4.34 18.23 20.02
C PHE E 28 -4.64 17.75 21.41
N ASP E 29 -4.80 18.69 22.32
CA ASP E 29 -5.14 18.35 23.69
C ASP E 29 -6.62 18.29 23.92
N VAL E 30 -7.05 17.10 24.20
CA VAL E 30 -8.43 16.74 24.41
C VAL E 30 -8.85 17.08 25.82
N THR E 31 -10.00 17.72 25.94
CA THR E 31 -10.58 18.17 27.19
C THR E 31 -10.66 16.96 28.13
N PRO E 32 -10.19 17.02 29.39
CA PRO E 32 -10.19 15.94 30.34
C PRO E 32 -11.59 15.40 30.58
N PRO E 33 -11.76 14.10 30.87
CA PRO E 33 -13.00 13.45 31.21
C PRO E 33 -13.36 13.86 32.63
N ILE E 34 -14.65 13.87 32.97
CA ILE E 34 -15.08 14.13 34.35
C ILE E 34 -16.05 13.04 34.75
N HIS E 35 -16.32 12.88 36.04
CA HIS E 35 -17.23 11.83 36.44
C HIS E 35 -18.71 12.18 36.29
N ILE E 36 -19.20 12.04 35.07
CA ILE E 36 -20.61 12.36 34.78
C ILE E 36 -21.45 11.15 35.26
N PRO E 37 -22.48 11.33 36.10
CA PRO E 37 -23.38 10.30 36.58
C PRO E 37 -24.12 9.66 35.44
N GLY E 38 -24.49 8.38 35.57
CA GLY E 38 -25.31 7.75 34.54
C GLY E 38 -24.57 7.04 33.42
N GLU E 39 -23.29 6.75 33.59
CA GLU E 39 -22.59 6.08 32.50
C GLU E 39 -23.24 4.77 32.10
N VAL E 40 -23.38 4.62 30.80
CA VAL E 40 -23.93 3.44 30.15
C VAL E 40 -22.80 2.75 29.43
N LYS E 41 -22.70 1.44 29.56
CA LYS E 41 -21.67 0.69 28.86
C LYS E 41 -22.23 -0.20 27.78
N ASN E 42 -23.46 -0.64 27.96
CA ASN E 42 -24.05 -1.61 27.06
C ASN E 42 -25.53 -1.31 26.88
N MET E 43 -26.05 -1.55 25.69
CA MET E 43 -27.46 -1.31 25.42
C MET E 43 -28.35 -2.23 26.24
N MET E 44 -27.83 -3.36 26.66
CA MET E 44 -28.63 -4.26 27.45
C MET E 44 -28.95 -3.73 28.83
N GLU E 45 -28.19 -2.76 29.29
CA GLU E 45 -28.46 -2.18 30.58
C GLU E 45 -29.76 -1.41 30.48
N LEU E 46 -30.16 -1.03 29.27
CA LEU E 46 -31.36 -0.29 29.12
C LEU E 46 -32.49 -1.24 28.80
N ALA E 47 -32.16 -2.33 28.13
CA ALA E 47 -33.13 -3.35 27.76
C ALA E 47 -33.74 -3.98 29.00
N GLU E 48 -32.98 -4.05 30.08
CA GLU E 48 -33.42 -4.64 31.34
C GLU E 48 -34.30 -3.70 32.20
N ILE E 49 -34.56 -2.48 31.74
CA ILE E 49 -35.40 -1.54 32.49
C ILE E 49 -36.86 -1.76 32.12
N ASP E 50 -37.74 -1.90 33.10
CA ASP E 50 -39.17 -2.09 32.82
C ASP E 50 -39.79 -0.81 32.23
N THR E 51 -40.39 -0.91 31.05
CA THR E 51 -41.07 0.26 30.48
C THR E 51 -42.51 -0.12 30.18
N LEU E 52 -43.37 0.87 29.94
CA LEU E 52 -44.81 0.64 29.85
C LEU E 52 -45.36 0.28 28.46
N ILE E 53 -46.19 -0.78 28.42
CA ILE E 53 -46.77 -1.29 27.19
C ILE E 53 -48.11 -0.70 26.81
N PRO E 54 -48.28 -0.20 25.57
CA PRO E 54 -49.50 0.36 25.06
C PRO E 54 -50.43 -0.76 24.72
N MET E 55 -50.86 -1.50 25.72
CA MET E 55 -51.64 -2.69 25.52
C MET E 55 -53.00 -2.40 24.95
N ASN E 56 -53.60 -1.28 25.35
CA ASN E 56 -54.95 -0.95 24.92
C ASN E 56 -54.87 -0.08 23.70
N ALA E 57 -54.12 -0.54 22.74
CA ALA E 57 -53.91 0.17 21.50
C ALA E 57 -55.02 -0.14 20.55
N VAL E 58 -56.19 0.33 20.89
CA VAL E 58 -57.37 0.02 20.13
C VAL E 58 -57.95 1.28 19.59
N ASP E 59 -58.80 1.17 18.60
CA ASP E 59 -59.31 2.36 17.98
C ASP E 59 -59.97 3.30 18.99
N GLY E 60 -59.52 4.55 19.00
CA GLY E 60 -59.97 5.59 19.91
C GLY E 60 -59.04 5.80 21.08
N LYS E 61 -58.15 4.85 21.29
CA LYS E 61 -57.17 4.87 22.36
C LYS E 61 -55.77 4.94 21.76
N VAL E 62 -55.68 4.75 20.47
CA VAL E 62 -54.39 4.70 19.83
C VAL E 62 -53.87 6.08 19.66
N ASN E 63 -52.62 6.19 20.00
CA ASN E 63 -51.86 7.40 20.00
C ASN E 63 -52.34 8.43 21.01
N THR E 64 -52.96 7.93 22.08
CA THR E 64 -53.25 8.80 23.19
C THR E 64 -52.76 8.12 24.45
N MET E 65 -52.87 8.79 25.57
CA MET E 65 -52.32 8.26 26.82
C MET E 65 -53.02 7.02 27.34
N GLU E 66 -54.29 6.88 27.06
CA GLU E 66 -55.10 5.78 27.53
C GLU E 66 -54.68 4.42 26.97
N MET E 67 -53.83 4.40 25.96
CA MET E 67 -53.38 3.15 25.37
C MET E 67 -52.57 2.33 26.36
N TYR E 68 -52.08 2.98 27.40
CA TYR E 68 -51.28 2.25 28.34
C TYR E 68 -52.08 1.71 29.50
N GLN E 69 -53.40 1.93 29.50
CA GLN E 69 -54.22 1.52 30.63
C GLN E 69 -55.10 0.32 30.34
N ILE E 70 -54.83 -0.82 30.98
CA ILE E 70 -55.61 -2.01 30.74
C ILE E 70 -56.81 -1.96 31.67
N PRO E 71 -58.05 -1.96 31.19
CA PRO E 71 -59.21 -1.89 32.03
C PRO E 71 -59.44 -3.21 32.72
N LEU E 72 -59.94 -3.14 33.94
CA LEU E 72 -60.36 -4.27 34.73
C LEU E 72 -61.72 -4.00 35.34
N ASN E 73 -62.52 -5.04 35.53
CA ASN E 73 -63.86 -4.85 36.07
C ASN E 73 -64.26 -5.71 37.25
N ASP E 74 -65.26 -5.19 37.97
CA ASP E 74 -65.87 -5.95 39.04
C ASP E 74 -66.84 -6.97 38.47
N ASN E 75 -67.35 -6.64 37.29
CA ASN E 75 -68.26 -7.49 36.57
C ASN E 75 -67.58 -8.79 36.22
N LEU E 76 -68.25 -9.89 36.52
CA LEU E 76 -67.69 -11.19 36.23
C LEU E 76 -67.67 -11.49 34.74
N SER E 77 -66.53 -11.97 34.25
CA SER E 77 -66.40 -12.33 32.86
C SER E 77 -65.40 -13.45 32.65
N LYS E 78 -65.68 -14.30 31.68
CA LYS E 78 -64.81 -15.40 31.32
C LYS E 78 -63.86 -15.04 30.20
N ALA E 79 -64.00 -13.84 29.69
CA ALA E 79 -63.20 -13.35 28.60
C ALA E 79 -61.80 -13.05 29.09
N PRO E 80 -60.78 -13.11 28.23
CA PRO E 80 -59.47 -12.64 28.54
C PRO E 80 -59.53 -11.15 28.65
N ILE E 81 -58.69 -10.62 29.49
CA ILE E 81 -58.48 -9.22 29.75
C ILE E 81 -57.74 -8.58 28.62
N PHE E 82 -56.71 -9.26 28.18
CA PHE E 82 -55.90 -8.83 27.07
C PHE E 82 -55.26 -10.07 26.47
N CYS E 83 -54.82 -9.94 25.23
CA CYS E 83 -54.07 -11.00 24.60
C CYS E 83 -52.95 -10.41 23.77
N LEU E 84 -51.74 -10.87 24.04
CA LEU E 84 -50.52 -10.42 23.42
C LEU E 84 -49.79 -11.53 22.66
N SER E 85 -49.22 -11.23 21.50
CA SER E 85 -48.38 -12.22 20.85
C SER E 85 -46.96 -11.98 21.30
N LEU E 86 -46.23 -13.00 21.67
CA LEU E 86 -44.88 -12.75 22.15
C LEU E 86 -43.86 -12.64 21.05
N SER E 87 -43.88 -11.48 20.43
CA SER E 87 -43.04 -11.12 19.32
C SER E 87 -42.54 -9.72 19.64
N PRO E 88 -41.49 -9.60 20.47
CA PRO E 88 -41.05 -8.36 21.08
C PRO E 88 -40.58 -7.28 20.14
N ALA E 89 -40.18 -7.64 18.91
CA ALA E 89 -39.76 -6.61 18.00
C ALA E 89 -40.80 -6.34 16.92
N SER E 90 -41.69 -7.29 16.66
CA SER E 90 -42.64 -7.09 15.57
C SER E 90 -44.09 -6.87 15.97
N ASP E 91 -44.48 -7.20 17.19
CA ASP E 91 -45.85 -7.00 17.63
C ASP E 91 -46.17 -5.52 17.59
N LYS E 92 -47.36 -5.17 17.16
CA LYS E 92 -47.71 -3.76 17.08
C LYS E 92 -47.57 -3.00 18.39
N ARG E 93 -47.79 -3.65 19.52
CA ARG E 93 -47.66 -2.95 20.77
C ARG E 93 -46.24 -3.08 21.33
N LEU E 94 -45.65 -4.27 21.17
CA LEU E 94 -44.34 -4.46 21.81
C LEU E 94 -43.21 -3.81 21.06
N SER E 95 -43.35 -3.62 19.77
CA SER E 95 -42.25 -3.10 18.99
C SER E 95 -41.91 -1.67 19.38
N HIS E 96 -42.80 -0.99 20.11
CA HIS E 96 -42.53 0.38 20.47
C HIS E 96 -42.17 0.62 21.93
N THR E 97 -41.97 -0.44 22.69
CA THR E 97 -41.60 -0.25 24.09
C THR E 97 -40.11 -0.17 24.14
N MET E 98 -39.47 0.05 25.27
CA MET E 98 -38.01 0.18 25.21
C MET E 98 -37.32 -1.06 24.74
N LEU E 99 -37.78 -2.22 25.18
CA LEU E 99 -37.13 -3.44 24.76
C LEU E 99 -37.27 -3.58 23.27
N GLY E 100 -38.45 -3.29 22.78
CA GLY E 100 -38.73 -3.38 21.36
C GLY E 100 -37.84 -2.42 20.59
N GLU E 101 -37.75 -1.17 21.04
CA GLU E 101 -36.97 -0.21 20.29
C GLU E 101 -35.50 -0.51 20.26
N ILE E 102 -34.93 -1.03 21.34
CA ILE E 102 -33.52 -1.37 21.28
C ILE E 102 -33.40 -2.53 20.31
N LEU E 103 -34.29 -3.50 20.46
CA LEU E 103 -34.34 -4.71 19.69
C LEU E 103 -34.63 -4.44 18.22
N ASN E 104 -35.23 -3.31 17.88
CA ASN E 104 -35.51 -2.99 16.48
C ASN E 104 -34.25 -2.62 15.72
N TYR E 105 -33.11 -2.57 16.40
CA TYR E 105 -31.83 -2.35 15.78
C TYR E 105 -31.08 -3.64 15.67
N TYR E 106 -31.71 -4.75 16.00
CA TYR E 106 -31.09 -6.05 15.93
C TYR E 106 -31.91 -7.01 15.10
N THR E 107 -31.28 -8.00 14.52
CA THR E 107 -32.01 -8.96 13.71
C THR E 107 -32.32 -10.23 14.43
N HIS E 108 -31.41 -10.67 15.28
CA HIS E 108 -31.52 -11.94 15.99
C HIS E 108 -31.45 -11.69 17.47
N TRP E 109 -32.23 -12.44 18.26
CA TRP E 109 -32.21 -12.26 19.70
C TRP E 109 -32.51 -13.51 20.52
N THR E 110 -32.13 -13.46 21.78
CA THR E 110 -32.38 -14.57 22.69
C THR E 110 -32.60 -14.12 24.11
N GLY E 111 -33.30 -14.93 24.88
CA GLY E 111 -33.46 -14.65 26.30
C GLY E 111 -34.88 -14.66 26.78
N SER E 112 -35.03 -14.69 28.08
CA SER E 112 -36.32 -14.71 28.71
C SER E 112 -36.82 -13.27 28.81
N ILE E 113 -38.15 -13.08 28.85
CA ILE E 113 -38.75 -11.73 28.94
C ILE E 113 -39.71 -11.58 30.13
N ARG E 114 -39.55 -10.48 30.87
CA ARG E 114 -40.37 -10.21 32.04
C ARG E 114 -41.55 -9.31 31.77
N PHE E 115 -42.70 -9.74 32.27
CA PHE E 115 -43.95 -9.02 32.18
C PHE E 115 -44.44 -8.65 33.56
N THR E 116 -44.32 -7.37 33.87
CA THR E 116 -44.61 -6.88 35.21
C THR E 116 -45.94 -6.16 35.22
N PHE E 117 -46.85 -6.53 36.11
CA PHE E 117 -48.14 -5.86 36.14
C PHE E 117 -48.45 -5.18 37.44
N LEU E 118 -48.74 -3.89 37.33
CA LEU E 118 -49.10 -3.05 38.46
C LEU E 118 -50.57 -2.77 38.56
N PHE E 119 -51.17 -3.05 39.70
CA PHE E 119 -52.59 -2.75 39.86
C PHE E 119 -52.71 -1.33 40.38
N CYS E 120 -53.49 -0.48 39.70
CA CYS E 120 -53.66 0.93 40.07
C CYS E 120 -55.08 1.22 40.50
N GLY E 121 -55.75 0.22 41.02
CA GLY E 121 -57.13 0.32 41.44
C GLY E 121 -57.18 0.84 42.85
N SER E 122 -58.33 0.73 43.48
CA SER E 122 -58.50 1.21 44.83
C SER E 122 -57.89 0.22 45.79
N MET E 123 -57.66 0.62 47.06
CA MET E 123 -57.18 -0.32 48.06
C MET E 123 -58.31 -1.17 48.55
N MET E 124 -59.49 -0.60 48.52
CA MET E 124 -60.63 -1.33 48.98
C MET E 124 -60.97 -2.53 48.08
N ALA E 125 -60.67 -2.44 46.78
CA ALA E 125 -60.96 -3.52 45.84
C ALA E 125 -59.99 -4.71 45.97
N THR E 126 -60.51 -5.93 45.82
CA THR E 126 -59.65 -7.12 45.86
C THR E 126 -59.98 -8.17 44.81
N GLY E 127 -59.13 -9.18 44.68
CA GLY E 127 -59.38 -10.24 43.72
C GLY E 127 -58.10 -10.93 43.29
N LYS E 128 -58.24 -11.90 42.38
CA LYS E 128 -57.12 -12.68 41.89
C LYS E 128 -57.12 -12.80 40.37
N LEU E 129 -55.97 -12.56 39.78
CA LEU E 129 -55.81 -12.66 38.33
C LEU E 129 -54.86 -13.77 37.89
N LEU E 130 -55.17 -14.38 36.78
CA LEU E 130 -54.33 -15.38 36.15
C LEU E 130 -53.54 -14.82 35.02
N LEU E 131 -52.25 -14.84 35.17
CA LEU E 131 -51.39 -14.32 34.14
C LEU E 131 -50.62 -15.49 33.57
N SER E 132 -50.66 -15.67 32.25
CA SER E 132 -49.99 -16.84 31.70
C SER E 132 -49.36 -16.70 30.33
N TYR E 133 -48.40 -17.59 30.11
CA TYR E 133 -47.66 -17.73 28.86
C TYR E 133 -47.81 -19.11 28.26
N SER E 134 -48.15 -19.16 26.99
CA SER E 134 -48.34 -20.43 26.33
C SER E 134 -47.43 -20.54 25.11
N PRO E 135 -46.50 -21.50 25.06
CA PRO E 135 -45.58 -21.71 23.96
C PRO E 135 -46.37 -21.83 22.64
N PRO E 136 -45.72 -21.44 21.50
CA PRO E 136 -46.31 -21.31 20.11
C PRO E 136 -46.55 -22.67 19.44
N GLY E 137 -47.05 -22.66 18.21
CA GLY E 137 -47.34 -23.91 17.49
C GLY E 137 -48.57 -24.59 18.07
N ALA E 138 -49.34 -23.86 18.88
CA ALA E 138 -50.54 -24.44 19.54
C ALA E 138 -51.75 -23.54 19.28
N LYS E 139 -52.93 -24.00 19.66
CA LYS E 139 -54.12 -23.18 19.58
C LYS E 139 -53.97 -22.09 20.63
N PRO E 140 -54.23 -20.82 20.33
CA PRO E 140 -54.13 -19.74 21.28
C PRO E 140 -55.02 -20.02 22.48
N PRO E 141 -54.64 -19.56 23.67
CA PRO E 141 -55.34 -19.69 24.93
C PRO E 141 -56.49 -18.70 24.99
N THR E 142 -57.57 -19.01 24.29
CA THR E 142 -58.71 -18.11 24.17
C THR E 142 -59.73 -18.31 25.28
N ASN E 143 -59.42 -19.24 26.16
CA ASN E 143 -60.23 -19.61 27.30
C ASN E 143 -59.31 -19.93 28.45
N ARG E 144 -59.72 -19.51 29.64
CA ARG E 144 -58.94 -19.69 30.85
C ARG E 144 -58.52 -21.13 31.06
N LYS E 145 -59.40 -22.06 30.69
CA LYS E 145 -59.10 -23.46 30.90
C LYS E 145 -57.87 -23.92 30.16
N ASP E 146 -57.54 -23.27 29.04
CA ASP E 146 -56.38 -23.66 28.28
C ASP E 146 -55.21 -22.82 28.71
N ALA E 147 -55.50 -21.60 29.13
CA ALA E 147 -54.44 -20.70 29.57
C ALA E 147 -53.71 -21.34 30.74
N MET E 148 -54.47 -22.03 31.58
CA MET E 148 -54.06 -22.74 32.77
C MET E 148 -53.07 -23.84 32.51
N LEU E 149 -52.97 -24.30 31.28
CA LEU E 149 -52.10 -25.40 30.98
C LEU E 149 -50.72 -24.94 30.59
N GLY E 150 -50.54 -23.63 30.52
CA GLY E 150 -49.24 -23.10 30.15
C GLY E 150 -48.50 -22.69 31.42
N THR E 151 -47.60 -21.74 31.26
CA THR E 151 -46.81 -21.26 32.35
C THR E 151 -47.63 -20.21 33.02
N HIS E 152 -47.84 -20.30 34.31
CA HIS E 152 -48.65 -19.27 34.86
C HIS E 152 -48.42 -18.96 36.29
N ILE E 153 -48.83 -17.77 36.64
CA ILE E 153 -48.78 -17.26 37.97
C ILE E 153 -50.11 -16.70 38.42
N ILE E 154 -50.46 -16.92 39.66
CA ILE E 154 -51.67 -16.32 40.16
C ILE E 154 -51.30 -15.15 41.00
N TRP E 155 -51.84 -14.01 40.65
CA TRP E 155 -51.57 -12.79 41.33
C TRP E 155 -52.69 -12.39 42.27
N ASP E 156 -52.39 -12.49 43.55
CA ASP E 156 -53.34 -12.18 44.59
C ASP E 156 -53.16 -10.69 44.87
N LEU E 157 -54.14 -9.88 44.53
CA LEU E 157 -53.96 -8.44 44.65
C LEU E 157 -53.85 -8.08 46.13
N GLY E 158 -52.88 -7.25 46.46
CA GLY E 158 -52.65 -6.85 47.84
C GLY E 158 -51.58 -5.77 47.87
N LEU E 159 -50.95 -5.57 49.02
CA LEU E 159 -49.96 -4.51 49.17
C LEU E 159 -48.80 -4.69 48.21
N GLN E 160 -48.44 -5.93 47.93
CA GLN E 160 -47.35 -6.15 46.99
C GLN E 160 -48.03 -6.04 45.64
N SER E 161 -48.17 -4.81 45.21
CA SER E 161 -48.95 -4.35 44.09
C SER E 161 -48.46 -4.72 42.72
N SER E 162 -47.23 -5.20 42.62
CA SER E 162 -46.71 -5.54 41.31
C SER E 162 -46.28 -6.98 41.16
N CYS E 163 -46.87 -7.66 40.19
CA CYS E 163 -46.60 -9.07 39.97
C CYS E 163 -45.76 -9.30 38.75
N SER E 164 -44.70 -10.08 38.89
CA SER E 164 -43.85 -10.34 37.75
C SER E 164 -43.88 -11.76 37.25
N MET E 165 -44.29 -11.90 36.00
CA MET E 165 -44.30 -13.19 35.34
C MET E 165 -43.14 -13.23 34.43
N VAL E 166 -42.47 -14.34 34.38
CA VAL E 166 -41.38 -14.42 33.47
C VAL E 166 -41.77 -15.40 32.42
N ALA E 167 -41.68 -14.98 31.17
CA ALA E 167 -41.96 -15.86 30.07
C ALA E 167 -40.59 -16.43 29.75
N PRO E 168 -40.31 -17.68 30.10
CA PRO E 168 -39.01 -18.27 30.02
C PRO E 168 -38.61 -18.48 28.61
N TRP E 169 -37.32 -18.52 28.38
CA TRP E 169 -36.83 -18.84 27.07
C TRP E 169 -37.09 -20.27 26.65
N ILE E 170 -38.20 -20.45 25.97
CA ILE E 170 -38.55 -21.71 25.37
C ILE E 170 -38.58 -21.50 23.88
N SER E 171 -37.74 -22.21 23.16
CA SER E 171 -37.62 -22.09 21.72
C SER E 171 -36.96 -23.30 21.14
N ASN E 172 -37.12 -23.53 19.85
CA ASN E 172 -36.34 -24.57 19.23
C ASN E 172 -34.99 -24.03 18.77
N THR E 173 -34.97 -22.78 18.37
CA THR E 173 -33.76 -22.17 17.88
C THR E 173 -32.95 -21.57 18.99
N VAL E 174 -31.68 -21.29 18.71
CA VAL E 174 -30.86 -20.69 19.75
C VAL E 174 -31.24 -19.24 19.81
N TYR E 175 -31.43 -18.65 18.65
CA TYR E 175 -31.85 -17.27 18.55
C TYR E 175 -33.11 -17.20 17.71
N ARG E 176 -33.95 -16.24 17.98
CA ARG E 176 -35.15 -16.00 17.23
C ARG E 176 -34.98 -14.79 16.38
N ARG E 177 -35.77 -14.65 15.34
CA ARG E 177 -35.67 -13.45 14.56
C ARG E 177 -36.48 -12.37 15.21
N CYS E 178 -36.03 -11.14 15.05
CA CYS E 178 -36.77 -10.00 15.51
C CYS E 178 -37.97 -9.79 14.58
N ALA E 179 -37.71 -10.02 13.29
CA ALA E 179 -38.68 -9.88 12.22
C ALA E 179 -39.81 -10.87 12.41
N ARG E 180 -41.02 -10.49 12.05
CA ARG E 180 -42.08 -11.45 12.20
C ARG E 180 -41.89 -12.56 11.21
N ASP E 181 -41.94 -13.77 11.72
CA ASP E 181 -41.79 -14.97 10.93
C ASP E 181 -42.45 -16.12 11.66
N ASP E 182 -43.35 -16.84 11.01
CA ASP E 182 -44.02 -17.95 11.70
C ASP E 182 -43.01 -18.96 12.24
N PHE E 183 -41.88 -19.12 11.57
CA PHE E 183 -40.88 -20.07 12.00
C PHE E 183 -40.37 -19.80 13.40
N THR E 184 -40.44 -18.56 13.83
CA THR E 184 -39.96 -18.15 15.13
C THR E 184 -41.07 -17.59 16.02
N GLU E 185 -42.32 -18.00 15.79
CA GLU E 185 -43.47 -17.56 16.59
C GLU E 185 -43.12 -17.71 18.05
N GLY E 186 -43.32 -16.67 18.87
CA GLY E 186 -42.94 -16.74 20.28
C GLY E 186 -43.96 -17.22 21.30
N GLY E 187 -45.15 -17.56 20.88
CA GLY E 187 -46.17 -18.00 21.82
C GLY E 187 -47.09 -16.87 22.21
N PHE E 188 -47.92 -17.10 23.21
CA PHE E 188 -48.96 -16.16 23.56
C PHE E 188 -48.93 -15.75 25.01
N ILE E 189 -49.31 -14.52 25.29
CA ILE E 189 -49.50 -14.07 26.67
C ILE E 189 -50.89 -13.53 26.91
N THR E 190 -51.55 -14.08 27.90
CA THR E 190 -52.90 -13.65 28.23
C THR E 190 -53.14 -13.48 29.69
N CYS E 191 -54.23 -12.82 30.00
CA CYS E 191 -54.64 -12.74 31.38
C CYS E 191 -56.13 -12.90 31.52
N PHE E 192 -56.53 -13.71 32.47
CA PHE E 192 -57.92 -14.03 32.81
C PHE E 192 -58.20 -13.78 34.26
N TYR E 193 -59.44 -13.57 34.61
CA TYR E 193 -59.72 -13.44 36.02
C TYR E 193 -59.82 -14.82 36.66
N GLN E 194 -59.29 -14.99 37.88
CA GLN E 194 -59.56 -16.23 38.64
C GLN E 194 -60.86 -15.99 39.33
N THR E 195 -61.04 -14.74 39.67
CA THR E 195 -62.22 -14.24 40.32
C THR E 195 -62.37 -12.79 39.92
N ARG E 196 -63.59 -12.31 39.92
CA ARG E 196 -63.92 -10.96 39.55
C ARG E 196 -63.31 -10.02 40.55
N ILE E 197 -63.10 -8.76 40.22
CA ILE E 197 -62.56 -7.92 41.26
C ILE E 197 -63.71 -7.48 42.15
N VAL E 198 -63.61 -7.80 43.40
CA VAL E 198 -64.66 -7.49 44.31
C VAL E 198 -64.53 -6.08 44.78
N VAL E 199 -65.59 -5.32 44.61
CA VAL E 199 -65.62 -3.94 44.96
C VAL E 199 -66.74 -3.67 45.97
N PRO E 200 -66.42 -3.11 47.15
CA PRO E 200 -67.33 -2.75 48.21
C PRO E 200 -68.06 -1.47 47.87
N ALA E 201 -68.97 -1.05 48.73
CA ALA E 201 -69.71 0.17 48.47
C ALA E 201 -68.81 1.39 48.39
N SER E 202 -69.21 2.32 47.52
CA SER E 202 -68.56 3.61 47.26
C SER E 202 -67.13 3.51 46.78
N THR E 203 -66.84 2.46 46.04
CA THR E 203 -65.53 2.20 45.50
C THR E 203 -65.71 2.01 43.99
N PRO E 204 -64.79 2.49 43.13
CA PRO E 204 -64.86 2.34 41.68
C PRO E 204 -64.96 0.90 41.26
N THR E 205 -65.72 0.69 40.19
CA THR E 205 -65.99 -0.60 39.60
C THR E 205 -65.21 -0.83 38.31
N SER E 206 -64.42 0.17 37.96
CA SER E 206 -63.57 0.17 36.78
C SER E 206 -62.19 0.59 37.20
N MET E 207 -61.29 -0.36 37.13
CA MET E 207 -59.92 -0.27 37.60
C MET E 207 -58.97 -0.35 36.45
N PHE E 208 -57.76 0.15 36.64
CA PHE E 208 -56.77 -0.02 35.60
C PHE E 208 -55.54 -0.72 36.08
N MET E 209 -54.91 -1.41 35.14
CA MET E 209 -53.66 -2.10 35.32
C MET E 209 -52.62 -1.66 34.31
N LEU E 210 -51.39 -1.55 34.76
CA LEU E 210 -50.33 -1.14 33.87
C LEU E 210 -49.31 -2.26 33.67
N GLY E 211 -49.15 -2.71 32.44
CA GLY E 211 -48.17 -3.78 32.20
C GLY E 211 -46.87 -3.16 31.72
N PHE E 212 -45.76 -3.71 32.18
CA PHE E 212 -44.44 -3.25 31.81
C PHE E 212 -43.56 -4.40 31.32
N VAL E 213 -42.65 -4.11 30.43
CA VAL E 213 -41.78 -5.17 29.91
C VAL E 213 -40.31 -4.88 29.97
N SER E 214 -39.54 -5.92 30.30
CA SER E 214 -38.09 -5.83 30.33
C SER E 214 -37.39 -7.13 29.99
N ALA E 215 -36.14 -7.00 29.58
CA ALA E 215 -35.31 -8.17 29.34
C ALA E 215 -34.87 -8.79 30.65
N CYS E 216 -34.66 -10.11 30.63
CA CYS E 216 -34.06 -10.82 31.76
C CYS E 216 -32.54 -10.73 31.65
N PRO E 217 -31.78 -11.01 32.71
CA PRO E 217 -30.33 -11.07 32.72
C PRO E 217 -29.70 -12.06 31.75
N ASP E 218 -30.46 -13.04 31.24
CA ASP E 218 -29.90 -14.02 30.31
C ASP E 218 -30.06 -13.57 28.85
N PHE E 219 -30.62 -12.38 28.64
CA PHE E 219 -30.94 -11.85 27.32
C PHE E 219 -29.78 -11.25 26.58
N SER E 220 -29.77 -11.41 25.26
CA SER E 220 -28.79 -10.78 24.39
C SER E 220 -29.33 -10.61 22.98
N VAL E 221 -28.61 -9.84 22.19
CA VAL E 221 -28.93 -9.62 20.80
C VAL E 221 -27.66 -9.84 20.00
N ARG E 222 -27.76 -10.21 18.73
CA ARG E 222 -26.52 -10.47 17.98
C ARG E 222 -26.39 -10.02 16.54
N LEU E 223 -27.08 -9.01 16.09
CA LEU E 223 -26.85 -8.59 14.70
C LEU E 223 -27.48 -7.26 14.38
N LEU E 224 -26.68 -6.22 14.19
CA LEU E 224 -27.24 -4.90 13.94
C LEU E 224 -27.91 -4.74 12.60
N ARG E 225 -29.01 -4.00 12.61
CA ARG E 225 -29.74 -3.67 11.42
C ARG E 225 -30.37 -2.30 11.56
N ASP E 226 -30.71 -1.70 10.46
CA ASP E 226 -31.43 -0.43 10.53
C ASP E 226 -32.85 -0.66 10.96
N THR E 227 -33.35 0.23 11.79
CA THR E 227 -34.71 0.12 12.27
C THR E 227 -35.69 0.75 11.28
N PRO E 228 -36.83 0.12 11.02
CA PRO E 228 -37.89 0.60 10.16
C PRO E 228 -38.76 1.67 10.77
N HIS E 229 -38.56 1.99 12.03
CA HIS E 229 -39.45 2.95 12.66
C HIS E 229 -39.16 4.40 12.31
N ILE E 230 -37.97 4.73 11.86
CA ILE E 230 -37.73 6.13 11.54
C ILE E 230 -37.43 6.28 10.08
N SER E 231 -37.97 7.34 9.50
CA SER E 231 -37.77 7.61 8.09
C SER E 231 -37.54 9.07 7.79
N GLN E 232 -37.27 9.31 6.53
CA GLN E 232 -36.92 10.62 6.03
C GLN E 232 -37.29 10.72 4.57
N SER E 233 -37.51 11.93 4.11
CA SER E 233 -37.80 12.18 2.71
C SER E 233 -36.54 12.02 1.89
N LYS E 234 -36.69 11.90 0.59
CA LYS E 234 -35.53 11.81 -0.26
C LYS E 234 -34.73 13.10 -0.17
N LEU E 235 -33.43 12.99 -0.01
CA LEU E 235 -32.65 14.21 0.04
C LEU E 235 -32.02 14.42 -1.31
N ILE E 236 -31.99 15.66 -1.76
CA ILE E 236 -31.38 15.97 -3.04
C ILE E 236 -29.98 16.51 -2.87
N GLY E 237 -29.83 17.44 -1.96
CA GLY E 237 -28.58 18.11 -1.76
C GLY E 237 -28.87 19.51 -1.30
N ARG E 238 -27.83 20.33 -1.29
CA ARG E 238 -27.93 21.71 -0.85
C ARG E 238 -27.74 22.67 -2.01
N THR E 239 -26.97 22.22 -2.98
CA THR E 239 -26.60 22.97 -4.19
C THR E 239 -26.28 24.44 -3.91
N GLN E 240 -25.39 24.72 -2.93
CA GLN E 240 -24.95 26.03 -2.45
C GLN E 240 -26.05 27.11 -2.50
N GLY F 2 6.67 -2.21 18.89
CA GLY F 2 5.96 -2.47 20.12
C GLY F 2 4.51 -2.87 19.84
N ALA F 3 4.31 -4.12 19.36
CA ALA F 3 3.01 -4.72 19.02
C ALA F 3 2.24 -5.24 20.21
N GLN F 4 0.92 -5.15 20.14
CA GLN F 4 0.07 -5.70 21.16
C GLN F 4 -0.72 -6.89 20.61
N VAL F 5 -0.48 -8.05 21.18
CA VAL F 5 -1.15 -9.25 20.74
C VAL F 5 -2.35 -9.50 21.60
N SER F 6 -3.46 -9.84 20.98
CA SER F 6 -4.67 -10.10 21.73
C SER F 6 -5.57 -11.16 21.09
N THR F 7 -6.54 -11.60 21.86
CA THR F 7 -7.49 -12.65 21.47
C THR F 7 -8.57 -12.16 20.51
N GLN F 8 -8.83 -12.94 19.48
CA GLN F 8 -9.87 -12.69 18.48
C GLN F 8 -11.24 -13.16 18.93
N LYS F 9 -12.27 -12.53 18.39
CA LYS F 9 -13.62 -13.01 18.64
C LYS F 9 -13.69 -14.34 17.89
N THR F 10 -14.24 -15.39 18.49
CA THR F 10 -14.23 -16.66 17.79
C THR F 10 -15.23 -16.81 16.63
N GLY F 11 -14.93 -17.74 15.71
CA GLY F 11 -15.73 -17.98 14.48
C GLY F 11 -16.48 -19.31 14.36
N ALA F 12 -16.55 -19.83 13.14
CA ALA F 12 -17.33 -21.05 12.90
C ALA F 12 -16.64 -22.39 13.16
N HIS F 13 -15.33 -22.49 12.94
CA HIS F 13 -14.73 -23.82 12.97
C HIS F 13 -14.01 -24.19 14.24
N GLU F 14 -13.06 -23.36 14.64
CA GLU F 14 -12.22 -23.71 15.78
C GLU F 14 -12.78 -23.20 17.08
N ASN F 15 -13.89 -22.52 16.99
CA ASN F 15 -14.53 -21.89 18.13
C ASN F 15 -14.95 -22.87 19.19
N GLN F 16 -14.35 -22.73 20.35
CA GLN F 16 -14.65 -23.57 21.49
C GLN F 16 -15.41 -22.69 22.45
N ASN F 17 -16.16 -23.29 23.35
CA ASN F 17 -16.90 -22.46 24.30
C ASN F 17 -15.94 -21.64 25.18
N VAL F 18 -14.77 -22.18 25.44
CA VAL F 18 -13.78 -21.47 26.20
C VAL F 18 -12.69 -21.07 25.22
N ALA F 19 -12.42 -19.77 25.15
CA ALA F 19 -11.49 -19.21 24.19
C ALA F 19 -10.04 -19.37 24.61
N ALA F 20 -9.63 -20.62 24.68
CA ALA F 20 -8.28 -21.03 25.05
C ALA F 20 -7.86 -22.12 24.09
N ASN F 21 -8.39 -22.05 22.89
CA ASN F 21 -8.20 -23.02 21.84
C ASN F 21 -6.96 -22.81 20.99
N GLY F 22 -5.81 -22.72 21.63
CA GLY F 22 -4.54 -22.54 20.94
C GLY F 22 -4.23 -21.09 20.59
N SER F 23 -3.18 -20.92 19.76
CA SER F 23 -2.62 -19.63 19.35
C SER F 23 -3.24 -19.07 18.08
N THR F 24 -4.09 -19.85 17.43
CA THR F 24 -4.70 -19.49 16.17
C THR F 24 -5.78 -18.45 16.34
N ILE F 25 -6.10 -18.21 17.58
CA ILE F 25 -7.08 -17.23 18.03
C ILE F 25 -6.46 -15.87 18.21
N ASN F 26 -5.14 -15.74 18.14
CA ASN F 26 -4.55 -14.43 18.38
C ASN F 26 -4.43 -13.58 17.13
N TYR F 27 -4.36 -12.28 17.33
CA TYR F 27 -4.09 -11.36 16.22
C TYR F 27 -3.20 -10.25 16.73
N THR F 28 -2.54 -9.57 15.80
CA THR F 28 -1.60 -8.54 16.23
C THR F 28 -1.96 -7.13 15.80
N THR F 29 -1.96 -6.21 16.77
CA THR F 29 -2.21 -4.80 16.47
C THR F 29 -1.01 -3.91 16.76
N ILE F 30 -0.63 -3.12 15.78
CA ILE F 30 0.45 -2.17 15.95
C ILE F 30 -0.11 -0.81 15.66
N ASN F 31 0.03 0.12 16.58
CA ASN F 31 -0.44 1.47 16.32
C ASN F 31 0.61 2.20 15.52
N TYR F 32 0.19 2.91 14.49
CA TYR F 32 1.13 3.61 13.62
C TYR F 32 1.08 5.12 13.72
N TYR F 33 0.31 5.63 14.66
CA TYR F 33 0.14 7.07 14.75
C TYR F 33 0.39 7.66 16.11
N LYS F 34 0.84 8.90 16.12
CA LYS F 34 1.07 9.70 17.33
C LYS F 34 -0.16 10.03 18.16
N ASP F 35 -1.27 10.23 17.49
CA ASP F 35 -2.51 10.62 18.11
C ASP F 35 -3.37 9.40 18.38
N SER F 36 -3.78 9.13 19.61
CA SER F 36 -4.55 7.90 19.86
C SER F 36 -5.92 7.90 19.17
N ALA F 37 -6.38 9.06 18.73
CA ALA F 37 -7.65 9.18 18.02
C ALA F 37 -7.58 8.42 16.67
N SER F 38 -6.37 8.12 16.23
CA SER F 38 -6.10 7.42 15.00
C SER F 38 -6.15 5.93 15.17
N ASN F 39 -6.26 5.46 16.40
CA ASN F 39 -6.29 4.05 16.69
C ASN F 39 -7.58 3.45 16.23
N SER F 40 -7.55 2.17 15.95
CA SER F 40 -8.72 1.44 15.56
C SER F 40 -9.58 1.34 16.78
N ALA F 41 -10.81 0.90 16.63
CA ALA F 41 -11.74 0.87 17.74
C ALA F 41 -11.18 0.04 18.87
N THR F 42 -11.58 0.38 20.07
CA THR F 42 -11.06 -0.29 21.24
C THR F 42 -11.66 -1.66 21.47
N ARG F 43 -11.09 -2.35 22.45
CA ARG F 43 -11.53 -3.68 22.80
C ARG F 43 -12.83 -3.60 23.54
N GLN F 44 -13.73 -4.50 23.24
CA GLN F 44 -15.01 -4.49 23.90
C GLN F 44 -14.91 -4.52 25.41
N ASP F 45 -15.69 -3.66 26.03
CA ASP F 45 -15.81 -3.57 27.46
C ASP F 45 -17.12 -4.21 27.82
N LEU F 46 -17.06 -5.41 28.37
CA LEU F 46 -18.26 -6.15 28.68
C LEU F 46 -18.68 -5.98 30.12
N SER F 47 -18.02 -5.10 30.84
CA SER F 47 -18.43 -4.84 32.20
C SER F 47 -19.78 -4.17 32.13
N GLN F 48 -20.67 -4.55 33.01
CA GLN F 48 -22.01 -3.98 33.02
C GLN F 48 -22.43 -3.71 34.44
N ASP F 49 -23.29 -2.73 34.62
CA ASP F 49 -23.83 -2.46 35.94
C ASP F 49 -25.25 -1.91 35.85
N PRO F 50 -26.22 -2.74 35.48
CA PRO F 50 -27.57 -2.37 35.19
C PRO F 50 -28.30 -1.90 36.43
N SER F 51 -27.76 -2.19 37.61
CA SER F 51 -28.44 -1.83 38.85
C SER F 51 -28.58 -0.33 38.98
N LYS F 52 -27.79 0.42 38.25
CA LYS F 52 -27.86 1.86 38.34
C LYS F 52 -29.07 2.39 37.61
N PHE F 53 -29.68 1.57 36.78
CA PHE F 53 -30.85 1.97 36.06
C PHE F 53 -32.06 1.12 36.42
N THR F 54 -31.85 -0.13 36.85
CA THR F 54 -32.96 -1.02 37.09
C THR F 54 -33.34 -1.14 38.56
N GLU F 55 -32.45 -0.77 39.48
CA GLU F 55 -32.79 -0.83 40.87
C GLU F 55 -32.01 0.26 41.60
N PRO F 56 -32.19 1.53 41.24
CA PRO F 56 -31.47 2.66 41.76
C PRO F 56 -32.03 3.09 43.08
N VAL F 57 -31.96 2.26 44.09
CA VAL F 57 -32.66 2.64 45.30
C VAL F 57 -31.76 2.84 46.48
N LYS F 58 -32.25 3.62 47.43
CA LYS F 58 -31.54 3.90 48.65
C LYS F 58 -31.53 2.73 49.60
N ASP F 59 -32.68 2.09 49.80
CA ASP F 59 -32.76 0.98 50.73
C ASP F 59 -32.71 -0.34 49.97
N LEU F 60 -31.71 -1.14 50.26
CA LEU F 60 -31.53 -2.39 49.55
C LEU F 60 -32.71 -3.34 49.69
N MET F 61 -33.15 -3.88 48.56
CA MET F 61 -34.22 -4.86 48.55
C MET F 61 -33.68 -6.17 48.05
N LEU F 62 -34.18 -7.24 48.63
CA LEU F 62 -33.81 -8.54 48.14
C LEU F 62 -35.00 -8.95 47.33
N LYS F 63 -34.82 -9.67 46.25
CA LYS F 63 -35.99 -9.98 45.44
C LYS F 63 -37.07 -10.77 46.14
N THR F 64 -36.72 -11.59 47.14
CA THR F 64 -37.70 -12.41 47.83
C THR F 64 -38.37 -11.69 48.99
N ALA F 65 -37.83 -10.56 49.37
CA ALA F 65 -38.33 -9.77 50.46
C ALA F 65 -39.56 -9.06 49.98
N PRO F 66 -40.51 -8.68 50.82
CA PRO F 66 -41.58 -7.83 50.43
C PRO F 66 -40.90 -6.58 49.92
N ALA F 67 -41.41 -6.00 48.85
CA ALA F 67 -40.80 -4.79 48.34
C ALA F 67 -41.11 -3.67 49.28
N LEU F 68 -42.30 -3.75 49.86
CA LEU F 68 -42.77 -2.79 50.80
C LEU F 68 -43.08 -3.53 52.10
N ASN F 69 -42.51 -3.07 53.24
CA ASN F 69 -42.65 -3.64 54.59
C ASN F 69 -43.57 -2.75 55.41
N VAL G 16 7.26 6.88 31.18
CA VAL G 16 6.18 7.69 30.65
C VAL G 16 6.50 9.18 30.88
N SER G 17 6.78 9.91 29.77
CA SER G 17 7.08 11.35 29.76
C SER G 17 5.81 12.16 29.79
N GLN G 18 5.12 12.07 30.91
CA GLN G 18 3.85 12.76 31.08
C GLN G 18 4.13 14.21 30.74
N PRO G 19 3.40 14.81 29.80
CA PRO G 19 3.63 16.16 29.35
C PRO G 19 3.35 17.10 30.49
N PRO G 20 4.26 18.00 30.86
CA PRO G 20 4.05 18.97 31.91
C PRO G 20 2.87 19.87 31.62
N SER G 21 2.04 20.06 32.61
CA SER G 21 0.87 20.90 32.49
C SER G 21 1.17 22.35 32.81
N THR G 22 0.20 23.19 32.50
CA THR G 22 0.32 24.58 32.82
C THR G 22 0.09 24.62 34.31
N GLN G 23 0.37 25.72 34.97
CA GLN G 23 0.24 25.69 36.41
C GLN G 23 -1.14 25.44 36.97
N SER G 24 -1.15 24.72 38.09
CA SER G 24 -2.33 24.49 38.88
C SER G 24 -2.57 25.75 39.67
N THR G 25 -3.79 25.96 40.11
CA THR G 25 -4.02 27.13 40.94
C THR G 25 -4.06 26.75 42.39
N GLU G 26 -3.18 27.37 43.16
CA GLU G 26 -3.11 27.12 44.59
C GLU G 26 -4.25 27.87 45.25
N ALA G 27 -4.95 27.24 46.20
CA ALA G 27 -6.00 27.96 46.89
C ALA G 27 -5.38 28.95 47.85
N THR G 28 -5.91 30.15 47.89
CA THR G 28 -5.40 31.15 48.81
C THR G 28 -6.50 31.97 49.46
N SER G 29 -6.17 32.53 50.62
CA SER G 29 -7.03 33.43 51.37
C SER G 29 -6.62 34.88 51.16
N GLY G 30 -7.45 35.83 51.58
CA GLY G 30 -7.09 37.23 51.47
C GLY G 30 -6.14 37.60 52.60
N VAL G 31 -5.32 38.61 52.38
CA VAL G 31 -4.37 39.06 53.40
C VAL G 31 -4.38 40.56 53.59
N ASN G 32 -3.80 41.01 54.70
CA ASN G 32 -3.58 42.41 55.01
C ASN G 32 -2.09 42.73 55.04
N SER G 33 -1.35 41.92 54.32
CA SER G 33 0.09 41.95 54.19
C SER G 33 0.65 43.15 53.47
N GLN G 34 1.89 43.50 53.82
CA GLN G 34 2.61 44.60 53.19
C GLN G 34 3.23 44.19 51.86
N GLU G 35 3.14 42.92 51.56
CA GLU G 35 3.67 42.37 50.34
C GLU G 35 2.57 42.38 49.30
N VAL G 36 2.59 43.36 48.41
CA VAL G 36 1.50 43.50 47.48
C VAL G 36 1.95 43.33 46.03
N PRO G 37 1.83 42.14 45.45
CA PRO G 37 2.32 41.79 44.12
C PRO G 37 1.58 42.48 42.99
N ALA G 38 0.42 43.03 43.30
CA ALA G 38 -0.38 43.69 42.30
C ALA G 38 0.21 45.04 41.94
N LEU G 39 1.03 45.61 42.80
CA LEU G 39 1.57 46.92 42.52
C LEU G 39 3.01 46.73 42.16
N THR G 40 3.32 47.08 40.94
CA THR G 40 4.59 46.86 40.32
C THR G 40 4.99 48.04 39.45
N ALA G 41 5.89 47.79 38.52
CA ALA G 41 6.38 48.77 37.58
C ALA G 41 6.56 48.02 36.29
N VAL G 42 6.42 48.71 35.17
CA VAL G 42 6.59 48.08 33.87
C VAL G 42 7.62 48.85 33.15
N GLU G 43 8.04 49.90 33.84
CA GLU G 43 9.09 50.79 33.37
C GLU G 43 10.36 50.03 33.25
N THR G 44 10.40 48.97 34.01
CA THR G 44 11.46 48.05 34.17
C THR G 44 11.64 47.21 32.93
N GLY G 45 10.68 47.19 32.00
CA GLY G 45 10.86 46.37 30.82
C GLY G 45 10.47 44.92 31.06
N ALA G 46 9.54 44.71 31.98
CA ALA G 46 9.09 43.37 32.32
C ALA G 46 7.58 43.37 32.46
N SER G 47 6.99 42.21 32.25
CA SER G 47 5.56 42.03 32.37
C SER G 47 5.16 42.00 33.82
N GLY G 48 3.86 42.13 34.05
CA GLY G 48 3.36 41.96 35.38
C GLY G 48 3.53 40.49 35.71
N GLN G 49 3.65 40.16 36.99
CA GLN G 49 3.81 38.76 37.36
C GLN G 49 2.61 38.18 38.09
N ALA G 50 1.58 39.00 38.27
CA ALA G 50 0.44 38.57 39.05
C ALA G 50 -0.37 37.47 38.38
N ILE G 51 -0.82 36.55 39.22
CA ILE G 51 -1.73 35.49 38.82
C ILE G 51 -2.89 35.58 39.81
N PRO G 52 -4.06 34.98 39.58
CA PRO G 52 -5.21 35.06 40.47
C PRO G 52 -4.92 34.75 41.94
N SER G 53 -3.99 33.84 42.22
CA SER G 53 -3.73 33.47 43.62
C SER G 53 -3.13 34.61 44.45
N ASP G 54 -2.63 35.61 43.74
CA ASP G 54 -2.01 36.80 44.31
C ASP G 54 -2.99 37.92 44.58
N VAL G 55 -4.12 37.92 43.88
CA VAL G 55 -5.02 39.06 43.97
C VAL G 55 -6.43 38.78 44.47
N VAL G 56 -6.92 37.55 44.33
CA VAL G 56 -8.26 37.21 44.76
C VAL G 56 -8.24 35.95 45.60
N GLU G 57 -9.31 35.69 46.32
CA GLU G 57 -9.40 34.42 47.01
C GLU G 57 -9.49 33.39 45.89
N THR G 58 -8.84 32.25 46.04
CA THR G 58 -8.89 31.22 44.99
C THR G 58 -9.21 29.85 45.46
N ARG G 59 -9.64 29.02 44.51
CA ARG G 59 -9.93 27.63 44.76
C ARG G 59 -8.75 26.79 44.30
N HIS G 60 -8.59 25.58 44.85
CA HIS G 60 -7.53 24.71 44.40
C HIS G 60 -7.95 23.93 43.17
N VAL G 61 -7.29 24.20 42.07
CA VAL G 61 -7.66 23.56 40.82
C VAL G 61 -6.51 22.78 40.24
N VAL G 62 -6.75 21.49 40.00
CA VAL G 62 -5.70 20.67 39.44
C VAL G 62 -5.70 20.86 37.95
N ASN G 63 -4.57 21.20 37.40
CA ASN G 63 -4.54 21.49 36.00
C ASN G 63 -3.82 20.45 35.17
N TYR G 64 -4.56 19.73 34.34
CA TYR G 64 -4.00 18.68 33.49
C TYR G 64 -3.89 19.15 32.05
N LYS G 65 -4.14 20.43 31.83
CA LYS G 65 -4.09 20.98 30.48
C LYS G 65 -2.66 21.27 30.07
N THR G 66 -2.37 21.10 28.80
CA THR G 66 -1.05 21.39 28.27
C THR G 66 -1.10 22.31 27.07
N ARG G 67 0.06 22.81 26.69
CA ARG G 67 0.25 23.67 25.53
C ARG G 67 0.80 22.96 24.31
N SER G 68 0.03 22.09 23.67
CA SER G 68 0.59 21.35 22.55
C SER G 68 0.47 21.99 21.19
N GLU G 69 -0.66 22.62 20.93
CA GLU G 69 -0.94 23.15 19.61
C GLU G 69 -0.16 24.42 19.36
N SER G 70 0.36 24.95 20.43
CA SER G 70 1.16 26.14 20.47
C SER G 70 2.64 25.84 20.40
N CYS G 71 3.03 24.57 20.35
CA CYS G 71 4.46 24.30 20.25
C CYS G 71 4.84 24.80 18.88
N LEU G 72 6.05 25.31 18.67
CA LEU G 72 6.29 25.83 17.33
C LEU G 72 6.18 24.77 16.27
N GLU G 73 6.52 23.54 16.61
CA GLU G 73 6.45 22.46 15.65
C GLU G 73 5.00 22.25 15.19
N SER G 74 4.03 22.45 16.09
CA SER G 74 2.64 22.23 15.78
C SER G 74 2.07 23.43 15.03
N PHE G 75 2.50 24.63 15.43
CA PHE G 75 2.02 25.88 14.85
C PHE G 75 2.34 25.88 13.38
N PHE G 76 3.55 25.48 13.04
CA PHE G 76 4.03 25.43 11.68
C PHE G 76 3.91 24.04 11.10
N GLY G 77 3.06 23.21 11.67
CA GLY G 77 2.95 21.82 11.26
C GLY G 77 2.08 21.51 10.06
N ARG G 78 1.58 22.52 9.34
CA ARG G 78 0.73 22.22 8.19
C ARG G 78 1.30 22.75 6.89
N ALA G 79 0.99 22.03 5.81
CA ALA G 79 1.44 22.42 4.49
C ALA G 79 0.55 23.47 3.88
N ALA G 80 1.11 24.64 3.62
CA ALA G 80 0.35 25.75 3.09
C ALA G 80 0.49 25.82 1.60
N CYS G 81 -0.52 26.30 0.90
CA CYS G 81 -0.28 26.54 -0.51
C CYS G 81 0.65 27.72 -0.54
N VAL G 82 1.65 27.63 -1.37
CA VAL G 82 2.59 28.70 -1.55
C VAL G 82 2.42 29.39 -2.86
N THR G 83 2.23 28.63 -3.91
CA THR G 83 2.08 29.33 -5.18
C THR G 83 1.33 28.53 -6.20
N ILE G 84 0.77 29.22 -7.17
CA ILE G 84 0.10 28.56 -8.26
C ILE G 84 0.84 28.83 -9.54
N LEU G 85 1.30 27.78 -10.17
CA LEU G 85 2.04 27.89 -11.40
C LEU G 85 1.16 27.36 -12.49
N SER G 86 1.40 27.75 -13.73
CA SER G 86 0.61 27.14 -14.78
C SER G 86 1.42 26.82 -16.01
N LEU G 87 0.98 25.75 -16.68
CA LEU G 87 1.56 25.21 -17.90
C LEU G 87 0.51 25.11 -19.01
N THR G 88 0.89 25.28 -20.26
CA THR G 88 -0.05 24.98 -21.33
C THR G 88 0.57 24.09 -22.41
N ASN G 89 -0.10 22.99 -22.71
CA ASN G 89 0.33 22.08 -23.76
C ASN G 89 -0.54 22.27 -24.99
N SER G 90 -0.01 22.94 -26.02
CA SER G 90 -0.77 23.26 -27.23
C SER G 90 0.04 23.18 -28.50
N SER G 91 -0.62 22.81 -29.58
CA SER G 91 -0.01 22.71 -30.89
C SER G 91 0.25 24.06 -31.55
N LYS G 92 -0.39 25.10 -31.03
CA LYS G 92 -0.21 26.43 -31.60
C LYS G 92 1.22 26.87 -31.33
N SER G 93 1.94 27.36 -32.33
CA SER G 93 3.33 27.73 -32.13
C SER G 93 3.55 28.84 -31.13
N GLY G 94 2.56 29.71 -30.98
CA GLY G 94 2.68 30.82 -30.04
C GLY G 94 2.57 30.38 -28.58
N GLU G 95 2.20 29.13 -28.37
CA GLU G 95 2.03 28.54 -27.07
C GLU G 95 3.22 27.67 -26.69
N GLU G 96 4.22 27.53 -27.57
CA GLU G 96 5.29 26.59 -27.23
C GLU G 96 6.04 26.99 -25.97
N LYS G 97 6.22 28.27 -25.78
CA LYS G 97 6.92 28.81 -24.64
C LYS G 97 6.16 28.58 -23.35
N LYS G 98 4.90 28.21 -23.45
CA LYS G 98 4.05 28.01 -22.31
C LYS G 98 4.10 26.59 -21.78
N HIS G 99 4.86 25.70 -22.43
CA HIS G 99 4.99 24.32 -21.95
C HIS G 99 5.72 24.21 -20.64
N PHE G 100 6.44 25.24 -20.25
CA PHE G 100 7.17 25.15 -19.02
C PHE G 100 7.08 26.45 -18.28
N ASN G 101 7.28 26.38 -16.98
CA ASN G 101 7.16 27.50 -16.09
C ASN G 101 8.30 27.58 -15.10
N ILE G 102 9.05 28.69 -15.14
CA ILE G 102 10.15 28.83 -14.21
C ILE G 102 9.74 29.71 -13.05
N TRP G 103 9.74 29.14 -11.86
CA TRP G 103 9.31 29.84 -10.66
C TRP G 103 10.43 30.13 -9.66
N ASN G 104 10.53 31.36 -9.20
CA ASN G 104 11.58 31.62 -8.22
C ASN G 104 11.23 30.91 -6.94
N ILE G 105 12.18 30.25 -6.29
CA ILE G 105 11.77 29.65 -5.04
C ILE G 105 11.60 30.75 -4.03
N THR G 106 10.42 30.78 -3.43
CA THR G 106 10.07 31.76 -2.45
C THR G 106 8.83 31.36 -1.72
N TYR G 107 8.59 31.94 -0.57
CA TYR G 107 7.34 31.71 0.14
C TYR G 107 6.51 32.97 0.10
N THR G 108 7.03 34.00 -0.54
CA THR G 108 6.42 35.31 -0.51
C THR G 108 5.24 35.49 -1.43
N ASP G 109 4.90 34.47 -2.19
CA ASP G 109 3.75 34.54 -3.07
C ASP G 109 2.45 34.46 -2.25
N THR G 110 2.52 33.86 -1.06
CA THR G 110 1.35 33.65 -0.21
C THR G 110 1.38 34.34 1.13
N VAL G 111 0.33 35.08 1.42
CA VAL G 111 0.33 35.81 2.66
C VAL G 111 0.09 34.99 3.91
N GLN G 112 -0.76 33.96 3.92
CA GLN G 112 -0.92 33.37 5.22
C GLN G 112 0.38 32.76 5.73
N LEU G 113 1.16 32.16 4.83
CA LEU G 113 2.38 31.56 5.27
C LEU G 113 3.40 32.63 5.64
N ARG G 114 3.49 33.72 4.87
CA ARG G 114 4.48 34.71 5.24
C ARG G 114 4.20 35.23 6.60
N ARG G 115 2.94 35.48 6.89
CA ARG G 115 2.61 36.06 8.15
C ARG G 115 3.01 35.17 9.31
N LYS G 116 2.76 33.88 9.21
CA LYS G 116 3.17 33.03 10.30
C LYS G 116 4.69 32.98 10.46
N LEU G 117 5.40 32.88 9.36
CA LEU G 117 6.86 32.79 9.44
C LEU G 117 7.47 34.05 9.99
N GLU G 118 6.87 35.19 9.67
CA GLU G 118 7.38 36.48 10.05
C GLU G 118 7.14 36.82 11.52
N PHE G 119 6.58 35.89 12.29
CA PHE G 119 6.54 36.09 13.73
C PHE G 119 7.96 36.03 14.26
N PHE G 120 8.88 35.41 13.52
CA PHE G 120 10.23 35.28 14.01
C PHE G 120 11.20 35.98 13.10
N THR G 121 12.32 36.43 13.64
CA THR G 121 13.29 37.06 12.80
C THR G 121 14.11 36.00 12.09
N TYR G 122 14.42 34.93 12.80
CA TYR G 122 15.25 33.89 12.24
C TYR G 122 14.60 32.54 12.44
N SER G 123 14.85 31.61 11.54
CA SER G 123 14.33 30.27 11.74
C SER G 123 15.19 29.20 11.09
N ARG G 124 15.10 28.01 11.62
CA ARG G 124 15.81 26.89 11.05
C ARG G 124 14.91 25.71 10.94
N PHE G 125 14.80 25.18 9.74
CA PHE G 125 13.92 24.06 9.51
C PHE G 125 14.25 23.26 8.28
N ASP G 126 13.74 22.05 8.25
CA ASP G 126 13.80 21.21 7.07
C ASP G 126 12.48 21.47 6.38
N LEU G 127 12.39 21.24 5.10
CA LEU G 127 11.13 21.52 4.43
C LEU G 127 10.51 20.39 3.64
N GLU G 128 9.24 20.15 3.87
CA GLU G 128 8.55 19.18 3.05
C GLU G 128 7.80 19.87 1.93
N MET G 129 8.04 19.42 0.71
CA MET G 129 7.33 20.01 -0.41
C MET G 129 6.42 18.99 -1.05
N THR G 130 5.19 19.43 -1.31
CA THR G 130 4.17 18.57 -1.93
C THR G 130 3.56 19.30 -3.11
N PHE G 131 3.20 18.58 -4.15
CA PHE G 131 2.56 19.30 -5.24
C PHE G 131 1.21 18.73 -5.56
N VAL G 132 0.32 19.58 -6.02
CA VAL G 132 -0.98 19.13 -6.46
C VAL G 132 -1.24 19.57 -7.89
N PHE G 133 -1.57 18.64 -8.75
CA PHE G 133 -1.83 19.01 -10.13
C PHE G 133 -3.29 18.90 -10.44
N THR G 134 -3.77 19.88 -11.21
CA THR G 134 -5.16 19.84 -11.73
C THR G 134 -5.12 20.31 -13.17
N GLU G 135 -6.09 19.86 -13.97
CA GLU G 135 -6.03 20.26 -15.37
C GLU G 135 -7.41 20.39 -16.00
N ASN G 136 -7.46 21.13 -17.12
CA ASN G 136 -8.68 21.33 -17.89
C ASN G 136 -8.37 21.61 -19.35
N TYR G 137 -9.39 21.60 -20.17
CA TYR G 137 -9.20 22.04 -21.54
C TYR G 137 -9.56 23.53 -21.45
N PRO G 138 -8.72 24.48 -21.90
CA PRO G 138 -9.00 25.90 -21.91
C PRO G 138 -9.79 26.33 -23.14
N SER G 139 -9.95 25.40 -24.05
CA SER G 139 -10.56 25.61 -25.34
C SER G 139 -12.04 25.47 -25.21
N THR G 140 -12.72 25.77 -26.30
CA THR G 140 -14.16 25.62 -26.38
C THR G 140 -14.48 24.27 -27.00
N ALA G 141 -13.43 23.49 -27.27
CA ALA G 141 -13.56 22.19 -27.89
C ALA G 141 -12.49 21.22 -27.41
N SER G 142 -12.96 20.25 -26.63
CA SER G 142 -12.16 19.22 -26.02
C SER G 142 -12.08 18.02 -26.95
N GLY G 143 -11.22 17.07 -26.62
CA GLY G 143 -11.09 15.86 -27.41
C GLY G 143 -10.18 14.87 -26.73
N GLU G 144 -9.94 13.73 -27.37
CA GLU G 144 -9.12 12.73 -26.71
C GLU G 144 -7.66 13.15 -26.64
N VAL G 145 -7.14 13.15 -25.42
CA VAL G 145 -5.77 13.47 -25.11
C VAL G 145 -5.22 12.44 -24.14
N ARG G 146 -4.00 12.01 -24.39
CA ARG G 146 -3.30 11.03 -23.59
C ARG G 146 -2.97 11.52 -22.20
N ASN G 147 -2.79 10.61 -21.26
CA ASN G 147 -2.46 11.03 -19.90
C ASN G 147 -1.18 11.82 -19.96
N GLN G 148 -1.21 12.96 -19.29
CA GLN G 148 -0.09 13.88 -19.25
C GLN G 148 0.82 13.51 -18.12
N VAL G 149 2.09 13.75 -18.34
CA VAL G 149 3.12 13.52 -17.37
C VAL G 149 3.89 14.82 -17.16
N TYR G 150 4.24 15.11 -15.94
CA TYR G 150 4.95 16.33 -15.67
C TYR G 150 6.29 16.09 -15.02
N GLN G 151 7.23 16.97 -15.32
CA GLN G 151 8.56 16.93 -14.73
C GLN G 151 8.86 18.15 -13.92
N ILE G 152 9.19 17.95 -12.67
CA ILE G 152 9.55 19.04 -11.79
C ILE G 152 11.04 19.00 -11.54
N MET G 153 11.77 20.00 -12.01
CA MET G 153 13.21 20.01 -11.84
C MET G 153 13.67 21.16 -10.99
N TYR G 154 14.58 20.89 -10.08
CA TYR G 154 15.13 21.99 -9.30
C TYR G 154 16.39 22.52 -9.87
N ILE G 155 16.42 23.80 -10.12
CA ILE G 155 17.60 24.39 -10.67
C ILE G 155 18.18 25.36 -9.65
N PRO G 156 19.21 24.98 -8.91
CA PRO G 156 19.80 25.76 -7.85
C PRO G 156 20.51 26.95 -8.47
N PRO G 157 20.89 27.96 -7.70
CA PRO G 157 21.51 29.15 -8.19
C PRO G 157 22.74 28.86 -9.01
N GLY G 158 22.81 29.49 -10.16
CA GLY G 158 23.92 29.40 -11.08
C GLY G 158 23.87 28.20 -12.02
N ALA G 159 22.92 27.29 -11.79
CA ALA G 159 22.79 26.13 -12.64
C ALA G 159 22.18 26.67 -13.93
N PRO G 160 22.36 26.04 -15.08
CA PRO G 160 21.79 26.49 -16.32
C PRO G 160 20.28 26.40 -16.31
N ARG G 161 19.64 27.34 -16.97
CA ARG G 161 18.20 27.35 -17.10
C ARG G 161 17.89 26.80 -18.47
N PRO G 162 16.76 26.14 -18.69
CA PRO G 162 16.30 25.71 -19.98
C PRO G 162 15.91 26.92 -20.78
N SER G 163 16.12 26.89 -22.09
CA SER G 163 15.62 27.96 -22.94
C SER G 163 14.24 27.61 -23.45
N SER G 164 13.89 26.34 -23.32
CA SER G 164 12.65 25.81 -23.82
C SER G 164 12.26 24.57 -23.05
N TRP G 165 11.03 24.17 -23.22
CA TRP G 165 10.47 23.00 -22.60
C TRP G 165 11.17 21.72 -23.02
N ASP G 166 11.81 21.73 -24.16
CA ASP G 166 12.48 20.55 -24.64
C ASP G 166 13.99 20.71 -24.72
N ASP G 167 14.54 21.68 -23.98
CA ASP G 167 15.98 21.92 -24.02
C ASP G 167 16.79 20.81 -23.34
N TYR G 168 18.06 20.74 -23.65
CA TYR G 168 18.95 19.71 -23.12
C TYR G 168 19.07 19.76 -21.60
N THR G 169 18.80 20.88 -20.98
CA THR G 169 19.00 20.99 -19.56
C THR G 169 18.04 20.11 -18.79
N TRP G 170 17.00 19.62 -19.44
CA TRP G 170 16.03 18.78 -18.77
C TRP G 170 16.57 17.37 -18.54
N GLN G 171 17.82 17.11 -18.99
CA GLN G 171 18.50 15.84 -18.78
C GLN G 171 18.59 15.58 -17.31
N SER G 172 18.70 16.66 -16.53
CA SER G 172 18.73 16.56 -15.09
C SER G 172 19.82 15.62 -14.59
N SER G 173 21.06 15.71 -15.07
CA SER G 173 22.03 14.75 -14.55
C SER G 173 22.39 14.98 -13.09
N SER G 174 22.24 16.19 -12.59
CA SER G 174 22.51 16.50 -11.20
C SER G 174 21.30 17.15 -10.56
N ASN G 175 20.67 18.06 -11.31
CA ASN G 175 19.50 18.72 -10.77
C ASN G 175 18.51 17.63 -10.43
N PRO G 176 17.96 17.53 -9.23
CA PRO G 176 17.03 16.50 -8.89
C PRO G 176 15.75 16.81 -9.59
N SER G 177 15.01 15.78 -9.94
CA SER G 177 13.72 16.03 -10.54
C SER G 177 12.72 14.94 -10.27
N ILE G 178 11.44 15.30 -10.33
CA ILE G 178 10.34 14.38 -10.13
C ILE G 178 9.46 14.20 -11.33
N PHE G 179 9.25 12.97 -11.71
CA PHE G 179 8.38 12.65 -12.80
C PHE G 179 7.07 12.10 -12.28
N TYR G 180 6.04 12.87 -12.50
CA TYR G 180 4.72 12.57 -12.01
C TYR G 180 3.69 12.33 -13.09
N MET G 181 2.97 11.22 -12.99
CA MET G 181 1.94 10.99 -13.98
C MET G 181 0.65 11.47 -13.39
N TYR G 182 -0.11 12.22 -14.17
CA TYR G 182 -1.31 12.76 -13.61
C TYR G 182 -2.23 11.68 -13.12
N GLY G 183 -2.71 11.87 -11.90
CA GLY G 183 -3.62 10.94 -11.27
C GLY G 183 -2.95 10.06 -10.25
N ASN G 184 -1.63 9.99 -10.24
CA ASN G 184 -1.03 9.16 -9.21
C ASN G 184 -1.00 10.00 -7.97
N ALA G 185 -0.54 9.45 -6.85
CA ALA G 185 -0.60 10.22 -5.63
C ALA G 185 0.19 11.50 -5.80
N PRO G 186 -0.24 12.62 -5.22
CA PRO G 186 0.45 13.88 -5.32
C PRO G 186 1.89 13.59 -5.00
N PRO G 187 2.85 14.06 -5.80
CA PRO G 187 4.26 13.82 -5.63
C PRO G 187 4.73 14.56 -4.43
N ARG G 188 5.78 14.05 -3.80
CA ARG G 188 6.32 14.67 -2.61
C ARG G 188 7.80 14.37 -2.34
N MET G 189 8.50 15.30 -1.71
CA MET G 189 9.89 15.06 -1.33
C MET G 189 10.37 15.98 -0.21
N SER G 190 11.36 15.53 0.55
CA SER G 190 11.96 16.36 1.57
C SER G 190 13.22 17.09 1.15
N ILE G 191 13.34 18.30 1.65
CA ILE G 191 14.49 19.15 1.47
C ILE G 191 15.14 19.43 2.84
N PRO G 192 16.41 19.14 3.06
CA PRO G 192 17.11 19.40 4.29
C PRO G 192 17.35 20.88 4.38
N TYR G 193 17.63 21.41 5.54
CA TYR G 193 17.97 22.82 5.64
C TYR G 193 19.13 23.09 4.73
N VAL G 194 18.98 24.09 3.86
CA VAL G 194 19.99 24.46 2.89
C VAL G 194 20.48 25.87 3.02
N GLY G 195 20.34 26.47 4.17
CA GLY G 195 20.78 27.83 4.32
C GLY G 195 22.30 27.92 4.35
N ILE G 196 22.78 29.12 4.07
CA ILE G 196 24.19 29.49 4.06
C ILE G 196 24.66 29.91 5.43
N ALA G 197 23.76 30.58 6.12
CA ALA G 197 23.92 31.04 7.47
C ALA G 197 23.48 29.90 8.35
N ASN G 198 23.48 30.08 9.66
CA ASN G 198 23.16 28.95 10.51
C ASN G 198 21.66 28.92 10.77
N ALA G 199 20.97 29.86 10.18
CA ALA G 199 19.52 29.99 10.24
C ALA G 199 19.09 30.77 9.01
N TYR G 200 17.86 30.59 8.59
CA TYR G 200 17.35 31.38 7.51
C TYR G 200 16.94 32.68 8.14
N SER G 201 17.14 33.78 7.47
CA SER G 201 16.62 35.00 8.04
C SER G 201 15.38 35.37 7.30
N HIS G 202 14.42 35.95 8.00
CA HIS G 202 13.22 36.42 7.35
C HIS G 202 13.33 37.92 7.09
N PHE G 203 14.41 38.52 7.55
CA PHE G 203 14.62 39.95 7.39
C PHE G 203 16.07 40.30 7.07
N TYR G 204 16.30 41.35 6.30
CA TYR G 204 17.68 41.79 6.13
C TYR G 204 17.82 43.27 6.09
N ASP G 205 18.19 43.84 7.21
CA ASP G 205 18.30 45.28 7.28
C ASP G 205 19.66 45.69 6.78
N GLY G 206 19.79 45.67 5.48
CA GLY G 206 21.06 45.95 4.86
C GLY G 206 21.02 45.88 3.35
N PHE G 207 22.19 46.04 2.77
CA PHE G 207 22.36 46.04 1.34
C PHE G 207 23.24 44.87 0.96
N ALA G 208 23.04 44.34 -0.24
CA ALA G 208 23.90 43.25 -0.70
C ALA G 208 25.37 43.67 -0.80
N ARG G 209 25.62 44.92 -1.17
CA ARG G 209 26.97 45.44 -1.27
C ARG G 209 26.98 46.87 -0.76
N VAL G 210 28.15 47.36 -0.37
CA VAL G 210 28.25 48.74 0.05
C VAL G 210 28.65 49.55 -1.16
N PRO G 211 27.91 50.57 -1.59
CA PRO G 211 28.35 51.41 -2.66
C PRO G 211 29.60 52.10 -2.16
N LEU G 212 30.67 52.08 -2.93
CA LEU G 212 31.90 52.75 -2.48
C LEU G 212 32.33 53.78 -3.47
N GLU G 213 32.12 55.05 -3.14
CA GLU G 213 32.44 56.13 -4.06
C GLU G 213 32.09 55.77 -5.51
N GLY G 214 30.85 55.33 -5.71
CA GLY G 214 30.35 54.84 -6.99
C GLY G 214 29.75 55.90 -7.88
N GLU G 215 29.88 57.16 -7.48
CA GLU G 215 29.32 58.30 -8.20
C GLU G 215 27.81 58.20 -8.37
N ASN G 216 27.14 57.71 -7.35
CA ASN G 216 25.71 57.56 -7.36
C ASN G 216 25.14 57.60 -5.95
N THR G 217 24.54 58.71 -5.57
CA THR G 217 24.03 58.88 -4.22
C THR G 217 22.74 58.11 -4.00
N ASP G 218 22.16 57.60 -5.07
CA ASP G 218 20.95 56.81 -4.97
C ASP G 218 21.32 55.35 -4.91
N ALA G 219 22.62 55.05 -4.95
CA ALA G 219 23.03 53.67 -4.99
C ALA G 219 22.51 52.96 -3.78
N GLY G 220 22.05 51.75 -4.01
CA GLY G 220 21.50 50.89 -2.99
C GLY G 220 20.00 50.82 -3.13
N ASP G 221 19.44 51.73 -3.90
CA ASP G 221 18.01 51.76 -4.08
C ASP G 221 17.51 50.48 -4.74
N THR G 222 18.33 49.86 -5.57
CA THR G 222 17.96 48.63 -6.24
C THR G 222 18.46 47.37 -5.55
N PHE G 223 19.13 47.48 -4.40
CA PHE G 223 19.63 46.28 -3.72
C PHE G 223 19.52 46.29 -2.20
N TYR G 224 18.48 46.94 -1.68
CA TYR G 224 18.18 46.98 -0.26
C TYR G 224 17.21 45.90 0.17
N GLY G 225 17.49 45.24 1.27
CA GLY G 225 16.54 44.31 1.84
C GLY G 225 16.75 42.84 1.52
N LEU G 226 15.88 42.02 2.09
CA LEU G 226 15.95 40.56 2.03
C LEU G 226 16.00 40.01 0.63
N VAL G 227 15.33 40.64 -0.29
CA VAL G 227 15.32 40.11 -1.63
C VAL G 227 16.73 40.02 -2.22
N SER G 228 17.55 41.03 -1.96
CA SER G 228 18.87 41.16 -2.55
C SER G 228 19.86 40.13 -2.05
N ILE G 229 19.50 39.42 -0.99
CA ILE G 229 20.39 38.46 -0.39
C ILE G 229 19.84 37.03 -0.49
N ASN G 230 18.80 36.81 -1.29
CA ASN G 230 18.23 35.48 -1.39
C ASN G 230 18.05 34.92 -2.77
N ASP G 231 18.72 33.82 -3.00
CA ASP G 231 18.68 33.11 -4.25
C ASP G 231 18.71 31.64 -3.94
N PHE G 232 17.56 31.02 -4.07
CA PHE G 232 17.40 29.62 -3.76
C PHE G 232 17.19 28.84 -5.02
N GLY G 233 17.48 29.47 -6.14
CA GLY G 233 17.29 28.85 -7.43
C GLY G 233 15.84 28.94 -7.79
N VAL G 234 15.47 28.17 -8.79
CA VAL G 234 14.12 28.17 -9.31
C VAL G 234 13.56 26.78 -9.41
N LEU G 235 12.26 26.67 -9.44
CA LEU G 235 11.66 25.39 -9.67
C LEU G 235 11.21 25.43 -11.11
N ALA G 236 11.64 24.48 -11.90
CA ALA G 236 11.30 24.47 -13.30
C ALA G 236 10.35 23.35 -13.61
N VAL G 237 9.14 23.68 -14.04
CA VAL G 237 8.17 22.63 -14.27
C VAL G 237 7.75 22.56 -15.71
N ARG G 238 7.76 21.36 -16.28
CA ARG G 238 7.33 21.21 -17.67
C ARG G 238 6.39 20.06 -17.92
N ALA G 239 5.59 20.20 -18.97
CA ALA G 239 4.85 19.06 -19.46
C ALA G 239 5.90 18.21 -20.13
N VAL G 240 5.78 16.90 -20.14
CA VAL G 240 6.85 16.17 -20.82
C VAL G 240 6.36 15.62 -22.15
N ASN G 241 5.05 15.74 -22.38
CA ASN G 241 4.37 15.21 -23.55
C ASN G 241 4.49 16.19 -24.70
N ARG G 242 4.40 15.67 -25.91
CA ARG G 242 4.36 16.56 -27.06
C ARG G 242 2.95 17.10 -27.25
N SER G 243 2.84 18.12 -28.08
CA SER G 243 1.57 18.76 -28.33
C SER G 243 0.52 17.90 -29.00
N ASN G 244 -0.73 18.12 -28.58
CA ASN G 244 -1.93 17.48 -29.07
C ASN G 244 -2.85 18.52 -29.74
N PRO G 245 -3.78 18.11 -30.62
CA PRO G 245 -4.81 18.94 -31.23
C PRO G 245 -5.72 19.64 -30.24
N HIS G 246 -5.81 19.11 -29.03
CA HIS G 246 -6.66 19.71 -28.00
C HIS G 246 -5.79 20.14 -26.86
N THR G 247 -5.82 21.43 -26.61
CA THR G 247 -4.98 22.03 -25.61
C THR G 247 -5.29 21.62 -24.19
N ILE G 248 -4.24 21.31 -23.43
CA ILE G 248 -4.40 21.03 -22.02
C ILE G 248 -3.78 22.11 -21.18
N HIS G 249 -4.56 22.63 -20.27
CA HIS G 249 -4.11 23.66 -19.36
C HIS G 249 -3.95 23.05 -17.99
N THR G 250 -2.78 23.24 -17.44
CA THR G 250 -2.49 22.65 -16.15
C THR G 250 -2.09 23.62 -15.10
N SER G 251 -2.72 23.48 -13.96
CA SER G 251 -2.41 24.29 -12.80
C SER G 251 -1.59 23.44 -11.87
N VAL G 252 -0.53 24.01 -11.32
CA VAL G 252 0.29 23.26 -10.41
C VAL G 252 0.36 24.01 -9.12
N ARG G 253 -0.04 23.39 -8.05
CA ARG G 253 0.02 24.10 -6.80
C ARG G 253 1.15 23.54 -5.98
N VAL G 254 1.94 24.43 -5.44
CA VAL G 254 3.09 24.08 -4.64
C VAL G 254 2.76 24.30 -3.19
N TYR G 255 2.94 23.27 -2.36
CA TYR G 255 2.67 23.35 -0.94
C TYR G 255 3.95 23.20 -0.12
N MET G 256 4.03 23.93 1.00
CA MET G 256 5.19 23.82 1.88
C MET G 256 4.85 23.66 3.33
N LYS G 257 5.58 22.75 3.97
CA LYS G 257 5.45 22.51 5.40
C LYS G 257 6.80 22.51 6.12
N PRO G 258 7.18 23.57 6.82
CA PRO G 258 8.41 23.61 7.58
C PRO G 258 8.30 22.51 8.60
N LYS G 259 9.37 21.80 8.88
CA LYS G 259 9.34 20.73 9.87
C LYS G 259 10.62 20.77 10.67
N HIS G 260 10.61 20.23 11.88
CA HIS G 260 11.82 20.22 12.69
C HIS G 260 12.27 21.66 12.81
N ILE G 261 11.35 22.51 13.24
CA ILE G 261 11.60 23.94 13.24
C ILE G 261 11.87 24.60 14.57
N ARG G 262 12.91 25.42 14.57
CA ARG G 262 13.33 26.23 15.70
C ARG G 262 13.25 27.69 15.25
N CYS G 263 12.92 28.59 16.16
CA CYS G 263 12.89 29.99 15.77
C CYS G 263 13.45 30.90 16.83
N TRP G 264 13.87 32.09 16.41
CA TRP G 264 14.43 33.07 17.30
C TRP G 264 13.93 34.48 17.08
N CYS G 265 13.97 35.25 18.16
CA CYS G 265 13.73 36.67 18.12
C CYS G 265 12.38 37.03 17.61
N PRO G 266 11.34 36.89 18.42
CA PRO G 266 9.98 37.09 18.07
C PRO G 266 9.74 38.55 17.77
N ARG G 267 8.76 38.79 16.93
CA ARG G 267 8.32 40.10 16.50
C ARG G 267 6.83 40.04 16.27
N PRO G 268 6.08 41.15 16.27
CA PRO G 268 4.67 41.12 16.03
C PRO G 268 4.43 40.77 14.59
N PRO G 269 3.28 40.22 14.25
CA PRO G 269 2.85 39.91 12.92
C PRO G 269 2.47 41.20 12.25
N ARG G 270 2.50 41.19 10.93
CA ARG G 270 2.07 42.34 10.15
C ARG G 270 0.57 42.54 10.26
N ALA G 271 0.17 43.78 10.47
CA ALA G 271 -1.24 44.16 10.62
C ALA G 271 -1.92 44.56 9.33
N VAL G 272 -1.14 44.82 8.30
CA VAL G 272 -1.64 45.34 7.04
C VAL G 272 -1.24 44.48 5.85
N LEU G 273 -1.85 44.73 4.71
CA LEU G 273 -1.57 43.95 3.52
C LEU G 273 -0.16 44.16 3.05
N TYR G 274 0.47 43.10 2.55
CA TYR G 274 1.83 43.19 2.02
C TYR G 274 1.84 43.79 0.62
N ARG G 275 2.85 44.59 0.32
CA ARG G 275 3.07 45.08 -1.04
C ARG G 275 4.42 44.61 -1.53
N GLY G 276 4.45 43.48 -2.20
CA GLY G 276 5.72 42.91 -2.64
C GLY G 276 6.34 42.02 -1.57
N GLU G 277 7.54 41.55 -1.85
CA GLU G 277 8.30 40.60 -1.03
C GLU G 277 8.95 41.17 0.24
N GLY G 278 8.99 42.47 0.35
CA GLY G 278 9.62 43.16 1.46
C GLY G 278 8.60 43.53 2.52
N VAL G 279 8.80 44.65 3.18
CA VAL G 279 7.89 45.03 4.27
C VAL G 279 7.06 46.22 3.82
N ASP G 280 7.13 46.52 2.55
CA ASP G 280 6.44 47.64 2.00
C ASP G 280 4.95 47.65 2.19
N MET G 281 4.44 48.84 2.45
CA MET G 281 3.04 49.12 2.66
C MET G 281 2.44 49.85 1.47
N ILE G 282 1.18 49.63 1.22
CA ILE G 282 0.46 50.39 0.20
C ILE G 282 -0.30 51.44 0.97
N SER G 283 -0.27 52.71 0.56
CA SER G 283 -0.94 53.74 1.36
C SER G 283 -2.44 53.56 1.49
N SER G 284 -3.01 52.80 0.59
CA SER G 284 -4.43 52.51 0.56
C SER G 284 -4.86 51.54 1.65
N ALA G 285 -3.90 50.92 2.33
CA ALA G 285 -4.25 49.93 3.32
C ALA G 285 -3.39 50.01 4.55
N ILE G 286 -3.35 51.16 5.20
CA ILE G 286 -2.55 51.33 6.40
C ILE G 286 -3.44 51.61 7.58
N LEU G 287 -4.68 51.18 7.48
CA LEU G 287 -5.65 51.42 8.51
C LEU G 287 -6.28 50.13 9.01
N PRO G 288 -5.54 49.29 9.76
CA PRO G 288 -5.94 47.97 10.21
C PRO G 288 -7.06 47.86 11.24
N LEU G 289 -7.36 48.92 11.98
CA LEU G 289 -8.37 48.79 13.01
C LEU G 289 -9.73 49.33 12.64
N ALA G 290 -10.74 48.68 13.21
CA ALA G 290 -12.12 49.08 13.12
C ALA G 290 -12.40 50.20 14.08
N LYS G 291 -13.41 51.01 13.80
CA LYS G 291 -13.79 52.03 14.74
C LYS G 291 -14.75 51.54 15.82
N VAL G 292 -14.62 52.13 16.99
CA VAL G 292 -15.48 51.90 18.12
C VAL G 292 -16.20 53.21 18.40
N ASP G 293 -17.50 53.15 18.64
CA ASP G 293 -18.27 54.36 18.86
C ASP G 293 -17.80 55.18 20.05
N SER G 294 -17.39 54.49 21.11
CA SER G 294 -16.91 55.14 22.32
C SER G 294 -16.01 54.24 23.13
N ILE G 295 -15.07 54.84 23.83
CA ILE G 295 -14.18 54.14 24.74
C ILE G 295 -14.94 53.45 25.87
N THR G 296 -16.18 53.91 26.13
CA THR G 296 -17.03 53.36 27.17
C THR G 296 -18.04 52.36 26.62
N THR G 297 -17.87 51.92 25.38
CA THR G 297 -18.75 50.90 24.81
C THR G 297 -18.14 49.48 24.99
N PHE G 298 -18.91 48.57 25.65
CA PHE G 298 -18.52 47.18 25.94
C PHE G 298 -18.73 46.36 24.66
N ALA H 6 18.67 44.51 51.80
CA ALA H 6 19.48 45.43 51.01
C ALA H 6 20.08 46.50 51.93
N CYS H 7 21.43 46.62 51.95
CA CYS H 7 22.17 47.60 52.75
C CYS H 7 22.24 48.93 52.01
N GLY H 8 21.07 49.49 51.76
CA GLY H 8 20.94 50.74 51.03
C GLY H 8 21.05 50.53 49.53
N TYR H 9 20.99 49.29 49.08
CA TYR H 9 21.16 49.00 47.66
C TYR H 9 19.91 49.20 46.85
N SER H 10 19.56 50.46 46.66
CA SER H 10 18.40 50.80 45.85
C SER H 10 18.69 50.47 44.40
N ASP H 11 17.71 49.90 43.74
CA ASP H 11 17.79 49.52 42.33
C ASP H 11 17.73 50.72 41.42
N ARG H 12 17.35 51.84 42.00
CA ARG H 12 17.18 53.05 41.24
C ARG H 12 18.49 53.70 40.89
N VAL H 13 19.58 53.32 41.56
CA VAL H 13 20.83 53.98 41.26
C VAL H 13 21.81 53.00 40.67
N ARG H 14 22.32 53.32 39.49
CA ARG H 14 23.26 52.44 38.82
C ARG H 14 24.47 53.13 38.27
N GLN H 15 25.57 52.41 38.23
CA GLN H 15 26.75 52.89 37.57
C GLN H 15 27.19 51.91 36.53
N ILE H 16 27.38 52.37 35.31
CA ILE H 16 27.82 51.47 34.28
C ILE H 16 29.20 51.86 33.84
N THR H 17 30.17 50.97 33.99
CA THR H 17 31.51 51.33 33.57
C THR H 17 31.94 50.49 32.41
N LEU H 18 32.40 51.12 31.34
CA LEU H 18 32.86 50.42 30.16
C LEU H 18 34.02 51.17 29.55
N GLY H 19 35.06 50.48 29.14
CA GLY H 19 36.13 51.20 28.49
C GLY H 19 36.75 52.20 29.46
N ASN H 20 36.81 53.46 29.04
CA ASN H 20 37.35 54.53 29.84
C ASN H 20 36.30 55.57 30.16
N SER H 21 35.04 55.17 30.19
CA SER H 21 33.98 56.11 30.51
C SER H 21 32.90 55.45 31.33
N THR H 22 32.09 56.28 31.98
CA THR H 22 31.06 55.72 32.82
C THR H 22 29.84 56.57 32.93
N ILE H 23 28.72 55.90 33.16
CA ILE H 23 27.46 56.56 33.37
C ILE H 23 26.92 56.40 34.75
N THR H 24 26.60 57.51 35.37
CA THR H 24 25.97 57.45 36.67
C THR H 24 24.56 57.89 36.49
N THR H 25 23.63 57.06 36.90
CA THR H 25 22.22 57.39 36.80
C THR H 25 21.54 57.27 38.15
N GLN H 26 20.90 58.35 38.55
CA GLN H 26 20.26 58.42 39.85
C GLN H 26 18.85 57.84 39.92
N GLU H 27 18.14 57.86 38.81
CA GLU H 27 16.76 57.36 38.79
C GLU H 27 16.53 56.50 37.58
N ALA H 28 17.07 55.29 37.65
CA ALA H 28 17.03 54.38 36.53
C ALA H 28 16.11 53.23 36.73
N ALA H 29 15.54 52.77 35.65
CA ALA H 29 14.77 51.56 35.67
C ALA H 29 15.76 50.42 35.77
N ASN H 30 15.36 49.31 36.34
CA ASN H 30 16.20 48.14 36.41
C ASN H 30 16.59 47.76 34.99
N ALA H 31 17.87 47.70 34.70
CA ALA H 31 18.37 47.42 33.35
C ALA H 31 17.97 46.05 32.85
N ILE H 32 17.82 45.96 31.53
CA ILE H 32 17.46 44.71 30.85
C ILE H 32 18.54 44.09 30.05
N VAL H 33 18.73 42.80 30.25
CA VAL H 33 19.67 42.06 29.43
C VAL H 33 18.82 41.30 28.44
N ALA H 34 18.89 41.70 27.19
CA ALA H 34 17.99 41.17 26.19
C ALA H 34 18.12 39.69 26.09
N TYR H 35 16.98 39.04 26.11
CA TYR H 35 16.83 37.60 26.00
C TYR H 35 17.57 36.84 27.11
N GLY H 36 18.01 37.54 28.14
CA GLY H 36 18.72 36.92 29.24
C GLY H 36 20.20 36.68 28.94
N GLU H 37 20.75 37.26 27.87
CA GLU H 37 22.14 36.97 27.57
C GLU H 37 23.05 38.17 27.36
N TRP H 38 24.28 38.00 27.79
CA TRP H 38 25.34 38.97 27.61
C TRP H 38 26.14 38.55 26.42
N PRO H 39 26.77 39.44 25.68
CA PRO H 39 27.66 39.08 24.63
C PRO H 39 28.91 38.51 25.18
N THR H 40 29.47 37.59 24.45
CA THR H 40 30.76 37.02 24.71
C THR H 40 31.46 37.04 23.39
N TYR H 41 32.72 36.74 23.38
CA TYR H 41 33.49 36.63 22.16
C TYR H 41 33.15 35.33 21.47
N ILE H 42 33.38 35.24 20.17
CA ILE H 42 33.03 33.99 19.52
C ILE H 42 33.88 32.86 20.03
N ASN H 43 33.18 31.79 20.40
CA ASN H 43 33.77 30.56 20.89
C ASN H 43 34.45 29.86 19.75
N ASP H 44 35.54 29.16 19.99
CA ASP H 44 36.20 28.47 18.90
C ASP H 44 35.25 27.51 18.19
N SER H 45 34.34 26.91 18.96
CA SER H 45 33.41 25.92 18.47
C SER H 45 32.43 26.46 17.45
N GLU H 46 32.27 27.78 17.39
CA GLU H 46 31.35 28.40 16.46
C GLU H 46 32.06 29.35 15.49
N ALA H 47 33.37 29.33 15.42
CA ALA H 47 34.03 30.31 14.56
C ALA H 47 33.78 30.06 13.09
N ASN H 48 33.54 31.14 12.33
CA ASN H 48 33.44 31.05 10.88
C ASN H 48 34.63 31.47 10.02
N PRO H 49 35.30 32.63 10.29
CA PRO H 49 36.53 33.01 9.66
C PRO H 49 37.70 32.37 10.35
N VAL H 50 38.70 32.03 9.56
CA VAL H 50 39.94 31.49 10.06
C VAL H 50 40.97 32.46 10.65
N ASP H 51 41.08 33.67 10.12
CA ASP H 51 42.14 34.57 10.57
C ASP H 51 42.03 34.91 12.02
N ALA H 52 43.19 35.13 12.66
CA ALA H 52 43.14 35.49 14.04
C ALA H 52 42.32 36.79 14.14
N PRO H 53 41.40 36.91 15.11
CA PRO H 53 40.55 38.05 15.33
C PRO H 53 41.27 39.19 15.96
N THR H 54 40.69 40.35 15.79
CA THR H 54 41.10 41.55 16.47
C THR H 54 40.09 41.83 17.55
N GLU H 55 40.57 42.07 18.75
CA GLU H 55 39.70 42.37 19.87
C GLU H 55 40.14 43.68 20.48
N PRO H 56 39.64 44.83 20.01
CA PRO H 56 40.06 46.16 20.41
C PRO H 56 39.92 46.37 21.91
N ASP H 57 39.04 45.59 22.54
CA ASP H 57 38.81 45.66 23.94
C ASP H 57 38.50 47.09 24.36
N VAL H 58 39.20 47.59 25.38
CA VAL H 58 39.05 48.89 25.97
C VAL H 58 39.18 50.04 25.02
N SER H 59 39.86 49.86 23.90
CA SER H 59 40.03 50.96 23.00
C SER H 59 38.75 51.35 22.29
N SER H 60 37.78 50.44 22.16
CA SER H 60 36.57 50.82 21.49
C SER H 60 35.34 50.54 22.33
N ASN H 61 35.44 49.70 23.37
CA ASN H 61 34.26 49.34 24.15
C ASN H 61 34.00 50.39 25.22
N ARG H 62 33.67 51.59 24.79
CA ARG H 62 33.42 52.73 25.66
C ARG H 62 32.14 53.36 25.24
N PHE H 63 31.52 54.14 26.10
CA PHE H 63 30.33 54.82 25.67
C PHE H 63 30.60 56.02 24.82
N TYR H 64 29.80 56.19 23.77
CA TYR H 64 29.90 57.37 22.95
C TYR H 64 28.55 58.05 23.00
N THR H 65 28.53 59.38 23.00
CA THR H 65 27.25 60.06 23.02
C THR H 65 26.88 60.58 21.66
N LEU H 66 25.67 60.28 21.24
CA LEU H 66 25.16 60.71 19.96
C LEU H 66 24.54 62.09 20.15
N GLU H 67 24.54 62.91 19.11
CA GLU H 67 23.87 64.18 19.18
C GLU H 67 22.43 63.94 19.65
N SER H 68 22.01 64.73 20.64
CA SER H 68 20.69 64.61 21.23
C SER H 68 19.60 65.13 20.34
N VAL H 69 18.37 64.77 20.67
CA VAL H 69 17.21 65.23 19.93
C VAL H 69 16.25 65.88 20.89
N SER H 70 15.35 66.70 20.40
CA SER H 70 14.40 67.28 21.32
C SER H 70 13.08 66.59 21.26
N TRP H 71 12.49 66.41 22.44
CA TRP H 71 11.17 65.86 22.57
C TRP H 71 10.21 66.99 22.63
N LYS H 72 9.42 67.14 21.59
CA LYS H 72 8.45 68.18 21.50
C LYS H 72 7.12 67.48 21.62
N THR H 73 6.07 68.22 21.89
CA THR H 73 4.77 67.63 22.08
C THR H 73 4.16 67.11 20.79
N THR H 74 4.77 67.44 19.67
CA THR H 74 4.34 67.03 18.35
C THR H 74 5.26 65.97 17.74
N SER H 75 6.29 65.54 18.49
CA SER H 75 7.23 64.57 17.97
C SER H 75 6.54 63.22 17.85
N ARG H 76 6.89 62.44 16.84
CA ARG H 76 6.28 61.13 16.74
C ARG H 76 7.22 60.02 17.09
N GLY H 77 8.51 60.27 16.99
CA GLY H 77 9.48 59.26 17.31
C GLY H 77 10.79 59.51 16.63
N TRP H 78 11.79 58.75 17.04
CA TRP H 78 13.14 58.86 16.51
C TRP H 78 13.70 57.48 16.27
N TRP H 79 14.60 57.36 15.31
CA TRP H 79 15.24 56.06 15.16
C TRP H 79 16.68 56.07 14.70
N TRP H 80 17.39 55.02 15.07
CA TRP H 80 18.77 54.87 14.67
C TRP H 80 19.08 53.47 14.20
N LYS H 81 20.02 53.35 13.29
CA LYS H 81 20.51 52.03 13.00
C LYS H 81 21.67 51.90 13.97
N LEU H 82 21.74 50.81 14.72
CA LEU H 82 22.72 50.78 15.77
C LEU H 82 24.20 50.80 15.37
N PRO H 83 24.77 49.89 14.58
CA PRO H 83 26.18 49.97 14.23
C PRO H 83 26.46 51.17 13.35
N ASP H 84 25.43 51.68 12.66
CA ASP H 84 25.60 52.83 11.81
C ASP H 84 25.78 54.10 12.60
N CYS H 85 25.06 54.24 13.70
CA CYS H 85 25.14 55.49 14.42
C CYS H 85 26.50 55.71 15.05
N LEU H 86 27.27 54.65 15.21
CA LEU H 86 28.59 54.75 15.78
C LEU H 86 29.67 54.72 14.71
N LYS H 87 29.29 54.78 13.44
CA LYS H 87 30.25 54.63 12.37
C LYS H 87 31.30 55.71 12.31
N ASP H 88 31.00 56.89 12.85
CA ASP H 88 31.92 58.01 12.85
C ASP H 88 32.55 58.22 14.20
N MET H 89 32.43 57.21 15.07
CA MET H 89 33.01 57.29 16.43
C MET H 89 34.54 57.20 16.38
N GLY H 90 35.23 57.37 17.50
CA GLY H 90 36.70 57.48 17.49
C GLY H 90 37.50 56.29 17.01
N MET H 91 37.17 55.06 17.42
CA MET H 91 38.05 53.91 17.06
C MET H 91 37.17 52.74 16.65
N PHE H 92 35.96 52.70 17.19
CA PHE H 92 34.98 51.77 16.69
C PHE H 92 34.83 51.98 15.20
N GLY H 93 34.67 53.23 14.79
CA GLY H 93 34.48 53.60 13.41
C GLY H 93 35.69 53.24 12.58
N GLN H 94 36.89 53.42 13.11
CA GLN H 94 38.01 53.07 12.27
C GLN H 94 38.03 51.58 12.04
N ASN H 95 37.75 50.79 13.06
CA ASN H 95 37.78 49.37 12.85
C ASN H 95 36.64 48.91 11.98
N MET H 96 35.53 49.61 12.06
CA MET H 96 34.38 49.27 11.26
C MET H 96 34.72 49.33 9.80
N TYR H 97 35.56 50.28 9.42
CA TYR H 97 35.86 50.37 8.01
C TYR H 97 37.16 49.68 7.58
N TYR H 98 38.04 49.34 8.52
CA TYR H 98 39.25 48.62 8.12
C TYR H 98 39.02 47.12 8.09
N HIS H 99 38.02 46.62 8.79
CA HIS H 99 37.81 45.19 8.80
C HIS H 99 36.55 44.78 8.05
N TYR H 100 36.62 43.66 7.34
CA TYR H 100 35.46 43.17 6.61
C TYR H 100 34.36 42.70 7.49
N LEU H 101 34.69 41.87 8.45
CA LEU H 101 33.73 41.30 9.35
C LEU H 101 33.83 41.97 10.70
N GLY H 102 32.74 41.95 11.43
CA GLY H 102 32.78 42.42 12.80
C GLY H 102 31.54 42.03 13.59
N ARG H 103 31.68 42.13 14.89
CA ARG H 103 30.63 41.74 15.80
C ARG H 103 30.65 42.51 17.10
N SER H 104 29.50 42.94 17.57
CA SER H 104 29.50 43.55 18.88
C SER H 104 28.13 43.54 19.52
N GLY H 105 28.12 43.53 20.84
CA GLY H 105 26.90 43.72 21.59
C GLY H 105 26.90 45.19 21.92
N TYR H 106 25.86 45.68 22.55
CA TYR H 106 25.82 47.09 22.91
C TYR H 106 25.16 47.37 24.23
N THR H 107 25.61 48.40 24.91
CA THR H 107 24.89 48.87 26.08
C THR H 107 24.34 50.19 25.67
N ILE H 108 23.04 50.28 25.70
CA ILE H 108 22.36 51.47 25.24
C ILE H 108 21.69 52.18 26.39
N HIS H 109 22.12 53.40 26.63
CA HIS H 109 21.58 54.18 27.73
C HIS H 109 20.86 55.39 27.21
N VAL H 110 19.60 55.51 27.56
CA VAL H 110 18.83 56.64 27.10
C VAL H 110 18.45 57.47 28.29
N GLN H 111 18.81 58.75 28.23
CA GLN H 111 18.53 59.67 29.31
C GLN H 111 17.59 60.78 28.90
N CYS H 112 16.62 61.09 29.75
CA CYS H 112 15.67 62.14 29.48
C CYS H 112 15.14 62.73 30.78
N ASN H 113 15.73 63.85 31.18
CA ASN H 113 15.48 64.49 32.47
C ASN H 113 14.43 65.57 32.45
N ALA H 114 13.46 65.49 33.35
CA ALA H 114 12.40 66.48 33.44
C ALA H 114 11.94 66.60 34.89
N SER H 115 11.33 67.74 35.20
CA SER H 115 10.78 68.05 36.52
C SER H 115 9.58 67.17 36.82
N LYS H 116 9.24 67.04 38.10
CA LYS H 116 8.10 66.25 38.56
C LYS H 116 6.76 66.74 38.00
N PHE H 117 6.74 67.99 37.59
CA PHE H 117 5.57 68.60 36.99
C PHE H 117 5.28 68.07 35.61
N HIS H 118 6.29 67.58 34.90
CA HIS H 118 6.13 67.10 33.55
C HIS H 118 5.50 65.73 33.52
N GLN H 119 4.84 65.46 32.41
CA GLN H 119 4.23 64.17 32.18
C GLN H 119 4.57 63.70 30.81
N GLY H 120 4.44 62.40 30.58
CA GLY H 120 4.73 61.80 29.29
C GLY H 120 5.65 60.62 29.47
N ALA H 121 5.76 59.80 28.44
CA ALA H 121 6.60 58.62 28.55
C ALA H 121 7.13 58.19 27.21
N LEU H 122 8.36 57.70 27.20
CA LEU H 122 9.00 57.20 26.00
C LEU H 122 9.27 55.72 26.00
N GLY H 123 8.78 55.05 25.01
CA GLY H 123 9.07 53.64 24.96
C GLY H 123 10.34 53.50 24.20
N VAL H 124 11.29 52.77 24.74
CA VAL H 124 12.53 52.55 24.07
C VAL H 124 12.56 51.12 23.66
N PHE H 125 12.58 50.88 22.37
CA PHE H 125 12.52 49.54 21.86
C PHE H 125 13.77 49.21 21.11
N LEU H 126 14.32 48.05 21.38
CA LEU H 126 15.50 47.64 20.67
C LEU H 126 15.09 46.50 19.75
N ILE H 127 15.09 46.79 18.46
CA ILE H 127 14.54 45.88 17.47
C ILE H 127 15.57 45.27 16.56
N PRO H 128 15.71 43.94 16.50
CA PRO H 128 16.68 43.28 15.67
C PRO H 128 16.17 43.44 14.28
N GLU H 129 17.02 43.52 13.30
CA GLU H 129 16.53 43.57 11.93
C GLU H 129 15.40 44.56 11.73
N PHE H 130 15.61 45.80 12.12
CA PHE H 130 14.57 46.79 11.96
C PHE H 130 14.43 47.26 10.53
N VAL H 131 13.79 46.42 9.73
CA VAL H 131 13.60 46.66 8.32
C VAL H 131 12.35 47.50 8.11
N MET H 132 12.54 48.64 7.48
CA MET H 132 11.48 49.60 7.23
C MET H 132 11.06 49.64 5.76
N ALA H 133 9.81 49.99 5.54
CA ALA H 133 9.16 50.16 4.24
C ALA H 133 9.66 51.38 3.51
N CYS H 134 9.63 51.34 2.18
CA CYS H 134 10.03 52.49 1.39
C CYS H 134 8.88 53.48 1.12
N ASN H 135 9.26 54.70 0.77
CA ASN H 135 8.35 55.80 0.45
C ASN H 135 8.10 56.00 -1.06
N THR H 136 8.25 54.92 -1.84
CA THR H 136 7.92 54.91 -3.27
C THR H 136 6.97 53.76 -3.58
N GLU H 137 5.72 54.02 -3.94
CA GLU H 137 4.83 52.87 -4.17
C GLU H 137 5.17 52.03 -5.38
N SER H 138 5.76 52.64 -6.38
CA SER H 138 6.10 51.98 -7.62
C SER H 138 7.30 51.03 -7.53
N LYS H 139 8.09 51.09 -6.46
CA LYS H 139 9.29 50.27 -6.37
C LYS H 139 9.35 49.51 -5.05
N THR H 140 9.66 48.22 -5.08
CA THR H 140 9.71 47.44 -3.83
C THR H 140 11.07 47.58 -3.13
N SER H 141 11.04 47.87 -1.83
CA SER H 141 12.22 48.00 -0.98
C SER H 141 13.24 48.92 -1.63
N TYR H 142 12.76 50.05 -2.11
CA TYR H 142 13.55 51.02 -2.80
C TYR H 142 14.07 52.17 -1.96
N VAL H 143 15.16 51.95 -1.23
CA VAL H 143 15.73 52.98 -0.35
C VAL H 143 17.23 53.09 -0.59
N SER H 144 17.78 54.28 -0.75
CA SER H 144 19.21 54.38 -1.03
C SER H 144 20.07 54.09 0.19
N TYR H 145 21.34 53.77 -0.04
CA TYR H 145 22.29 53.50 1.03
C TYR H 145 22.39 54.67 1.96
N ILE H 146 22.48 55.86 1.41
CA ILE H 146 22.63 57.00 2.27
C ILE H 146 21.40 57.21 3.12
N ASN H 147 20.24 57.16 2.53
CA ASN H 147 19.06 57.46 3.31
C ASN H 147 18.75 56.40 4.34
N ALA H 148 19.16 55.18 4.07
CA ALA H 148 18.94 54.09 5.00
C ALA H 148 19.96 54.05 6.13
N ASN H 149 20.98 54.89 6.04
CA ASN H 149 22.08 54.90 6.99
C ASN H 149 22.45 56.33 7.37
N PRO H 150 21.61 57.01 8.15
CA PRO H 150 21.74 58.41 8.53
C PRO H 150 22.92 58.67 9.45
N GLY H 151 23.50 57.62 10.01
CA GLY H 151 24.60 57.77 10.92
C GLY H 151 24.14 58.26 12.26
N GLU H 152 24.97 59.08 12.89
CA GLU H 152 24.75 59.59 14.22
C GLU H 152 23.46 60.36 14.35
N ARG H 153 23.13 61.11 13.32
CA ARG H 153 21.97 61.98 13.35
C ARG H 153 20.69 61.19 13.56
N GLY H 154 20.60 60.03 12.94
CA GLY H 154 19.41 59.21 13.04
C GLY H 154 18.32 59.72 12.12
N GLY H 155 17.15 59.14 12.26
CA GLY H 155 15.99 59.51 11.48
C GLY H 155 14.83 59.79 12.41
N GLU H 156 13.66 60.02 11.83
CA GLU H 156 12.47 60.34 12.59
C GLU H 156 11.23 59.64 12.08
N PHE H 157 10.23 59.54 12.94
CA PHE H 157 8.95 58.97 12.55
C PHE H 157 7.95 60.05 12.25
N THR H 158 7.04 59.70 11.36
CA THR H 158 5.92 60.54 10.96
C THR H 158 4.60 59.89 11.29
N ASN H 159 3.53 60.65 11.10
CA ASN H 159 2.19 60.13 11.33
C ASN H 159 1.36 60.15 10.08
N THR H 160 2.01 60.32 8.95
CA THR H 160 1.32 60.33 7.67
C THR H 160 2.18 59.68 6.59
N TYR H 161 1.54 58.98 5.66
CA TYR H 161 2.29 58.32 4.59
C TYR H 161 1.99 58.93 3.25
N ASN H 162 3.01 59.54 2.65
CA ASN H 162 2.86 60.25 1.40
C ASN H 162 3.93 59.84 0.41
N PRO H 163 3.87 58.64 -0.17
CA PRO H 163 4.86 58.08 -1.05
C PRO H 163 4.83 58.81 -2.38
N SER H 164 5.99 58.86 -3.07
CA SER H 164 6.16 59.46 -4.40
C SER H 164 6.79 58.44 -5.34
N ALA H 168 11.25 61.79 -7.90
CA ALA H 168 10.82 61.50 -6.53
C ALA H 168 12.06 61.31 -5.63
N SER H 169 12.74 62.43 -5.26
CA SER H 169 13.97 62.45 -4.42
C SER H 169 13.68 61.89 -3.03
N GLU H 170 12.47 62.17 -2.57
CA GLU H 170 11.94 61.76 -1.30
C GLU H 170 11.52 60.28 -1.32
N GLY H 171 11.52 59.67 -2.50
CA GLY H 171 11.09 58.31 -2.64
C GLY H 171 12.12 57.30 -2.14
N ARG H 172 13.42 57.62 -2.18
CA ARG H 172 14.42 56.65 -1.75
C ARG H 172 14.70 56.80 -0.27
N LYS H 173 13.63 56.79 0.50
CA LYS H 173 13.59 57.00 1.94
C LYS H 173 12.61 56.09 2.60
N PHE H 174 12.70 55.98 3.92
CA PHE H 174 11.76 55.14 4.62
C PHE H 174 10.43 55.80 4.95
N ALA H 175 9.40 55.00 4.84
CA ALA H 175 8.03 55.33 5.17
C ALA H 175 7.82 55.12 6.64
N ALA H 176 8.43 55.97 7.43
CA ALA H 176 8.49 55.76 8.87
C ALA H 176 7.25 56.12 9.64
N LEU H 177 6.15 55.41 9.44
CA LEU H 177 4.95 55.68 10.23
C LEU H 177 5.17 55.26 11.66
N ASP H 178 4.69 56.05 12.61
CA ASP H 178 4.90 55.70 14.00
C ASP H 178 3.99 54.57 14.45
N TYR H 179 2.69 54.67 14.18
CA TYR H 179 1.75 53.69 14.67
C TYR H 179 1.98 52.31 14.07
N LEU H 180 2.62 52.23 12.89
CA LEU H 180 2.95 50.96 12.26
C LEU H 180 4.46 50.62 12.29
N LEU H 181 5.24 51.34 13.11
CA LEU H 181 6.68 51.12 13.30
C LEU H 181 7.49 51.12 12.03
N GLY H 182 7.04 51.83 11.02
CA GLY H 182 7.75 51.90 9.77
C GLY H 182 7.65 50.64 8.92
N SER H 183 6.93 49.60 9.37
CA SER H 183 6.89 48.34 8.64
C SER H 183 5.52 47.69 8.47
N GLY H 184 4.45 48.32 8.94
CA GLY H 184 3.15 47.71 8.81
C GLY H 184 2.78 46.86 10.01
N VAL H 185 3.46 47.10 11.10
CA VAL H 185 3.25 46.37 12.31
C VAL H 185 2.80 47.30 13.41
N LEU H 186 1.68 47.03 14.05
CA LEU H 186 1.23 47.94 15.07
C LEU H 186 2.18 48.04 16.23
N ALA H 187 2.46 49.28 16.60
CA ALA H 187 3.37 49.67 17.66
C ALA H 187 3.01 49.14 19.01
N GLY H 188 1.75 48.87 19.22
CA GLY H 188 1.33 48.39 20.52
C GLY H 188 1.93 47.04 20.84
N ASN H 189 2.41 46.32 19.84
CA ASN H 189 2.97 45.01 20.08
C ASN H 189 4.49 45.05 20.12
N ALA H 190 5.06 46.25 20.11
CA ALA H 190 6.50 46.46 20.09
C ALA H 190 7.16 45.96 21.35
N PHE H 191 6.37 45.73 22.36
CA PHE H 191 6.82 45.32 23.67
C PHE H 191 7.32 43.88 23.64
N VAL H 192 7.11 43.21 22.51
CA VAL H 192 7.66 41.87 22.30
C VAL H 192 9.17 41.97 22.20
N TYR H 193 9.68 43.12 21.78
CA TYR H 193 11.08 43.34 21.61
C TYR H 193 11.65 43.72 22.95
N PRO H 194 12.95 43.56 23.23
CA PRO H 194 13.53 44.06 24.45
C PRO H 194 13.18 45.53 24.51
N HIS H 195 12.71 45.98 25.64
CA HIS H 195 12.29 47.37 25.75
C HIS H 195 12.32 47.84 27.16
N GLN H 196 12.25 49.14 27.31
CA GLN H 196 12.16 49.72 28.63
C GLN H 196 11.44 51.06 28.48
N ILE H 197 10.77 51.55 29.53
CA ILE H 197 10.01 52.79 29.33
C ILE H 197 10.47 53.96 30.19
N ILE H 198 10.79 55.07 29.56
CA ILE H 198 11.15 56.19 30.38
C ILE H 198 9.91 56.98 30.64
N ASN H 199 9.32 56.67 31.75
CA ASN H 199 8.12 57.32 32.22
C ASN H 199 8.63 58.42 33.08
N LEU H 200 8.46 59.66 32.68
CA LEU H 200 9.09 60.77 33.36
C LEU H 200 8.66 60.86 34.81
N ARG H 201 7.52 60.29 35.12
CA ARG H 201 7.01 60.31 36.46
C ARG H 201 7.92 59.57 37.44
N THR H 202 8.53 58.46 37.01
CA THR H 202 9.31 57.63 37.91
C THR H 202 10.77 57.43 37.56
N ASN H 203 11.16 57.59 36.29
CA ASN H 203 12.53 57.34 35.87
C ASN H 203 12.95 58.35 34.85
N ASN H 204 14.23 58.69 34.82
CA ASN H 204 14.70 59.60 33.80
C ASN H 204 15.72 58.91 32.92
N SER H 205 15.75 57.59 33.02
CA SER H 205 16.67 56.85 32.21
C SER H 205 16.25 55.41 32.05
N ALA H 206 16.79 54.81 31.00
CA ALA H 206 16.59 53.39 30.72
C ALA H 206 17.83 52.78 30.14
N THR H 207 18.09 51.52 30.48
CA THR H 207 19.24 50.83 29.93
C THR H 207 18.91 49.46 29.37
N ILE H 208 19.34 49.22 28.14
CA ILE H 208 19.19 47.90 27.55
C ILE H 208 20.56 47.39 27.13
N VAL H 209 20.86 46.21 27.56
CA VAL H 209 22.08 45.50 27.30
C VAL H 209 21.81 44.42 26.28
N VAL H 210 22.44 44.49 25.12
CA VAL H 210 22.09 43.52 24.11
C VAL H 210 23.29 42.78 23.49
N PRO H 211 23.21 41.47 23.25
CA PRO H 211 24.20 40.67 22.56
C PRO H 211 24.10 40.90 21.07
N TYR H 212 25.12 40.50 20.33
CA TYR H 212 25.00 40.51 18.87
C TYR H 212 24.00 39.44 18.49
N VAL H 213 23.03 39.74 17.63
CA VAL H 213 22.06 38.70 17.29
C VAL H 213 21.83 38.51 15.80
N ASN H 214 22.38 37.46 15.25
CA ASN H 214 22.24 37.23 13.82
C ASN H 214 22.17 35.75 13.54
N SER H 215 22.02 35.41 12.27
CA SER H 215 22.01 34.06 11.77
C SER H 215 23.44 33.59 11.60
N LEU H 216 24.34 34.53 11.69
CA LEU H 216 25.76 34.34 11.58
C LEU H 216 26.44 34.73 12.85
N VAL H 217 27.59 34.17 13.11
CA VAL H 217 28.29 34.62 14.29
C VAL H 217 28.89 36.01 14.11
N ILE H 218 29.34 36.32 12.91
CA ILE H 218 29.97 37.61 12.61
C ILE H 218 29.47 38.09 11.24
N ASP H 219 29.39 39.39 11.00
CA ASP H 219 28.94 39.83 9.66
C ASP H 219 29.59 41.13 9.20
N CYS H 220 29.26 41.61 8.02
CA CYS H 220 29.90 42.85 7.56
C CYS H 220 29.10 44.07 7.98
N MET H 221 29.72 44.86 8.84
CA MET H 221 29.10 46.01 9.46
C MET H 221 28.73 47.13 8.52
N ALA H 222 29.44 47.26 7.43
CA ALA H 222 29.13 48.33 6.50
C ALA H 222 27.94 47.96 5.61
N LYS H 223 27.49 46.70 5.66
CA LYS H 223 26.41 46.26 4.81
C LYS H 223 25.16 46.06 5.61
N HIS H 224 25.32 45.61 6.84
CA HIS H 224 24.17 45.22 7.62
C HIS H 224 24.06 45.79 9.01
N ASN H 225 22.87 46.25 9.33
CA ASN H 225 22.56 46.81 10.61
C ASN H 225 21.90 45.78 11.51
N ASN H 226 22.65 45.21 12.43
CA ASN H 226 22.11 44.13 13.24
C ASN H 226 20.88 44.50 14.06
N TRP H 227 20.88 45.70 14.60
CA TRP H 227 19.80 46.20 15.44
C TRP H 227 19.48 47.62 15.08
N GLY H 228 18.24 48.03 15.38
CA GLY H 228 17.87 49.42 15.30
C GLY H 228 17.28 49.87 16.63
N ILE H 229 17.29 51.17 16.85
CA ILE H 229 16.74 51.74 18.07
C ILE H 229 15.54 52.56 17.73
N VAL H 230 14.45 52.26 18.37
CA VAL H 230 13.22 52.99 18.17
C VAL H 230 12.71 53.64 19.43
N ILE H 231 12.53 54.95 19.39
CA ILE H 231 11.99 55.62 20.54
C ILE H 231 10.70 56.30 20.17
N LEU H 232 9.64 55.96 20.89
CA LEU H 232 8.34 56.55 20.57
C LEU H 232 7.73 57.15 21.81
N PRO H 233 7.03 58.28 21.74
CA PRO H 233 6.23 58.70 22.84
C PRO H 233 5.17 57.64 22.95
N LEU H 234 4.81 57.26 24.15
CA LEU H 234 3.75 56.33 24.35
C LEU H 234 2.66 57.16 24.90
N ALA H 235 3.10 58.18 25.61
CA ALA H 235 2.23 59.14 26.27
C ALA H 235 2.82 60.49 25.90
N PRO H 236 2.01 61.51 25.61
CA PRO H 236 2.46 62.78 25.14
C PRO H 236 3.19 63.52 26.19
N LEU H 237 4.11 64.34 25.77
CA LEU H 237 4.80 65.22 26.66
C LEU H 237 3.89 66.36 27.00
N ALA H 238 3.87 66.77 28.25
CA ALA H 238 3.11 67.95 28.58
C ALA H 238 3.63 68.61 29.84
N PHE H 239 3.33 69.90 29.94
CA PHE H 239 3.69 70.70 31.08
C PHE H 239 2.68 71.81 31.22
N ALA H 240 2.21 72.06 32.42
CA ALA H 240 1.18 73.06 32.55
C ALA H 240 1.64 74.43 32.14
N ALA H 241 0.76 75.11 31.43
CA ALA H 241 0.91 76.48 30.99
C ALA H 241 2.11 76.72 30.08
N THR H 242 2.63 75.69 29.44
CA THR H 242 3.71 75.91 28.50
C THR H 242 3.28 75.57 27.08
N SER H 243 3.50 76.54 26.20
CA SER H 243 3.12 76.43 24.80
C SER H 243 3.96 75.45 24.00
N SER H 244 5.20 75.27 24.41
CA SER H 244 6.06 74.33 23.74
C SER H 244 7.00 73.68 24.74
N PRO H 245 6.53 72.70 25.53
CA PRO H 245 7.31 71.96 26.46
C PRO H 245 8.38 71.26 25.66
N GLN H 246 9.61 71.28 26.15
CA GLN H 246 10.70 70.63 25.44
C GLN H 246 11.60 69.93 26.42
N VAL H 247 11.85 68.67 26.16
CA VAL H 247 12.74 67.90 27.00
C VAL H 247 13.74 67.20 26.09
N PRO H 248 15.05 67.36 26.25
CA PRO H 248 16.01 66.72 25.41
C PRO H 248 16.06 65.23 25.70
N ILE H 249 16.42 64.46 24.69
CA ILE H 249 16.66 63.03 24.83
C ILE H 249 18.07 62.76 24.37
N THR H 250 18.87 62.15 25.23
CA THR H 250 20.24 61.85 24.87
C THR H 250 20.47 60.37 24.84
N VAL H 251 21.04 59.89 23.75
CA VAL H 251 21.30 58.47 23.63
C VAL H 251 22.80 58.23 23.60
N THR H 252 23.28 57.44 24.55
CA THR H 252 24.71 57.11 24.68
C THR H 252 24.92 55.60 24.57
N ILE H 253 25.79 55.20 23.64
CA ILE H 253 25.97 53.79 23.38
C ILE H 253 27.38 53.28 23.43
N ALA H 254 27.58 52.17 24.13
CA ALA H 254 28.88 51.53 24.12
C ALA H 254 28.79 50.17 23.44
N PRO H 255 29.74 49.77 22.63
CA PRO H 255 29.87 48.42 22.13
C PRO H 255 30.27 47.50 23.27
N MET H 256 30.01 46.23 23.14
CA MET H 256 30.51 45.24 24.08
C MET H 256 31.17 44.08 23.37
N CYS H 257 32.26 43.59 23.93
CA CYS H 257 32.95 42.44 23.36
C CYS H 257 33.22 42.63 21.88
N THR H 258 33.66 43.82 21.48
CA THR H 258 33.85 44.03 20.05
C THR H 258 34.91 43.11 19.48
N GLU H 259 34.58 42.48 18.35
CA GLU H 259 35.48 41.59 17.62
C GLU H 259 35.46 41.88 16.12
N PHE H 260 36.65 41.92 15.50
CA PHE H 260 36.77 42.16 14.07
C PHE H 260 37.60 41.10 13.35
N ASN H 261 37.31 40.89 12.06
CA ASN H 261 38.08 39.88 11.33
C ASN H 261 38.23 40.12 9.82
N GLY H 262 39.48 40.19 9.37
CA GLY H 262 39.82 40.35 7.96
C GLY H 262 40.20 41.79 7.67
N LEU H 263 41.48 42.06 7.45
CA LEU H 263 41.92 43.45 7.26
C LEU H 263 42.01 43.84 5.78
N ARG H 264 41.65 45.08 5.49
CA ARG H 264 41.68 45.64 4.15
C ARG H 264 41.88 47.15 4.19
N ASN H 265 41.93 47.77 3.03
CA ASN H 265 42.09 49.21 3.02
C ASN H 265 40.81 49.79 3.57
N ILE H 266 40.87 51.01 4.08
CA ILE H 266 39.67 51.51 4.70
C ILE H 266 38.57 51.63 3.69
N THR H 267 37.42 51.18 4.08
CA THR H 267 36.24 51.22 3.26
C THR H 267 35.62 52.59 3.28
N VAL H 268 35.38 53.14 2.11
CA VAL H 268 34.76 54.44 2.03
C VAL H 268 33.43 54.36 1.30
N PRO H 269 32.30 54.49 1.98
CA PRO H 269 30.97 54.39 1.44
C PRO H 269 30.64 55.64 0.67
N VAL H 270 29.67 55.53 -0.21
CA VAL H 270 29.10 56.70 -0.89
C VAL H 270 28.35 57.55 0.13
N HIS H 271 28.57 58.88 0.09
CA HIS H 271 27.96 59.87 0.97
C HIS H 271 27.67 61.13 0.16
N GLY I 1 4.99 -9.53 -3.42
CA GLY I 1 5.55 -10.38 -2.41
C GLY I 1 4.55 -10.58 -1.28
N LEU I 2 4.60 -9.69 -0.26
CA LEU I 2 3.73 -9.69 0.92
C LEU I 2 2.31 -9.22 0.58
N PRO I 3 1.28 -10.04 0.71
CA PRO I 3 -0.08 -9.66 0.41
C PRO I 3 -0.48 -8.45 1.24
N THR I 4 -1.12 -7.48 0.60
CA THR I 4 -1.54 -6.24 1.25
C THR I 4 -2.89 -5.75 0.78
N MET I 5 -3.50 -4.86 1.55
CA MET I 5 -4.78 -4.30 1.11
C MET I 5 -4.84 -2.79 1.32
N ASN I 6 -5.12 -2.01 0.28
CA ASN I 6 -5.18 -0.57 0.51
C ASN I 6 -6.46 -0.16 1.19
N THR I 7 -6.37 0.55 2.28
CA THR I 7 -7.55 0.97 3.02
C THR I 7 -7.98 2.36 2.57
N PRO I 8 -9.18 2.83 2.90
CA PRO I 8 -9.62 4.17 2.62
C PRO I 8 -8.61 5.06 3.27
N GLY I 9 -8.39 6.20 2.67
CA GLY I 9 -7.39 7.11 3.16
C GLY I 9 -6.13 7.02 2.32
N SER I 10 -6.03 5.99 1.49
CA SER I 10 -4.88 5.87 0.64
C SER I 10 -4.88 6.91 -0.45
N ASN I 11 -3.69 7.21 -0.95
CA ASN I 11 -3.48 8.06 -2.09
C ASN I 11 -4.18 9.40 -1.94
N GLN I 12 -4.03 10.03 -0.78
CA GLN I 12 -4.65 11.32 -0.49
C GLN I 12 -3.62 12.26 0.08
N PHE I 13 -3.82 13.55 -0.11
CA PHE I 13 -2.93 14.53 0.51
C PHE I 13 -3.56 15.37 1.57
N LEU I 14 -3.17 15.11 2.79
CA LEU I 14 -3.67 15.81 3.95
C LEU I 14 -2.62 16.85 4.34
N THR I 15 -3.03 18.08 4.54
CA THR I 15 -2.06 19.13 4.84
C THR I 15 -1.48 19.02 6.23
N SER I 16 -2.10 18.19 7.06
CA SER I 16 -1.67 17.90 8.42
C SER I 16 -1.06 16.51 8.53
N ASP I 17 -0.79 15.90 7.38
CA ASP I 17 -0.17 14.59 7.24
C ASP I 17 1.21 14.57 7.88
N ASP I 18 1.54 13.51 8.60
CA ASP I 18 2.85 13.43 9.24
C ASP I 18 3.54 12.09 8.99
N PHE I 19 3.95 11.89 7.74
CA PHE I 19 4.60 10.66 7.31
C PHE I 19 5.97 10.95 6.76
N GLN I 20 6.80 9.93 6.76
CA GLN I 20 8.14 10.03 6.20
C GLN I 20 8.12 10.12 4.69
N SER I 21 9.12 10.79 4.16
CA SER I 21 9.22 10.98 2.73
C SER I 21 10.68 10.92 2.28
N PRO I 22 10.99 10.56 1.03
CA PRO I 22 12.32 10.49 0.49
C PRO I 22 12.90 11.86 0.39
N CYS I 23 14.20 11.96 0.43
CA CYS I 23 14.90 13.24 0.33
C CYS I 23 15.39 13.50 -1.08
N ALA I 24 15.11 14.68 -1.60
CA ALA I 24 15.54 15.03 -2.96
C ALA I 24 17.01 15.41 -3.04
N LEU I 25 17.60 15.75 -1.91
CA LEU I 25 18.98 16.21 -1.88
C LEU I 25 19.73 15.35 -0.85
N PRO I 26 20.08 14.08 -1.19
CA PRO I 26 20.60 13.07 -0.29
C PRO I 26 22.00 13.33 0.20
N ASN I 27 22.29 12.81 1.39
CA ASN I 27 23.61 12.90 2.00
C ASN I 27 24.06 14.33 2.10
N PHE I 28 23.14 15.20 2.42
CA PHE I 28 23.46 16.59 2.50
C PHE I 28 24.05 17.03 3.82
N ASP I 29 25.14 17.76 3.75
CA ASP I 29 25.81 18.28 4.92
C ASP I 29 25.16 19.60 5.31
N VAL I 30 24.38 19.55 6.37
CA VAL I 30 23.62 20.69 6.83
C VAL I 30 24.50 21.62 7.64
N THR I 31 24.43 22.91 7.32
CA THR I 31 25.22 23.92 7.99
C THR I 31 24.99 23.71 9.48
N PRO I 32 26.03 23.59 10.32
CA PRO I 32 25.89 23.32 11.72
C PRO I 32 25.22 24.49 12.38
N PRO I 33 24.51 24.27 13.49
CA PRO I 33 23.86 25.28 14.30
C PRO I 33 24.85 26.07 15.12
N ILE I 34 24.46 27.28 15.49
CA ILE I 34 25.19 28.11 16.43
C ILE I 34 24.18 28.55 17.44
N HIS I 35 24.62 29.00 18.60
CA HIS I 35 23.64 29.51 19.53
C HIS I 35 23.18 30.89 19.11
N ILE I 36 21.88 31.07 19.09
CA ILE I 36 21.26 32.33 18.76
C ILE I 36 20.34 32.61 19.94
N PRO I 37 20.41 33.77 20.58
CA PRO I 37 19.59 34.15 21.69
C PRO I 37 18.19 34.44 21.23
N GLY I 38 17.26 34.42 22.15
CA GLY I 38 15.90 34.78 21.81
C GLY I 38 15.11 33.59 21.27
N GLU I 39 15.57 32.39 21.54
CA GLU I 39 14.90 31.20 21.05
C GLU I 39 13.53 31.08 21.64
N VAL I 40 12.59 30.72 20.80
CA VAL I 40 11.21 30.50 21.17
C VAL I 40 10.88 29.04 20.95
N LYS I 41 10.26 28.42 21.92
CA LYS I 41 9.88 27.02 21.79
C LYS I 41 8.38 26.83 21.65
N ASN I 42 7.62 27.81 22.10
CA ASN I 42 6.18 27.72 22.14
C ASN I 42 5.62 29.12 21.94
N MET I 43 4.52 29.22 21.19
CA MET I 43 3.84 30.48 20.91
C MET I 43 3.31 31.09 22.18
N MET I 44 3.08 30.28 23.20
CA MET I 44 2.57 30.83 24.42
C MET I 44 3.56 31.71 25.14
N GLU I 45 4.84 31.59 24.85
CA GLU I 45 5.78 32.45 25.55
C GLU I 45 5.61 33.86 25.01
N LEU I 46 4.98 34.00 23.86
CA LEU I 46 4.81 35.32 23.32
C LEU I 46 3.48 35.86 23.82
N ALA I 47 2.53 34.96 24.01
CA ALA I 47 1.19 35.31 24.49
C ALA I 47 1.27 35.91 25.88
N GLU I 48 2.25 35.47 26.66
CA GLU I 48 2.46 35.96 28.01
C GLU I 48 3.18 37.32 28.10
N ILE I 49 3.57 37.91 26.98
CA ILE I 49 4.23 39.21 27.01
C ILE I 49 3.21 40.32 27.00
N ASP I 50 3.33 41.26 27.92
CA ASP I 50 2.40 42.37 27.98
C ASP I 50 2.52 43.31 26.79
N THR I 51 1.42 43.55 26.09
CA THR I 51 1.42 44.51 24.97
C THR I 51 0.29 45.49 25.15
N LEU I 52 0.29 46.60 24.43
CA LEU I 52 -0.73 47.61 24.63
C LEU I 52 -2.06 47.31 24.01
N ILE I 53 -3.09 47.77 24.67
CA ILE I 53 -4.45 47.66 24.23
C ILE I 53 -4.85 48.95 23.58
N PRO I 54 -5.30 49.00 22.33
CA PRO I 54 -5.72 50.20 21.62
C PRO I 54 -7.11 50.51 22.12
N MET I 55 -7.15 50.90 23.39
CA MET I 55 -8.38 51.10 24.11
C MET I 55 -9.17 52.27 23.59
N ASN I 56 -8.48 53.33 23.19
CA ASN I 56 -9.16 54.54 22.79
C ASN I 56 -9.32 54.55 21.31
N ALA I 57 -9.89 53.49 20.81
CA ALA I 57 -10.07 53.28 19.38
C ALA I 57 -11.34 53.94 18.92
N VAL I 58 -11.35 55.24 18.99
CA VAL I 58 -12.53 56.01 18.66
C VAL I 58 -12.23 56.90 17.50
N ASP I 59 -13.25 57.42 16.86
CA ASP I 59 -12.98 58.20 15.68
C ASP I 59 -12.06 59.38 16.01
N GLY I 60 -11.02 59.50 15.19
CA GLY I 60 -9.94 60.47 15.30
C GLY I 60 -8.69 59.90 15.93
N LYS I 61 -8.83 58.75 16.59
CA LYS I 61 -7.74 58.03 17.22
C LYS I 61 -7.54 56.66 16.59
N VAL I 62 -8.55 56.15 15.93
CA VAL I 62 -8.41 54.84 15.32
C VAL I 62 -7.35 54.96 14.24
N ASN I 63 -6.42 54.02 14.27
CA ASN I 63 -5.27 53.93 13.40
C ASN I 63 -4.29 55.11 13.51
N THR I 64 -4.25 55.76 14.67
CA THR I 64 -3.23 56.76 14.95
C THR I 64 -2.63 56.36 16.29
N MET I 65 -1.51 56.95 16.72
CA MET I 65 -0.89 56.50 17.97
C MET I 65 -1.75 56.69 19.21
N GLU I 66 -2.63 57.67 19.19
CA GLU I 66 -3.49 58.02 20.30
C GLU I 66 -4.47 56.91 20.70
N MET I 67 -4.60 55.88 19.88
CA MET I 67 -5.49 54.75 20.14
C MET I 67 -5.07 54.07 21.44
N TYR I 68 -3.82 54.22 21.84
CA TYR I 68 -3.36 53.52 23.02
C TYR I 68 -3.39 54.37 24.27
N GLN I 69 -3.94 55.58 24.17
CA GLN I 69 -3.91 56.47 25.32
C GLN I 69 -5.26 56.67 25.99
N ILE I 70 -5.41 56.15 27.20
CA ILE I 70 -6.68 56.25 27.92
C ILE I 70 -6.65 57.58 28.64
N PRO I 71 -7.56 58.52 28.40
CA PRO I 71 -7.54 59.82 29.03
C PRO I 71 -7.95 59.72 30.48
N LEU I 72 -7.34 60.57 31.29
CA LEU I 72 -7.68 60.76 32.69
C LEU I 72 -7.71 62.24 33.03
N ASN I 73 -8.61 62.63 33.92
CA ASN I 73 -8.75 64.03 34.29
C ASN I 73 -8.86 64.24 35.79
N ASP I 74 -8.61 65.47 36.22
CA ASP I 74 -8.75 65.85 37.62
C ASP I 74 -10.15 66.36 37.98
N ASN I 75 -11.06 66.28 37.04
CA ASN I 75 -12.41 66.76 37.22
C ASN I 75 -13.30 65.70 37.86
N LEU I 76 -14.57 66.05 38.04
CA LEU I 76 -15.50 65.11 38.62
C LEU I 76 -16.25 64.36 37.57
N SER I 77 -16.20 63.05 37.67
CA SER I 77 -16.92 62.17 36.79
C SER I 77 -17.26 60.92 37.53
N LYS I 78 -18.45 60.41 37.26
CA LYS I 78 -18.93 59.17 37.85
C LYS I 78 -19.06 58.12 36.77
N ALA I 79 -18.66 58.50 35.57
CA ALA I 79 -18.72 57.67 34.40
C ALA I 79 -17.56 56.73 34.41
N PRO I 80 -17.62 55.60 33.74
CA PRO I 80 -16.48 54.76 33.56
C PRO I 80 -15.56 55.53 32.66
N ILE I 81 -14.27 55.33 32.84
CA ILE I 81 -13.29 55.96 31.98
C ILE I 81 -13.20 55.09 30.74
N PHE I 82 -13.39 53.79 30.93
CA PHE I 82 -13.44 52.87 29.80
C PHE I 82 -14.29 51.66 30.14
N CYS I 83 -14.74 50.98 29.07
CA CYS I 83 -15.50 49.75 29.16
C CYS I 83 -15.04 48.78 28.10
N LEU I 84 -14.73 47.55 28.46
CA LEU I 84 -14.26 46.54 27.54
C LEU I 84 -14.96 45.18 27.63
N SER I 85 -15.34 44.62 26.49
CA SER I 85 -15.94 43.28 26.50
C SER I 85 -14.81 42.26 26.49
N LEU I 86 -14.83 41.30 27.42
CA LEU I 86 -13.71 40.37 27.48
C LEU I 86 -13.76 39.21 26.52
N SER I 87 -13.48 39.52 25.28
CA SER I 87 -13.41 38.53 24.23
C SER I 87 -12.12 38.78 23.48
N PRO I 88 -11.01 38.24 23.95
CA PRO I 88 -9.67 38.48 23.45
C PRO I 88 -9.48 38.27 21.97
N ALA I 89 -10.24 37.35 21.36
CA ALA I 89 -10.06 37.13 19.94
C ALA I 89 -11.01 37.95 19.08
N SER I 90 -12.23 38.20 19.56
CA SER I 90 -13.22 38.86 18.72
C SER I 90 -13.45 40.34 19.01
N ASP I 91 -13.04 40.80 20.17
CA ASP I 91 -13.23 42.18 20.54
C ASP I 91 -12.44 43.10 19.62
N LYS I 92 -13.08 44.17 19.19
CA LYS I 92 -12.40 45.09 18.29
C LYS I 92 -11.11 45.67 18.81
N ARG I 93 -11.00 45.88 20.11
CA ARG I 93 -9.80 46.49 20.61
C ARG I 93 -8.75 45.44 21.00
N LEU I 94 -9.20 44.30 21.53
CA LEU I 94 -8.24 43.27 21.98
C LEU I 94 -7.73 42.35 20.88
N SER I 95 -8.45 42.20 19.79
CA SER I 95 -8.04 41.23 18.79
C SER I 95 -6.70 41.55 18.16
N HIS I 96 -6.26 42.79 18.25
CA HIS I 96 -5.01 43.21 17.63
C HIS I 96 -3.83 43.34 18.59
N THR I 97 -4.00 42.92 19.83
CA THR I 97 -2.91 42.97 20.79
C THR I 97 -2.13 41.72 20.56
N MET I 98 -0.95 41.55 21.14
CA MET I 98 -0.25 40.31 20.83
C MET I 98 -1.07 39.12 21.26
N LEU I 99 -1.78 39.23 22.36
CA LEU I 99 -2.54 38.10 22.81
C LEU I 99 -3.63 37.80 21.81
N GLY I 100 -4.32 38.83 21.33
CA GLY I 100 -5.36 38.64 20.35
C GLY I 100 -4.81 38.05 19.04
N GLU I 101 -3.64 38.52 18.62
CA GLU I 101 -3.04 38.08 17.37
C GLU I 101 -2.59 36.65 17.40
N ILE I 102 -2.04 36.19 18.50
CA ILE I 102 -1.64 34.80 18.56
C ILE I 102 -2.89 33.99 18.62
N LEU I 103 -3.79 34.41 19.47
CA LEU I 103 -5.03 33.74 19.68
C LEU I 103 -5.87 33.65 18.42
N ASN I 104 -5.76 34.59 17.49
CA ASN I 104 -6.56 34.50 16.27
C ASN I 104 -6.13 33.41 15.31
N TYR I 105 -5.14 32.62 15.70
CA TYR I 105 -4.76 31.44 14.95
C TYR I 105 -5.31 30.24 15.65
N TYR I 106 -6.16 30.44 16.65
CA TYR I 106 -6.73 29.35 17.40
C TYR I 106 -8.25 29.44 17.56
N THR I 107 -8.90 28.29 17.72
CA THR I 107 -10.35 28.23 17.83
C THR I 107 -10.93 28.36 19.22
N HIS I 108 -10.18 27.94 20.22
CA HIS I 108 -10.69 27.96 21.58
C HIS I 108 -9.59 28.37 22.52
N TRP I 109 -9.94 28.87 23.69
CA TRP I 109 -8.90 29.18 24.66
C TRP I 109 -9.34 29.10 26.07
N THR I 110 -8.37 29.00 26.94
CA THR I 110 -8.68 28.98 28.34
C THR I 110 -7.57 29.57 29.13
N GLY I 111 -7.88 30.06 30.31
CA GLY I 111 -6.88 30.60 31.22
C GLY I 111 -7.24 31.99 31.68
N SER I 112 -6.50 32.46 32.67
CA SER I 112 -6.73 33.77 33.25
C SER I 112 -6.02 34.78 32.37
N ILE I 113 -6.51 36.02 32.37
CA ILE I 113 -5.90 37.10 31.61
C ILE I 113 -5.55 38.29 32.49
N ARG I 114 -4.33 38.78 32.35
CA ARG I 114 -3.90 39.90 33.15
C ARG I 114 -3.95 41.23 32.41
N PHE I 115 -4.47 42.22 33.10
CA PHE I 115 -4.59 43.57 32.60
C PHE I 115 -3.76 44.52 33.44
N THR I 116 -2.76 45.12 32.84
CA THR I 116 -1.86 45.95 33.60
C THR I 116 -1.93 47.40 33.15
N PHE I 117 -2.09 48.29 34.11
CA PHE I 117 -2.20 49.69 33.75
C PHE I 117 -1.12 50.58 34.29
N LEU I 118 -0.46 51.31 33.39
CA LEU I 118 0.61 52.24 33.72
C LEU I 118 0.20 53.70 33.70
N PHE I 119 0.38 54.40 34.80
CA PHE I 119 0.02 55.81 34.84
C PHE I 119 1.18 56.65 34.34
N CYS I 120 0.94 57.52 33.34
CA CYS I 120 2.02 58.33 32.78
C CYS I 120 1.88 59.83 33.03
N GLY I 121 1.17 60.19 34.07
CA GLY I 121 0.94 61.59 34.39
C GLY I 121 2.08 62.15 35.19
N SER I 122 1.87 63.29 35.79
CA SER I 122 2.91 63.95 36.55
C SER I 122 3.17 63.20 37.85
N MET I 123 4.31 63.48 38.50
CA MET I 123 4.59 62.86 39.79
C MET I 123 3.84 63.55 40.90
N MET I 124 3.50 64.80 40.70
CA MET I 124 2.83 65.50 41.76
C MET I 124 1.35 65.16 41.83
N ALA I 125 0.78 64.66 40.73
CA ALA I 125 -0.63 64.28 40.74
C ALA I 125 -0.83 62.96 41.48
N THR I 126 -1.92 62.87 42.26
CA THR I 126 -2.26 61.65 42.99
C THR I 126 -3.74 61.30 42.83
N GLY I 127 -4.13 60.09 43.21
CA GLY I 127 -5.53 59.69 43.11
C GLY I 127 -5.66 58.17 43.15
N LYS I 128 -6.91 57.69 43.07
CA LYS I 128 -7.18 56.26 43.12
C LYS I 128 -8.17 55.85 42.04
N LEU I 129 -7.88 54.73 41.39
CA LEU I 129 -8.75 54.15 40.38
C LEU I 129 -9.26 52.76 40.72
N LEU I 130 -10.47 52.47 40.29
CA LEU I 130 -11.07 51.15 40.41
C LEU I 130 -10.96 50.35 39.14
N LEU I 131 -10.30 49.21 39.20
CA LEU I 131 -10.19 48.34 38.05
C LEU I 131 -10.97 47.09 38.37
N SER I 132 -11.90 46.69 37.51
CA SER I 132 -12.67 45.52 37.85
C SER I 132 -13.14 44.66 36.70
N TYR I 133 -13.47 43.42 37.05
CA TYR I 133 -14.00 42.43 36.15
C TYR I 133 -15.24 41.73 36.69
N SER I 134 -16.28 41.69 35.87
CA SER I 134 -17.48 41.00 36.25
C SER I 134 -17.70 39.83 35.30
N PRO I 135 -18.11 38.67 35.77
CA PRO I 135 -18.41 37.55 34.95
C PRO I 135 -19.66 37.94 34.16
N PRO I 136 -19.92 37.30 33.03
CA PRO I 136 -21.00 37.53 32.09
C PRO I 136 -22.37 37.13 32.55
N GLY I 137 -23.39 37.59 31.83
CA GLY I 137 -24.77 37.17 32.10
C GLY I 137 -25.56 38.04 33.07
N ALA I 138 -25.16 39.28 33.25
CA ALA I 138 -25.83 40.20 34.14
C ALA I 138 -25.65 41.58 33.59
N LYS I 139 -26.43 42.52 34.06
CA LYS I 139 -26.34 43.87 33.56
C LYS I 139 -24.88 44.32 33.55
N PRO I 140 -24.36 44.91 32.46
CA PRO I 140 -23.00 45.38 32.39
C PRO I 140 -22.76 46.39 33.51
N PRO I 141 -21.54 46.50 34.03
CA PRO I 141 -21.13 47.38 35.09
C PRO I 141 -20.95 48.80 34.60
N THR I 142 -22.07 49.46 34.34
CA THR I 142 -22.14 50.82 33.79
C THR I 142 -22.16 51.89 34.88
N ASN I 143 -22.11 51.45 36.11
CA ASN I 143 -22.14 52.28 37.30
C ASN I 143 -21.19 51.69 38.30
N ARG I 144 -20.39 52.54 38.94
CA ARG I 144 -19.38 52.07 39.88
C ARG I 144 -19.98 51.18 40.95
N LYS I 145 -21.19 51.48 41.40
CA LYS I 145 -21.76 50.68 42.47
C LYS I 145 -22.00 49.24 42.06
N ASP I 146 -22.18 48.98 40.77
CA ASP I 146 -22.42 47.63 40.32
C ASP I 146 -21.09 47.01 39.99
N ALA I 147 -20.16 47.84 39.56
CA ALA I 147 -18.84 47.39 39.19
C ALA I 147 -18.13 46.75 40.37
N MET I 148 -18.42 47.24 41.58
CA MET I 148 -17.87 46.72 42.83
C MET I 148 -18.29 45.28 43.13
N LEU I 149 -19.39 44.83 42.57
CA LEU I 149 -19.86 43.48 42.84
C LEU I 149 -19.21 42.56 41.86
N GLY I 150 -17.96 42.27 42.13
CA GLY I 150 -17.15 41.49 41.22
C GLY I 150 -15.69 41.52 41.63
N THR I 151 -14.83 41.15 40.70
CA THR I 151 -13.42 41.10 40.97
C THR I 151 -12.86 42.48 40.88
N HIS I 152 -12.17 42.95 41.88
CA HIS I 152 -11.66 44.29 41.71
C HIS I 152 -10.47 44.61 42.55
N ILE I 153 -9.75 45.63 42.11
CA ILE I 153 -8.63 46.18 42.81
C ILE I 153 -8.67 47.69 42.85
N ILE I 154 -8.27 48.27 43.98
CA ILE I 154 -8.16 49.70 44.04
C ILE I 154 -6.70 50.05 43.94
N TRP I 155 -6.38 50.85 42.96
CA TRP I 155 -5.03 51.25 42.69
C TRP I 155 -4.71 52.65 43.13
N ASP I 156 -3.86 52.74 44.15
CA ASP I 156 -3.47 54.00 44.74
C ASP I 156 -2.20 54.47 44.04
N LEU I 157 -2.29 55.55 43.27
CA LEU I 157 -1.16 56.01 42.47
C LEU I 157 -0.02 56.47 43.36
N GLY I 158 1.20 56.03 43.03
CA GLY I 158 2.39 56.38 43.79
C GLY I 158 3.61 55.89 43.05
N LEU I 159 4.67 55.53 43.77
CA LEU I 159 5.85 55.07 43.05
C LEU I 159 5.54 53.83 42.24
N GLN I 160 4.71 52.95 42.78
CA GLN I 160 4.37 51.74 42.08
C GLN I 160 3.25 52.10 41.11
N SER I 161 3.74 52.57 39.97
CA SER I 161 3.03 53.17 38.87
C SER I 161 2.25 52.21 38.02
N SER I 162 2.48 50.93 38.19
CA SER I 162 1.78 49.97 37.39
C SER I 162 0.98 48.99 38.20
N CYS I 163 -0.31 48.92 37.91
CA CYS I 163 -1.18 48.03 38.65
C CYS I 163 -1.74 46.89 37.85
N SER I 164 -1.59 45.69 38.37
CA SER I 164 -2.11 44.54 37.68
C SER I 164 -3.42 44.04 38.25
N MET I 165 -4.42 43.98 37.39
CA MET I 165 -5.72 43.44 37.70
C MET I 165 -5.79 42.12 36.99
N VAL I 166 -6.30 41.09 37.62
CA VAL I 166 -6.35 39.83 36.89
C VAL I 166 -7.77 39.40 36.78
N ALA I 167 -8.17 39.06 35.56
CA ALA I 167 -9.49 38.55 35.33
C ALA I 167 -9.32 37.05 35.42
N PRO I 168 -9.77 36.41 36.50
CA PRO I 168 -9.54 35.03 36.78
C PRO I 168 -10.34 34.18 35.85
N TRP I 169 -9.95 32.96 35.73
CA TRP I 169 -10.70 32.07 34.89
C TRP I 169 -12.03 31.65 35.45
N ILE I 170 -13.06 32.38 35.05
CA ILE I 170 -14.42 32.08 35.40
C ILE I 170 -15.19 31.84 34.12
N SER I 171 -15.66 30.63 33.93
CA SER I 171 -16.42 30.24 32.74
C SER I 171 -17.17 29.00 33.06
N ASN I 172 -18.23 28.72 32.32
CA ASN I 172 -18.87 27.43 32.53
C ASN I 172 -18.16 26.32 31.78
N THR I 173 -17.61 26.67 30.64
CA THR I 173 -16.93 25.72 29.80
C THR I 173 -15.49 25.60 30.18
N VAL I 174 -14.85 24.56 29.70
CA VAL I 174 -13.43 24.37 29.95
C VAL I 174 -12.68 25.33 29.08
N TYR I 175 -13.16 25.45 27.85
CA TYR I 175 -12.57 26.38 26.92
C TYR I 175 -13.63 27.30 26.37
N ARG I 176 -13.27 28.52 26.11
CA ARG I 176 -14.14 29.48 25.48
C ARG I 176 -13.89 29.48 24.01
N ARG I 177 -14.91 29.76 23.24
CA ARG I 177 -14.72 29.83 21.82
C ARG I 177 -14.14 31.19 21.50
N CYS I 178 -13.22 31.24 20.55
CA CYS I 178 -12.65 32.53 20.15
C CYS I 178 -13.63 33.45 19.47
N ALA I 179 -14.48 32.88 18.63
CA ALA I 179 -15.47 33.60 17.85
C ALA I 179 -16.50 34.24 18.74
N ARG I 180 -17.01 35.40 18.34
CA ARG I 180 -18.04 35.98 19.14
C ARG I 180 -19.30 35.19 18.95
N ASP I 181 -19.96 34.88 20.04
CA ASP I 181 -21.22 34.19 20.00
C ASP I 181 -22.02 34.62 21.23
N ASP I 182 -23.22 34.11 21.38
CA ASP I 182 -24.04 34.47 22.51
C ASP I 182 -23.75 33.57 23.67
N PHE I 183 -23.43 32.32 23.37
CA PHE I 183 -23.22 31.37 24.44
C PHE I 183 -21.98 31.70 25.25
N THR I 184 -20.87 31.91 24.55
CA THR I 184 -19.60 32.17 25.17
C THR I 184 -19.35 33.64 25.47
N GLU I 185 -20.26 34.27 26.19
CA GLU I 185 -20.13 35.67 26.58
C GLU I 185 -18.88 35.76 27.48
N GLY I 186 -17.99 36.72 27.23
CA GLY I 186 -16.74 36.87 27.98
C GLY I 186 -16.74 37.51 29.37
N GLY I 187 -17.70 38.38 29.63
CA GLY I 187 -17.71 39.14 30.88
C GLY I 187 -17.24 40.55 30.61
N PHE I 188 -17.18 41.38 31.63
CA PHE I 188 -16.89 42.77 31.37
C PHE I 188 -15.74 43.31 32.18
N ILE I 189 -14.96 44.17 31.57
CA ILE I 189 -13.88 44.88 32.25
C ILE I 189 -14.11 46.37 32.22
N THR I 190 -14.02 46.98 33.37
CA THR I 190 -14.23 48.40 33.41
C THR I 190 -13.36 49.12 34.38
N CYS I 191 -13.30 50.43 34.21
CA CYS I 191 -12.60 51.24 35.17
C CYS I 191 -13.31 52.54 35.46
N PHE I 192 -13.40 52.84 36.75
CA PHE I 192 -14.01 54.04 37.32
C PHE I 192 -13.08 54.78 38.24
N TYR I 193 -13.29 56.06 38.42
CA TYR I 193 -12.47 56.74 39.41
C TYR I 193 -12.97 56.33 40.78
N GLN I 194 -12.06 56.13 41.71
CA GLN I 194 -12.42 55.85 43.09
C GLN I 194 -12.52 57.20 43.78
N THR I 195 -11.65 58.10 43.31
CA THR I 195 -11.54 59.48 43.76
C THR I 195 -11.02 60.29 42.59
N ARG I 196 -11.27 61.58 42.55
CA ARG I 196 -10.77 62.35 41.41
C ARG I 196 -9.28 62.43 41.52
N ILE I 197 -8.60 62.55 40.40
CA ILE I 197 -7.17 62.75 40.46
C ILE I 197 -6.94 64.17 40.87
N VAL I 198 -6.13 64.38 41.88
CA VAL I 198 -5.87 65.69 42.37
C VAL I 198 -4.58 66.20 41.80
N VAL I 199 -4.67 67.35 41.19
CA VAL I 199 -3.56 67.96 40.51
C VAL I 199 -3.25 69.33 41.09
N PRO I 200 -2.05 69.56 41.62
CA PRO I 200 -1.56 70.81 42.13
C PRO I 200 -1.44 71.86 41.05
N ALA I 201 -1.45 73.12 41.44
CA ALA I 201 -1.29 74.17 40.45
C ALA I 201 0.02 73.96 39.74
N SER I 202 0.03 74.29 38.45
CA SER I 202 1.18 74.17 37.56
C SER I 202 1.50 72.73 37.18
N THR I 203 0.62 71.81 37.53
CA THR I 203 0.73 70.43 37.14
C THR I 203 -0.41 70.20 36.13
N PRO I 204 -0.21 69.52 34.99
CA PRO I 204 -1.24 69.24 34.00
C PRO I 204 -2.43 68.51 34.60
N THR I 205 -3.62 68.89 34.15
CA THR I 205 -4.91 68.38 34.60
C THR I 205 -5.49 67.29 33.72
N SER I 206 -4.76 66.96 32.68
CA SER I 206 -5.15 65.93 31.74
C SER I 206 -3.94 65.12 31.40
N MET I 207 -4.04 63.83 31.69
CA MET I 207 -2.96 62.87 31.54
C MET I 207 -3.46 61.57 30.98
N PHE I 208 -2.54 60.69 30.61
CA PHE I 208 -2.95 59.42 30.05
C PHE I 208 -2.45 58.21 30.78
N MET I 209 -3.21 57.15 30.64
CA MET I 209 -2.89 55.84 31.15
C MET I 209 -2.73 54.85 30.02
N LEU I 210 -1.75 53.96 30.15
CA LEU I 210 -1.53 52.97 29.12
C LEU I 210 -1.91 51.58 29.61
N GLY I 211 -2.88 50.95 28.96
CA GLY I 211 -3.26 49.62 29.40
C GLY I 211 -2.56 48.56 28.57
N PHE I 212 -2.21 47.46 29.21
CA PHE I 212 -1.57 46.31 28.61
C PHE I 212 -2.31 45.02 28.88
N VAL I 213 -2.24 44.07 27.98
CA VAL I 213 -2.85 42.77 28.22
C VAL I 213 -1.90 41.62 27.93
N SER I 214 -2.00 40.56 28.74
CA SER I 214 -1.21 39.34 28.54
C SER I 214 -1.84 38.09 29.09
N ALA I 215 -1.40 36.96 28.57
CA ALA I 215 -1.82 35.67 29.10
C ALA I 215 -1.21 35.42 30.47
N CYS I 216 -1.96 34.75 31.33
CA CYS I 216 -1.40 34.31 32.59
C CYS I 216 -0.78 32.95 32.32
N PRO I 217 0.09 32.41 33.19
CA PRO I 217 0.73 31.12 33.02
C PRO I 217 -0.19 29.93 32.89
N ASP I 218 -1.48 30.06 33.24
CA ASP I 218 -2.37 28.92 33.14
C ASP I 218 -3.10 28.87 31.79
N PHE I 219 -2.75 29.76 30.86
CA PHE I 219 -3.39 29.87 29.55
C PHE I 219 -2.96 28.83 28.52
N SER I 220 -3.90 28.42 27.67
CA SER I 220 -3.66 27.50 26.55
C SER I 220 -4.61 27.81 25.36
N VAL I 221 -4.27 27.32 24.15
CA VAL I 221 -5.05 27.67 22.94
C VAL I 221 -5.75 26.62 22.01
N ARG I 222 -5.71 25.34 22.27
CA ARG I 222 -6.42 24.34 21.42
C ARG I 222 -6.16 24.35 19.89
N LEU I 223 -7.20 24.12 19.07
CA LEU I 223 -7.01 23.93 17.62
C LEU I 223 -6.56 25.14 16.88
N LEU I 224 -5.71 24.89 15.88
CA LEU I 224 -5.18 25.91 15.00
C LEU I 224 -6.20 26.24 13.90
N ARG I 225 -6.31 27.52 13.52
CA ARG I 225 -7.17 27.96 12.42
C ARG I 225 -6.55 29.11 11.64
N ASP I 226 -7.01 29.35 10.42
CA ASP I 226 -6.51 30.51 9.68
C ASP I 226 -6.96 31.77 10.38
N THR I 227 -6.12 32.80 10.35
CA THR I 227 -6.47 34.08 10.95
C THR I 227 -7.16 34.99 9.96
N PRO I 228 -8.19 35.75 10.36
CA PRO I 228 -8.91 36.72 9.58
C PRO I 228 -8.27 38.08 9.51
N HIS I 229 -7.08 38.24 10.03
CA HIS I 229 -6.53 39.58 9.99
C HIS I 229 -5.66 39.85 8.80
N ILE I 230 -5.53 38.88 7.90
CA ILE I 230 -4.74 39.12 6.71
C ILE I 230 -5.50 38.62 5.51
N SER I 231 -5.33 39.30 4.39
CA SER I 231 -5.97 38.88 3.17
C SER I 231 -5.10 39.14 1.96
N GLN I 232 -5.58 38.66 0.83
CA GLN I 232 -4.83 38.72 -0.40
C GLN I 232 -5.78 38.65 -1.59
N SER I 233 -5.35 39.17 -2.72
CA SER I 233 -6.13 39.01 -3.94
C SER I 233 -5.97 37.56 -4.35
N LYS I 234 -6.79 37.06 -5.25
CA LYS I 234 -6.55 35.67 -5.61
C LYS I 234 -5.34 35.54 -6.51
N LEU I 235 -4.63 34.41 -6.40
CA LEU I 235 -3.51 34.10 -7.26
C LEU I 235 -4.03 33.48 -8.54
N ILE I 236 -3.37 33.74 -9.68
CA ILE I 236 -3.85 33.19 -10.94
C ILE I 236 -2.97 32.12 -11.60
N GLY I 237 -1.70 32.41 -11.81
CA GLY I 237 -0.83 31.51 -12.56
C GLY I 237 0.29 32.31 -13.22
N ARG I 238 0.88 31.76 -14.29
CA ARG I 238 2.03 32.41 -14.94
C ARG I 238 1.82 33.84 -15.44
N THR I 239 0.61 34.15 -15.97
CA THR I 239 0.14 35.44 -16.54
C THR I 239 0.92 36.69 -16.06
N GLY J 2 15.45 -1.39 14.23
CA GLY J 2 15.60 -0.57 15.41
C GLY J 2 14.46 0.44 15.52
N ALA J 3 13.27 -0.04 15.95
CA ALA J 3 12.05 0.75 16.13
C ALA J 3 12.04 1.60 17.39
N GLN J 4 11.42 2.75 17.31
CA GLN J 4 11.23 3.64 18.43
C GLN J 4 9.80 3.56 18.93
N VAL J 5 9.64 3.25 20.20
CA VAL J 5 8.30 3.15 20.76
C VAL J 5 8.10 4.26 21.76
N SER J 6 7.00 4.98 21.61
CA SER J 6 6.70 6.08 22.50
C SER J 6 5.21 6.22 22.72
N THR J 7 4.81 7.07 23.66
CA THR J 7 3.40 7.20 23.95
C THR J 7 2.65 8.07 22.98
N GLN J 8 1.35 7.87 22.95
CA GLN J 8 0.43 8.61 22.12
C GLN J 8 -0.23 9.74 22.87
N LYS J 9 -0.70 10.71 22.14
CA LYS J 9 -1.49 11.75 22.76
C LYS J 9 -2.82 11.14 23.11
N THR J 10 -3.35 11.47 24.29
CA THR J 10 -4.59 10.90 24.71
C THR J 10 -5.75 11.34 23.86
N GLY J 11 -6.67 10.42 23.60
CA GLY J 11 -7.87 10.66 22.83
C GLY J 11 -9.09 10.68 23.73
N ALA J 12 -10.24 10.35 23.15
CA ALA J 12 -11.51 10.44 23.86
C ALA J 12 -11.85 9.35 24.85
N HIS J 13 -11.25 8.16 24.74
CA HIS J 13 -11.77 7.06 25.55
C HIS J 13 -11.33 7.01 26.99
N GLU J 14 -11.81 7.96 27.77
CA GLU J 14 -11.54 8.00 29.20
C GLU J 14 -10.08 7.73 29.50
N ASN J 15 -9.22 8.42 28.80
CA ASN J 15 -7.82 8.21 28.97
C ASN J 15 -7.39 9.08 30.11
N GLN J 16 -6.98 8.46 31.18
CA GLN J 16 -6.62 9.24 32.34
C GLN J 16 -5.50 10.15 31.87
N ASN J 17 -5.55 11.41 32.28
CA ASN J 17 -4.59 12.41 31.85
C ASN J 17 -3.17 12.21 32.31
N VAL J 18 -2.96 11.23 33.16
CA VAL J 18 -1.62 10.93 33.63
C VAL J 18 -0.80 10.29 32.51
N ALA J 19 -1.50 9.77 31.48
CA ALA J 19 -0.93 9.16 30.29
C ALA J 19 -0.07 7.94 30.57
N ALA J 20 -0.18 7.42 31.77
CA ALA J 20 0.52 6.25 32.22
C ALA J 20 -0.46 5.15 32.49
N ASN J 21 -1.68 5.38 32.04
CA ASN J 21 -2.76 4.46 32.25
C ASN J 21 -3.05 3.73 30.96
N GLY J 22 -2.60 2.49 30.87
CA GLY J 22 -2.75 1.68 29.67
C GLY J 22 -1.44 1.44 28.94
N SER J 23 -1.39 0.32 28.23
CA SER J 23 -0.23 -0.10 27.44
C SER J 23 -0.55 0.01 25.96
N THR J 24 -1.77 0.42 25.69
CA THR J 24 -2.35 0.47 24.36
C THR J 24 -2.41 1.88 23.83
N ILE J 25 -1.73 2.76 24.53
CA ILE J 25 -1.66 4.17 24.19
C ILE J 25 -0.25 4.49 23.77
N ASN J 26 0.39 3.49 23.16
CA ASN J 26 1.73 3.52 22.60
C ASN J 26 1.69 3.38 21.11
N TYR J 27 2.72 3.86 20.43
CA TYR J 27 2.79 3.66 18.99
C TYR J 27 4.23 3.44 18.56
N THR J 28 4.39 2.86 17.39
CA THR J 28 5.73 2.56 16.90
C THR J 28 6.13 3.29 15.64
N THR J 29 7.32 3.90 15.67
CA THR J 29 7.90 4.57 14.51
C THR J 29 9.23 3.98 14.10
N ILE J 30 9.36 3.65 12.84
CA ILE J 30 10.61 3.16 12.32
C ILE J 30 11.04 4.14 11.28
N ASN J 31 12.24 4.65 11.39
CA ASN J 31 12.72 5.57 10.38
C ASN J 31 13.23 4.73 9.22
N TYR J 32 12.88 5.11 7.99
CA TYR J 32 13.27 4.31 6.84
C TYR J 32 14.32 4.92 5.95
N TYR J 33 14.49 6.22 6.04
CA TYR J 33 15.33 6.91 5.10
C TYR J 33 16.64 7.35 5.73
N LYS J 34 17.66 7.46 4.90
CA LYS J 34 19.00 7.88 5.30
C LYS J 34 19.18 9.29 5.83
N ASP J 35 18.41 10.24 5.33
CA ASP J 35 18.56 11.62 5.76
C ASP J 35 17.54 11.88 6.84
N SER J 36 17.90 12.50 7.96
CA SER J 36 16.86 12.69 8.97
C SER J 36 15.81 13.69 8.54
N ALA J 37 16.08 14.45 7.50
CA ALA J 37 15.13 15.43 6.98
C ALA J 37 13.86 14.71 6.50
N SER J 38 13.97 13.40 6.28
CA SER J 38 12.90 12.54 5.82
C SER J 38 12.02 12.03 6.93
N ASN J 39 12.41 12.26 8.17
CA ASN J 39 11.67 11.77 9.33
C ASN J 39 10.40 12.52 9.53
N SER J 40 9.49 11.92 10.25
CA SER J 40 8.25 12.56 10.61
C SER J 40 8.61 13.66 11.61
N ALA J 41 7.62 14.47 12.00
CA ALA J 41 7.85 15.59 12.91
C ALA J 41 8.44 15.12 14.22
N THR J 42 9.14 16.02 14.91
CA THR J 42 9.84 15.69 16.13
C THR J 42 8.91 15.43 17.28
N ARG J 43 9.47 14.86 18.34
CA ARG J 43 8.72 14.58 19.55
C ARG J 43 8.35 15.88 20.21
N GLN J 44 7.22 15.88 20.87
CA GLN J 44 6.76 17.05 21.57
C GLN J 44 7.68 17.47 22.69
N ASP J 45 7.92 18.77 22.76
CA ASP J 45 8.75 19.36 23.78
C ASP J 45 8.05 20.59 24.35
N LEU J 46 7.54 20.44 25.55
CA LEU J 46 6.78 21.48 26.24
C LEU J 46 7.63 22.31 27.17
N SER J 47 8.94 22.12 27.13
CA SER J 47 9.80 22.93 27.95
C SER J 47 9.68 24.34 27.41
N GLN J 48 9.65 25.33 28.30
CA GLN J 48 9.50 26.72 27.92
C GLN J 48 10.42 27.60 28.73
N ASP J 49 10.82 28.74 28.18
CA ASP J 49 11.64 29.70 28.89
C ASP J 49 11.07 31.11 28.82
N PRO J 50 9.86 31.36 29.33
CA PRO J 50 9.14 32.60 29.15
C PRO J 50 9.86 33.79 29.75
N SER J 51 10.73 33.57 30.74
CA SER J 51 11.39 34.71 31.35
C SER J 51 12.29 35.44 30.38
N LYS J 52 12.71 34.79 29.31
CA LYS J 52 13.57 35.44 28.33
C LYS J 52 12.86 36.61 27.70
N PHE J 53 11.54 36.54 27.65
CA PHE J 53 10.78 37.57 27.02
C PHE J 53 9.89 38.35 27.97
N THR J 54 9.49 37.75 29.09
CA THR J 54 8.57 38.43 29.97
C THR J 54 9.27 39.07 31.15
N GLU J 55 10.46 38.65 31.49
CA GLU J 55 11.14 39.28 32.60
C GLU J 55 12.62 39.06 32.53
N PRO J 56 13.29 39.44 31.45
CA PRO J 56 14.71 39.41 31.39
C PRO J 56 15.03 40.54 32.31
N VAL J 57 16.06 40.46 33.10
CA VAL J 57 16.40 41.61 33.93
C VAL J 57 17.81 41.45 34.44
N LYS J 58 18.54 42.55 34.61
CA LYS J 58 19.88 42.45 35.17
C LYS J 58 19.82 42.13 36.66
N ASP J 59 18.95 42.81 37.42
CA ASP J 59 18.84 42.58 38.85
C ASP J 59 17.52 41.87 39.13
N LEU J 60 17.56 40.59 39.47
CA LEU J 60 16.35 39.79 39.61
C LEU J 60 15.33 40.38 40.57
N MET J 61 14.09 40.48 40.09
CA MET J 61 13.02 41.02 40.89
C MET J 61 12.13 39.96 41.47
N LEU J 62 11.74 40.15 42.71
CA LEU J 62 10.78 39.29 43.36
C LEU J 62 9.43 39.94 43.15
N LYS J 63 8.42 39.18 42.73
CA LYS J 63 7.14 39.82 42.45
C LYS J 63 6.44 40.42 43.65
N THR J 64 6.78 39.97 44.84
CA THR J 64 6.15 40.44 46.06
C THR J 64 6.91 41.61 46.65
N ALA J 65 7.99 42.01 46.01
CA ALA J 65 8.77 43.12 46.47
C ALA J 65 8.31 44.32 45.66
N PRO J 66 8.45 45.56 46.12
CA PRO J 66 8.16 46.70 45.30
C PRO J 66 9.05 46.59 44.08
N ALA J 67 8.54 46.91 42.90
CA ALA J 67 9.36 46.83 41.72
C ALA J 67 10.48 47.83 41.77
N LEU J 68 10.21 48.99 42.35
CA LEU J 68 11.20 50.04 42.47
C LEU J 68 11.40 50.33 43.96
N ASN J 69 12.68 50.31 44.43
CA ASN J 69 13.08 50.53 45.82
C ASN J 69 14.17 51.59 45.82
N VAL K 16 28.13 3.89 16.48
CA VAL K 16 27.71 5.27 16.30
C VAL K 16 28.87 6.21 16.66
N SER K 17 29.33 7.02 15.69
CA SER K 17 30.41 8.01 15.80
C SER K 17 30.21 9.12 14.79
N GLN K 18 30.88 10.24 15.04
CA GLN K 18 30.85 11.37 14.14
C GLN K 18 31.72 11.06 12.93
N PRO K 19 31.26 11.29 11.69
CA PRO K 19 32.03 11.05 10.50
C PRO K 19 33.17 12.05 10.46
N PRO K 20 34.30 11.75 9.84
CA PRO K 20 35.43 12.64 9.68
C PRO K 20 35.10 13.96 9.02
N SER K 21 35.66 15.02 9.57
CA SER K 21 35.51 16.38 9.11
C SER K 21 36.74 16.82 8.35
N THR K 22 36.65 17.98 7.70
CA THR K 22 37.78 18.55 7.00
C THR K 22 38.69 19.18 8.05
N GLN K 23 39.90 19.58 7.68
CA GLN K 23 40.85 20.04 8.69
C GLN K 23 40.42 21.23 9.51
N SER K 24 40.63 21.09 10.82
CA SER K 24 40.39 22.17 11.76
C SER K 24 41.65 22.98 11.83
N THR K 25 41.53 24.29 11.84
CA THR K 25 42.71 25.12 11.96
C THR K 25 43.15 25.28 13.40
N GLU K 26 44.44 25.08 13.64
CA GLU K 26 44.94 25.28 14.98
C GLU K 26 45.42 26.71 15.11
N ALA K 27 45.22 27.28 16.28
CA ALA K 27 45.67 28.65 16.49
C ALA K 27 47.17 28.75 16.36
N THR K 28 47.63 29.84 15.79
CA THR K 28 49.06 30.04 15.64
C THR K 28 49.48 31.49 15.88
N SER K 29 50.74 31.76 15.66
CA SER K 29 51.34 33.06 15.91
C SER K 29 52.41 33.36 14.87
N GLY K 30 53.00 34.56 14.93
CA GLY K 30 54.00 34.93 13.94
C GLY K 30 55.27 34.11 14.06
N VAL K 31 55.88 33.81 12.91
CA VAL K 31 57.09 33.02 12.85
C VAL K 31 58.22 33.70 12.09
N ASN K 32 59.42 33.71 12.68
CA ASN K 32 60.62 34.28 12.05
C ASN K 32 61.71 33.23 11.87
N SER K 33 61.30 31.99 11.72
CA SER K 33 62.17 30.83 11.56
C SER K 33 62.77 30.75 10.17
N GLN K 34 63.67 29.81 10.03
CA GLN K 34 64.35 29.55 8.78
C GLN K 34 63.64 28.49 7.94
N GLU K 35 62.52 28.01 8.43
CA GLU K 35 61.77 26.96 7.77
C GLU K 35 60.36 27.43 7.48
N VAL K 36 60.20 28.06 6.32
CA VAL K 36 58.93 28.71 5.98
C VAL K 36 58.28 28.08 4.74
N PRO K 37 57.16 27.35 4.88
CA PRO K 37 56.42 26.62 3.86
C PRO K 37 55.94 27.44 2.67
N ALA K 38 55.85 28.75 2.85
CA ALA K 38 55.39 29.58 1.76
C ALA K 38 56.32 29.45 0.57
N LEU K 39 57.61 29.25 0.81
CA LEU K 39 58.52 29.12 -0.31
C LEU K 39 58.86 27.66 -0.50
N THR K 40 58.57 27.16 -1.68
CA THR K 40 58.68 25.76 -2.02
C THR K 40 59.06 25.60 -3.50
N ALA K 41 58.73 24.44 -4.07
CA ALA K 41 59.00 24.18 -5.46
C ALA K 41 57.91 23.31 -6.03
N VAL K 42 57.51 23.56 -7.28
CA VAL K 42 56.56 22.68 -7.93
C VAL K 42 57.16 22.12 -9.20
N GLU K 43 58.50 22.13 -9.30
CA GLU K 43 59.12 21.45 -10.41
C GLU K 43 58.87 19.97 -10.21
N THR K 44 58.81 19.56 -8.96
CA THR K 44 58.47 18.19 -8.70
C THR K 44 56.97 18.11 -8.93
N GLY K 45 56.40 16.94 -8.94
CA GLY K 45 54.97 16.78 -9.26
C GLY K 45 54.01 17.12 -8.14
N ALA K 46 54.53 17.44 -6.99
CA ALA K 46 53.71 17.78 -5.86
C ALA K 46 53.10 19.17 -5.97
N SER K 47 51.95 19.31 -5.38
CA SER K 47 51.24 20.56 -5.21
C SER K 47 51.82 21.28 -4.01
N GLY K 48 51.54 22.57 -3.87
CA GLY K 48 52.01 23.27 -2.69
C GLY K 48 51.24 22.69 -1.52
N GLN K 49 51.82 22.70 -0.33
CA GLN K 49 51.11 22.14 0.82
C GLN K 49 50.67 23.17 1.86
N ALA K 50 50.88 24.45 1.59
CA ALA K 50 50.59 25.49 2.58
C ALA K 50 49.10 25.63 2.91
N ILE K 51 48.83 25.88 4.19
CA ILE K 51 47.48 26.14 4.68
C ILE K 51 47.55 27.50 5.38
N PRO K 52 46.43 28.17 5.71
CA PRO K 52 46.43 29.48 6.33
C PRO K 52 47.31 29.63 7.55
N SER K 53 47.47 28.58 8.36
CA SER K 53 48.29 28.67 9.58
C SER K 53 49.77 28.82 9.29
N ASP K 54 50.17 28.60 8.06
CA ASP K 54 51.54 28.72 7.62
C ASP K 54 51.85 30.12 7.11
N VAL K 55 50.81 30.88 6.81
CA VAL K 55 50.99 32.18 6.18
C VAL K 55 50.63 33.33 7.12
N VAL K 56 49.50 33.21 7.80
CA VAL K 56 49.02 34.26 8.67
C VAL K 56 48.75 33.76 10.05
N GLU K 57 48.63 34.65 11.00
CA GLU K 57 48.22 34.20 12.30
C GLU K 57 46.76 33.79 12.17
N THR K 58 46.40 32.63 12.72
CA THR K 58 45.03 32.12 12.67
C THR K 58 44.50 31.82 14.05
N ARG K 59 43.19 31.75 14.14
CA ARG K 59 42.55 31.40 15.39
C ARG K 59 42.25 29.94 15.41
N HIS K 60 41.95 29.41 16.57
CA HIS K 60 41.52 28.03 16.58
C HIS K 60 40.12 28.01 16.02
N VAL K 61 39.88 27.09 15.09
CA VAL K 61 38.56 26.93 14.51
C VAL K 61 38.14 25.50 14.62
N VAL K 62 36.97 25.24 15.18
CA VAL K 62 36.57 23.85 15.23
C VAL K 62 35.82 23.54 13.96
N ASN K 63 36.26 22.53 13.24
CA ASN K 63 35.64 22.23 11.98
C ASN K 63 34.84 20.94 12.01
N TYR K 64 33.52 21.07 11.95
CA TYR K 64 32.63 19.93 11.97
C TYR K 64 32.01 19.67 10.61
N LYS K 65 32.50 20.37 9.60
CA LYS K 65 31.97 20.27 8.25
C LYS K 65 32.59 19.06 7.57
N THR K 66 31.88 18.44 6.64
CA THR K 66 32.44 17.26 5.98
C THR K 66 32.32 17.37 4.46
N ARG K 67 32.58 16.26 3.78
CA ARG K 67 32.59 16.18 2.33
C ARG K 67 31.64 15.14 1.75
N SER K 68 30.42 15.07 2.27
CA SER K 68 29.49 14.06 1.84
C SER K 68 29.10 14.18 0.38
N GLU K 69 28.87 15.39 -0.08
CA GLU K 69 28.38 15.59 -1.42
C GLU K 69 29.42 15.39 -2.48
N SER K 70 30.67 15.29 -2.09
CA SER K 70 31.71 15.13 -3.04
C SER K 70 32.21 13.71 -3.04
N CYS K 71 31.55 12.83 -2.30
CA CYS K 71 31.96 11.44 -2.33
C CYS K 71 31.57 10.96 -3.71
N LEU K 72 32.32 10.05 -4.31
CA LEU K 72 31.92 9.68 -5.67
C LEU K 72 30.54 9.05 -5.72
N GLU K 73 30.17 8.36 -4.66
CA GLU K 73 28.86 7.74 -4.61
C GLU K 73 27.75 8.79 -4.70
N SER K 74 27.99 9.98 -4.11
CA SER K 74 27.01 11.05 -4.10
C SER K 74 27.05 11.82 -5.41
N PHE K 75 28.25 12.01 -5.94
CA PHE K 75 28.48 12.77 -7.17
C PHE K 75 27.72 12.13 -8.30
N PHE K 76 27.80 10.82 -8.37
CA PHE K 76 27.15 10.04 -9.39
C PHE K 76 25.83 9.45 -8.92
N GLY K 77 25.24 10.02 -7.88
CA GLY K 77 24.03 9.47 -7.30
C GLY K 77 22.69 9.84 -7.95
N ARG K 78 22.70 10.50 -9.10
CA ARG K 78 21.43 10.87 -9.74
C ARG K 78 21.17 10.10 -11.02
N ALA K 79 19.91 9.84 -11.29
CA ALA K 79 19.52 9.20 -12.54
C ALA K 79 19.41 10.22 -13.64
N ALA K 80 20.32 10.16 -14.60
CA ALA K 80 20.38 11.14 -15.68
C ALA K 80 19.63 10.65 -16.87
N CYS K 81 19.05 11.54 -17.65
CA CYS K 81 18.48 11.05 -18.89
C CYS K 81 19.63 10.69 -19.80
N VAL K 82 19.49 9.58 -20.48
CA VAL K 82 20.42 9.06 -21.45
C VAL K 82 19.92 9.16 -22.86
N THR K 83 18.68 8.78 -23.11
CA THR K 83 18.22 8.86 -24.49
C THR K 83 16.74 8.96 -24.60
N ILE K 84 16.29 9.44 -25.76
CA ILE K 84 14.87 9.48 -26.02
C ILE K 84 14.54 8.67 -27.28
N LEU K 85 13.72 7.66 -27.11
CA LEU K 85 13.36 6.78 -28.21
C LEU K 85 11.95 7.04 -28.65
N SER K 86 11.62 6.71 -29.89
CA SER K 86 10.24 6.91 -30.30
C SER K 86 9.61 5.80 -31.10
N LEU K 87 8.39 5.49 -30.66
CA LEU K 87 7.53 4.48 -31.28
C LEU K 87 6.24 5.07 -31.76
N THR K 88 5.67 4.51 -32.80
CA THR K 88 4.35 4.95 -33.19
C THR K 88 3.40 3.78 -33.38
N ASN K 89 2.22 3.89 -32.78
CA ASN K 89 1.14 2.91 -32.96
C ASN K 89 0.29 3.39 -34.13
N SER K 90 0.35 2.71 -35.27
CA SER K 90 -0.38 3.18 -36.45
C SER K 90 -0.92 2.10 -37.36
N SER K 91 -2.10 2.35 -37.89
CA SER K 91 -2.76 1.43 -38.82
C SER K 91 -2.23 1.54 -40.24
N LYS K 92 -1.45 2.60 -40.51
CA LYS K 92 -0.91 2.79 -41.85
C LYS K 92 0.18 1.75 -42.07
N SER K 93 0.17 1.07 -43.22
CA SER K 93 1.20 0.04 -43.44
C SER K 93 2.59 0.63 -43.49
N GLY K 94 2.67 1.87 -43.92
CA GLY K 94 3.92 2.59 -44.04
C GLY K 94 4.53 2.91 -42.69
N GLU K 95 3.77 2.77 -41.62
CA GLU K 95 4.26 3.04 -40.30
C GLU K 95 4.37 1.81 -39.42
N GLU K 96 4.25 0.59 -39.97
CA GLU K 96 4.38 -0.59 -39.09
C GLU K 96 5.77 -0.66 -38.50
N LYS K 97 6.73 -0.20 -39.27
CA LYS K 97 8.12 -0.16 -38.88
C LYS K 97 8.33 0.75 -37.68
N LYS K 98 7.40 1.66 -37.44
CA LYS K 98 7.59 2.61 -36.37
C LYS K 98 7.15 2.05 -35.04
N HIS K 99 6.57 0.85 -35.00
CA HIS K 99 6.17 0.30 -33.71
C HIS K 99 7.39 -0.29 -33.03
N PHE K 100 8.48 -0.35 -33.77
CA PHE K 100 9.72 -0.99 -33.40
C PHE K 100 10.96 -0.08 -33.37
N ASN K 101 11.59 0.08 -32.21
CA ASN K 101 12.77 0.94 -32.13
C ASN K 101 13.96 0.32 -31.39
N ILE K 102 15.08 0.12 -32.08
CA ILE K 102 16.26 -0.45 -31.43
C ILE K 102 17.36 0.57 -31.21
N TRP K 103 17.75 0.71 -29.96
CA TRP K 103 18.78 1.64 -29.51
C TRP K 103 20.05 0.96 -29.01
N ASN K 104 21.20 1.49 -29.35
CA ASN K 104 22.43 0.88 -28.84
C ASN K 104 22.60 1.22 -27.39
N ILE K 105 23.09 0.32 -26.56
CA ILE K 105 23.27 0.77 -25.20
C ILE K 105 24.47 1.66 -25.16
N THR K 106 24.29 2.86 -24.63
CA THR K 106 25.35 3.84 -24.52
C THR K 106 25.00 4.89 -23.52
N TYR K 107 26.00 5.61 -23.06
CA TYR K 107 25.77 6.76 -22.19
C TYR K 107 26.18 8.04 -22.91
N THR K 108 26.55 7.93 -24.18
CA THR K 108 27.08 9.06 -24.93
C THR K 108 26.07 9.93 -25.63
N ASP K 109 24.80 9.57 -25.58
CA ASP K 109 23.79 10.37 -26.25
C ASP K 109 23.53 11.70 -25.52
N THR K 110 23.69 11.71 -24.20
CA THR K 110 23.49 12.92 -23.41
C THR K 110 24.78 13.39 -22.77
N VAL K 111 25.04 14.65 -23.00
CA VAL K 111 26.28 15.26 -22.62
C VAL K 111 26.49 15.47 -21.13
N GLN K 112 25.46 15.75 -20.34
CA GLN K 112 25.82 16.04 -18.97
C GLN K 112 26.34 14.81 -18.24
N LEU K 113 25.72 13.65 -18.48
CA LEU K 113 26.18 12.46 -17.82
C LEU K 113 27.53 12.08 -18.32
N ARG K 114 27.72 12.23 -19.63
CA ARG K 114 28.98 11.85 -20.16
C ARG K 114 30.10 12.66 -19.51
N ARG K 115 29.96 13.97 -19.36
CA ARG K 115 31.09 14.68 -18.75
C ARG K 115 31.42 14.20 -17.37
N LYS K 116 30.42 13.89 -16.57
CA LYS K 116 30.75 13.45 -15.24
C LYS K 116 31.54 12.13 -15.29
N LEU K 117 31.13 11.22 -16.15
CA LEU K 117 31.82 9.94 -16.25
C LEU K 117 33.22 10.08 -16.83
N GLU K 118 33.40 11.05 -17.71
CA GLU K 118 34.65 11.34 -18.42
C GLU K 118 35.73 11.83 -17.48
N PHE K 119 35.39 12.13 -16.22
CA PHE K 119 36.40 12.52 -15.25
C PHE K 119 37.30 11.36 -14.92
N PHE K 120 36.84 10.13 -15.10
CA PHE K 120 37.69 9.02 -14.71
C PHE K 120 38.08 8.19 -15.89
N THR K 121 39.23 7.55 -15.82
CA THR K 121 39.61 6.74 -16.94
C THR K 121 38.92 5.40 -16.86
N TYR K 122 38.78 4.86 -15.64
CA TYR K 122 38.16 3.55 -15.47
C TYR K 122 37.13 3.59 -14.37
N SER K 123 36.12 2.74 -14.46
CA SER K 123 35.14 2.68 -13.39
C SER K 123 34.45 1.32 -13.23
N ARG K 124 33.93 1.07 -12.04
CA ARG K 124 33.14 -0.12 -11.79
C ARG K 124 31.92 0.27 -11.05
N PHE K 125 30.78 -0.11 -11.57
CA PHE K 125 29.54 0.23 -10.93
C PHE K 125 28.43 -0.66 -11.35
N ASP K 126 27.38 -0.68 -10.55
CA ASP K 126 26.18 -1.37 -10.93
C ASP K 126 25.33 -0.26 -11.50
N LEU K 127 24.42 -0.57 -12.38
CA LEU K 127 23.61 0.45 -12.99
C LEU K 127 22.12 0.34 -12.80
N GLU K 128 21.49 1.40 -12.36
CA GLU K 128 20.05 1.38 -12.28
C GLU K 128 19.42 2.01 -13.49
N MET K 129 18.49 1.30 -14.11
CA MET K 129 17.80 1.86 -15.24
C MET K 129 16.33 2.06 -14.95
N THR K 130 15.86 3.25 -15.31
CA THR K 130 14.47 3.64 -15.13
C THR K 130 13.96 4.18 -16.44
N PHE K 131 12.71 3.89 -16.76
CA PHE K 131 12.21 4.44 -18.01
C PHE K 131 11.03 5.32 -17.73
N VAL K 132 10.87 6.36 -18.51
CA VAL K 132 9.71 7.23 -18.38
C VAL K 132 8.98 7.32 -19.70
N PHE K 133 7.70 7.01 -19.68
CA PHE K 133 6.95 7.05 -20.90
C PHE K 133 6.03 8.23 -20.96
N THR K 134 5.88 8.78 -22.15
CA THR K 134 4.92 9.82 -22.41
C THR K 134 4.39 9.66 -23.81
N GLU K 135 3.16 10.05 -24.03
CA GLU K 135 2.61 9.88 -25.36
C GLU K 135 1.65 10.99 -25.77
N ASN K 136 1.48 11.12 -27.08
CA ASN K 136 0.58 12.11 -27.67
C ASN K 136 0.06 11.66 -28.99
N TYR K 137 -0.93 12.34 -29.50
CA TYR K 137 -1.36 12.03 -30.83
C TYR K 137 -0.52 12.95 -31.72
N PRO K 138 0.19 12.48 -32.76
CA PRO K 138 0.98 13.29 -33.67
C PRO K 138 0.12 13.87 -34.78
N SER K 139 -1.11 13.39 -34.80
CA SER K 139 -2.10 13.67 -35.80
C SER K 139 -2.84 14.95 -35.52
N THR K 140 -3.65 15.36 -36.48
CA THR K 140 -4.46 16.56 -36.37
C THR K 140 -5.84 16.22 -35.83
N ALA K 141 -6.08 14.93 -35.62
CA ALA K 141 -7.34 14.42 -35.12
C ALA K 141 -7.11 13.19 -34.27
N SER K 142 -7.84 13.08 -33.19
CA SER K 142 -7.73 11.98 -32.26
C SER K 142 -9.08 11.40 -31.96
N GLY K 143 -9.08 10.32 -31.20
CA GLY K 143 -10.29 9.66 -30.78
C GLY K 143 -9.90 8.57 -29.83
N GLU K 144 -10.87 7.87 -29.31
CA GLU K 144 -10.61 6.86 -28.31
C GLU K 144 -9.67 5.75 -28.76
N VAL K 145 -8.69 5.47 -27.90
CA VAL K 145 -7.71 4.42 -28.08
C VAL K 145 -7.50 3.70 -26.76
N ARG K 146 -7.32 2.39 -26.83
CA ARG K 146 -7.07 1.57 -25.66
C ARG K 146 -5.73 1.87 -25.02
N ASN K 147 -5.63 1.63 -23.71
CA ASN K 147 -4.37 1.87 -23.02
C ASN K 147 -3.28 0.99 -23.59
N GLN K 148 -2.13 1.59 -23.80
CA GLN K 148 -1.00 0.94 -24.40
C GLN K 148 -0.08 0.28 -23.38
N VAL K 149 0.51 -0.81 -23.83
CA VAL K 149 1.52 -1.59 -23.14
C VAL K 149 2.78 -1.58 -23.94
N TYR K 150 3.88 -1.37 -23.27
CA TYR K 150 5.15 -1.36 -23.95
C TYR K 150 6.07 -2.44 -23.45
N GLN K 151 6.87 -2.98 -24.35
CA GLN K 151 7.85 -4.00 -24.00
C GLN K 151 9.25 -3.57 -24.25
N ILE K 152 10.05 -3.61 -23.21
CA ILE K 152 11.45 -3.28 -23.32
C ILE K 152 12.28 -4.54 -23.18
N MET K 153 12.97 -4.92 -24.25
CA MET K 153 13.76 -6.13 -24.24
C MET K 153 15.23 -5.88 -24.44
N TYR K 154 16.04 -6.52 -23.64
CA TYR K 154 17.48 -6.37 -23.85
C TYR K 154 18.00 -7.49 -24.66
N ILE K 155 18.72 -7.15 -25.70
CA ILE K 155 19.28 -8.12 -26.56
C ILE K 155 20.79 -8.04 -26.47
N PRO K 156 21.43 -8.94 -25.73
CA PRO K 156 22.86 -8.97 -25.53
C PRO K 156 23.47 -9.12 -26.89
N PRO K 157 24.70 -8.70 -27.11
CA PRO K 157 25.32 -8.82 -28.38
C PRO K 157 25.41 -10.28 -28.67
N GLY K 158 25.13 -10.66 -29.91
CA GLY K 158 25.19 -12.04 -30.33
C GLY K 158 23.82 -12.69 -30.32
N ALA K 159 22.85 -12.07 -29.67
CA ALA K 159 21.49 -12.57 -29.62
C ALA K 159 20.83 -12.12 -30.93
N PRO K 160 19.78 -12.78 -31.43
CA PRO K 160 19.09 -12.37 -32.63
C PRO K 160 18.35 -11.08 -32.41
N ARG K 161 18.23 -10.29 -33.46
CA ARG K 161 17.45 -9.09 -33.38
C ARG K 161 16.11 -9.40 -34.01
N PRO K 162 15.01 -8.78 -33.59
CA PRO K 162 13.72 -8.86 -34.23
C PRO K 162 13.80 -8.16 -35.54
N SER K 163 13.06 -8.64 -36.55
CA SER K 163 12.99 -7.93 -37.82
C SER K 163 11.82 -6.98 -37.84
N SER K 164 10.93 -7.16 -36.88
CA SER K 164 9.70 -6.39 -36.81
C SER K 164 9.19 -6.29 -35.39
N TRP K 165 8.26 -5.37 -35.20
CA TRP K 165 7.65 -5.15 -33.90
C TRP K 165 6.94 -6.39 -33.37
N ASP K 166 6.45 -7.24 -34.25
CA ASP K 166 5.75 -8.43 -33.85
C ASP K 166 6.49 -9.72 -34.17
N ASP K 167 7.82 -9.70 -34.28
CA ASP K 167 8.50 -10.92 -34.64
C ASP K 167 8.66 -11.91 -33.47
N TYR K 168 9.25 -13.06 -33.76
CA TYR K 168 9.39 -14.15 -32.80
C TYR K 168 10.40 -13.92 -31.70
N THR K 169 11.34 -13.03 -31.89
CA THR K 169 12.35 -12.85 -30.88
C THR K 169 11.76 -12.15 -29.66
N TRP K 170 10.59 -11.55 -29.80
CA TRP K 170 9.97 -10.81 -28.72
C TRP K 170 9.38 -11.74 -27.69
N GLN K 171 9.42 -13.05 -27.96
CA GLN K 171 8.91 -14.03 -27.05
C GLN K 171 9.82 -14.07 -25.81
N SER K 172 11.03 -13.53 -25.93
CA SER K 172 11.95 -13.41 -24.79
C SER K 172 12.20 -14.67 -24.02
N SER K 173 12.53 -15.77 -24.68
CA SER K 173 12.75 -16.98 -23.90
C SER K 173 13.92 -16.83 -22.93
N SER K 174 15.01 -16.26 -23.41
CA SER K 174 16.17 -15.99 -22.57
C SER K 174 16.42 -14.52 -22.33
N ASN K 175 16.20 -13.67 -23.33
CA ASN K 175 16.49 -12.27 -23.14
C ASN K 175 15.58 -11.71 -22.05
N PRO K 176 16.07 -10.96 -21.06
CA PRO K 176 15.24 -10.37 -20.06
C PRO K 176 14.44 -9.26 -20.70
N SER K 177 13.20 -9.10 -20.28
CA SER K 177 12.37 -8.03 -20.81
C SER K 177 11.33 -7.58 -19.82
N ILE K 178 10.90 -6.35 -19.96
CA ILE K 178 9.92 -5.80 -19.08
C ILE K 178 8.68 -5.24 -19.75
N PHE K 179 7.55 -5.54 -19.17
CA PHE K 179 6.26 -5.10 -19.64
C PHE K 179 5.66 -4.04 -18.76
N TYR K 180 5.41 -2.90 -19.37
CA TYR K 180 4.87 -1.75 -18.66
C TYR K 180 3.54 -1.25 -19.20
N MET K 181 2.59 -1.12 -18.30
CA MET K 181 1.28 -0.59 -18.64
C MET K 181 1.32 0.90 -18.45
N TYR K 182 0.98 1.66 -19.47
CA TYR K 182 1.10 3.08 -19.33
C TYR K 182 0.21 3.59 -18.21
N GLY K 183 0.80 4.38 -17.34
CA GLY K 183 0.09 4.95 -16.21
C GLY K 183 0.54 4.38 -14.87
N ASN K 184 1.20 3.23 -14.90
CA ASN K 184 1.68 2.72 -13.63
C ASN K 184 3.01 3.37 -13.32
N ALA K 185 3.58 3.05 -12.18
CA ALA K 185 4.83 3.69 -11.85
C ALA K 185 5.85 3.39 -12.93
N PRO K 186 6.71 4.32 -13.30
CA PRO K 186 7.73 4.13 -14.29
C PRO K 186 8.47 2.86 -13.94
N PRO K 187 8.75 1.95 -14.90
CA PRO K 187 9.39 0.69 -14.71
C PRO K 187 10.85 0.87 -14.36
N ARG K 188 11.38 -0.08 -13.60
CA ARG K 188 12.79 -0.03 -13.18
C ARG K 188 13.47 -1.38 -12.94
N MET K 189 14.78 -1.43 -13.17
CA MET K 189 15.57 -2.62 -12.86
C MET K 189 17.04 -2.34 -12.58
N SER K 190 17.68 -3.23 -11.81
CA SER K 190 19.11 -3.14 -11.55
C SER K 190 19.99 -4.03 -12.41
N ILE K 191 21.02 -3.45 -12.98
CA ILE K 191 21.95 -4.19 -13.80
C ILE K 191 23.29 -4.28 -13.06
N PRO K 192 23.82 -5.45 -12.73
CA PRO K 192 25.06 -5.61 -12.02
C PRO K 192 26.17 -5.22 -12.95
N TYR K 193 27.35 -4.87 -12.45
CA TYR K 193 28.47 -4.59 -13.37
C TYR K 193 28.65 -5.70 -14.40
N VAL K 194 28.71 -5.36 -15.70
CA VAL K 194 28.85 -6.36 -16.76
C VAL K 194 30.07 -6.32 -17.66
N GLY K 195 31.13 -5.63 -17.30
CA GLY K 195 32.27 -5.58 -18.21
C GLY K 195 33.02 -6.91 -18.29
N ILE K 196 33.76 -7.11 -19.38
CA ILE K 196 34.53 -8.34 -19.59
C ILE K 196 35.94 -8.15 -19.07
N ALA K 197 36.18 -6.91 -18.72
CA ALA K 197 37.37 -6.38 -18.13
C ALA K 197 37.06 -6.22 -16.68
N ASN K 198 38.04 -5.87 -15.87
CA ASN K 198 37.76 -5.80 -14.45
C ASN K 198 37.18 -4.43 -14.12
N ALA K 199 37.14 -3.57 -15.13
CA ALA K 199 36.57 -2.23 -15.03
C ALA K 199 36.11 -1.78 -16.40
N TYR K 200 35.14 -0.88 -16.43
CA TYR K 200 34.72 -0.35 -17.69
C TYR K 200 35.76 0.67 -18.05
N SER K 201 36.08 0.78 -19.31
CA SER K 201 37.00 1.82 -19.69
C SER K 201 36.19 2.95 -20.29
N HIS K 202 36.59 4.18 -20.01
CA HIS K 202 35.93 5.31 -20.63
C HIS K 202 36.76 5.79 -21.79
N PHE K 203 37.96 5.26 -21.87
CA PHE K 203 38.87 5.61 -22.93
C PHE K 203 39.56 4.36 -23.43
N TYR K 204 39.76 4.25 -24.72
CA TYR K 204 40.56 3.16 -25.24
C TYR K 204 41.53 3.62 -26.27
N ASP K 205 42.76 3.82 -25.86
CA ASP K 205 43.75 4.35 -26.78
C ASP K 205 44.36 3.23 -27.58
N GLY K 206 43.59 2.75 -28.52
CA GLY K 206 44.01 1.63 -29.30
C GLY K 206 43.02 1.23 -30.36
N PHE K 207 43.35 0.15 -31.01
CA PHE K 207 42.56 -0.38 -32.09
C PHE K 207 41.98 -1.72 -31.68
N ALA K 208 40.80 -2.05 -32.21
CA ALA K 208 40.18 -3.34 -31.94
C ALA K 208 41.03 -4.51 -32.48
N ARG K 209 41.71 -4.33 -33.59
CA ARG K 209 42.52 -5.38 -34.17
C ARG K 209 43.81 -4.77 -34.68
N VAL K 210 44.85 -5.58 -34.85
CA VAL K 210 46.09 -5.05 -35.40
C VAL K 210 46.14 -5.31 -36.89
N PRO K 211 46.13 -4.31 -37.77
CA PRO K 211 46.26 -4.51 -39.19
C PRO K 211 47.69 -4.95 -39.39
N LEU K 212 47.91 -5.92 -40.26
CA LEU K 212 49.23 -6.49 -40.50
C LEU K 212 49.91 -6.08 -41.77
N GLU K 213 51.15 -6.51 -41.91
CA GLU K 213 51.94 -6.19 -43.09
C GLU K 213 51.17 -6.35 -44.39
N GLY K 214 50.40 -7.43 -44.56
CA GLY K 214 49.66 -7.66 -45.81
C GLY K 214 48.32 -6.90 -45.89
N GLU K 215 48.36 -5.61 -45.57
CA GLU K 215 47.21 -4.70 -45.56
C GLU K 215 47.64 -3.35 -46.09
N ASN K 216 46.69 -2.52 -46.51
CA ASN K 216 47.09 -1.22 -47.03
C ASN K 216 47.42 -0.27 -45.90
N THR K 217 47.85 0.93 -46.23
CA THR K 217 48.34 1.81 -45.18
C THR K 217 47.29 2.69 -44.53
N ASP K 218 46.05 2.50 -44.96
CA ASP K 218 44.94 3.20 -44.40
C ASP K 218 44.23 2.24 -43.45
N ALA K 219 44.81 1.05 -43.32
CA ALA K 219 44.22 0.01 -42.52
C ALA K 219 44.09 0.44 -41.09
N GLY K 220 42.96 0.04 -40.50
CA GLY K 220 42.65 0.31 -39.10
C GLY K 220 41.94 1.65 -38.91
N ASP K 221 41.67 2.38 -39.98
CA ASP K 221 41.06 3.70 -39.86
C ASP K 221 39.74 3.75 -39.10
N THR K 222 38.94 2.70 -39.20
CA THR K 222 37.65 2.68 -38.52
C THR K 222 37.65 1.82 -37.26
N PHE K 223 38.80 1.33 -36.85
CA PHE K 223 38.89 0.45 -35.69
C PHE K 223 39.42 1.11 -34.45
N TYR K 224 39.69 2.40 -34.54
CA TYR K 224 40.26 3.16 -33.43
C TYR K 224 39.25 3.64 -32.43
N GLY K 225 39.58 3.45 -31.17
CA GLY K 225 38.80 4.01 -30.09
C GLY K 225 37.80 3.10 -29.42
N LEU K 226 37.23 3.64 -28.34
CA LEU K 226 36.28 2.99 -27.44
C LEU K 226 35.04 2.60 -28.21
N VAL K 227 34.80 3.36 -29.23
CA VAL K 227 33.67 3.25 -30.07
C VAL K 227 33.68 1.94 -30.84
N SER K 228 34.84 1.53 -31.34
CA SER K 228 34.88 0.29 -32.12
C SER K 228 35.07 -0.93 -31.23
N ILE K 229 35.67 -0.72 -30.06
CA ILE K 229 35.85 -1.82 -29.12
C ILE K 229 34.63 -2.21 -28.28
N ASN K 230 33.84 -1.26 -27.78
CA ASN K 230 32.72 -1.68 -26.96
C ASN K 230 31.46 -2.05 -27.71
N ASP K 231 30.84 -3.10 -27.21
CA ASP K 231 29.56 -3.60 -27.66
C ASP K 231 28.82 -4.23 -26.50
N PHE K 232 27.81 -3.53 -26.02
CA PHE K 232 27.04 -3.96 -24.87
C PHE K 232 25.64 -4.38 -25.26
N GLY K 233 25.43 -4.64 -26.53
CA GLY K 233 24.13 -5.06 -27.01
C GLY K 233 23.21 -3.89 -27.21
N VAL K 234 21.95 -4.20 -27.47
CA VAL K 234 20.98 -3.17 -27.77
C VAL K 234 19.73 -3.31 -26.96
N LEU K 235 18.97 -2.24 -26.90
CA LEU K 235 17.70 -2.31 -26.22
C LEU K 235 16.61 -2.17 -27.28
N ALA K 236 15.71 -3.13 -27.32
CA ALA K 236 14.65 -3.12 -28.31
C ALA K 236 13.33 -2.81 -27.66
N VAL K 237 12.68 -1.76 -28.11
CA VAL K 237 11.46 -1.39 -27.47
C VAL K 237 10.31 -1.41 -28.46
N ARG K 238 9.20 -2.00 -28.07
CA ARG K 238 8.05 -2.02 -28.96
C ARG K 238 6.71 -1.74 -28.33
N ALA K 239 5.77 -1.34 -29.18
CA ALA K 239 4.38 -1.30 -28.75
C ALA K 239 3.94 -2.76 -28.63
N VAL K 240 3.07 -3.09 -27.69
CA VAL K 240 2.64 -4.47 -27.63
C VAL K 240 1.19 -4.63 -28.09
N ASN K 241 0.55 -3.50 -28.35
CA ASN K 241 -0.82 -3.48 -28.80
C ASN K 241 -0.88 -3.56 -30.32
N ARG K 242 -2.00 -4.02 -30.83
CA ARG K 242 -2.20 -4.00 -32.26
C ARG K 242 -2.62 -2.61 -32.67
N SER K 243 -2.50 -2.30 -33.94
CA SER K 243 -2.78 -0.96 -34.42
C SER K 243 -4.19 -0.44 -34.26
N ASN K 244 -4.25 0.85 -33.96
CA ASN K 244 -5.48 1.62 -33.80
C ASN K 244 -5.71 2.63 -34.94
N PRO K 245 -6.97 3.05 -35.20
CA PRO K 245 -7.34 4.07 -36.17
C PRO K 245 -6.82 5.46 -35.83
N HIS K 246 -6.43 5.68 -34.58
CA HIS K 246 -5.90 6.97 -34.17
C HIS K 246 -4.49 6.79 -33.69
N THR K 247 -3.57 7.35 -34.47
CA THR K 247 -2.14 7.18 -34.25
C THR K 247 -1.63 7.70 -32.92
N ILE K 248 -0.82 6.90 -32.24
CA ILE K 248 -0.20 7.37 -31.01
C ILE K 248 1.31 7.38 -31.08
N HIS K 249 1.87 8.51 -30.76
CA HIS K 249 3.31 8.71 -30.74
C HIS K 249 3.80 8.59 -29.33
N THR K 250 4.76 7.72 -29.12
CA THR K 250 5.26 7.50 -27.80
C THR K 250 6.73 7.81 -27.71
N SER K 251 7.05 8.63 -26.72
CA SER K 251 8.40 9.04 -26.45
C SER K 251 8.87 8.37 -25.18
N VAL K 252 9.98 7.66 -25.26
CA VAL K 252 10.44 6.95 -24.09
C VAL K 252 11.76 7.48 -23.64
N ARG K 253 11.81 7.97 -22.43
CA ARG K 253 13.05 8.50 -21.93
C ARG K 253 13.73 7.40 -21.12
N VAL K 254 15.00 7.21 -21.36
CA VAL K 254 15.78 6.21 -20.66
C VAL K 254 16.72 6.89 -19.72
N TYR K 255 16.67 6.50 -18.45
CA TYR K 255 17.51 7.09 -17.42
C TYR K 255 18.51 6.10 -16.84
N MET K 256 19.67 6.61 -16.46
CA MET K 256 20.70 5.79 -15.83
C MET K 256 21.31 6.39 -14.58
N LYS K 257 21.45 5.55 -13.57
CA LYS K 257 22.10 5.93 -12.32
C LYS K 257 23.16 4.96 -11.85
N PRO K 258 24.44 5.22 -12.02
CA PRO K 258 25.49 4.37 -11.54
C PRO K 258 25.36 4.32 -10.03
N LYS K 259 25.58 3.19 -9.42
CA LYS K 259 25.54 3.07 -7.97
C LYS K 259 26.59 2.10 -7.54
N HIS K 260 26.99 2.11 -6.27
CA HIS K 260 28.01 1.18 -5.85
C HIS K 260 29.19 1.41 -6.78
N ILE K 261 29.62 2.67 -6.86
CA ILE K 261 30.65 3.05 -7.82
C ILE K 261 32.04 3.41 -7.30
N ARG K 262 33.05 2.85 -7.97
CA ARG K 262 34.46 3.12 -7.69
C ARG K 262 35.09 3.63 -8.99
N CYS K 263 36.02 4.56 -8.88
CA CYS K 263 36.67 5.10 -10.07
C CYS K 263 38.17 5.25 -9.93
N TRP K 264 38.87 5.22 -11.06
CA TRP K 264 40.32 5.37 -11.10
C TRP K 264 40.85 6.32 -12.14
N CYS K 265 42.00 6.90 -11.81
CA CYS K 265 42.79 7.68 -12.73
C CYS K 265 42.03 8.88 -13.28
N PRO K 266 41.97 9.98 -12.52
CA PRO K 266 41.21 11.17 -12.82
C PRO K 266 41.77 11.86 -14.03
N ARG K 267 40.91 12.55 -14.74
CA ARG K 267 41.21 13.26 -15.96
C ARG K 267 40.57 14.62 -15.88
N PRO K 268 40.99 15.61 -16.66
CA PRO K 268 40.32 16.87 -16.74
C PRO K 268 39.04 16.59 -17.49
N PRO K 269 37.96 17.31 -17.25
CA PRO K 269 36.71 17.24 -17.96
C PRO K 269 36.87 17.93 -19.28
N ARG K 270 36.04 17.59 -20.26
CA ARG K 270 36.09 18.25 -21.56
C ARG K 270 35.55 19.68 -21.45
N ALA K 271 36.28 20.62 -22.04
CA ALA K 271 35.93 22.04 -22.05
C ALA K 271 35.07 22.47 -23.22
N VAL K 272 34.97 21.62 -24.22
CA VAL K 272 34.30 21.93 -25.47
C VAL K 272 33.23 20.91 -25.85
N LEU K 273 32.42 21.27 -26.81
CA LEU K 273 31.35 20.40 -27.28
C LEU K 273 31.91 19.17 -27.96
N TYR K 274 31.23 18.04 -27.75
CA TYR K 274 31.58 16.74 -28.30
C TYR K 274 31.07 16.53 -29.70
N ARG K 275 31.85 15.85 -30.54
CA ARG K 275 31.36 15.44 -31.84
C ARG K 275 31.36 13.94 -31.96
N GLY K 276 30.21 13.34 -31.69
CA GLY K 276 30.12 11.90 -31.71
C GLY K 276 30.54 11.27 -30.40
N GLU K 277 30.72 9.97 -30.45
CA GLU K 277 31.00 9.10 -29.30
C GLU K 277 32.47 9.08 -28.85
N GLY K 278 33.35 9.65 -29.66
CA GLY K 278 34.78 9.69 -29.41
C GLY K 278 35.18 11.01 -28.78
N VAL K 279 36.40 11.46 -29.05
CA VAL K 279 36.89 12.70 -28.43
C VAL K 279 37.01 13.78 -29.49
N ASP K 280 36.46 13.49 -30.64
CA ASP K 280 36.54 14.38 -31.76
C ASP K 280 36.00 15.75 -31.49
N MET K 281 36.74 16.72 -31.99
CA MET K 281 36.44 18.13 -31.84
C MET K 281 35.70 18.69 -33.04
N ILE K 282 34.99 19.76 -32.76
CA ILE K 282 34.23 20.50 -33.73
C ILE K 282 35.04 21.70 -34.12
N SER K 283 35.31 21.89 -35.39
CA SER K 283 36.19 23.00 -35.80
C SER K 283 35.61 24.36 -35.49
N SER K 284 34.30 24.45 -35.39
CA SER K 284 33.59 25.67 -35.08
C SER K 284 33.43 25.92 -33.59
N ALA K 285 33.91 25.01 -32.74
CA ALA K 285 33.71 25.16 -31.32
C ALA K 285 34.92 24.76 -30.48
N ILE K 286 36.06 25.38 -30.72
CA ILE K 286 37.28 25.08 -29.97
C ILE K 286 37.74 26.27 -29.19
N LEU K 287 36.81 27.13 -28.83
CA LEU K 287 37.14 28.34 -28.12
C LEU K 287 36.36 28.46 -26.81
N PRO K 288 36.64 27.61 -25.80
CA PRO K 288 35.90 27.50 -24.56
C PRO K 288 35.93 28.67 -23.58
N LEU K 289 36.92 29.55 -23.65
CA LEU K 289 36.98 30.61 -22.67
C LEU K 289 36.54 31.96 -23.14
N ALA K 290 36.00 32.70 -22.18
CA ALA K 290 35.61 34.09 -22.31
C ALA K 290 36.82 34.99 -22.28
N LYS K 291 36.72 36.11 -22.97
CA LYS K 291 37.75 37.14 -22.99
C LYS K 291 37.62 38.12 -21.82
N VAL K 292 38.78 38.60 -21.36
CA VAL K 292 38.86 39.60 -20.30
C VAL K 292 39.55 40.82 -20.87
N ASP K 293 39.04 42.00 -20.57
CA ASP K 293 39.59 43.21 -21.17
C ASP K 293 41.09 43.40 -20.93
N SER K 294 41.58 43.05 -19.75
CA SER K 294 43.00 43.16 -19.47
C SER K 294 43.37 42.22 -18.35
N ILE K 295 44.65 41.94 -18.19
CA ILE K 295 45.11 41.07 -17.12
C ILE K 295 44.90 41.69 -15.73
N THR K 296 44.79 43.03 -15.70
CA THR K 296 44.61 43.80 -14.49
C THR K 296 43.15 44.17 -14.24
N THR K 297 42.23 43.60 -15.02
CA THR K 297 40.83 43.84 -14.75
C THR K 297 40.37 42.74 -13.80
N PHE K 298 39.74 43.12 -12.66
CA PHE K 298 39.25 42.19 -11.63
C PHE K 298 38.03 41.45 -12.19
N TYR L 9 74.37 14.51 0.22
CA TYR L 9 73.25 13.72 -0.29
C TYR L 9 72.03 14.61 -0.61
N SER L 10 72.25 15.55 -1.55
CA SER L 10 71.26 16.48 -2.10
C SER L 10 70.16 15.77 -2.87
N ASP L 11 68.95 16.27 -2.74
CA ASP L 11 67.79 15.71 -3.42
C ASP L 11 67.83 15.94 -4.90
N ARG L 12 68.67 16.89 -5.31
CA ARG L 12 68.77 17.20 -6.71
C ARG L 12 69.57 16.16 -7.46
N VAL L 13 70.36 15.33 -6.78
CA VAL L 13 71.20 14.39 -7.50
C VAL L 13 70.56 13.02 -7.50
N ARG L 14 70.38 12.43 -8.66
CA ARG L 14 69.73 11.12 -8.70
C ARG L 14 70.35 10.15 -9.69
N GLN L 15 70.54 8.91 -9.25
CA GLN L 15 71.02 7.85 -10.14
C GLN L 15 70.09 6.66 -10.22
N ILE L 16 69.66 6.33 -11.42
CA ILE L 16 68.81 5.17 -11.60
C ILE L 16 69.43 4.13 -12.49
N THR L 17 69.55 2.93 -11.96
CA THR L 17 70.13 1.83 -12.72
C THR L 17 69.11 0.74 -12.94
N LEU L 18 68.94 0.33 -14.19
CA LEU L 18 68.03 -0.74 -14.55
C LEU L 18 68.71 -1.63 -15.58
N GLY L 19 68.59 -2.95 -15.42
CA GLY L 19 69.20 -3.81 -16.43
C GLY L 19 70.69 -3.52 -16.47
N ASN L 20 71.21 -3.21 -17.66
CA ASN L 20 72.62 -2.92 -17.81
C ASN L 20 72.90 -1.48 -18.22
N SER L 21 72.01 -0.56 -17.88
CA SER L 21 72.28 0.84 -18.20
C SER L 21 71.86 1.78 -17.07
N THR L 22 72.54 2.92 -16.99
CA THR L 22 72.29 3.88 -15.93
C THR L 22 72.11 5.31 -16.37
N ILE L 23 71.18 5.99 -15.74
CA ILE L 23 71.00 7.41 -15.94
C ILE L 23 71.41 8.19 -14.73
N THR L 24 72.33 9.11 -14.94
CA THR L 24 72.75 9.94 -13.84
C THR L 24 72.45 11.37 -14.16
N THR L 25 71.79 12.03 -13.22
CA THR L 25 71.48 13.43 -13.37
C THR L 25 71.98 14.25 -12.20
N GLN L 26 72.78 15.26 -12.52
CA GLN L 26 73.34 16.13 -11.49
C GLN L 26 72.29 17.00 -10.84
N GLU L 27 71.30 17.44 -11.62
CA GLU L 27 70.25 18.28 -11.10
C GLU L 27 68.89 17.84 -11.60
N ALA L 28 68.05 17.41 -10.70
CA ALA L 28 66.73 16.93 -11.03
C ALA L 28 65.72 17.24 -9.96
N ALA L 29 64.47 17.27 -10.37
CA ALA L 29 63.38 17.43 -9.42
C ALA L 29 63.13 16.08 -8.77
N ASN L 30 62.57 16.05 -7.57
CA ASN L 30 62.30 14.76 -6.94
C ASN L 30 61.41 13.91 -7.81
N ALA L 31 61.84 12.67 -8.02
CA ALA L 31 61.13 11.72 -8.86
C ALA L 31 59.75 11.44 -8.33
N ILE L 32 58.85 11.26 -9.29
CA ILE L 32 57.45 10.99 -9.07
C ILE L 32 57.01 9.59 -9.39
N VAL L 33 56.26 9.00 -8.49
CA VAL L 33 55.73 7.68 -8.73
C VAL L 33 54.24 7.84 -8.88
N ALA L 34 53.74 7.59 -10.07
CA ALA L 34 52.35 7.89 -10.33
C ALA L 34 51.45 7.17 -9.40
N TYR L 35 50.53 7.95 -8.85
CA TYR L 35 49.49 7.50 -7.95
C TYR L 35 50.03 6.86 -6.68
N GLY L 36 51.32 6.99 -6.44
CA GLY L 36 51.94 6.43 -5.26
C GLY L 36 52.19 4.93 -5.39
N GLU L 37 52.10 4.37 -6.60
CA GLU L 37 52.29 2.93 -6.71
C GLU L 37 53.45 2.53 -7.61
N TRP L 38 54.38 1.81 -7.02
CA TRP L 38 55.57 1.35 -7.68
C TRP L 38 55.16 0.20 -8.62
N PRO L 39 55.73 0.03 -9.81
CA PRO L 39 55.46 -1.08 -10.71
C PRO L 39 55.70 -2.43 -10.09
N THR L 40 54.78 -3.35 -10.35
CA THR L 40 54.85 -4.71 -9.85
C THR L 40 54.52 -5.74 -10.92
N TYR L 41 54.74 -7.00 -10.56
CA TYR L 41 54.39 -8.18 -11.36
C TYR L 41 53.00 -8.65 -10.97
N ILE L 42 52.31 -9.35 -11.86
CA ILE L 42 50.97 -9.83 -11.56
C ILE L 42 51.00 -10.93 -10.51
N ASN L 43 50.18 -10.72 -9.48
CA ASN L 43 50.00 -11.66 -8.38
C ASN L 43 49.17 -12.82 -8.86
N ASP L 44 49.38 -13.99 -8.31
CA ASP L 44 48.61 -15.14 -8.74
C ASP L 44 47.10 -14.90 -8.57
N SER L 45 46.73 -14.15 -7.53
CA SER L 45 45.34 -13.90 -7.22
C SER L 45 44.58 -13.12 -8.29
N GLU L 46 45.31 -12.43 -9.17
CA GLU L 46 44.69 -11.65 -10.21
C GLU L 46 45.07 -12.10 -11.61
N ALA L 47 45.69 -13.25 -11.76
CA ALA L 47 46.12 -13.58 -13.11
C ALA L 47 44.99 -13.90 -14.07
N ASN L 48 45.06 -13.32 -15.28
CA ASN L 48 44.11 -13.68 -16.33
C ASN L 48 44.60 -14.87 -17.15
N PRO L 49 45.75 -14.82 -17.86
CA PRO L 49 46.21 -15.89 -18.69
C PRO L 49 46.65 -17.04 -17.84
N VAL L 50 46.44 -18.22 -18.36
CA VAL L 50 46.85 -19.44 -17.70
C VAL L 50 48.30 -19.89 -17.91
N ASP L 51 48.88 -19.60 -19.06
CA ASP L 51 50.19 -20.13 -19.38
C ASP L 51 51.29 -19.50 -18.56
N ALA L 52 52.40 -20.22 -18.44
CA ALA L 52 53.50 -19.68 -17.68
C ALA L 52 54.06 -18.45 -18.40
N PRO L 53 54.23 -17.30 -17.72
CA PRO L 53 54.74 -16.04 -18.23
C PRO L 53 56.22 -16.05 -18.41
N THR L 54 56.68 -15.15 -19.24
CA THR L 54 58.11 -14.89 -19.36
C THR L 54 58.44 -13.55 -18.73
N GLU L 55 59.54 -13.52 -17.99
CA GLU L 55 59.98 -12.31 -17.31
C GLU L 55 61.44 -11.98 -17.63
N PRO L 56 61.74 -11.48 -18.83
CA PRO L 56 63.08 -11.21 -19.33
C PRO L 56 63.61 -9.92 -18.74
N ASP L 57 63.85 -9.91 -17.43
CA ASP L 57 64.19 -8.69 -16.71
C ASP L 57 65.37 -7.88 -17.23
N VAL L 58 66.55 -8.46 -17.35
CA VAL L 58 67.65 -7.60 -17.76
C VAL L 58 67.54 -7.11 -19.18
N SER L 59 67.13 -7.98 -20.08
CA SER L 59 67.02 -7.63 -21.47
C SER L 59 65.96 -6.57 -21.73
N SER L 60 64.83 -6.67 -21.03
CA SER L 60 63.72 -5.76 -21.17
C SER L 60 63.87 -4.45 -20.42
N ASN L 61 64.22 -4.53 -19.14
CA ASN L 61 64.25 -3.35 -18.30
C ASN L 61 65.59 -2.67 -18.42
N ARG L 62 65.81 -2.10 -19.58
CA ARG L 62 67.03 -1.47 -20.01
C ARG L 62 66.69 -0.11 -20.56
N PHE L 63 67.33 0.95 -20.10
CA PHE L 63 66.97 2.23 -20.66
C PHE L 63 67.36 2.35 -22.10
N TYR L 64 66.39 2.87 -22.85
CA TYR L 64 66.44 2.97 -24.32
C TYR L 64 66.27 4.45 -24.68
N THR L 65 67.28 5.06 -25.30
CA THR L 65 67.16 6.47 -25.64
C THR L 65 66.43 6.64 -26.94
N LEU L 66 65.45 7.52 -26.94
CA LEU L 66 64.68 7.80 -28.13
C LEU L 66 65.32 8.97 -28.86
N GLU L 67 65.13 9.02 -30.16
CA GLU L 67 65.62 10.15 -30.92
C GLU L 67 65.09 11.42 -30.30
N SER L 68 65.98 12.38 -30.10
CA SER L 68 65.66 13.64 -29.48
C SER L 68 64.89 14.57 -30.41
N VAL L 69 64.31 15.59 -29.82
CA VAL L 69 63.60 16.58 -30.60
C VAL L 69 64.16 17.95 -30.28
N SER L 70 63.96 18.91 -31.16
CA SER L 70 64.46 20.23 -30.85
C SER L 70 63.39 21.12 -30.32
N TRP L 71 63.74 21.87 -29.30
CA TRP L 71 62.86 22.85 -28.73
C TRP L 71 63.26 24.20 -29.27
N LYS L 72 62.35 24.76 -30.03
CA LYS L 72 62.51 26.02 -30.69
C LYS L 72 61.48 26.95 -30.08
N THR L 73 61.62 28.23 -30.34
CA THR L 73 60.74 29.22 -29.76
C THR L 73 59.32 29.18 -30.31
N THR L 74 59.11 28.43 -31.38
CA THR L 74 57.83 28.29 -32.00
C THR L 74 57.21 26.91 -31.75
N SER L 75 57.90 26.07 -30.97
CA SER L 75 57.39 24.72 -30.72
C SER L 75 56.11 24.79 -29.95
N ARG L 76 55.19 23.88 -30.20
CA ARG L 76 53.97 23.85 -29.41
C ARG L 76 53.89 22.68 -28.47
N GLY L 77 54.63 21.62 -28.75
CA GLY L 77 54.60 20.45 -27.91
C GLY L 77 54.91 19.20 -28.70
N TRP L 78 55.15 18.13 -27.96
CA TRP L 78 55.49 16.85 -28.54
C TRP L 78 54.73 15.73 -27.88
N TRP L 79 54.50 14.64 -28.60
CA TRP L 79 53.88 13.52 -27.94
C TRP L 79 54.27 12.13 -28.42
N TRP L 80 54.16 11.18 -27.53
CA TRP L 80 54.46 9.79 -27.84
C TRP L 80 53.45 8.84 -27.30
N LYS L 81 53.28 7.73 -27.97
CA LYS L 81 52.53 6.65 -27.38
C LYS L 81 53.62 5.85 -26.70
N LEU L 82 53.46 5.52 -25.42
CA LEU L 82 54.59 4.92 -24.73
C LEU L 82 55.06 3.54 -25.19
N PRO L 83 54.29 2.44 -25.11
CA PRO L 83 54.77 1.16 -25.53
C PRO L 83 55.07 1.18 -27.01
N ASP L 84 54.45 2.09 -27.75
CA ASP L 84 54.72 2.19 -29.16
C ASP L 84 56.09 2.76 -29.42
N CYS L 85 56.52 3.77 -28.67
CA CYS L 85 57.81 4.36 -29.00
C CYS L 85 58.93 3.37 -28.76
N LEU L 86 58.70 2.42 -27.88
CA LEU L 86 59.68 1.41 -27.58
C LEU L 86 59.64 0.19 -28.49
N LYS L 87 58.76 0.18 -29.48
CA LYS L 87 58.64 -1.00 -30.36
C LYS L 87 59.84 -1.13 -31.27
N ASP L 88 60.61 -0.07 -31.38
CA ASP L 88 61.78 -0.05 -32.21
C ASP L 88 63.03 -0.48 -31.44
N MET L 89 62.82 -0.78 -30.16
CA MET L 89 63.92 -1.31 -29.30
C MET L 89 64.10 -2.79 -29.61
N GLY L 90 65.31 -3.32 -29.57
CA GLY L 90 65.50 -4.74 -29.86
C GLY L 90 64.73 -5.67 -28.91
N MET L 91 65.16 -5.75 -27.68
CA MET L 91 64.47 -6.56 -26.70
C MET L 91 63.29 -5.75 -26.28
N PHE L 92 62.22 -6.37 -25.76
CA PHE L 92 61.00 -5.66 -25.40
C PHE L 92 60.20 -5.46 -26.68
N GLY L 93 60.78 -4.78 -27.65
CA GLY L 93 60.15 -4.63 -28.95
C GLY L 93 59.81 -6.01 -29.51
N GLN L 94 60.80 -6.89 -29.61
CA GLN L 94 60.48 -8.20 -30.15
C GLN L 94 59.51 -8.95 -29.27
N ASN L 95 59.57 -8.75 -27.97
CA ASN L 95 58.67 -9.47 -27.10
C ASN L 95 57.24 -9.02 -27.34
N MET L 96 57.03 -7.77 -27.71
CA MET L 96 55.67 -7.35 -28.00
C MET L 96 55.15 -8.06 -29.24
N TYR L 97 56.04 -8.40 -30.15
CA TYR L 97 55.58 -9.07 -31.35
C TYR L 97 55.51 -10.59 -31.18
N TYR L 98 56.34 -11.15 -30.31
CA TYR L 98 56.28 -12.58 -30.09
C TYR L 98 55.20 -13.00 -29.12
N HIS L 99 54.80 -12.13 -28.20
CA HIS L 99 53.80 -12.54 -27.24
C HIS L 99 52.54 -11.73 -27.42
N TYR L 100 51.41 -12.40 -27.33
CA TYR L 100 50.13 -11.71 -27.48
C TYR L 100 49.85 -10.72 -26.40
N LEU L 101 50.10 -11.12 -25.17
CA LEU L 101 49.81 -10.29 -24.03
C LEU L 101 51.08 -9.79 -23.37
N GLY L 102 50.99 -8.64 -22.74
CA GLY L 102 52.09 -8.17 -21.94
C GLY L 102 51.73 -7.01 -21.03
N ARG L 103 52.57 -6.82 -20.05
CA ARG L 103 52.45 -5.82 -19.03
C ARG L 103 53.78 -5.14 -18.84
N SER L 104 53.78 -3.83 -18.76
CA SER L 104 55.02 -3.13 -18.48
C SER L 104 54.82 -1.82 -17.76
N GLY L 105 55.61 -1.59 -16.71
CA GLY L 105 55.60 -0.29 -16.05
C GLY L 105 56.75 0.43 -16.70
N TYR L 106 56.98 1.69 -16.37
CA TYR L 106 58.08 2.39 -17.01
C TYR L 106 58.78 3.40 -16.14
N THR L 107 60.06 3.64 -16.44
CA THR L 107 60.77 4.78 -15.89
C THR L 107 61.03 5.72 -17.03
N ILE L 108 60.48 6.91 -16.93
CA ILE L 108 60.59 7.87 -17.98
C ILE L 108 61.41 9.05 -17.57
N HIS L 109 62.53 9.26 -18.26
CA HIS L 109 63.43 10.33 -17.92
C HIS L 109 63.56 11.33 -19.06
N VAL L 110 63.26 12.57 -18.76
CA VAL L 110 63.33 13.61 -19.77
C VAL L 110 64.36 14.64 -19.40
N GLN L 111 65.31 14.86 -20.30
CA GLN L 111 66.38 15.79 -20.04
C GLN L 111 66.47 16.93 -21.04
N CYS L 112 66.68 18.14 -20.54
CA CYS L 112 66.86 19.28 -21.42
C CYS L 112 67.73 20.31 -20.73
N ASN L 113 68.99 20.40 -21.16
CA ASN L 113 69.94 21.27 -20.48
C ASN L 113 70.04 22.64 -21.13
N ALA L 114 70.29 23.66 -20.32
CA ALA L 114 70.51 24.99 -20.85
C ALA L 114 71.35 25.78 -19.86
N SER L 115 72.03 26.81 -20.32
CA SER L 115 72.76 27.64 -19.38
C SER L 115 71.77 28.51 -18.60
N LYS L 116 72.28 29.14 -17.55
CA LYS L 116 71.50 29.96 -16.63
C LYS L 116 70.79 31.14 -17.25
N PHE L 117 71.22 31.52 -18.43
CA PHE L 117 70.72 32.66 -19.17
C PHE L 117 69.53 32.30 -20.05
N HIS L 118 69.09 31.05 -20.01
CA HIS L 118 67.95 30.62 -20.77
C HIS L 118 66.74 30.57 -19.89
N GLN L 119 65.59 30.73 -20.52
CA GLN L 119 64.33 30.63 -19.80
C GLN L 119 63.38 29.75 -20.57
N GLY L 120 62.36 29.25 -19.87
CA GLY L 120 61.33 28.43 -20.49
C GLY L 120 61.09 27.19 -19.66
N ALA L 121 59.97 26.52 -19.89
CA ALA L 121 59.68 25.35 -19.09
C ALA L 121 58.83 24.35 -19.84
N LEU L 122 59.17 23.08 -19.65
CA LEU L 122 58.49 21.98 -20.26
C LEU L 122 57.70 21.14 -19.30
N GLY L 123 56.41 21.10 -19.46
CA GLY L 123 55.70 20.27 -18.54
C GLY L 123 55.72 18.89 -19.11
N VAL L 124 55.96 17.90 -18.29
CA VAL L 124 55.93 16.54 -18.77
C VAL L 124 54.79 15.85 -18.09
N PHE L 125 53.85 15.37 -18.86
CA PHE L 125 52.69 14.74 -18.28
C PHE L 125 52.55 13.34 -18.80
N LEU L 126 52.13 12.41 -17.95
CA LEU L 126 51.88 11.07 -18.43
C LEU L 126 50.41 10.83 -18.43
N ILE L 127 49.90 10.60 -19.60
CA ILE L 127 48.49 10.51 -19.78
C ILE L 127 48.08 9.07 -19.94
N PRO L 128 47.31 8.47 -19.05
CA PRO L 128 46.87 7.12 -19.19
C PRO L 128 45.87 7.20 -20.31
N GLU L 129 45.78 6.18 -21.15
CA GLU L 129 44.78 6.18 -22.22
C GLU L 129 44.76 7.49 -22.99
N PHE L 130 45.86 7.88 -23.60
CA PHE L 130 45.88 9.16 -24.29
C PHE L 130 45.18 9.12 -25.64
N VAL L 131 43.88 9.19 -25.57
CA VAL L 131 43.01 9.14 -26.72
C VAL L 131 42.98 10.51 -27.37
N MET L 132 43.15 10.54 -28.68
CA MET L 132 43.22 11.79 -29.43
C MET L 132 42.18 11.89 -30.54
N ALA L 133 41.79 13.12 -30.84
CA ALA L 133 40.85 13.48 -31.90
C ALA L 133 41.46 13.34 -33.27
N CYS L 134 40.63 13.02 -34.26
CA CYS L 134 41.10 12.89 -35.62
C CYS L 134 40.99 14.20 -36.38
N ASN L 135 41.74 14.30 -37.46
CA ASN L 135 41.77 15.45 -38.32
C ASN L 135 40.80 15.38 -39.50
N THR L 136 39.66 14.77 -39.30
CA THR L 136 38.61 14.68 -40.30
C THR L 136 37.36 15.32 -39.72
N GLU L 137 36.73 16.25 -40.44
CA GLU L 137 35.54 16.94 -39.94
C GLU L 137 34.22 16.19 -40.13
N SER L 138 34.21 15.18 -40.99
CA SER L 138 33.00 14.44 -41.30
C SER L 138 32.95 13.03 -40.73
N LYS L 139 34.03 12.59 -40.11
CA LYS L 139 34.13 11.24 -39.57
C LYS L 139 34.63 11.31 -38.16
N THR L 140 34.34 10.29 -37.37
CA THR L 140 34.85 10.25 -36.01
C THR L 140 35.82 9.10 -35.84
N SER L 141 36.81 9.30 -34.97
CA SER L 141 37.86 8.33 -34.65
C SER L 141 38.51 7.79 -35.93
N TYR L 142 38.62 8.64 -36.93
CA TYR L 142 39.10 8.18 -38.21
C TYR L 142 40.59 8.35 -38.36
N VAL L 143 41.34 7.38 -37.85
CA VAL L 143 42.80 7.50 -37.87
C VAL L 143 43.47 6.20 -38.30
N SER L 144 44.40 6.21 -39.25
CA SER L 144 45.00 4.92 -39.62
C SER L 144 45.90 4.42 -38.52
N TYR L 145 46.16 3.13 -38.52
CA TYR L 145 47.04 2.52 -37.54
C TYR L 145 48.41 3.15 -37.58
N ILE L 146 48.90 3.34 -38.78
CA ILE L 146 50.24 3.85 -38.96
C ILE L 146 50.38 5.25 -38.46
N ASN L 147 49.45 6.12 -38.78
CA ASN L 147 49.59 7.48 -38.31
C ASN L 147 49.37 7.59 -36.81
N ALA L 148 48.53 6.70 -36.28
CA ALA L 148 48.23 6.70 -34.87
C ALA L 148 49.38 6.18 -34.02
N ASN L 149 50.21 5.31 -34.59
CA ASN L 149 51.31 4.69 -33.89
C ASN L 149 52.64 4.87 -34.62
N PRO L 150 53.23 6.08 -34.57
CA PRO L 150 54.40 6.51 -35.31
C PRO L 150 55.72 5.85 -34.87
N GLY L 151 55.73 5.17 -33.72
CA GLY L 151 56.95 4.54 -33.21
C GLY L 151 57.84 5.53 -32.51
N GLU L 152 59.16 5.30 -32.62
CA GLU L 152 60.12 6.13 -31.91
C GLU L 152 59.97 7.58 -32.23
N ARG L 153 59.65 7.89 -33.47
CA ARG L 153 59.49 9.27 -33.83
C ARG L 153 58.17 9.72 -33.24
N GLY L 154 58.19 10.78 -32.46
CA GLY L 154 56.94 11.22 -31.85
C GLY L 154 56.20 12.18 -32.74
N GLY L 155 55.08 12.64 -32.24
CA GLY L 155 54.25 13.58 -32.93
C GLY L 155 54.46 14.95 -32.34
N GLU L 156 53.69 15.91 -32.82
CA GLU L 156 53.76 17.30 -32.39
C GLU L 156 52.38 17.87 -32.20
N PHE L 157 52.29 18.92 -31.40
CA PHE L 157 51.03 19.65 -31.21
C PHE L 157 51.01 20.87 -32.10
N THR L 158 49.82 21.35 -32.43
CA THR L 158 49.73 22.54 -33.24
C THR L 158 48.95 23.68 -32.62
N ASN L 159 48.97 24.80 -33.32
CA ASN L 159 48.27 25.99 -32.87
C ASN L 159 46.81 26.01 -33.31
N THR L 160 46.54 25.54 -34.53
CA THR L 160 45.17 25.54 -35.05
C THR L 160 44.77 24.20 -35.65
N TYR L 161 43.48 23.90 -35.55
CA TYR L 161 42.88 22.69 -36.08
C TYR L 161 42.38 22.94 -37.49
N ASN L 162 42.87 22.13 -38.42
CA ASN L 162 42.54 22.27 -39.83
C ASN L 162 42.18 20.93 -40.43
N PRO L 163 40.96 20.44 -40.20
CA PRO L 163 40.53 19.12 -40.58
C PRO L 163 40.42 19.01 -42.10
N SER L 164 40.63 17.79 -42.64
CA SER L 164 40.54 17.40 -44.05
C SER L 164 40.87 15.91 -44.17
N ALA L 168 41.23 11.36 -48.13
CA ALA L 168 41.40 11.80 -46.75
C ALA L 168 42.80 11.37 -46.21
N SER L 169 43.88 11.75 -46.96
CA SER L 169 45.28 11.46 -46.62
C SER L 169 45.76 12.19 -45.37
N GLU L 170 45.18 13.35 -45.11
CA GLU L 170 45.49 14.11 -43.91
C GLU L 170 44.41 13.85 -42.89
N GLY L 171 43.31 13.31 -43.38
CA GLY L 171 42.13 13.03 -42.59
C GLY L 171 42.40 11.89 -41.62
N ARG L 172 43.00 10.81 -42.13
CA ARG L 172 43.29 9.64 -41.29
C ARG L 172 44.57 9.81 -40.50
N LYS L 173 44.57 10.84 -39.69
CA LYS L 173 45.71 11.26 -38.89
C LYS L 173 45.21 11.96 -37.64
N PHE L 174 45.99 11.91 -36.58
CA PHE L 174 45.62 12.69 -35.40
C PHE L 174 45.99 14.12 -35.60
N ALA L 175 45.21 14.99 -35.00
CA ALA L 175 45.57 16.39 -34.99
C ALA L 175 45.29 16.88 -33.62
N ALA L 176 46.13 17.75 -33.13
CA ALA L 176 45.89 18.19 -31.80
C ALA L 176 46.31 19.57 -31.52
N LEU L 177 45.40 20.28 -30.90
CA LEU L 177 45.67 21.59 -30.45
C LEU L 177 46.44 21.43 -29.19
N ASP L 178 47.39 22.30 -28.98
CA ASP L 178 48.15 22.21 -27.77
C ASP L 178 47.31 22.63 -26.59
N TYR L 179 46.54 23.69 -26.74
CA TYR L 179 45.78 24.21 -25.63
C TYR L 179 44.65 23.28 -25.19
N LEU L 180 44.16 22.40 -26.07
CA LEU L 180 43.14 21.42 -25.68
C LEU L 180 43.68 19.98 -25.58
N LEU L 181 45.01 19.85 -25.62
CA LEU L 181 45.73 18.58 -25.53
C LEU L 181 45.25 17.52 -26.50
N GLY L 182 44.77 17.89 -27.65
CA GLY L 182 44.33 16.90 -28.61
C GLY L 182 42.99 16.24 -28.35
N SER L 183 42.31 16.59 -27.27
CA SER L 183 41.05 15.90 -26.99
C SER L 183 39.93 16.79 -26.48
N GLY L 184 40.17 18.09 -26.37
CA GLY L 184 39.10 18.95 -25.91
C GLY L 184 39.22 19.35 -24.45
N VAL L 185 40.37 19.12 -23.86
CA VAL L 185 40.55 19.46 -22.46
C VAL L 185 41.60 20.52 -22.31
N LEU L 186 41.29 21.56 -21.57
CA LEU L 186 42.26 22.60 -21.43
C LEU L 186 43.50 22.11 -20.75
N ALA L 187 44.64 22.48 -21.33
CA ALA L 187 45.97 22.10 -20.91
C ALA L 187 46.26 22.47 -19.48
N GLY L 188 45.65 23.49 -18.95
CA GLY L 188 45.97 23.86 -17.60
C GLY L 188 45.55 22.80 -16.58
N ASN L 189 44.70 21.86 -16.98
CA ASN L 189 44.26 20.83 -16.09
C ASN L 189 45.00 19.54 -16.38
N ALA L 190 46.07 19.64 -17.17
CA ALA L 190 46.94 18.52 -17.50
C ALA L 190 47.62 18.02 -16.26
N PHE L 191 47.71 18.89 -15.30
CA PHE L 191 48.38 18.73 -14.04
C PHE L 191 47.69 17.72 -13.14
N VAL L 192 46.48 17.29 -13.50
CA VAL L 192 45.85 16.27 -12.69
C VAL L 192 46.50 14.93 -12.97
N TYR L 193 47.21 14.84 -14.10
CA TYR L 193 47.88 13.63 -14.49
C TYR L 193 49.24 13.62 -13.82
N PRO L 194 49.88 12.47 -13.60
CA PRO L 194 51.20 12.42 -13.04
C PRO L 194 52.04 13.33 -13.90
N HIS L 195 52.81 14.19 -13.28
CA HIS L 195 53.61 15.11 -14.04
C HIS L 195 54.77 15.63 -13.26
N GLN L 196 55.67 16.23 -13.98
CA GLN L 196 56.80 16.91 -13.38
C GLN L 196 57.19 18.02 -14.35
N ILE L 197 57.75 19.12 -13.87
CA ILE L 197 58.08 20.21 -14.79
C ILE L 197 59.57 20.44 -14.91
N ILE L 198 60.04 20.56 -16.13
CA ILE L 198 61.43 20.86 -16.33
C ILE L 198 61.52 22.36 -16.54
N ASN L 199 62.02 23.02 -15.54
CA ASN L 199 62.15 24.45 -15.52
C ASN L 199 63.58 24.72 -15.87
N LEU L 200 63.86 25.31 -17.00
CA LEU L 200 65.26 25.42 -17.34
C LEU L 200 66.00 26.22 -16.28
N ARG L 201 65.30 27.11 -15.59
CA ARG L 201 65.92 27.91 -14.57
C ARG L 201 66.49 27.12 -13.38
N THR L 202 65.77 26.10 -12.94
CA THR L 202 66.12 25.37 -11.72
C THR L 202 66.27 23.86 -11.83
N ASN L 203 65.77 23.29 -12.91
CA ASN L 203 65.66 21.85 -13.03
C ASN L 203 65.96 21.32 -14.41
N ASN L 204 67.09 20.65 -14.58
CA ASN L 204 67.49 20.09 -15.87
C ASN L 204 66.73 18.84 -16.31
N SER L 205 66.14 18.10 -15.38
CA SER L 205 65.47 16.88 -15.79
C SER L 205 64.30 16.47 -14.92
N ALA L 206 63.49 15.61 -15.49
CA ALA L 206 62.33 15.05 -14.83
C ALA L 206 62.32 13.54 -14.90
N THR L 207 61.90 12.89 -13.81
CA THR L 207 61.74 11.46 -13.80
C THR L 207 60.39 11.08 -13.27
N ILE L 208 59.65 10.33 -14.06
CA ILE L 208 58.36 9.85 -13.61
C ILE L 208 58.30 8.34 -13.80
N VAL L 209 57.90 7.66 -12.77
CA VAL L 209 57.76 6.22 -12.78
C VAL L 209 56.30 5.84 -12.78
N VAL L 210 55.91 4.96 -13.68
CA VAL L 210 54.53 4.54 -13.70
C VAL L 210 54.32 3.05 -13.66
N PRO L 211 53.27 2.58 -12.97
CA PRO L 211 52.85 1.20 -12.91
C PRO L 211 52.13 0.93 -14.20
N TYR L 212 51.96 -0.33 -14.55
CA TYR L 212 51.08 -0.60 -15.66
C TYR L 212 49.68 -0.23 -15.21
N VAL L 213 48.96 0.52 -16.03
CA VAL L 213 47.61 0.90 -15.71
C VAL L 213 46.64 0.53 -16.79
N ASN L 214 45.65 -0.26 -16.44
CA ASN L 214 44.62 -0.67 -17.35
C ASN L 214 43.42 -1.17 -16.54
N SER L 215 42.37 -1.57 -17.24
CA SER L 215 41.21 -2.22 -16.66
C SER L 215 41.48 -3.72 -16.57
N LEU L 216 42.59 -4.11 -17.17
CA LEU L 216 43.06 -5.47 -17.24
C LEU L 216 44.41 -5.60 -16.59
N VAL L 217 44.75 -6.79 -16.13
CA VAL L 217 46.09 -6.96 -15.59
C VAL L 217 47.16 -7.01 -16.68
N ILE L 218 46.79 -7.53 -17.84
CA ILE L 218 47.74 -7.67 -18.94
C ILE L 218 46.98 -7.38 -20.23
N ASP L 219 47.62 -6.85 -21.28
CA ASP L 219 46.87 -6.61 -22.52
C ASP L 219 47.73 -6.78 -23.78
N CYS L 220 47.15 -6.60 -24.95
CA CYS L 220 47.93 -6.76 -26.16
C CYS L 220 48.54 -5.42 -26.52
N MET L 221 49.86 -5.38 -26.49
CA MET L 221 50.58 -4.14 -26.64
C MET L 221 50.64 -3.69 -28.09
N ALA L 222 50.26 -4.55 -29.01
CA ALA L 222 50.22 -4.19 -30.41
C ALA L 222 48.90 -3.49 -30.75
N LYS L 223 47.94 -3.53 -29.82
CA LYS L 223 46.64 -2.94 -30.05
C LYS L 223 46.42 -1.74 -29.18
N HIS L 224 46.94 -1.77 -27.96
CA HIS L 224 46.63 -0.72 -27.03
C HIS L 224 47.80 -0.07 -26.32
N ASN L 225 47.76 1.25 -26.30
CA ASN L 225 48.78 2.04 -25.63
C ASN L 225 48.27 2.52 -24.29
N ASN L 226 48.72 1.91 -23.20
CA ASN L 226 48.13 2.29 -21.93
C ASN L 226 48.57 3.67 -21.40
N TRP L 227 49.69 4.18 -21.86
CA TRP L 227 50.15 5.51 -21.48
C TRP L 227 50.66 6.25 -22.69
N GLY L 228 50.54 7.57 -22.66
CA GLY L 228 51.19 8.42 -23.64
C GLY L 228 52.01 9.46 -22.90
N ILE L 229 52.91 10.09 -23.61
CA ILE L 229 53.74 11.14 -23.05
C ILE L 229 53.45 12.44 -23.71
N VAL L 230 53.16 13.43 -22.91
CA VAL L 230 52.90 14.77 -23.42
C VAL L 230 53.88 15.78 -22.88
N ILE L 231 54.58 16.46 -23.78
CA ILE L 231 55.51 17.49 -23.34
C ILE L 231 55.12 18.84 -23.90
N LEU L 232 54.91 19.82 -23.02
CA LEU L 232 54.49 21.13 -23.48
C LEU L 232 55.40 22.27 -23.03
N PRO L 233 55.71 23.24 -23.88
CA PRO L 233 56.47 24.42 -23.57
C PRO L 233 55.57 25.39 -22.84
N LEU L 234 55.39 25.12 -21.56
CA LEU L 234 54.45 25.87 -20.73
C LEU L 234 54.90 27.30 -20.65
N ALA L 235 56.20 27.48 -20.59
CA ALA L 235 56.77 28.80 -20.58
C ALA L 235 57.59 28.81 -21.83
N PRO L 236 57.64 29.89 -22.60
CA PRO L 236 58.28 29.92 -23.87
C PRO L 236 59.75 29.81 -23.72
N LEU L 237 60.38 29.18 -24.68
CA LEU L 237 61.81 29.14 -24.68
C LEU L 237 62.33 30.47 -25.07
N ALA L 238 63.32 30.96 -24.39
CA ALA L 238 63.90 32.20 -24.83
C ALA L 238 65.34 32.34 -24.39
N PHE L 239 66.05 33.12 -25.16
CA PHE L 239 67.43 33.41 -24.89
C PHE L 239 67.75 34.83 -25.29
N ALA L 240 68.59 35.47 -24.51
CA ALA L 240 68.91 36.88 -24.63
C ALA L 240 69.43 37.42 -25.94
N ALA L 241 70.24 36.69 -26.67
CA ALA L 241 70.82 37.29 -27.86
C ALA L 241 70.69 36.53 -29.17
N THR L 242 69.74 35.63 -29.33
CA THR L 242 69.65 34.96 -30.63
C THR L 242 68.26 35.01 -31.18
N SER L 243 67.28 35.12 -30.28
CA SER L 243 65.85 35.07 -30.60
C SER L 243 65.43 33.72 -31.20
N SER L 244 66.34 32.76 -31.18
CA SER L 244 66.09 31.44 -31.70
C SER L 244 67.04 30.43 -31.08
N PRO L 245 66.98 30.22 -29.77
CA PRO L 245 67.72 29.21 -29.09
C PRO L 245 67.19 27.92 -29.58
N GLN L 246 68.03 26.92 -29.65
CA GLN L 246 67.62 25.60 -30.07
C GLN L 246 68.18 24.63 -29.07
N VAL L 247 67.34 24.18 -28.17
CA VAL L 247 67.84 23.31 -27.12
C VAL L 247 67.21 21.96 -27.34
N PRO L 248 67.95 20.86 -27.36
CA PRO L 248 67.41 19.54 -27.54
C PRO L 248 66.69 19.06 -26.31
N ILE L 249 65.73 18.18 -26.53
CA ILE L 249 65.06 17.46 -25.47
C ILE L 249 65.26 15.98 -25.74
N THR L 250 65.81 15.27 -24.78
CA THR L 250 66.04 13.85 -24.97
C THR L 250 65.20 13.04 -24.01
N VAL L 251 64.50 12.06 -24.55
CA VAL L 251 63.65 11.23 -23.72
C VAL L 251 64.18 9.81 -23.71
N THR L 252 64.47 9.30 -22.51
CA THR L 252 64.99 7.95 -22.34
C THR L 252 64.07 7.12 -21.45
N ILE L 253 63.69 5.95 -21.93
CA ILE L 253 62.74 5.14 -21.21
C ILE L 253 63.13 3.70 -21.00
N ALA L 254 62.91 3.20 -19.79
CA ALA L 254 63.09 1.78 -19.57
C ALA L 254 61.78 1.16 -19.12
N PRO L 255 61.42 -0.01 -19.58
CA PRO L 255 60.35 -0.83 -19.08
C PRO L 255 60.69 -1.26 -17.67
N MET L 256 59.69 -1.54 -16.85
CA MET L 256 59.86 -2.07 -15.51
C MET L 256 58.96 -3.24 -15.23
N CYS L 257 59.47 -4.23 -14.50
CA CYS L 257 58.67 -5.37 -14.08
C CYS L 257 57.90 -5.96 -15.24
N THR L 258 58.54 -6.15 -16.38
CA THR L 258 57.74 -6.62 -17.48
C THR L 258 57.51 -8.08 -17.47
N GLU L 259 56.41 -8.45 -18.10
CA GLU L 259 56.08 -9.85 -18.31
C GLU L 259 55.22 -10.02 -19.54
N PHE L 260 55.33 -11.19 -20.15
CA PHE L 260 54.54 -11.49 -21.33
C PHE L 260 53.89 -12.87 -21.29
N ASN L 261 52.75 -13.01 -21.98
CA ASN L 261 52.04 -14.30 -22.10
C ASN L 261 51.61 -14.65 -23.51
N GLY L 262 51.57 -15.95 -23.76
CA GLY L 262 51.21 -16.47 -25.05
C GLY L 262 52.46 -16.45 -25.90
N LEU L 263 52.42 -17.12 -27.04
CA LEU L 263 53.56 -17.14 -27.93
C LEU L 263 53.07 -17.37 -29.35
N ARG L 264 53.52 -16.57 -30.29
CA ARG L 264 53.04 -16.71 -31.64
C ARG L 264 54.07 -16.42 -32.69
N ASN L 265 53.76 -16.82 -33.92
CA ASN L 265 54.62 -16.42 -35.00
C ASN L 265 54.65 -14.93 -34.89
N ILE L 266 55.84 -14.37 -34.94
CA ILE L 266 55.97 -12.96 -34.71
C ILE L 266 55.02 -12.13 -35.52
N THR L 267 54.34 -11.22 -34.83
CA THR L 267 53.42 -10.35 -35.47
C THR L 267 54.15 -9.20 -36.11
N VAL L 268 53.82 -8.95 -37.36
CA VAL L 268 54.40 -7.84 -38.08
C VAL L 268 53.27 -6.95 -38.58
N PRO L 269 53.05 -5.79 -37.95
CA PRO L 269 52.05 -4.79 -38.23
C PRO L 269 52.21 -4.15 -39.57
N VAL L 270 51.11 -3.59 -40.03
CA VAL L 270 51.07 -2.83 -41.26
C VAL L 270 51.98 -1.65 -41.06
N HIS L 271 52.79 -1.33 -42.04
CA HIS L 271 53.71 -0.23 -41.87
C HIS L 271 53.94 0.53 -43.18
N GLN L 272 54.47 1.77 -43.05
CA GLN L 272 54.81 2.71 -44.10
C GLN L 272 55.84 3.68 -43.52
N GLY M 1 -4.59 -10.17 3.43
CA GLY M 1 -3.77 -9.04 3.04
C GLY M 1 -3.62 -8.03 4.19
N LEU M 2 -2.36 -7.61 4.48
CA LEU M 2 -1.99 -6.63 5.49
C LEU M 2 -2.49 -5.23 5.14
N PRO M 3 -3.37 -4.61 5.91
CA PRO M 3 -3.91 -3.29 5.63
C PRO M 3 -2.80 -2.26 5.51
N THR M 4 -2.85 -1.48 4.45
CA THR M 4 -1.85 -0.46 4.18
C THR M 4 -2.44 0.81 3.63
N MET M 5 -1.71 1.91 3.72
CA MET M 5 -2.25 3.13 3.15
C MET M 5 -1.22 3.95 2.38
N ASN M 6 -1.36 4.03 1.07
CA ASN M 6 -0.38 4.79 0.29
C ASN M 6 -0.40 6.24 0.71
N THR M 7 0.76 6.83 0.92
CA THR M 7 0.87 8.22 1.29
C THR M 7 1.23 9.01 0.03
N PRO M 8 1.21 10.35 0.06
CA PRO M 8 1.66 11.16 -1.02
C PRO M 8 3.07 10.75 -1.25
N GLY M 9 3.48 10.88 -2.49
CA GLY M 9 4.79 10.45 -2.95
C GLY M 9 4.69 9.10 -3.67
N SER M 10 3.59 8.38 -3.53
CA SER M 10 3.46 7.11 -4.23
C SER M 10 3.41 7.23 -5.73
N ASN M 11 4.00 6.26 -6.40
CA ASN M 11 4.03 6.12 -7.85
C ASN M 11 4.57 7.34 -8.56
N GLN M 12 5.71 7.84 -8.07
CA GLN M 12 6.39 8.97 -8.65
C GLN M 12 7.83 8.56 -8.83
N PHE M 13 8.51 9.15 -9.78
CA PHE M 13 9.94 8.90 -9.97
C PHE M 13 10.85 10.07 -9.67
N LEU M 14 11.67 9.92 -8.65
CA LEU M 14 12.59 10.96 -8.28
C LEU M 14 14.00 10.52 -8.68
N THR M 15 14.71 11.38 -9.35
CA THR M 15 16.03 11.04 -9.85
C THR M 15 17.06 10.91 -8.75
N SER M 16 16.68 11.35 -7.55
CA SER M 16 17.48 11.27 -6.33
C SER M 16 17.06 10.09 -5.46
N ASP M 17 16.11 9.29 -5.91
CA ASP M 17 15.61 8.15 -5.17
C ASP M 17 16.67 7.14 -4.84
N ASP M 18 16.59 6.58 -3.66
CA ASP M 18 17.51 5.53 -3.27
C ASP M 18 16.75 4.37 -2.70
N PHE M 19 16.27 3.53 -3.61
CA PHE M 19 15.45 2.39 -3.30
C PHE M 19 16.06 1.17 -3.92
N GLN M 20 15.67 0.03 -3.41
CA GLN M 20 16.12 -1.23 -3.93
C GLN M 20 15.33 -1.55 -5.18
N SER M 21 15.90 -2.37 -6.04
CA SER M 21 15.17 -2.75 -7.24
C SER M 21 15.58 -4.14 -7.69
N PRO M 22 14.71 -4.91 -8.33
CA PRO M 22 15.00 -6.26 -8.77
C PRO M 22 16.08 -6.24 -9.79
N CYS M 23 16.92 -7.25 -9.74
CA CYS M 23 18.00 -7.40 -10.68
C CYS M 23 17.46 -7.91 -11.98
N ALA M 24 17.90 -7.33 -13.07
CA ALA M 24 17.48 -7.77 -14.39
C ALA M 24 18.15 -9.06 -14.77
N LEU M 25 19.29 -9.33 -14.15
CA LEU M 25 20.09 -10.50 -14.41
C LEU M 25 20.41 -11.29 -13.14
N PRO M 26 19.44 -11.97 -12.51
CA PRO M 26 19.64 -12.71 -11.30
C PRO M 26 20.73 -13.73 -11.48
N ASN M 27 21.54 -13.88 -10.43
CA ASN M 27 22.66 -14.79 -10.33
C ASN M 27 23.81 -14.49 -11.29
N PHE M 28 23.84 -13.29 -11.81
CA PHE M 28 24.95 -12.87 -12.65
C PHE M 28 26.27 -12.90 -11.88
N ASP M 29 27.31 -13.44 -12.50
CA ASP M 29 28.63 -13.52 -11.87
C ASP M 29 29.51 -12.32 -12.24
N VAL M 30 29.70 -11.42 -11.31
CA VAL M 30 30.44 -10.18 -11.56
C VAL M 30 31.93 -10.39 -11.65
N THR M 31 32.54 -9.85 -12.69
CA THR M 31 33.96 -9.97 -12.94
C THR M 31 34.70 -9.54 -11.68
N PRO M 32 35.61 -10.35 -11.15
CA PRO M 32 36.37 -10.06 -9.95
C PRO M 32 37.09 -8.74 -10.10
N PRO M 33 37.24 -7.96 -9.03
CA PRO M 33 37.95 -6.71 -9.01
C PRO M 33 39.43 -6.98 -9.05
N ILE M 34 40.20 -6.03 -9.53
CA ILE M 34 41.64 -6.09 -9.46
C ILE M 34 42.06 -4.79 -8.88
N HIS M 35 43.26 -4.71 -8.36
CA HIS M 35 43.69 -3.41 -7.92
C HIS M 35 44.05 -2.56 -9.11
N ILE M 36 43.57 -1.34 -9.13
CA ILE M 36 43.88 -0.39 -10.17
C ILE M 36 44.47 0.83 -9.48
N PRO M 37 45.64 1.33 -9.88
CA PRO M 37 46.28 2.52 -9.36
C PRO M 37 45.43 3.74 -9.61
N GLY M 38 45.56 4.74 -8.74
CA GLY M 38 44.86 5.99 -9.00
C GLY M 38 43.43 6.03 -8.52
N GLU M 39 43.07 5.21 -7.55
CA GLU M 39 41.70 5.21 -7.07
C GLU M 39 41.35 6.55 -6.47
N VAL M 40 40.15 7.00 -6.78
CA VAL M 40 39.59 8.24 -6.28
C VAL M 40 38.38 7.90 -5.45
N LYS M 41 38.26 8.49 -4.27
CA LYS M 41 37.09 8.25 -3.45
C LYS M 41 36.22 9.48 -3.32
N ASN M 42 36.83 10.64 -3.47
CA ASN M 42 36.12 11.88 -3.26
C ASN M 42 36.61 12.93 -4.25
N MET M 43 35.71 13.71 -4.83
CA MET M 43 36.06 14.71 -5.82
C MET M 43 36.96 15.79 -5.24
N MET M 44 36.97 15.95 -3.93
CA MET M 44 37.80 16.97 -3.34
C MET M 44 39.26 16.59 -3.44
N GLU M 45 39.56 15.30 -3.66
CA GLU M 45 40.92 14.86 -3.82
C GLU M 45 41.45 15.44 -5.12
N LEU M 46 40.55 15.82 -6.02
CA LEU M 46 40.99 16.36 -7.28
C LEU M 46 41.00 17.89 -7.15
N ALA M 47 40.09 18.41 -6.32
CA ALA M 47 39.99 19.87 -6.08
C ALA M 47 41.28 20.40 -5.46
N GLU M 48 41.94 19.56 -4.68
CA GLU M 48 43.18 19.91 -4.00
C GLU M 48 44.43 19.84 -4.89
N ILE M 49 44.29 19.43 -6.16
CA ILE M 49 45.45 19.37 -7.04
C ILE M 49 45.70 20.73 -7.63
N ASP M 50 46.94 21.21 -7.57
CA ASP M 50 47.23 22.52 -8.16
C ASP M 50 47.15 22.45 -9.68
N THR M 51 46.29 23.27 -10.28
CA THR M 51 46.21 23.28 -11.74
C THR M 51 46.45 24.68 -12.21
N LEU M 52 46.77 24.85 -13.48
CA LEU M 52 47.19 26.12 -14.02
C LEU M 52 46.02 27.09 -14.24
N ILE M 53 46.23 28.36 -13.93
CA ILE M 53 45.23 29.40 -14.08
C ILE M 53 45.38 30.16 -15.38
N PRO M 54 44.37 30.24 -16.24
CA PRO M 54 44.42 30.95 -17.51
C PRO M 54 44.27 32.43 -17.23
N MET M 55 45.27 32.98 -16.57
CA MET M 55 45.27 34.33 -16.06
C MET M 55 45.23 35.39 -17.15
N ASN M 56 45.80 35.09 -18.30
CA ASN M 56 45.91 36.08 -19.33
C ASN M 56 44.87 35.86 -20.40
N ALA M 57 43.80 36.61 -20.35
CA ALA M 57 42.74 36.38 -21.33
C ALA M 57 42.58 37.61 -22.17
N VAL M 58 43.69 38.28 -22.42
CA VAL M 58 43.62 39.48 -23.24
C VAL M 58 43.38 39.07 -24.67
N ASP M 59 42.86 39.99 -25.46
CA ASP M 59 42.61 39.68 -26.85
C ASP M 59 43.90 39.19 -27.49
N GLY M 60 43.81 38.07 -28.20
CA GLY M 60 44.93 37.46 -28.88
C GLY M 60 45.52 36.27 -28.13
N LYS M 61 45.18 36.13 -26.85
CA LYS M 61 45.67 35.02 -26.05
C LYS M 61 44.53 34.17 -25.55
N VAL M 62 43.32 34.56 -25.89
CA VAL M 62 42.18 33.85 -25.37
C VAL M 62 42.08 32.59 -26.19
N ASN M 63 41.97 31.48 -25.49
CA ASN M 63 41.93 30.15 -26.07
C ASN M 63 43.22 29.80 -26.82
N THR M 64 44.36 30.31 -26.35
CA THR M 64 45.64 29.92 -26.93
C THR M 64 46.50 29.45 -25.75
N MET M 65 47.66 28.85 -25.98
CA MET M 65 48.45 28.37 -24.84
C MET M 65 48.94 29.50 -23.96
N GLU M 66 49.13 30.65 -24.56
CA GLU M 66 49.62 31.84 -23.91
C GLU M 66 48.72 32.36 -22.81
N MET M 67 47.49 31.83 -22.71
CA MET M 67 46.54 32.24 -21.68
C MET M 67 47.08 31.94 -20.30
N TYR M 68 48.03 31.03 -20.22
CA TYR M 68 48.54 30.67 -18.93
C TYR M 68 49.82 31.40 -18.59
N GLN M 69 50.24 32.33 -19.43
CA GLN M 69 51.50 33.01 -19.20
C GLN M 69 51.34 34.46 -18.74
N ILE M 70 51.83 34.74 -17.53
CA ILE M 70 51.74 36.06 -16.96
C ILE M 70 53.07 36.74 -17.21
N PRO M 71 53.12 37.84 -17.95
CA PRO M 71 54.34 38.54 -18.26
C PRO M 71 54.89 39.29 -17.08
N LEU M 72 56.19 39.35 -17.03
CA LEU M 72 57.00 40.11 -16.09
C LEU M 72 58.07 40.84 -16.87
N ASN M 73 58.56 41.96 -16.40
CA ASN M 73 59.61 42.59 -17.16
C ASN M 73 60.64 43.33 -16.32
N ASP M 74 61.84 43.45 -16.88
CA ASP M 74 62.95 44.24 -16.33
C ASP M 74 62.61 45.73 -16.21
N ASN M 75 61.74 46.25 -17.07
CA ASN M 75 61.45 47.67 -16.98
C ASN M 75 60.64 47.95 -15.72
N LEU M 76 60.73 49.18 -15.25
CA LEU M 76 60.04 49.59 -14.04
C LEU M 76 58.56 49.85 -14.20
N SER M 77 57.78 49.30 -13.28
CA SER M 77 56.35 49.52 -13.26
C SER M 77 55.81 49.52 -11.84
N LYS M 78 54.79 50.34 -11.62
CA LYS M 78 54.11 50.46 -10.34
C LYS M 78 52.70 49.88 -10.42
N ALA M 79 52.38 49.41 -11.61
CA ALA M 79 51.07 48.88 -11.94
C ALA M 79 50.91 47.50 -11.36
N PRO M 80 49.70 47.01 -11.16
CA PRO M 80 49.48 45.64 -10.83
C PRO M 80 49.99 44.84 -11.99
N ILE M 81 50.53 43.69 -11.69
CA ILE M 81 50.98 42.72 -12.67
C ILE M 81 49.73 42.03 -13.14
N PHE M 82 48.89 41.70 -12.18
CA PHE M 82 47.60 41.12 -12.49
C PHE M 82 46.61 41.44 -11.39
N CYS M 83 45.32 41.31 -11.74
CA CYS M 83 44.22 41.46 -10.81
C CYS M 83 43.17 40.38 -11.04
N LEU M 84 42.73 39.74 -9.99
CA LEU M 84 41.75 38.69 -10.05
C LEU M 84 40.63 38.81 -9.03
N SER M 85 39.40 38.54 -9.46
CA SER M 85 38.29 38.51 -8.53
C SER M 85 38.26 37.14 -7.88
N LEU M 86 38.05 37.05 -6.58
CA LEU M 86 38.06 35.73 -5.96
C LEU M 86 36.74 35.02 -6.00
N SER M 87 36.40 34.55 -7.17
CA SER M 87 35.17 33.82 -7.38
C SER M 87 35.48 32.56 -8.15
N PRO M 88 35.91 31.49 -7.51
CA PRO M 88 36.39 30.30 -8.15
C PRO M 88 35.33 29.62 -8.97
N ALA M 89 34.06 29.89 -8.66
CA ALA M 89 33.00 29.27 -9.42
C ALA M 89 32.52 30.14 -10.59
N SER M 90 32.54 31.47 -10.46
CA SER M 90 31.96 32.28 -11.52
C SER M 90 32.93 33.16 -12.29
N ASP M 91 34.15 33.31 -11.81
CA ASP M 91 35.12 34.13 -12.49
C ASP M 91 35.48 33.55 -13.84
N LYS M 92 35.60 34.41 -14.83
CA LYS M 92 35.92 33.96 -16.17
C LYS M 92 37.19 33.13 -16.27
N ARG M 93 38.21 33.45 -15.49
CA ARG M 93 39.45 32.73 -15.61
C ARG M 93 39.54 31.56 -14.64
N LEU M 94 38.93 31.68 -13.47
CA LEU M 94 39.04 30.56 -12.52
C LEU M 94 38.04 29.45 -12.73
N SER M 95 36.90 29.71 -13.36
CA SER M 95 35.89 28.67 -13.46
C SER M 95 36.33 27.49 -14.29
N HIS M 96 37.35 27.65 -15.11
CA HIS M 96 37.77 26.55 -15.95
C HIS M 96 39.05 25.84 -15.50
N THR M 97 39.51 26.13 -14.30
CA THR M 97 40.66 25.43 -13.77
C THR M 97 40.08 24.16 -13.21
N MET M 98 40.86 23.16 -12.82
CA MET M 98 40.21 21.96 -12.28
C MET M 98 39.40 22.31 -11.05
N LEU M 99 39.88 23.24 -10.25
CA LEU M 99 39.13 23.58 -9.05
C LEU M 99 37.79 24.14 -9.47
N GLY M 100 37.81 25.00 -10.46
CA GLY M 100 36.61 25.61 -10.99
C GLY M 100 35.66 24.58 -11.58
N GLU M 101 36.15 23.71 -12.44
CA GLU M 101 35.29 22.76 -13.11
C GLU M 101 34.62 21.82 -12.14
N ILE M 102 35.31 21.41 -11.09
CA ILE M 102 34.69 20.53 -10.11
C ILE M 102 33.66 21.35 -9.36
N LEU M 103 34.07 22.53 -8.92
CA LEU M 103 33.24 23.41 -8.16
C LEU M 103 31.97 23.80 -8.88
N ASN M 104 32.00 23.89 -10.19
CA ASN M 104 30.84 24.29 -10.95
C ASN M 104 29.72 23.27 -10.98
N TYR M 105 29.95 22.12 -10.36
CA TYR M 105 28.91 21.13 -10.20
C TYR M 105 28.30 21.29 -8.84
N TYR M 106 28.66 22.33 -8.11
CA TYR M 106 28.13 22.57 -6.80
C TYR M 106 27.48 23.94 -6.66
N THR M 107 26.58 24.06 -5.69
CA THR M 107 25.89 25.31 -5.46
C THR M 107 26.54 26.21 -4.45
N HIS M 108 27.27 25.64 -3.51
CA HIS M 108 27.91 26.39 -2.44
C HIS M 108 29.25 25.79 -2.11
N TRP M 109 30.15 26.60 -1.55
CA TRP M 109 31.44 26.09 -1.11
C TRP M 109 32.06 26.84 0.06
N THR M 110 32.98 26.16 0.73
CA THR M 110 33.73 26.74 1.84
C THR M 110 35.19 26.38 1.79
N GLY M 111 35.93 26.91 2.74
CA GLY M 111 37.37 26.65 2.93
C GLY M 111 38.27 27.62 2.20
N SER M 112 39.55 27.51 2.46
CA SER M 112 40.52 28.41 1.90
C SER M 112 41.03 27.93 0.56
N ILE M 113 41.62 28.86 -0.19
CA ILE M 113 42.19 28.56 -1.51
C ILE M 113 43.64 28.98 -1.63
N ARG M 114 44.45 28.08 -2.14
CA ARG M 114 45.86 28.36 -2.31
C ARG M 114 46.21 28.76 -3.74
N PHE M 115 46.95 29.84 -3.84
CA PHE M 115 47.42 30.37 -5.11
C PHE M 115 48.91 30.25 -5.19
N THR M 116 49.36 29.41 -6.08
CA THR M 116 50.77 29.09 -6.17
C THR M 116 51.38 29.67 -7.42
N PHE M 117 52.50 30.35 -7.27
CA PHE M 117 53.11 30.93 -8.44
C PHE M 117 54.54 30.51 -8.63
N LEU M 118 54.94 30.36 -9.87
CA LEU M 118 56.32 29.97 -10.18
C LEU M 118 56.95 30.80 -11.28
N PHE M 119 58.21 31.19 -11.08
CA PHE M 119 58.96 31.96 -12.04
C PHE M 119 59.74 31.03 -12.96
N CYS M 120 59.57 31.22 -14.27
CA CYS M 120 60.22 30.39 -15.30
C CYS M 120 61.26 31.16 -16.10
N GLY M 121 61.73 32.25 -15.52
CA GLY M 121 62.68 33.14 -16.17
C GLY M 121 64.09 32.66 -16.00
N SER M 122 65.07 33.50 -16.27
CA SER M 122 66.45 33.05 -16.15
C SER M 122 66.88 32.89 -14.70
N MET M 123 67.89 32.05 -14.45
CA MET M 123 68.46 31.81 -13.12
C MET M 123 69.17 33.05 -12.65
N MET M 124 69.63 33.78 -13.63
CA MET M 124 70.39 34.98 -13.48
C MET M 124 69.59 36.16 -12.96
N ALA M 125 68.26 36.14 -13.09
CA ALA M 125 67.46 37.29 -12.69
C ALA M 125 66.97 37.16 -11.27
N THR M 126 66.91 38.30 -10.57
CA THR M 126 66.44 38.35 -9.19
C THR M 126 65.41 39.44 -9.00
N GLY M 127 64.71 39.44 -7.88
CA GLY M 127 63.70 40.45 -7.61
C GLY M 127 62.71 39.90 -6.63
N LYS M 128 61.74 40.72 -6.24
CA LYS M 128 60.76 40.28 -5.24
C LYS M 128 59.37 40.69 -5.67
N LEU M 129 58.43 39.77 -5.55
CA LEU M 129 57.04 40.07 -5.88
C LEU M 129 56.12 40.03 -4.69
N LEU M 130 55.11 40.89 -4.71
CA LEU M 130 54.10 40.94 -3.67
C LEU M 130 52.84 40.21 -4.07
N LEU M 131 52.51 39.18 -3.33
CA LEU M 131 51.31 38.39 -3.59
C LEU M 131 50.31 38.75 -2.51
N SER M 132 49.14 39.24 -2.90
CA SER M 132 48.20 39.72 -1.90
C SER M 132 46.71 39.49 -2.10
N TYR M 133 46.03 39.22 -0.99
CA TYR M 133 44.60 39.05 -0.95
C TYR M 133 43.90 39.96 0.02
N SER M 134 42.95 40.72 -0.48
CA SER M 134 42.19 41.60 0.37
C SER M 134 40.74 41.13 0.40
N PRO M 135 40.08 41.09 1.54
CA PRO M 135 38.71 40.71 1.65
C PRO M 135 37.90 41.82 0.98
N PRO M 136 36.68 41.53 0.55
CA PRO M 136 35.74 42.36 -0.19
C PRO M 136 35.11 43.44 0.61
N GLY M 137 34.45 44.38 -0.08
CA GLY M 137 33.69 45.41 0.63
C GLY M 137 34.49 46.68 0.85
N ALA M 138 35.54 46.86 0.07
CA ALA M 138 36.41 48.02 0.17
C ALA M 138 36.96 48.28 -1.21
N LYS M 139 37.51 49.46 -1.40
CA LYS M 139 38.08 49.81 -2.67
C LYS M 139 38.99 48.69 -3.18
N PRO M 140 38.92 48.29 -4.44
CA PRO M 140 39.80 47.28 -4.97
C PRO M 140 41.22 47.76 -4.76
N PRO M 141 42.17 46.89 -4.49
CA PRO M 141 43.56 47.18 -4.27
C PRO M 141 44.26 47.50 -5.56
N THR M 142 44.12 48.72 -6.03
CA THR M 142 44.66 49.13 -7.32
C THR M 142 46.09 49.63 -7.22
N ASN M 143 46.66 49.60 -6.03
CA ASN M 143 48.03 50.02 -5.85
C ASN M 143 48.72 49.23 -4.75
N ARG M 144 50.03 49.44 -4.60
CA ARG M 144 50.80 48.69 -3.63
C ARG M 144 50.40 48.95 -2.18
N LYS M 145 50.04 50.17 -1.85
CA LYS M 145 49.72 50.44 -0.46
C LYS M 145 48.50 49.66 -0.01
N ASP M 146 47.50 49.55 -0.85
CA ASP M 146 46.34 48.81 -0.43
C ASP M 146 46.66 47.34 -0.42
N ALA M 147 47.53 46.91 -1.33
CA ALA M 147 47.92 45.52 -1.37
C ALA M 147 48.60 45.14 -0.05
N MET M 148 49.36 46.07 0.56
CA MET M 148 50.02 45.85 1.84
C MET M 148 49.07 45.77 3.01
N LEU M 149 47.93 46.44 2.93
CA LEU M 149 46.99 46.38 4.03
C LEU M 149 46.28 45.04 4.08
N GLY M 150 46.12 44.41 2.93
CA GLY M 150 45.46 43.11 2.90
C GLY M 150 46.47 42.04 3.29
N THR M 151 46.09 40.78 3.18
CA THR M 151 46.97 39.69 3.56
C THR M 151 48.00 39.48 2.50
N HIS M 152 49.26 39.44 2.87
CA HIS M 152 50.22 39.30 1.81
C HIS M 152 51.52 38.67 2.21
N ILE M 153 52.21 38.16 1.20
CA ILE M 153 53.55 37.63 1.35
C ILE M 153 54.49 38.18 0.31
N ILE M 154 55.78 38.09 0.57
CA ILE M 154 56.76 38.48 -0.41
C ILE M 154 57.47 37.25 -0.94
N TRP M 155 57.46 37.14 -2.25
CA TRP M 155 58.08 36.07 -2.98
C TRP M 155 59.45 36.50 -3.43
N ASP M 156 60.46 36.00 -2.73
CA ASP M 156 61.82 36.40 -2.98
C ASP M 156 62.45 35.42 -3.96
N LEU M 157 62.71 35.84 -5.20
CA LEU M 157 63.19 34.91 -6.20
C LEU M 157 64.64 34.52 -5.90
N GLY M 158 64.95 33.23 -6.02
CA GLY M 158 66.29 32.72 -5.73
C GLY M 158 66.38 31.26 -6.14
N LEU M 159 67.00 30.41 -5.30
CA LEU M 159 67.12 28.97 -5.60
C LEU M 159 65.79 28.27 -5.65
N GLN M 160 64.91 28.62 -4.74
CA GLN M 160 63.64 27.95 -4.66
C GLN M 160 62.83 28.60 -5.75
N SER M 161 61.61 28.19 -5.93
CA SER M 161 60.87 28.68 -7.06
C SER M 161 59.45 29.07 -6.69
N SER M 162 58.64 28.07 -6.54
CA SER M 162 57.24 28.22 -6.26
C SER M 162 56.95 28.90 -4.95
N CYS M 163 55.97 29.77 -4.96
CA CYS M 163 55.59 30.45 -3.75
C CYS M 163 54.09 30.43 -3.59
N SER M 164 53.65 30.02 -2.41
CA SER M 164 52.23 29.87 -2.18
C SER M 164 51.63 30.87 -1.23
N MET M 165 50.66 31.59 -1.75
CA MET M 165 49.92 32.58 -1.02
C MET M 165 48.60 31.92 -0.72
N VAL M 166 48.10 32.09 0.47
CA VAL M 166 46.85 31.45 0.78
C VAL M 166 45.82 32.48 1.10
N ALA M 167 44.69 32.37 0.42
CA ALA M 167 43.55 33.24 0.65
C ALA M 167 42.73 32.51 1.70
N PRO M 168 42.76 32.91 2.97
CA PRO M 168 42.17 32.21 4.08
C PRO M 168 40.68 32.24 3.93
N TRP M 169 39.98 31.34 4.60
CA TRP M 169 38.54 31.38 4.52
C TRP M 169 37.92 32.44 5.35
N ILE M 170 37.79 33.61 4.77
CA ILE M 170 37.18 34.72 5.44
C ILE M 170 35.88 34.99 4.74
N SER M 171 34.82 34.87 5.49
CA SER M 171 33.48 35.06 5.02
C SER M 171 32.63 35.34 6.21
N ASN M 172 31.53 36.02 6.01
CA ASN M 172 30.59 36.18 7.09
C ASN M 172 29.76 34.93 7.24
N THR M 173 29.51 34.33 6.10
CA THR M 173 28.71 33.17 5.96
C THR M 173 29.45 31.93 6.27
N VAL M 174 28.75 30.82 6.42
CA VAL M 174 29.50 29.61 6.60
C VAL M 174 30.00 29.24 5.23
N TYR M 175 29.09 29.32 4.25
CA TYR M 175 29.38 28.99 2.85
C TYR M 175 29.16 30.15 1.88
N ARG M 176 29.87 30.13 0.77
CA ARG M 176 29.61 31.08 -0.28
C ARG M 176 28.87 30.42 -1.39
N ARG M 177 28.01 31.17 -2.04
CA ARG M 177 27.25 30.66 -3.16
C ARG M 177 28.15 30.62 -4.38
N CYS M 178 28.00 29.64 -5.23
CA CYS M 178 28.79 29.61 -6.44
C CYS M 178 28.43 30.74 -7.41
N ALA M 179 27.14 31.07 -7.49
CA ALA M 179 26.65 32.12 -8.37
C ALA M 179 27.24 33.45 -7.95
N ARG M 180 27.58 34.31 -8.91
CA ARG M 180 28.21 35.60 -8.58
C ARG M 180 27.25 36.68 -8.13
N ASP M 181 26.70 36.48 -6.96
CA ASP M 181 25.82 37.45 -6.34
C ASP M 181 26.66 38.52 -5.68
N ASP M 182 26.14 39.70 -5.49
CA ASP M 182 26.90 40.73 -4.79
C ASP M 182 27.28 40.31 -3.38
N PHE M 183 26.46 39.50 -2.73
CA PHE M 183 26.70 39.14 -1.35
C PHE M 183 27.62 37.93 -1.26
N THR M 184 28.04 37.43 -2.41
CA THR M 184 28.91 36.29 -2.54
C THR M 184 30.34 36.74 -2.76
N GLU M 185 30.55 38.02 -3.06
CA GLU M 185 31.87 38.45 -3.49
C GLU M 185 33.00 38.02 -2.57
N GLY M 186 34.00 37.34 -3.16
CA GLY M 186 35.15 36.83 -2.44
C GLY M 186 36.26 37.80 -2.12
N GLY M 187 36.38 38.89 -2.86
CA GLY M 187 37.49 39.79 -2.57
C GLY M 187 38.46 39.88 -3.71
N PHE M 188 39.61 40.45 -3.44
CA PHE M 188 40.51 40.77 -4.51
C PHE M 188 41.89 40.17 -4.37
N ILE M 189 42.40 39.62 -5.46
CA ILE M 189 43.75 39.11 -5.48
C ILE M 189 44.62 39.84 -6.47
N THR M 190 45.74 40.31 -6.00
CA THR M 190 46.65 41.02 -6.86
C THR M 190 48.07 40.60 -6.71
N CYS M 191 48.85 41.00 -7.69
CA CYS M 191 50.28 40.87 -7.59
C CYS M 191 50.92 42.12 -8.10
N PHE M 192 51.86 42.63 -7.32
CA PHE M 192 52.64 43.84 -7.60
C PHE M 192 54.11 43.61 -7.50
N TYR M 193 54.90 44.41 -8.16
CA TYR M 193 56.31 44.23 -7.91
C TYR M 193 56.58 44.82 -6.54
N GLN M 194 57.39 44.13 -5.74
CA GLN M 194 57.80 44.68 -4.46
C GLN M 194 59.02 45.50 -4.76
N THR M 195 59.78 44.99 -5.70
CA THR M 195 60.98 45.61 -6.20
C THR M 195 61.08 45.20 -7.66
N ARG M 196 61.77 45.99 -8.45
CA ARG M 196 61.91 45.70 -9.87
C ARG M 196 62.65 44.39 -10.07
N ILE M 197 62.19 43.57 -11.00
CA ILE M 197 62.97 42.38 -11.31
C ILE M 197 64.13 42.86 -12.10
N VAL M 198 65.31 42.49 -11.66
CA VAL M 198 66.52 42.93 -12.29
C VAL M 198 67.15 41.86 -13.11
N VAL M 199 67.35 42.21 -14.36
CA VAL M 199 67.96 41.32 -15.31
C VAL M 199 69.38 41.80 -15.63
N PRO M 200 70.41 40.97 -15.45
CA PRO M 200 71.79 41.25 -15.71
C PRO M 200 72.04 41.28 -17.19
N ALA M 201 73.24 41.64 -17.59
CA ALA M 201 73.55 41.72 -19.00
C ALA M 201 73.39 40.40 -19.72
N SER M 202 73.01 40.49 -21.00
CA SER M 202 72.86 39.35 -21.90
C SER M 202 71.98 38.28 -21.32
N THR M 203 70.89 38.72 -20.72
CA THR M 203 69.90 37.90 -20.09
C THR M 203 68.59 38.46 -20.64
N PRO M 204 67.59 37.66 -21.01
CA PRO M 204 66.35 38.16 -21.56
C PRO M 204 65.63 39.03 -20.55
N THR M 205 65.00 40.11 -21.01
CA THR M 205 64.30 41.03 -20.13
C THR M 205 62.82 40.76 -19.93
N SER M 206 62.23 40.02 -20.84
CA SER M 206 60.84 39.64 -20.73
C SER M 206 60.80 38.28 -20.10
N MET M 207 60.10 38.17 -18.99
CA MET M 207 60.04 36.96 -18.21
C MET M 207 58.63 36.49 -18.01
N PHE M 208 58.46 35.20 -17.78
CA PHE M 208 57.12 34.73 -17.47
C PHE M 208 57.01 33.98 -16.18
N MET M 209 55.81 34.05 -15.61
CA MET M 209 55.46 33.30 -14.44
C MET M 209 54.15 32.58 -14.67
N LEU M 210 54.04 31.44 -14.03
CA LEU M 210 52.84 30.64 -14.10
C LEU M 210 52.11 30.72 -12.78
N GLY M 211 50.79 30.65 -12.82
CA GLY M 211 50.03 30.62 -11.58
C GLY M 211 49.17 29.40 -11.57
N PHE M 212 48.95 28.86 -10.39
CA PHE M 212 48.16 27.68 -10.15
C PHE M 212 47.15 27.90 -9.04
N VAL M 213 46.04 27.19 -9.09
CA VAL M 213 45.08 27.29 -8.00
C VAL M 213 44.65 25.93 -7.49
N SER M 214 44.47 25.83 -6.18
CA SER M 214 43.98 24.60 -5.57
C SER M 214 43.24 24.80 -4.29
N ALA M 215 42.42 23.82 -3.97
CA ALA M 215 41.74 23.82 -2.68
C ALA M 215 42.71 23.51 -1.56
N CYS M 216 42.50 24.14 -0.40
CA CYS M 216 43.23 23.78 0.79
C CYS M 216 42.43 22.67 1.42
N PRO M 217 42.98 21.79 2.24
CA PRO M 217 42.24 20.69 2.86
C PRO M 217 41.35 21.08 4.05
N ASP M 218 40.51 22.09 3.83
CA ASP M 218 39.53 22.56 4.78
C ASP M 218 38.34 22.95 3.92
N PHE M 219 38.53 22.74 2.61
CA PHE M 219 37.61 23.02 1.54
C PHE M 219 36.55 21.98 1.43
N SER M 220 35.36 22.42 1.10
CA SER M 220 34.26 21.50 0.84
C SER M 220 33.20 22.17 0.00
N VAL M 221 32.30 21.35 -0.50
CA VAL M 221 31.20 21.80 -1.32
C VAL M 221 29.91 21.25 -0.80
N ARG M 222 28.77 21.82 -1.21
CA ARG M 222 27.47 21.32 -0.77
C ARG M 222 26.64 20.67 -1.86
N LEU M 223 25.46 21.22 -2.19
CA LEU M 223 24.58 20.57 -3.14
C LEU M 223 25.16 20.46 -4.50
N LEU M 224 24.87 19.34 -5.14
CA LEU M 224 25.27 19.06 -6.49
C LEU M 224 24.28 19.73 -7.44
N ARG M 225 24.74 20.32 -8.53
CA ARG M 225 23.91 20.97 -9.53
C ARG M 225 24.38 20.67 -10.94
N ASP M 226 23.51 20.84 -11.93
CA ASP M 226 24.01 20.70 -13.29
C ASP M 226 25.04 21.79 -13.53
N THR M 227 26.12 21.46 -14.21
CA THR M 227 27.10 22.47 -14.52
C THR M 227 26.68 23.25 -15.75
N PRO M 228 26.80 24.59 -15.75
CA PRO M 228 26.48 25.47 -16.84
C PRO M 228 27.49 25.47 -17.96
N HIS M 229 28.59 24.76 -17.79
CA HIS M 229 29.62 24.82 -18.80
C HIS M 229 29.34 24.03 -20.06
N ILE M 230 28.55 22.98 -19.97
CA ILE M 230 28.34 22.16 -21.14
C ILE M 230 26.94 22.26 -21.66
N SER M 231 26.85 22.22 -22.97
CA SER M 231 25.61 22.22 -23.70
C SER M 231 25.72 21.28 -24.86
N GLN M 232 24.62 21.09 -25.56
CA GLN M 232 24.61 20.24 -26.71
C GLN M 232 23.47 20.62 -27.62
N SER M 233 23.55 20.19 -28.86
CA SER M 233 22.44 20.39 -29.75
C SER M 233 21.29 19.52 -29.24
N LYS M 234 20.04 20.02 -29.36
CA LYS M 234 18.82 19.32 -28.96
C LYS M 234 18.64 18.02 -29.78
N GLY N 2 16.77 -10.14 9.25
CA GLY N 2 18.13 -9.69 9.45
C GLY N 2 18.31 -8.24 9.00
N ALA N 3 17.74 -7.30 9.77
CA ALA N 3 17.79 -5.84 9.53
C ALA N 3 19.08 -5.22 10.02
N GLN N 4 19.47 -4.10 9.40
CA GLN N 4 20.62 -3.35 9.85
C GLN N 4 20.26 -1.95 10.24
N VAL N 5 20.92 -1.45 11.27
CA VAL N 5 20.65 -0.11 11.75
C VAL N 5 21.87 0.75 11.70
N SER N 6 21.69 1.95 11.18
CA SER N 6 22.78 2.91 11.10
C SER N 6 22.27 4.31 11.33
N THR N 7 23.20 5.22 11.56
CA THR N 7 22.88 6.61 11.86
C THR N 7 22.44 7.39 10.63
N GLN N 8 21.42 8.23 10.77
CA GLN N 8 20.94 9.11 9.73
C GLN N 8 21.80 10.34 9.62
N LYS N 9 21.77 10.98 8.48
CA LYS N 9 22.52 12.22 8.34
C LYS N 9 21.81 13.31 9.11
N THR N 10 22.60 14.18 9.75
CA THR N 10 22.11 15.26 10.57
C THR N 10 21.21 16.24 9.79
N GLY N 11 20.05 16.51 10.36
CA GLY N 11 19.05 17.43 9.81
C GLY N 11 19.01 18.77 10.56
N ALA N 12 17.97 19.56 10.29
CA ALA N 12 17.88 20.91 10.87
C ALA N 12 17.87 20.92 12.38
N HIS N 13 17.22 19.95 12.99
CA HIS N 13 17.13 19.88 14.43
C HIS N 13 17.41 18.47 14.84
N GLU N 14 18.44 17.87 14.27
CA GLU N 14 18.67 16.47 14.59
C GLU N 14 19.60 16.28 15.77
N ASN N 15 20.68 17.05 15.76
CA ASN N 15 21.47 17.09 17.01
C ASN N 15 22.58 18.13 16.82
N GLN N 16 23.63 18.04 17.61
CA GLN N 16 24.89 18.65 17.16
C GLN N 16 25.43 17.78 16.02
N ASN N 17 26.51 18.21 15.37
CA ASN N 17 27.12 17.41 14.27
C ASN N 17 27.58 16.06 14.82
N VAL N 18 27.46 15.87 16.14
CA VAL N 18 27.98 14.69 16.88
C VAL N 18 27.44 13.41 16.25
N ALA N 19 26.19 13.41 15.79
CA ALA N 19 25.54 12.18 15.29
C ALA N 19 25.65 11.15 16.41
N ALA N 20 25.44 11.63 17.62
CA ALA N 20 25.41 10.85 18.83
C ALA N 20 24.45 11.51 19.78
N ASN N 21 23.20 11.57 19.38
CA ASN N 21 22.18 12.29 20.12
C ASN N 21 20.97 11.42 20.39
N GLY N 22 21.21 10.16 20.71
CA GLY N 22 20.11 9.26 21.01
C GLY N 22 19.76 8.34 19.85
N SER N 23 18.75 7.51 20.07
CA SER N 23 18.30 6.50 19.12
C SER N 23 17.39 7.02 18.03
N THR N 24 16.90 8.22 18.21
CA THR N 24 15.93 8.79 17.29
C THR N 24 16.57 9.29 16.03
N ILE N 25 17.90 9.26 15.98
CA ILE N 25 18.61 9.74 14.82
C ILE N 25 19.07 8.57 13.96
N ASN N 26 18.61 7.34 14.27
CA ASN N 26 18.95 6.13 13.52
C ASN N 26 17.88 5.72 12.52
N TYR N 27 18.25 4.90 11.52
CA TYR N 27 17.25 4.36 10.58
C TYR N 27 17.53 2.89 10.27
N THR N 28 16.50 2.19 9.81
CA THR N 28 16.62 0.77 9.54
C THR N 28 16.49 0.37 8.08
N THR N 29 17.42 -0.47 7.62
CA THR N 29 17.41 -1.01 6.26
C THR N 29 17.43 -2.54 6.21
N ILE N 30 16.56 -3.10 5.40
CA ILE N 30 16.50 -4.54 5.17
C ILE N 30 16.70 -4.79 3.69
N ASN N 31 17.61 -5.65 3.32
CA ASN N 31 17.80 -5.96 1.91
C ASN N 31 16.75 -6.99 1.52
N TYR N 32 16.06 -6.77 0.41
CA TYR N 32 14.99 -7.67 0.01
C TYR N 32 15.31 -8.52 -1.21
N TYR N 33 16.53 -8.42 -1.69
CA TYR N 33 16.88 -9.13 -2.91
C TYR N 33 18.10 -10.01 -2.76
N LYS N 34 18.12 -11.08 -3.55
CA LYS N 34 19.23 -12.02 -3.63
C LYS N 34 20.51 -11.48 -4.22
N ASP N 35 20.39 -10.49 -5.08
CA ASP N 35 21.51 -9.93 -5.80
C ASP N 35 21.96 -8.63 -5.19
N SER N 36 23.23 -8.51 -4.81
CA SER N 36 23.73 -7.28 -4.16
C SER N 36 23.55 -6.05 -5.03
N ALA N 37 23.59 -6.22 -6.34
CA ALA N 37 23.40 -5.07 -7.23
C ALA N 37 22.04 -4.41 -7.02
N SER N 38 21.09 -5.12 -6.43
CA SER N 38 19.75 -4.62 -6.18
C SER N 38 19.68 -3.78 -4.91
N ASN N 39 20.75 -3.75 -4.16
CA ASN N 39 20.79 -3.00 -2.93
C ASN N 39 20.80 -1.53 -3.22
N SER N 40 20.33 -0.79 -2.25
CA SER N 40 20.30 0.66 -2.28
C SER N 40 21.73 1.10 -2.18
N ALA N 41 21.99 2.39 -2.37
CA ALA N 41 23.37 2.87 -2.36
C ALA N 41 24.09 2.49 -1.08
N THR N 42 25.37 2.23 -1.20
CA THR N 42 26.16 1.81 -0.08
C THR N 42 26.47 2.92 0.90
N ARG N 43 27.05 2.55 2.01
CA ARG N 43 27.36 3.50 3.06
C ARG N 43 28.41 4.46 2.59
N GLN N 44 28.21 5.72 2.91
CA GLN N 44 29.16 6.72 2.52
C GLN N 44 30.53 6.47 3.12
N ASP N 45 31.52 6.53 2.26
CA ASP N 45 32.89 6.30 2.61
C ASP N 45 33.68 7.59 2.48
N LEU N 46 34.05 8.16 3.62
CA LEU N 46 34.78 9.42 3.65
C LEU N 46 36.28 9.25 3.68
N SER N 47 36.75 8.03 3.53
CA SER N 47 38.17 7.81 3.49
C SER N 47 38.70 8.52 2.27
N GLN N 48 39.84 9.14 2.41
CA GLN N 48 40.46 9.85 1.31
C GLN N 48 41.95 9.85 1.48
N ASP N 49 42.69 9.98 0.39
CA ASP N 49 44.14 10.07 0.49
C ASP N 49 44.71 10.93 -0.63
N PRO N 50 44.61 12.25 -0.51
CA PRO N 50 44.98 13.21 -1.51
C PRO N 50 46.41 13.10 -1.97
N SER N 51 47.30 12.56 -1.14
CA SER N 51 48.71 12.51 -1.53
C SER N 51 48.95 11.70 -2.79
N LYS N 52 48.04 10.79 -3.14
CA LYS N 52 48.25 10.02 -4.36
C LYS N 52 48.30 10.94 -5.57
N PHE N 53 47.58 12.04 -5.50
CA PHE N 53 47.52 12.95 -6.61
C PHE N 53 48.21 14.28 -6.31
N THR N 54 48.31 14.64 -5.03
CA THR N 54 48.87 15.94 -4.71
C THR N 54 50.31 15.89 -4.26
N GLU N 55 50.83 14.73 -3.88
CA GLU N 55 52.21 14.68 -3.48
C GLU N 55 52.78 13.28 -3.70
N PRO N 56 52.77 12.76 -4.94
CA PRO N 56 53.24 11.45 -5.31
C PRO N 56 54.75 11.41 -5.45
N VAL N 57 55.44 11.70 -4.37
CA VAL N 57 56.88 11.89 -4.47
C VAL N 57 57.65 10.75 -3.82
N LYS N 58 58.64 10.20 -4.53
CA LYS N 58 59.45 9.10 -4.01
C LYS N 58 60.33 9.53 -2.84
N ASP N 59 60.89 10.72 -2.93
CA ASP N 59 61.75 11.28 -1.90
C ASP N 59 60.82 12.06 -0.97
N LEU N 60 60.55 11.51 0.20
CA LEU N 60 59.50 12.02 1.07
C LEU N 60 59.87 13.24 1.90
N MET N 61 59.94 14.36 1.21
CA MET N 61 60.24 15.65 1.79
C MET N 61 59.08 16.16 2.62
N LEU N 62 59.40 16.85 3.70
CA LEU N 62 58.41 17.44 4.56
C LEU N 62 58.11 18.87 4.13
N LYS N 63 56.96 19.39 4.55
CA LYS N 63 56.54 20.75 4.18
C LYS N 63 57.42 21.88 4.68
N THR N 64 57.79 21.88 5.95
CA THR N 64 58.60 22.94 6.53
C THR N 64 60.06 22.75 6.21
N ALA N 65 60.39 22.81 4.95
CA ALA N 65 61.74 22.59 4.48
C ALA N 65 61.89 23.20 3.12
N PRO N 66 63.09 23.60 2.70
CA PRO N 66 63.31 24.03 1.35
C PRO N 66 63.08 22.80 0.53
N ALA N 67 62.39 22.95 -0.59
CA ALA N 67 62.18 21.82 -1.47
C ALA N 67 63.49 21.35 -2.05
N LEU N 68 64.36 22.31 -2.34
CA LEU N 68 65.65 22.00 -2.96
C LEU N 68 66.76 22.29 -1.95
N ASN N 69 67.60 21.28 -1.61
CA ASN N 69 68.70 21.42 -0.62
C ASN N 69 70.02 21.65 -1.36
N VAL O 16 27.60 -18.40 6.42
CA VAL O 16 28.07 -17.60 5.31
C VAL O 16 29.44 -18.19 4.90
N SER O 17 29.61 -18.53 3.59
CA SER O 17 30.83 -19.11 3.02
C SER O 17 30.98 -18.77 1.55
N GLN O 18 32.21 -18.94 1.06
CA GLN O 18 32.54 -18.73 -0.34
C GLN O 18 31.93 -19.86 -1.17
N PRO O 19 31.25 -19.59 -2.30
CA PRO O 19 30.67 -20.60 -3.16
C PRO O 19 31.77 -21.37 -3.85
N PRO O 20 31.57 -22.63 -4.25
CA PRO O 20 32.52 -23.41 -5.03
C PRO O 20 32.88 -22.71 -6.32
N SER O 21 34.16 -22.70 -6.63
CA SER O 21 34.69 -22.07 -7.83
C SER O 21 34.96 -23.07 -8.91
N THR O 22 35.25 -22.58 -10.10
CA THR O 22 35.67 -23.45 -11.17
C THR O 22 37.12 -23.80 -10.92
N GLN O 23 37.65 -24.75 -11.67
CA GLN O 23 38.99 -25.25 -11.45
C GLN O 23 40.12 -24.24 -11.55
N SER O 24 40.96 -24.22 -10.52
CA SER O 24 42.14 -23.36 -10.46
C SER O 24 43.31 -23.96 -11.22
N THR O 25 44.32 -23.17 -11.49
CA THR O 25 45.46 -23.73 -12.18
C THR O 25 46.67 -23.85 -11.30
N GLU O 26 47.23 -25.05 -11.24
CA GLU O 26 48.43 -25.28 -10.46
C GLU O 26 49.60 -24.89 -11.33
N ALA O 27 50.62 -24.28 -10.75
CA ALA O 27 51.78 -23.98 -11.55
C ALA O 27 52.46 -25.28 -11.92
N THR O 28 53.02 -25.35 -13.11
CA THR O 28 53.72 -26.56 -13.48
C THR O 28 54.98 -26.29 -14.30
N SER O 29 55.61 -27.36 -14.74
CA SER O 29 56.85 -27.32 -15.49
C SER O 29 56.89 -28.45 -16.50
N GLY O 30 57.92 -28.51 -17.33
CA GLY O 30 57.96 -29.55 -18.34
C GLY O 30 58.12 -30.93 -17.72
N VAL O 31 57.48 -31.91 -18.33
CA VAL O 31 57.52 -33.27 -17.84
C VAL O 31 58.14 -34.22 -18.84
N ASN O 32 59.14 -34.96 -18.38
CA ASN O 32 59.85 -35.92 -19.22
C ASN O 32 59.59 -37.36 -18.81
N SER O 33 58.53 -37.58 -18.06
CA SER O 33 58.15 -38.90 -17.62
C SER O 33 57.46 -39.56 -18.78
N GLN O 34 57.21 -40.84 -18.67
CA GLN O 34 56.52 -41.53 -19.75
C GLN O 34 55.04 -41.70 -19.49
N GLU O 35 54.53 -41.08 -18.43
CA GLU O 35 53.11 -41.17 -18.12
C GLU O 35 52.47 -39.89 -18.61
N VAL O 36 51.94 -39.93 -19.84
CA VAL O 36 51.49 -38.71 -20.49
C VAL O 36 49.97 -38.63 -20.67
N PRO O 37 49.28 -37.73 -19.96
CA PRO O 37 47.83 -37.58 -19.92
C PRO O 37 47.23 -37.05 -21.21
N ALA O 38 48.07 -36.54 -22.09
CA ALA O 38 47.61 -35.99 -23.35
C ALA O 38 47.36 -37.10 -24.36
N LEU O 39 47.76 -38.32 -24.04
CA LEU O 39 47.58 -39.45 -24.94
C LEU O 39 46.53 -40.34 -24.33
N THR O 40 45.47 -40.58 -25.06
CA THR O 40 44.33 -41.30 -24.52
C THR O 40 43.57 -42.10 -25.59
N ALA O 41 42.35 -42.45 -25.26
CA ALA O 41 41.46 -43.20 -26.11
C ALA O 41 40.09 -42.64 -25.83
N VAL O 42 39.22 -42.68 -26.84
CA VAL O 42 37.87 -42.18 -26.68
C VAL O 42 36.96 -43.29 -27.04
N GLU O 43 37.61 -44.35 -27.47
CA GLU O 43 36.95 -45.60 -27.86
C GLU O 43 36.25 -46.18 -26.67
N THR O 44 36.73 -45.76 -25.52
CA THR O 44 36.35 -46.15 -24.20
C THR O 44 35.04 -45.56 -23.78
N GLY O 45 34.55 -44.57 -24.50
CA GLY O 45 33.30 -43.91 -24.16
C GLY O 45 33.53 -42.75 -23.23
N ALA O 46 34.80 -42.50 -22.91
CA ALA O 46 35.14 -41.42 -22.03
C ALA O 46 35.64 -40.23 -22.83
N SER O 47 35.43 -39.06 -22.28
CA SER O 47 35.95 -37.82 -22.81
C SER O 47 37.40 -37.68 -22.42
N GLY O 48 38.14 -36.84 -23.12
CA GLY O 48 39.51 -36.59 -22.74
C GLY O 48 39.51 -35.86 -21.41
N GLN O 49 40.57 -36.02 -20.61
CA GLN O 49 40.59 -35.32 -19.33
C GLN O 49 41.62 -34.19 -19.18
N ALA O 50 42.41 -33.95 -20.21
CA ALA O 50 43.50 -32.97 -20.10
C ALA O 50 43.04 -31.53 -19.88
N ILE O 51 43.82 -30.83 -19.07
CA ILE O 51 43.64 -29.41 -18.79
C ILE O 51 44.99 -28.76 -19.14
N PRO O 52 45.14 -27.44 -19.23
CA PRO O 52 46.38 -26.79 -19.61
C PRO O 52 47.63 -27.25 -18.88
N SER O 53 47.52 -27.60 -17.60
CA SER O 53 48.70 -28.01 -16.81
C SER O 53 49.24 -29.37 -17.21
N ASP O 54 48.48 -30.10 -18.02
CA ASP O 54 48.84 -31.41 -18.51
C ASP O 54 49.58 -31.32 -19.83
N VAL O 55 49.47 -30.19 -20.51
CA VAL O 55 50.02 -30.08 -21.84
C VAL O 55 51.18 -29.08 -21.91
N VAL O 56 51.01 -27.91 -21.28
CA VAL O 56 51.99 -26.84 -21.35
C VAL O 56 52.43 -26.37 -19.99
N GLU O 57 53.52 -25.63 -19.93
CA GLU O 57 53.90 -25.04 -18.67
C GLU O 57 52.85 -23.98 -18.32
N THR O 58 52.38 -23.98 -17.07
CA THR O 58 51.37 -23.02 -16.61
C THR O 58 51.79 -22.31 -15.36
N ARG O 59 51.07 -21.24 -15.06
CA ARG O 59 51.34 -20.49 -13.85
C ARG O 59 50.28 -20.78 -12.84
N HIS O 60 50.52 -20.38 -11.62
CA HIS O 60 49.48 -20.52 -10.63
C HIS O 60 48.44 -19.45 -10.90
N VAL O 61 47.18 -19.86 -11.01
CA VAL O 61 46.10 -18.92 -11.22
C VAL O 61 45.03 -19.15 -10.21
N VAL O 62 44.67 -18.12 -9.47
CA VAL O 62 43.63 -18.35 -8.50
C VAL O 62 42.32 -18.09 -9.19
N ASN O 63 41.48 -19.09 -9.21
CA ASN O 63 40.24 -19.03 -9.93
C ASN O 63 39.06 -18.81 -9.00
N TYR O 64 38.46 -17.64 -9.10
CA TYR O 64 37.34 -17.26 -8.26
C TYR O 64 36.02 -17.24 -9.03
N LYS O 65 36.03 -17.75 -10.24
CA LYS O 65 34.84 -17.70 -11.10
C LYS O 65 33.79 -18.71 -10.66
N THR O 66 32.51 -18.33 -10.72
CA THR O 66 31.47 -19.26 -10.26
C THR O 66 30.41 -19.61 -11.32
N ARG O 67 30.13 -20.89 -11.49
CA ARG O 67 29.14 -21.32 -12.48
C ARG O 67 27.70 -21.19 -11.99
N SER O 68 27.28 -19.96 -11.75
CA SER O 68 25.93 -19.71 -11.27
C SER O 68 24.94 -19.44 -12.38
N GLU O 69 25.40 -18.82 -13.46
CA GLU O 69 24.51 -18.46 -14.56
C GLU O 69 24.04 -19.73 -15.25
N SER O 70 24.92 -20.71 -15.25
CA SER O 70 24.72 -21.97 -15.90
C SER O 70 23.97 -23.00 -15.08
N CYS O 71 23.58 -22.67 -13.85
CA CYS O 71 22.85 -23.65 -13.07
C CYS O 71 21.52 -23.86 -13.75
N LEU O 72 20.93 -25.04 -13.63
CA LEU O 72 19.67 -25.21 -14.34
C LEU O 72 18.58 -24.28 -13.85
N GLU O 73 18.60 -23.92 -12.59
CA GLU O 73 17.57 -23.04 -12.08
C GLU O 73 17.67 -21.68 -12.78
N SER O 74 18.89 -21.25 -13.05
CA SER O 74 19.15 -19.97 -13.70
C SER O 74 18.83 -20.06 -15.19
N PHE O 75 19.18 -21.17 -15.81
CA PHE O 75 19.00 -21.37 -17.25
C PHE O 75 17.53 -21.28 -17.60
N PHE O 76 16.72 -21.91 -16.78
CA PHE O 76 15.28 -21.94 -16.97
C PHE O 76 14.56 -20.91 -16.13
N GLY O 77 15.29 -19.94 -15.60
CA GLY O 77 14.71 -18.99 -14.67
C GLY O 77 14.05 -17.75 -15.27
N ARG O 78 13.89 -17.67 -16.58
CA ARG O 78 13.27 -16.48 -17.15
C ARG O 78 11.92 -16.90 -17.73
N ALA O 79 10.89 -16.07 -17.55
CA ALA O 79 9.59 -16.38 -18.11
C ALA O 79 9.63 -16.21 -19.61
N ALA O 80 9.01 -17.12 -20.34
CA ALA O 80 8.96 -17.00 -21.78
C ALA O 80 7.56 -16.83 -22.26
N CYS O 81 7.38 -16.12 -23.36
CA CYS O 81 6.04 -16.11 -23.91
C CYS O 81 5.86 -17.46 -24.54
N VAL O 82 4.74 -18.06 -24.28
CA VAL O 82 4.40 -19.35 -24.78
C VAL O 82 3.37 -19.29 -25.88
N THR O 83 2.32 -18.53 -25.66
CA THR O 83 1.30 -18.49 -26.71
C THR O 83 0.53 -17.20 -26.74
N ILE O 84 -0.16 -16.98 -27.86
CA ILE O 84 -1.01 -15.81 -28.00
C ILE O 84 -2.42 -16.22 -28.30
N LEU O 85 -3.34 -15.82 -27.44
CA LEU O 85 -4.72 -16.15 -27.60
C LEU O 85 -5.46 -14.88 -27.96
N SER O 86 -6.62 -14.98 -28.59
CA SER O 86 -7.32 -13.72 -28.82
C SER O 86 -8.82 -13.80 -28.63
N LEU O 87 -9.37 -12.65 -28.20
CA LEU O 87 -10.79 -12.46 -27.94
C LEU O 87 -11.36 -11.28 -28.71
N THR O 88 -12.61 -11.35 -29.11
CA THR O 88 -13.26 -10.19 -29.69
C THR O 88 -14.60 -9.90 -29.03
N ASN O 89 -14.72 -8.71 -28.44
CA ASN O 89 -15.96 -8.33 -27.80
C ASN O 89 -16.71 -7.40 -28.73
N SER O 90 -17.79 -7.87 -29.34
CA SER O 90 -18.54 -7.10 -30.34
C SER O 90 -20.01 -7.34 -30.30
N SER O 91 -20.78 -6.33 -30.68
CA SER O 91 -22.23 -6.41 -30.73
C SER O 91 -22.72 -7.17 -31.94
N LYS O 92 -21.85 -7.37 -32.93
CA LYS O 92 -22.22 -8.10 -34.12
C LYS O 92 -22.49 -9.54 -33.71
N SER O 93 -23.63 -10.09 -34.11
CA SER O 93 -23.97 -11.45 -33.67
C SER O 93 -23.02 -12.53 -34.11
N GLY O 94 -22.37 -12.33 -35.25
CA GLY O 94 -21.46 -13.32 -35.77
C GLY O 94 -20.15 -13.39 -35.01
N GLU O 95 -19.94 -12.45 -34.11
CA GLU O 95 -18.74 -12.37 -33.33
C GLU O 95 -18.90 -13.02 -31.95
N GLU O 96 -20.10 -13.49 -31.59
CA GLU O 96 -20.23 -14.03 -30.24
C GLU O 96 -19.29 -15.18 -29.97
N LYS O 97 -19.08 -16.01 -30.97
CA LYS O 97 -18.24 -17.18 -30.87
C LYS O 97 -16.77 -16.83 -30.65
N LYS O 98 -16.42 -15.57 -30.90
CA LYS O 98 -15.07 -15.11 -30.73
C LYS O 98 -14.89 -14.35 -29.42
N HIS O 99 -15.93 -14.28 -28.61
CA HIS O 99 -15.93 -13.57 -27.32
C HIS O 99 -15.07 -14.30 -26.27
N PHE O 100 -14.85 -15.60 -26.51
CA PHE O 100 -14.09 -16.46 -25.62
C PHE O 100 -13.33 -17.47 -26.45
N ASN O 101 -12.31 -18.08 -25.87
CA ASN O 101 -11.59 -19.12 -26.59
C ASN O 101 -11.11 -20.21 -25.66
N ILE O 102 -10.63 -21.30 -26.22
CA ILE O 102 -10.09 -22.37 -25.43
C ILE O 102 -8.71 -22.80 -25.93
N TRP O 103 -7.73 -22.79 -25.05
CA TRP O 103 -6.38 -23.17 -25.42
C TRP O 103 -5.85 -24.43 -24.74
N ASN O 104 -5.26 -25.32 -25.53
CA ASN O 104 -4.68 -26.52 -24.95
C ASN O 104 -3.43 -26.14 -24.23
N ILE O 105 -3.23 -26.58 -23.01
CA ILE O 105 -2.01 -26.17 -22.36
C ILE O 105 -0.85 -26.96 -22.87
N THR O 106 0.14 -26.22 -23.31
CA THR O 106 1.35 -26.73 -23.90
C THR O 106 2.42 -25.70 -23.88
N TYR O 107 3.67 -26.14 -23.98
CA TYR O 107 4.76 -25.21 -24.12
C TYR O 107 5.29 -25.24 -25.55
N THR O 108 4.63 -25.98 -26.42
CA THR O 108 5.11 -26.16 -27.77
C THR O 108 4.68 -25.13 -28.80
N ASP O 109 3.79 -24.20 -28.46
CA ASP O 109 3.37 -23.22 -29.47
C ASP O 109 4.54 -22.32 -29.87
N THR O 110 5.43 -22.00 -28.91
CA THR O 110 6.60 -21.17 -29.15
C THR O 110 7.86 -22.00 -29.01
N VAL O 111 8.66 -21.97 -30.05
CA VAL O 111 9.83 -22.82 -30.06
C VAL O 111 10.98 -22.28 -29.23
N GLN O 112 10.90 -21.02 -28.90
CA GLN O 112 12.00 -20.39 -28.18
C GLN O 112 12.14 -20.97 -26.77
N LEU O 113 11.02 -21.36 -26.14
CA LEU O 113 11.09 -21.98 -24.83
C LEU O 113 11.26 -23.45 -24.99
N ARG O 114 10.58 -24.01 -25.98
CA ARG O 114 10.63 -25.42 -26.19
C ARG O 114 12.06 -25.87 -26.32
N ARG O 115 12.85 -25.10 -27.02
CA ARG O 115 14.23 -25.45 -27.22
C ARG O 115 15.02 -25.70 -25.95
N LYS O 116 14.77 -24.95 -24.87
CA LYS O 116 15.55 -25.20 -23.69
C LYS O 116 15.06 -26.47 -23.00
N LEU O 117 13.76 -26.68 -23.02
CA LEU O 117 13.20 -27.86 -22.38
C LEU O 117 13.64 -29.12 -23.11
N GLU O 118 13.82 -29.01 -24.42
CA GLU O 118 14.24 -30.08 -25.34
C GLU O 118 15.62 -30.61 -25.03
N PHE O 119 16.39 -29.92 -24.19
CA PHE O 119 17.70 -30.44 -23.81
C PHE O 119 17.56 -31.60 -22.88
N PHE O 120 16.40 -31.78 -22.28
CA PHE O 120 16.26 -32.84 -21.32
C PHE O 120 15.17 -33.81 -21.69
N THR O 121 15.35 -35.05 -21.32
CA THR O 121 14.35 -36.03 -21.64
C THR O 121 13.15 -35.95 -20.71
N TYR O 122 13.42 -35.76 -19.43
CA TYR O 122 12.40 -35.68 -18.40
C TYR O 122 12.74 -34.53 -17.50
N SER O 123 11.73 -33.90 -16.90
CA SER O 123 12.02 -32.88 -15.90
C SER O 123 10.92 -32.77 -14.88
N ARG O 124 11.26 -32.23 -13.74
CA ARG O 124 10.30 -32.03 -12.68
C ARG O 124 10.37 -30.60 -12.21
N PHE O 125 9.27 -29.87 -12.30
CA PHE O 125 9.28 -28.49 -11.87
C PHE O 125 7.92 -27.96 -11.50
N ASP O 126 7.94 -26.86 -10.76
CA ASP O 126 6.75 -26.12 -10.41
C ASP O 126 6.62 -25.06 -11.47
N LEU O 127 5.42 -24.68 -11.84
CA LEU O 127 5.30 -23.67 -12.87
C LEU O 127 4.73 -22.33 -12.44
N GLU O 128 5.37 -21.26 -12.84
CA GLU O 128 4.79 -19.96 -12.58
C GLU O 128 4.19 -19.38 -13.85
N MET O 129 2.95 -18.90 -13.76
CA MET O 129 2.35 -18.28 -14.94
C MET O 129 1.95 -16.85 -14.74
N THR O 130 2.20 -16.08 -15.79
CA THR O 130 1.85 -14.65 -15.81
C THR O 130 1.12 -14.34 -17.11
N PHE O 131 0.13 -13.46 -17.06
CA PHE O 131 -0.53 -13.14 -18.32
C PHE O 131 -0.46 -11.66 -18.65
N VAL O 132 -0.21 -11.36 -19.91
CA VAL O 132 -0.14 -9.98 -20.35
C VAL O 132 -1.24 -9.67 -21.35
N PHE O 133 -2.07 -8.69 -21.03
CA PHE O 133 -3.17 -8.34 -21.91
C PHE O 133 -3.00 -7.03 -22.62
N THR O 134 -3.29 -7.02 -23.92
CA THR O 134 -3.35 -5.78 -24.69
C THR O 134 -4.58 -5.77 -25.56
N GLU O 135 -5.05 -4.57 -25.89
CA GLU O 135 -6.24 -4.49 -26.72
C GLU O 135 -6.25 -3.29 -27.65
N ASN O 136 -7.06 -3.36 -28.70
CA ASN O 136 -7.22 -2.26 -29.65
C ASN O 136 -8.60 -2.24 -30.27
N TYR O 137 -8.80 -1.25 -31.13
CA TYR O 137 -10.04 -1.16 -31.88
C TYR O 137 -9.68 -1.59 -33.31
N PRO O 138 -10.06 -2.81 -33.76
CA PRO O 138 -9.71 -3.37 -35.05
C PRO O 138 -10.44 -2.71 -36.22
N SER O 139 -11.50 -1.99 -35.89
CA SER O 139 -12.36 -1.33 -36.83
C SER O 139 -11.83 0.04 -37.11
N THR O 140 -12.32 0.70 -38.14
CA THR O 140 -11.90 2.06 -38.40
C THR O 140 -12.69 3.01 -37.50
N ALA O 141 -13.75 2.48 -36.93
CA ALA O 141 -14.62 3.17 -36.03
C ALA O 141 -14.07 3.10 -34.63
N SER O 142 -14.37 4.11 -33.83
CA SER O 142 -13.99 4.12 -32.44
C SER O 142 -14.99 4.94 -31.65
N GLY O 143 -15.11 4.63 -30.37
CA GLY O 143 -15.99 5.34 -29.47
C GLY O 143 -15.74 4.84 -28.06
N GLU O 144 -16.52 5.28 -27.09
CA GLU O 144 -16.20 4.84 -25.76
C GLU O 144 -16.67 3.43 -25.50
N VAL O 145 -15.85 2.72 -24.76
CA VAL O 145 -16.17 1.39 -24.29
C VAL O 145 -15.80 1.37 -22.84
N ARG O 146 -16.35 0.45 -22.09
CA ARG O 146 -16.00 0.42 -20.69
C ARG O 146 -14.80 -0.46 -20.42
N ASN O 147 -14.25 -0.38 -19.22
CA ASN O 147 -13.09 -1.19 -18.89
C ASN O 147 -13.43 -2.65 -19.09
N GLN O 148 -12.56 -3.34 -19.81
CA GLN O 148 -12.78 -4.73 -20.07
C GLN O 148 -12.18 -5.54 -18.97
N VAL O 149 -12.91 -6.55 -18.57
CA VAL O 149 -12.53 -7.46 -17.53
C VAL O 149 -12.46 -8.83 -18.14
N TYR O 150 -11.42 -9.56 -17.81
CA TYR O 150 -11.23 -10.87 -18.36
C TYR O 150 -11.19 -11.94 -17.30
N GLN O 151 -11.67 -13.10 -17.65
CA GLN O 151 -11.63 -14.27 -16.80
C GLN O 151 -10.85 -15.40 -17.41
N ILE O 152 -9.85 -15.89 -16.70
CA ILE O 152 -9.11 -17.03 -17.17
C ILE O 152 -9.47 -18.19 -16.30
N MET O 153 -10.07 -19.20 -16.89
CA MET O 153 -10.48 -20.36 -16.14
C MET O 153 -9.71 -21.58 -16.56
N TYR O 154 -9.21 -22.30 -15.60
CA TYR O 154 -8.55 -23.53 -15.95
C TYR O 154 -9.53 -24.64 -15.92
N ILE O 155 -9.59 -25.38 -16.99
CA ILE O 155 -10.47 -26.49 -17.09
C ILE O 155 -9.61 -27.74 -17.13
N PRO O 156 -9.50 -28.47 -16.03
CA PRO O 156 -8.69 -29.62 -15.89
C PRO O 156 -9.18 -30.69 -16.86
N PRO O 157 -8.39 -31.71 -17.16
CA PRO O 157 -8.75 -32.77 -18.05
C PRO O 157 -10.05 -33.40 -17.63
N GLY O 158 -10.95 -33.57 -18.58
CA GLY O 158 -12.24 -34.19 -18.37
C GLY O 158 -13.31 -33.25 -17.81
N ALA O 159 -12.94 -32.02 -17.48
CA ALA O 159 -13.90 -31.08 -16.94
C ALA O 159 -14.68 -30.49 -18.12
N PRO O 160 -15.90 -29.97 -17.93
CA PRO O 160 -16.71 -29.32 -18.94
C PRO O 160 -16.09 -28.13 -19.62
N ARG O 161 -16.38 -27.99 -20.90
CA ARG O 161 -15.92 -26.86 -21.66
C ARG O 161 -17.14 -25.99 -21.87
N PRO O 162 -17.03 -24.68 -21.89
CA PRO O 162 -18.13 -23.80 -22.18
C PRO O 162 -18.48 -23.93 -23.64
N SER O 163 -19.76 -23.84 -23.96
CA SER O 163 -20.20 -23.81 -25.34
C SER O 163 -20.27 -22.38 -25.86
N SER O 164 -20.24 -21.45 -24.92
CA SER O 164 -20.34 -20.03 -25.19
C SER O 164 -19.66 -19.26 -24.08
N TRP O 165 -19.37 -18.01 -24.34
CA TRP O 165 -18.72 -17.19 -23.33
C TRP O 165 -19.50 -17.06 -22.05
N ASP O 166 -20.82 -17.12 -22.13
CA ASP O 166 -21.69 -17.00 -20.98
C ASP O 166 -22.28 -18.33 -20.54
N ASP O 167 -21.66 -19.43 -20.94
CA ASP O 167 -22.20 -20.71 -20.54
C ASP O 167 -21.99 -20.88 -19.05
N TYR O 168 -22.80 -21.72 -18.44
CA TYR O 168 -22.85 -21.96 -17.00
C TYR O 168 -21.55 -22.50 -16.44
N THR O 169 -20.69 -23.03 -17.27
CA THR O 169 -19.46 -23.62 -16.79
C THR O 169 -18.53 -22.57 -16.18
N TRP O 170 -18.77 -21.29 -16.50
CA TRP O 170 -17.89 -20.21 -15.95
C TRP O 170 -18.21 -19.92 -14.48
N GLN O 171 -19.05 -20.75 -13.85
CA GLN O 171 -19.32 -20.66 -12.43
C GLN O 171 -18.08 -20.99 -11.64
N SER O 172 -17.19 -21.83 -12.19
CA SER O 172 -15.91 -22.08 -11.53
C SER O 172 -16.01 -22.48 -10.07
N SER O 173 -16.81 -23.47 -9.71
CA SER O 173 -16.90 -23.82 -8.30
C SER O 173 -15.68 -24.58 -7.81
N SER O 174 -14.92 -25.11 -8.75
CA SER O 174 -13.72 -25.88 -8.46
C SER O 174 -12.58 -25.44 -9.35
N ASN O 175 -12.90 -25.30 -10.62
CA ASN O 175 -11.92 -24.91 -11.59
C ASN O 175 -11.35 -23.62 -11.06
N PRO O 176 -10.05 -23.48 -10.87
CA PRO O 176 -9.51 -22.26 -10.37
C PRO O 176 -9.65 -21.31 -11.51
N SER O 177 -9.88 -20.05 -11.20
CA SER O 177 -9.95 -19.06 -12.23
C SER O 177 -9.51 -17.74 -11.69
N ILE O 178 -9.13 -16.86 -12.58
CA ILE O 178 -8.71 -15.56 -12.16
C ILE O 178 -9.36 -14.41 -12.92
N PHE O 179 -9.76 -13.40 -12.19
CA PHE O 179 -10.36 -12.22 -12.79
C PHE O 179 -9.41 -11.05 -12.79
N TYR O 180 -9.22 -10.49 -13.98
CA TYR O 180 -8.34 -9.36 -14.21
C TYR O 180 -9.00 -8.17 -14.84
N MET O 181 -8.78 -6.99 -14.28
CA MET O 181 -9.36 -5.82 -14.90
C MET O 181 -8.26 -5.14 -15.67
N TYR O 182 -8.54 -4.81 -16.90
CA TYR O 182 -7.51 -4.26 -17.74
C TYR O 182 -6.92 -3.00 -17.14
N GLY O 183 -5.60 -2.96 -17.13
CA GLY O 183 -4.88 -1.82 -16.62
C GLY O 183 -4.18 -2.12 -15.29
N ASN O 184 -4.61 -3.16 -14.61
CA ASN O 184 -3.92 -3.47 -13.37
C ASN O 184 -2.68 -4.27 -13.66
N ALA O 185 -1.92 -4.59 -12.62
CA ALA O 185 -0.72 -5.36 -12.84
C ALA O 185 -1.14 -6.67 -13.45
N PRO O 186 -0.38 -7.26 -14.38
CA PRO O 186 -0.76 -8.48 -15.01
C PRO O 186 -0.88 -9.51 -13.92
N PRO O 187 -1.84 -10.44 -14.01
CA PRO O 187 -2.10 -11.46 -13.04
C PRO O 187 -1.00 -12.49 -13.04
N ARG O 188 -0.79 -13.08 -11.87
CA ARG O 188 0.21 -14.13 -11.69
C ARG O 188 -0.23 -15.24 -10.72
N MET O 189 0.16 -16.47 -11.01
CA MET O 189 -0.12 -17.59 -10.09
C MET O 189 0.86 -18.74 -10.16
N SER O 190 0.97 -19.50 -9.07
CA SER O 190 1.80 -20.71 -9.06
C SER O 190 1.03 -22.01 -9.25
N ILE O 191 1.61 -22.90 -10.04
CA ILE O 191 1.05 -24.21 -10.28
C ILE O 191 2.03 -25.34 -9.94
N PRO O 192 1.89 -26.03 -8.82
CA PRO O 192 2.78 -27.07 -8.36
C PRO O 192 2.84 -28.12 -9.40
N TYR O 193 3.94 -28.84 -9.46
CA TYR O 193 4.10 -29.92 -10.41
C TYR O 193 2.86 -30.80 -10.44
N VAL O 194 2.29 -30.99 -11.62
CA VAL O 194 1.06 -31.79 -11.78
C VAL O 194 1.23 -33.02 -12.63
N GLY O 195 2.44 -33.49 -12.79
CA GLY O 195 2.66 -34.64 -13.63
C GLY O 195 1.98 -35.87 -13.05
N ILE O 196 1.67 -36.81 -13.93
CA ILE O 196 0.99 -38.06 -13.60
C ILE O 196 1.98 -39.13 -13.16
N ALA O 197 3.22 -38.81 -13.47
CA ALA O 197 4.42 -39.57 -13.26
C ALA O 197 5.25 -38.81 -12.26
N ASN O 198 6.50 -39.23 -12.04
CA ASN O 198 7.28 -38.56 -11.04
C ASN O 198 8.09 -37.42 -11.68
N ALA O 199 7.94 -37.31 -12.99
CA ALA O 199 8.55 -36.28 -13.82
C ALA O 199 7.71 -36.11 -15.06
N TYR O 200 7.79 -34.96 -15.70
CA TYR O 200 7.08 -34.76 -16.93
C TYR O 200 7.96 -35.35 -17.98
N SER O 201 7.39 -35.97 -18.99
CA SER O 201 8.21 -36.45 -20.06
C SER O 201 8.19 -35.42 -21.16
N HIS O 202 9.31 -35.22 -21.83
CA HIS O 202 9.32 -34.31 -22.96
C HIS O 202 9.30 -35.07 -24.25
N PHE O 203 9.45 -36.38 -24.14
CA PHE O 203 9.47 -37.27 -25.28
C PHE O 203 8.75 -38.56 -24.94
N TYR O 204 8.15 -39.20 -25.94
CA TYR O 204 7.58 -40.52 -25.68
C TYR O 204 7.64 -41.47 -26.85
N ASP O 205 8.55 -42.41 -26.78
CA ASP O 205 8.77 -43.38 -27.82
C ASP O 205 7.81 -44.51 -27.61
N GLY O 206 6.58 -44.24 -27.95
CA GLY O 206 5.55 -45.20 -27.71
C GLY O 206 4.20 -44.73 -28.15
N PHE O 207 3.23 -45.57 -27.86
CA PHE O 207 1.86 -45.30 -28.23
C PHE O 207 1.00 -45.17 -27.00
N ALA O 208 -0.07 -44.41 -27.13
CA ALA O 208 -1.02 -44.29 -26.04
C ALA O 208 -1.66 -45.62 -25.69
N ARG O 209 -1.88 -46.46 -26.70
CA ARG O 209 -2.48 -47.76 -26.51
C ARG O 209 -1.83 -48.74 -27.44
N VAL O 210 -1.90 -50.03 -27.12
CA VAL O 210 -1.37 -51.04 -28.01
C VAL O 210 -2.49 -51.66 -28.78
N PRO O 211 -2.52 -51.53 -30.11
CA PRO O 211 -3.56 -52.12 -30.90
C PRO O 211 -3.26 -53.60 -30.85
N LEU O 212 -4.29 -54.43 -30.80
CA LEU O 212 -4.09 -55.87 -30.76
C LEU O 212 -4.27 -56.55 -32.09
N GLU O 213 -3.89 -57.81 -32.15
CA GLU O 213 -3.92 -58.61 -33.38
C GLU O 213 -5.16 -58.49 -34.23
N GLY O 214 -6.34 -58.40 -33.63
CA GLY O 214 -7.58 -58.34 -34.42
C GLY O 214 -7.89 -56.95 -35.01
N GLU O 215 -7.05 -55.97 -34.72
CA GLU O 215 -7.23 -54.59 -35.15
C GLU O 215 -6.61 -54.31 -36.51
N ASN O 216 -6.76 -53.07 -36.96
CA ASN O 216 -6.29 -52.64 -38.27
C ASN O 216 -4.81 -52.82 -38.46
N THR O 217 -4.44 -53.25 -39.65
CA THR O 217 -3.09 -53.50 -40.10
C THR O 217 -2.11 -52.37 -39.78
N ASP O 218 -2.56 -51.12 -39.95
CA ASP O 218 -1.74 -49.95 -39.76
C ASP O 218 -2.11 -49.18 -38.47
N ALA O 219 -2.78 -49.87 -37.57
CA ALA O 219 -3.22 -49.28 -36.33
C ALA O 219 -2.05 -48.72 -35.56
N GLY O 220 -2.32 -47.63 -34.84
CA GLY O 220 -1.34 -46.95 -34.03
C GLY O 220 -0.91 -45.68 -34.73
N ASP O 221 -1.32 -45.52 -35.99
CA ASP O 221 -0.93 -44.35 -36.78
C ASP O 221 -1.32 -43.02 -36.14
N THR O 222 -2.41 -42.98 -35.41
CA THR O 222 -2.84 -41.76 -34.76
C THR O 222 -2.50 -41.69 -33.26
N PHE O 223 -1.79 -42.68 -32.73
CA PHE O 223 -1.49 -42.72 -31.30
C PHE O 223 -0.03 -42.54 -30.88
N TYR O 224 0.88 -42.31 -31.81
CA TYR O 224 2.31 -42.22 -31.47
C TYR O 224 2.76 -40.88 -30.95
N GLY O 225 3.63 -40.92 -29.95
CA GLY O 225 4.28 -39.72 -29.49
C GLY O 225 3.67 -39.11 -28.24
N LEU O 226 4.41 -38.16 -27.68
CA LEU O 226 4.09 -37.52 -26.42
C LEU O 226 2.71 -36.90 -26.36
N VAL O 227 2.24 -36.36 -27.45
CA VAL O 227 0.97 -35.71 -27.44
C VAL O 227 -0.14 -36.65 -27.02
N SER O 228 -0.08 -37.88 -27.48
CA SER O 228 -1.14 -38.83 -27.28
C SER O 228 -1.30 -39.24 -25.82
N ILE O 229 -0.33 -38.92 -24.97
CA ILE O 229 -0.44 -39.28 -23.57
C ILE O 229 -0.47 -38.04 -22.65
N ASN O 230 -0.70 -36.86 -23.22
CA ASN O 230 -0.71 -35.64 -22.41
C ASN O 230 -1.92 -34.76 -22.52
N ASP O 231 -2.52 -34.57 -21.37
CA ASP O 231 -3.71 -33.77 -21.21
C ASP O 231 -3.57 -33.02 -19.90
N PHE O 232 -3.29 -31.74 -20.02
CA PHE O 232 -3.09 -30.87 -18.89
C PHE O 232 -4.26 -29.96 -18.74
N GLY O 233 -5.31 -30.23 -19.48
CA GLY O 233 -6.47 -29.38 -19.45
C GLY O 233 -6.27 -28.22 -20.39
N VAL O 234 -7.21 -27.30 -20.34
CA VAL O 234 -7.21 -26.14 -21.22
C VAL O 234 -7.44 -24.86 -20.45
N LEU O 235 -7.11 -23.76 -21.06
CA LEU O 235 -7.49 -22.49 -20.47
C LEU O 235 -8.61 -21.88 -21.25
N ALA O 236 -9.69 -21.60 -20.56
CA ALA O 236 -10.83 -20.97 -21.17
C ALA O 236 -10.70 -19.52 -20.85
N VAL O 237 -10.58 -18.73 -21.87
CA VAL O 237 -10.36 -17.33 -21.64
C VAL O 237 -11.51 -16.60 -22.21
N ARG O 238 -12.20 -15.83 -21.37
CA ARG O 238 -13.33 -15.05 -21.93
C ARG O 238 -13.19 -13.61 -21.50
N ALA O 239 -13.89 -12.75 -22.23
CA ALA O 239 -14.18 -11.44 -21.71
C ALA O 239 -15.38 -11.66 -20.83
N VAL O 240 -15.57 -10.81 -19.81
CA VAL O 240 -16.72 -10.98 -18.88
C VAL O 240 -17.62 -9.75 -18.97
N ASN O 241 -17.47 -8.96 -20.04
CA ASN O 241 -18.29 -7.78 -20.29
C ASN O 241 -19.32 -8.12 -21.34
N ARG O 242 -20.42 -7.41 -21.32
CA ARG O 242 -21.39 -7.58 -22.37
C ARG O 242 -20.90 -6.72 -23.54
N SER O 243 -21.45 -6.94 -24.72
CA SER O 243 -20.99 -6.22 -25.88
C SER O 243 -21.24 -4.73 -25.91
N ASN O 244 -20.29 -4.04 -26.55
CA ASN O 244 -20.32 -2.61 -26.81
C ASN O 244 -20.46 -2.42 -28.31
N PRO O 245 -20.97 -1.29 -28.80
CA PRO O 245 -21.08 -0.96 -30.21
C PRO O 245 -19.74 -0.87 -30.93
N HIS O 246 -18.67 -0.67 -30.18
CA HIS O 246 -17.36 -0.57 -30.78
C HIS O 246 -16.55 -1.77 -30.40
N THR O 247 -16.17 -2.54 -31.39
CA THR O 247 -15.47 -3.78 -31.18
C THR O 247 -14.12 -3.61 -30.56
N ILE O 248 -13.86 -4.43 -29.54
CA ILE O 248 -12.56 -4.46 -28.91
C ILE O 248 -11.89 -5.80 -29.15
N HIS O 249 -10.67 -5.74 -29.63
CA HIS O 249 -9.87 -6.91 -29.92
C HIS O 249 -8.78 -7.07 -28.91
N THR O 250 -8.72 -8.24 -28.31
CA THR O 250 -7.75 -8.47 -27.26
C THR O 250 -6.81 -9.61 -27.52
N SER O 251 -5.55 -9.32 -27.33
CA SER O 251 -4.46 -10.27 -27.45
C SER O 251 -3.98 -10.64 -26.06
N VAL O 252 -3.98 -11.93 -25.76
CA VAL O 252 -3.57 -12.38 -24.45
C VAL O 252 -2.29 -13.17 -24.59
N ARG O 253 -1.24 -12.66 -24.00
CA ARG O 253 0.06 -13.29 -24.08
C ARG O 253 0.31 -14.10 -22.82
N VAL O 254 0.49 -15.38 -23.01
CA VAL O 254 0.66 -16.30 -21.90
C VAL O 254 2.11 -16.56 -21.67
N TYR O 255 2.58 -16.33 -20.44
CA TYR O 255 3.98 -16.55 -20.08
C TYR O 255 4.17 -17.68 -19.08
N MET O 256 5.27 -18.42 -19.26
CA MET O 256 5.62 -19.49 -18.35
C MET O 256 7.05 -19.47 -17.90
N LYS O 257 7.24 -19.73 -16.62
CA LYS O 257 8.56 -19.84 -16.04
C LYS O 257 8.70 -21.10 -15.18
N PRO O 258 9.36 -22.14 -15.63
CA PRO O 258 9.60 -23.32 -14.83
C PRO O 258 10.43 -22.83 -13.66
N LYS O 259 10.17 -23.33 -12.47
CA LYS O 259 10.95 -22.95 -11.31
C LYS O 259 11.11 -24.15 -10.41
N HIS O 260 12.11 -24.14 -9.55
CA HIS O 260 12.30 -25.28 -8.67
C HIS O 260 12.44 -26.48 -9.58
N ILE O 261 13.37 -26.36 -10.53
CA ILE O 261 13.51 -27.39 -11.56
C ILE O 261 14.72 -28.28 -11.51
N ARG O 262 14.45 -29.56 -11.67
CA ARG O 262 15.49 -30.57 -11.77
C ARG O 262 15.30 -31.26 -13.10
N CYS O 263 16.37 -31.46 -13.85
CA CYS O 263 16.26 -32.16 -15.11
C CYS O 263 16.95 -33.48 -14.99
N TRP O 264 16.42 -34.50 -15.64
CA TRP O 264 16.97 -35.82 -15.41
C TRP O 264 17.85 -36.48 -16.44
N CYS O 265 17.98 -35.94 -17.64
CA CYS O 265 18.77 -36.64 -18.64
C CYS O 265 19.00 -35.75 -19.85
N PRO O 266 20.23 -35.45 -20.25
CA PRO O 266 20.55 -34.57 -21.34
C PRO O 266 20.26 -35.17 -22.70
N ARG O 267 20.00 -34.30 -23.67
CA ARG O 267 19.78 -34.64 -25.07
C ARG O 267 20.48 -33.60 -25.96
N PRO O 268 20.74 -33.89 -27.24
CA PRO O 268 21.21 -32.96 -28.23
C PRO O 268 20.16 -31.88 -28.46
N PRO O 269 20.55 -30.67 -28.84
CA PRO O 269 19.69 -29.55 -29.21
C PRO O 269 19.08 -29.81 -30.58
N ARG O 270 17.93 -29.22 -30.85
CA ARG O 270 17.32 -29.36 -32.17
C ARG O 270 18.07 -28.48 -33.18
N ALA O 271 18.42 -29.05 -34.33
CA ALA O 271 19.14 -28.33 -35.37
C ALA O 271 18.23 -27.76 -36.44
N VAL O 272 17.08 -28.37 -36.62
CA VAL O 272 16.21 -27.93 -37.71
C VAL O 272 14.88 -27.44 -37.18
N LEU O 273 14.09 -26.82 -38.03
CA LEU O 273 12.83 -26.27 -37.60
C LEU O 273 11.85 -27.35 -37.19
N TYR O 274 11.01 -26.99 -36.24
CA TYR O 274 10.00 -27.89 -35.71
C TYR O 274 8.76 -27.90 -36.58
N ARG O 275 8.19 -29.07 -36.81
CA ARG O 275 6.93 -29.17 -37.50
C ARG O 275 5.94 -29.85 -36.59
N GLY O 276 5.20 -29.07 -35.83
CA GLY O 276 4.28 -29.66 -34.85
C GLY O 276 4.94 -29.95 -33.51
N GLU O 277 4.21 -30.66 -32.66
CA GLU O 277 4.55 -30.97 -31.28
C GLU O 277 5.56 -32.10 -31.06
N GLY O 278 5.84 -32.86 -32.12
CA GLY O 278 6.72 -34.02 -32.05
C GLY O 278 8.11 -33.68 -32.53
N VAL O 279 8.78 -34.63 -33.15
CA VAL O 279 10.15 -34.41 -33.58
C VAL O 279 10.20 -34.27 -35.08
N ASP O 280 9.04 -34.14 -35.65
CA ASP O 280 8.92 -34.05 -37.08
C ASP O 280 9.66 -32.91 -37.70
N MET O 281 10.36 -33.27 -38.76
CA MET O 281 11.15 -32.38 -39.54
C MET O 281 10.36 -31.91 -40.73
N ILE O 282 10.70 -30.75 -41.24
CA ILE O 282 10.05 -30.21 -42.42
C ILE O 282 11.05 -30.09 -43.56
N SER O 283 10.65 -30.46 -44.76
CA SER O 283 11.56 -30.37 -45.88
C SER O 283 12.02 -28.93 -46.00
N SER O 284 13.29 -28.79 -46.41
CA SER O 284 14.04 -27.54 -46.60
C SER O 284 14.68 -27.05 -45.29
N ALA O 285 14.19 -27.51 -44.15
CA ALA O 285 14.81 -27.11 -42.88
C ALA O 285 15.89 -28.10 -42.53
N ILE O 286 15.97 -29.10 -43.35
CA ILE O 286 16.82 -30.27 -43.29
C ILE O 286 18.29 -29.99 -43.43
N LEU O 287 18.65 -28.81 -43.90
CA LEU O 287 20.04 -28.48 -44.08
C LEU O 287 20.50 -27.31 -43.21
N PRO O 288 20.68 -27.48 -41.87
CA PRO O 288 20.97 -26.46 -40.89
C PRO O 288 22.33 -25.74 -40.95
N LEU O 289 23.34 -26.32 -41.59
CA LEU O 289 24.63 -25.67 -41.60
C LEU O 289 24.94 -24.97 -42.89
N ALA O 290 25.70 -23.90 -42.76
CA ALA O 290 26.23 -23.15 -43.87
C ALA O 290 27.61 -23.66 -44.23
N LYS O 291 28.01 -23.39 -45.46
CA LYS O 291 29.29 -23.80 -46.03
C LYS O 291 30.48 -22.94 -45.67
N VAL O 292 31.66 -23.54 -45.69
CA VAL O 292 32.87 -22.75 -45.62
C VAL O 292 33.57 -23.02 -46.92
N ASP O 293 34.46 -22.16 -47.36
CA ASP O 293 35.10 -22.40 -48.65
C ASP O 293 36.01 -23.61 -48.62
N SER O 294 36.67 -23.79 -47.51
CA SER O 294 37.58 -24.90 -47.32
C SER O 294 37.74 -25.24 -45.88
N ILE O 295 38.14 -26.46 -45.63
CA ILE O 295 38.43 -26.93 -44.28
C ILE O 295 39.60 -26.14 -43.66
N THR O 296 40.40 -25.49 -44.53
CA THR O 296 41.54 -24.66 -44.17
C THR O 296 41.22 -23.17 -44.20
N THR O 297 39.95 -22.80 -44.33
CA THR O 297 39.56 -21.39 -44.30
C THR O 297 39.16 -21.06 -42.86
N PHE O 298 39.72 -19.97 -42.29
CA PHE O 298 39.53 -19.59 -40.88
C PHE O 298 39.83 -18.10 -40.68
N SER P 10 44.36 -56.34 -17.37
CA SER P 10 44.21 -55.75 -18.68
C SER P 10 42.73 -55.51 -19.02
N ASP P 11 42.37 -54.27 -19.40
CA ASP P 11 41.02 -53.81 -19.78
C ASP P 11 40.62 -54.36 -21.14
N ARG P 12 41.61 -54.89 -21.84
CA ARG P 12 41.46 -55.45 -23.17
C ARG P 12 40.73 -56.76 -23.13
N VAL P 13 40.84 -57.50 -22.02
CA VAL P 13 40.19 -58.79 -22.03
C VAL P 13 39.05 -58.78 -21.05
N ARG P 14 37.88 -59.11 -21.54
CA ARG P 14 36.71 -59.10 -20.70
C ARG P 14 35.85 -60.32 -20.86
N GLN P 15 35.13 -60.63 -19.79
CA GLN P 15 34.15 -61.68 -19.80
C GLN P 15 32.92 -61.25 -19.06
N ILE P 16 31.79 -61.35 -19.73
CA ILE P 16 30.54 -60.96 -19.11
C ILE P 16 29.64 -62.15 -18.99
N THR P 17 29.21 -62.43 -17.78
CA THR P 17 28.34 -63.55 -17.58
C THR P 17 27.02 -63.13 -17.01
N LEU P 18 25.95 -63.64 -17.60
CA LEU P 18 24.60 -63.38 -17.15
C LEU P 18 23.76 -64.63 -17.34
N GLY P 19 23.08 -65.07 -16.30
CA GLY P 19 22.23 -66.23 -16.48
C GLY P 19 23.06 -67.42 -16.92
N ASN P 20 22.66 -68.02 -18.02
CA ASN P 20 23.32 -69.19 -18.58
C ASN P 20 24.08 -68.85 -19.86
N SER P 21 24.50 -67.60 -20.01
CA SER P 21 25.24 -67.21 -21.21
C SER P 21 26.47 -66.36 -20.89
N THR P 22 27.51 -66.52 -21.70
CA THR P 22 28.74 -65.77 -21.54
C THR P 22 29.26 -65.17 -22.84
N ILE P 23 29.72 -63.92 -22.77
CA ILE P 23 30.36 -63.31 -23.92
C ILE P 23 31.78 -62.94 -23.55
N THR P 24 32.72 -63.36 -24.38
CA THR P 24 34.10 -63.02 -24.12
C THR P 24 34.70 -62.27 -25.27
N THR P 25 35.71 -61.48 -24.97
CA THR P 25 36.45 -60.79 -26.00
C THR P 25 37.87 -60.51 -25.58
N GLN P 26 38.77 -60.50 -26.55
CA GLN P 26 40.16 -60.16 -26.31
C GLN P 26 40.51 -58.75 -26.75
N GLU P 27 39.55 -58.05 -27.34
CA GLU P 27 39.81 -56.73 -27.92
C GLU P 27 38.84 -55.68 -27.42
N ALA P 28 38.64 -55.65 -26.12
CA ALA P 28 37.77 -54.72 -25.45
C ALA P 28 38.47 -53.40 -25.26
N ALA P 29 37.71 -52.36 -25.00
CA ALA P 29 38.28 -51.06 -24.71
C ALA P 29 37.56 -50.44 -23.55
N ASN P 30 37.63 -51.08 -22.37
CA ASN P 30 36.87 -50.65 -21.20
C ASN P 30 35.39 -50.83 -21.49
N ALA P 31 34.55 -50.42 -20.54
CA ALA P 31 33.09 -50.55 -20.68
C ALA P 31 32.41 -49.39 -19.97
N ILE P 32 31.22 -49.05 -20.41
CA ILE P 32 30.41 -47.95 -19.87
C ILE P 32 29.21 -48.34 -19.10
N VAL P 33 28.99 -47.67 -17.98
CA VAL P 33 27.76 -47.86 -17.22
C VAL P 33 27.06 -46.54 -17.30
N ALA P 34 25.95 -46.48 -18.02
CA ALA P 34 25.37 -45.18 -18.24
C ALA P 34 25.03 -44.53 -16.93
N TYR P 35 25.43 -43.27 -16.83
CA TYR P 35 25.22 -42.40 -15.70
C TYR P 35 25.81 -42.91 -14.40
N GLY P 36 26.64 -43.94 -14.48
CA GLY P 36 27.27 -44.47 -13.31
C GLY P 36 26.32 -45.32 -12.48
N GLU P 37 25.19 -45.75 -13.04
CA GLU P 37 24.27 -46.51 -12.22
C GLU P 37 23.95 -47.86 -12.80
N TRP P 38 23.90 -48.84 -11.94
CA TRP P 38 23.57 -50.19 -12.32
C TRP P 38 22.08 -50.40 -12.15
N PRO P 39 21.46 -51.25 -12.95
CA PRO P 39 20.12 -51.68 -12.76
C PRO P 39 19.97 -52.43 -11.45
N THR P 40 18.89 -52.14 -10.75
CA THR P 40 18.53 -52.81 -9.51
C THR P 40 17.05 -53.09 -9.57
N TYR P 41 16.55 -53.81 -8.60
CA TYR P 41 15.12 -54.10 -8.48
C TYR P 41 14.41 -52.89 -7.90
N ILE P 42 13.09 -52.78 -8.11
CA ILE P 42 12.42 -51.59 -7.58
C ILE P 42 12.40 -51.63 -6.07
N ASN P 43 12.83 -50.54 -5.47
CA ASN P 43 12.84 -50.40 -4.03
C ASN P 43 11.41 -50.20 -3.55
N ASP P 44 11.07 -50.73 -2.40
CA ASP P 44 9.72 -50.55 -1.90
C ASP P 44 9.36 -49.10 -1.58
N SER P 45 10.37 -48.28 -1.33
CA SER P 45 10.12 -46.88 -1.04
C SER P 45 9.67 -46.12 -2.28
N GLU P 46 9.87 -46.70 -3.46
CA GLU P 46 9.51 -46.10 -4.72
C GLU P 46 8.74 -47.10 -5.56
N ALA P 47 7.48 -47.36 -5.25
CA ALA P 47 6.81 -48.38 -6.05
C ALA P 47 5.35 -48.05 -6.30
N ASN P 48 4.92 -48.27 -7.54
CA ASN P 48 3.53 -48.10 -7.91
C ASN P 48 2.65 -49.32 -7.68
N PRO P 49 2.93 -50.51 -8.28
CA PRO P 49 2.09 -51.67 -8.20
C PRO P 49 2.12 -52.23 -6.81
N VAL P 50 1.04 -52.89 -6.43
CA VAL P 50 1.01 -53.51 -5.12
C VAL P 50 1.10 -55.02 -5.18
N ASP P 51 0.94 -55.61 -6.35
CA ASP P 51 1.00 -57.05 -6.40
C ASP P 51 2.41 -57.53 -6.23
N ALA P 52 2.56 -58.72 -5.68
CA ALA P 52 3.90 -59.26 -5.55
C ALA P 52 4.47 -59.40 -6.96
N PRO P 53 5.72 -58.98 -7.20
CA PRO P 53 6.41 -59.02 -8.46
C PRO P 53 6.86 -60.38 -8.88
N THR P 54 7.06 -60.51 -10.17
CA THR P 54 7.71 -61.63 -10.79
C THR P 54 9.13 -61.22 -11.09
N GLU P 55 10.07 -62.04 -10.68
CA GLU P 55 11.47 -61.78 -10.92
C GLU P 55 12.04 -63.01 -11.62
N PRO P 56 12.00 -63.07 -12.95
CA PRO P 56 12.37 -64.20 -13.79
C PRO P 56 13.78 -64.69 -13.57
N ASP P 57 14.63 -63.83 -13.02
CA ASP P 57 16.00 -64.18 -12.74
C ASP P 57 16.66 -64.71 -14.00
N VAL P 58 17.26 -65.91 -13.94
CA VAL P 58 17.97 -66.49 -15.07
C VAL P 58 17.14 -66.56 -16.34
N SER P 59 15.83 -66.79 -16.24
CA SER P 59 15.06 -66.92 -17.46
C SER P 59 15.13 -65.67 -18.32
N SER P 60 15.20 -64.48 -17.73
CA SER P 60 15.26 -63.27 -18.53
C SER P 60 16.63 -62.65 -18.56
N ASN P 61 17.40 -62.84 -17.51
CA ASN P 61 18.66 -62.17 -17.41
C ASN P 61 19.76 -62.97 -18.08
N ARG P 62 19.70 -63.03 -19.39
CA ARG P 62 20.65 -63.78 -20.21
C ARG P 62 20.81 -63.08 -21.52
N PHE P 63 21.87 -63.35 -22.26
CA PHE P 63 22.02 -62.70 -23.54
C PHE P 63 21.28 -63.36 -24.65
N TYR P 64 20.71 -62.54 -25.50
CA TYR P 64 20.02 -62.94 -26.70
C TYR P 64 20.77 -62.35 -27.87
N THR P 65 20.85 -63.04 -28.99
CA THR P 65 21.56 -62.45 -30.11
C THR P 65 20.62 -62.02 -31.21
N LEU P 66 20.75 -60.77 -31.64
CA LEU P 66 19.90 -60.25 -32.68
C LEU P 66 20.49 -60.61 -34.02
N GLU P 67 19.67 -60.72 -35.04
CA GLU P 67 20.19 -61.02 -36.35
C GLU P 67 21.19 -59.93 -36.71
N SER P 68 22.34 -60.35 -37.21
CA SER P 68 23.40 -59.44 -37.57
C SER P 68 23.05 -58.65 -38.80
N VAL P 69 23.77 -57.57 -39.01
CA VAL P 69 23.56 -56.74 -40.18
C VAL P 69 24.87 -56.60 -40.90
N SER P 70 24.84 -56.26 -42.16
CA SER P 70 26.10 -56.07 -42.86
C SER P 70 26.47 -54.61 -42.97
N TRP P 71 27.73 -54.34 -42.67
CA TRP P 71 28.29 -53.01 -42.82
C TRP P 71 29.04 -52.93 -44.11
N LYS P 72 28.48 -52.13 -44.99
CA LYS P 72 28.96 -51.90 -46.32
C LYS P 72 29.43 -50.48 -46.39
N THR P 73 30.15 -50.12 -47.42
CA THR P 73 30.70 -48.78 -47.53
C THR P 73 29.66 -47.69 -47.75
N THR P 74 28.44 -48.09 -48.06
CA THR P 74 27.35 -47.18 -48.30
C THR P 74 26.33 -47.20 -47.17
N SER P 75 26.59 -47.98 -46.13
CA SER P 75 25.63 -48.08 -45.05
C SER P 75 25.57 -46.76 -44.35
N ARG P 76 24.40 -46.35 -43.90
CA ARG P 76 24.35 -45.10 -43.18
C ARG P 76 24.15 -45.32 -41.70
N GLY P 77 23.59 -46.46 -41.34
CA GLY P 77 23.38 -46.74 -39.95
C GLY P 77 22.28 -47.75 -39.75
N TRP P 78 22.16 -48.20 -38.51
CA TRP P 78 21.18 -49.18 -38.10
C TRP P 78 20.53 -48.77 -36.81
N TRP P 79 19.30 -49.19 -36.60
CA TRP P 79 18.72 -48.91 -35.31
C TRP P 79 17.75 -49.94 -34.78
N TRP P 80 17.66 -49.98 -33.46
CA TRP P 80 16.73 -50.87 -32.80
C TRP P 80 16.02 -50.17 -31.69
N LYS P 81 14.82 -50.58 -31.41
CA LYS P 81 14.16 -50.09 -30.21
C LYS P 81 14.56 -51.15 -29.18
N LEU P 82 15.05 -50.75 -28.02
CA LEU P 82 15.62 -51.76 -27.15
C LEU P 82 14.70 -52.83 -26.60
N PRO P 83 13.63 -52.58 -25.84
CA PRO P 83 12.80 -53.65 -25.35
C PRO P 83 12.09 -54.32 -26.51
N ASP P 84 11.95 -53.61 -27.61
CA ASP P 84 11.30 -54.19 -28.76
C ASP P 84 12.12 -55.27 -29.40
N CYS P 85 13.41 -55.08 -29.47
CA CYS P 85 14.20 -56.06 -30.18
C CYS P 85 14.20 -57.42 -29.52
N LEU P 86 13.91 -57.49 -28.22
CA LEU P 86 13.87 -58.76 -27.56
C LEU P 86 12.45 -59.26 -27.29
N LYS P 87 11.44 -58.55 -27.80
CA LYS P 87 10.08 -58.90 -27.43
C LYS P 87 9.65 -60.29 -27.85
N ASP P 88 10.22 -60.81 -28.91
CA ASP P 88 9.82 -62.11 -29.36
C ASP P 88 10.84 -63.18 -29.02
N MET P 89 11.78 -62.86 -28.11
CA MET P 89 12.80 -63.84 -27.82
C MET P 89 12.76 -64.51 -26.45
N GLY P 90 12.58 -65.82 -26.47
CA GLY P 90 12.60 -66.69 -25.29
C GLY P 90 11.63 -66.31 -24.20
N MET P 91 12.08 -66.53 -22.95
CA MET P 91 11.27 -66.23 -21.79
C MET P 91 11.12 -64.77 -21.55
N PHE P 92 12.10 -63.97 -21.95
CA PHE P 92 11.94 -62.56 -21.75
C PHE P 92 10.73 -62.13 -22.53
N GLY P 93 10.66 -62.56 -23.78
CA GLY P 93 9.54 -62.19 -24.61
C GLY P 93 8.22 -62.68 -24.04
N GLN P 94 8.17 -63.91 -23.53
CA GLN P 94 6.91 -64.36 -22.98
C GLN P 94 6.52 -63.55 -21.77
N ASN P 95 7.47 -63.24 -20.91
CA ASN P 95 7.12 -62.52 -19.71
C ASN P 95 6.66 -61.15 -20.06
N MET P 96 7.19 -60.59 -21.12
CA MET P 96 6.77 -59.29 -21.53
C MET P 96 5.31 -59.31 -21.91
N TYR P 97 4.91 -60.30 -22.69
CA TYR P 97 3.55 -60.34 -23.17
C TYR P 97 2.52 -60.73 -22.11
N TYR P 98 2.93 -61.37 -21.03
CA TYR P 98 1.95 -61.71 -20.01
C TYR P 98 1.84 -60.63 -18.95
N HIS P 99 2.57 -59.53 -19.07
CA HIS P 99 2.45 -58.55 -18.00
C HIS P 99 2.18 -57.14 -18.48
N TYR P 100 1.32 -56.47 -17.76
CA TYR P 100 1.01 -55.10 -18.05
C TYR P 100 2.17 -54.20 -17.80
N LEU P 101 2.84 -54.41 -16.69
CA LEU P 101 3.96 -53.59 -16.32
C LEU P 101 5.24 -54.39 -16.38
N GLY P 102 6.35 -53.72 -16.64
CA GLY P 102 7.63 -54.38 -16.59
C GLY P 102 8.77 -53.40 -16.59
N ARG P 103 9.92 -53.91 -16.19
CA ARG P 103 11.10 -53.12 -16.09
C ARG P 103 12.35 -53.93 -16.25
N SER P 104 13.31 -53.41 -16.98
CA SER P 104 14.57 -54.10 -17.04
C SER P 104 15.68 -53.18 -17.39
N GLY P 105 16.88 -53.51 -16.93
CA GLY P 105 18.05 -52.81 -17.36
C GLY P 105 18.59 -53.68 -18.44
N TYR P 106 19.66 -53.27 -19.06
CA TYR P 106 20.25 -54.07 -20.11
C TYR P 106 21.75 -54.07 -20.13
N THR P 107 22.32 -55.11 -20.67
CA THR P 107 23.73 -55.10 -21.01
C THR P 107 23.78 -55.27 -22.50
N ILE P 108 24.32 -54.28 -23.17
CA ILE P 108 24.36 -54.32 -24.62
C ILE P 108 25.77 -54.42 -25.10
N HIS P 109 26.06 -55.47 -25.83
CA HIS P 109 27.41 -55.69 -26.29
C HIS P 109 27.42 -55.83 -27.81
N VAL P 110 28.07 -54.89 -28.46
CA VAL P 110 28.14 -54.86 -29.91
C VAL P 110 29.47 -55.38 -30.37
N GLN P 111 29.44 -56.30 -31.34
CA GLN P 111 30.66 -56.90 -31.87
C GLN P 111 30.85 -56.62 -33.36
N CYS P 112 32.09 -56.35 -33.79
CA CYS P 112 32.39 -56.16 -35.21
C CYS P 112 33.87 -56.43 -35.49
N ASN P 113 34.15 -57.63 -35.99
CA ASN P 113 35.50 -58.12 -36.19
C ASN P 113 36.05 -57.93 -37.60
N ALA P 114 37.16 -57.21 -37.72
CA ALA P 114 37.77 -56.97 -39.02
C ALA P 114 39.27 -57.03 -38.91
N SER P 115 39.91 -57.36 -40.01
CA SER P 115 41.36 -57.38 -40.10
C SER P 115 41.98 -56.02 -39.90
N LYS P 116 43.21 -56.05 -39.40
CA LYS P 116 44.03 -54.90 -39.06
C LYS P 116 44.31 -53.96 -40.23
N PHE P 117 44.10 -54.46 -41.44
CA PHE P 117 44.35 -53.67 -42.62
C PHE P 117 43.12 -52.86 -43.03
N HIS P 118 42.04 -53.01 -42.29
CA HIS P 118 40.81 -52.30 -42.58
C HIS P 118 40.73 -51.08 -41.72
N GLN P 119 40.04 -50.08 -42.21
CA GLN P 119 39.81 -48.87 -41.45
C GLN P 119 38.33 -48.64 -41.30
N GLY P 120 37.97 -47.57 -40.59
CA GLY P 120 36.57 -47.24 -40.37
C GLY P 120 36.21 -47.41 -38.91
N ALA P 121 35.09 -46.83 -38.51
CA ALA P 121 34.68 -46.88 -37.12
C ALA P 121 33.18 -46.75 -37.00
N LEU P 122 32.61 -47.34 -35.96
CA LEU P 122 31.20 -47.26 -35.65
C LEU P 122 30.91 -46.61 -34.32
N GLY P 123 30.03 -45.65 -34.31
CA GLY P 123 29.67 -45.05 -33.05
C GLY P 123 28.46 -45.79 -32.56
N VAL P 124 28.49 -46.21 -31.32
CA VAL P 124 27.36 -46.90 -30.75
C VAL P 124 26.77 -46.04 -29.66
N PHE P 125 25.53 -45.64 -29.83
CA PHE P 125 24.93 -44.75 -28.88
C PHE P 125 23.68 -45.35 -28.32
N LEU P 126 23.46 -45.16 -27.04
CA LEU P 126 22.20 -45.61 -26.50
C LEU P 126 21.41 -44.41 -26.12
N ILE P 127 20.29 -44.28 -26.76
CA ILE P 127 19.51 -43.11 -26.57
C ILE P 127 18.31 -43.41 -25.72
N PRO P 128 18.21 -42.87 -24.53
CA PRO P 128 17.09 -43.13 -23.70
C PRO P 128 16.04 -42.41 -24.45
N GLU P 129 14.86 -42.95 -24.51
CA GLU P 129 13.77 -42.25 -25.12
C GLU P 129 14.08 -41.78 -26.56
N PHE P 130 14.25 -42.72 -27.47
CA PHE P 130 14.63 -42.39 -28.84
C PHE P 130 13.43 -42.19 -29.76
N VAL P 131 13.11 -40.94 -30.05
CA VAL P 131 11.92 -40.66 -30.83
C VAL P 131 12.30 -40.15 -32.21
N MET P 132 11.83 -40.84 -33.23
CA MET P 132 12.12 -40.52 -34.62
C MET P 132 10.90 -39.90 -35.33
N ALA P 133 11.18 -39.06 -36.32
CA ALA P 133 10.19 -38.36 -37.16
C ALA P 133 9.50 -39.28 -38.16
N CYS P 134 8.27 -38.92 -38.58
CA CYS P 134 7.55 -39.70 -39.60
C CYS P 134 7.92 -39.27 -41.01
N ASN P 135 7.79 -40.18 -41.98
CA ASN P 135 8.14 -39.87 -43.37
C ASN P 135 7.00 -39.28 -44.22
N THR P 136 6.44 -38.21 -43.73
CA THR P 136 5.38 -37.46 -44.39
C THR P 136 5.35 -36.04 -43.89
N GLU P 137 4.88 -35.13 -44.71
CA GLU P 137 4.71 -33.76 -44.25
C GLU P 137 3.27 -33.39 -43.88
N SER P 138 2.29 -34.21 -44.28
CA SER P 138 0.91 -33.83 -44.02
C SER P 138 0.43 -34.19 -42.63
N LYS P 139 1.09 -35.14 -41.98
CA LYS P 139 0.71 -35.59 -40.67
C LYS P 139 1.92 -35.50 -39.75
N THR P 140 1.69 -35.40 -38.44
CA THR P 140 2.78 -35.39 -37.46
C THR P 140 2.70 -36.62 -36.59
N SER P 141 3.87 -37.16 -36.23
CA SER P 141 4.01 -38.37 -35.40
C SER P 141 3.12 -39.45 -35.95
N TYR P 142 3.04 -39.51 -37.26
CA TYR P 142 2.12 -40.41 -37.87
C TYR P 142 2.75 -41.69 -38.24
N VAL P 143 2.92 -42.57 -37.28
CA VAL P 143 3.58 -43.83 -37.56
C VAL P 143 2.78 -44.98 -37.04
N SER P 144 2.82 -46.10 -37.74
CA SER P 144 2.07 -47.26 -37.26
C SER P 144 2.81 -48.00 -36.17
N TYR P 145 2.09 -48.87 -35.44
CA TYR P 145 2.70 -49.70 -34.41
C TYR P 145 3.80 -50.56 -35.01
N ILE P 146 3.52 -51.09 -36.18
CA ILE P 146 4.38 -51.98 -36.91
C ILE P 146 5.69 -51.36 -37.29
N ASN P 147 5.67 -50.13 -37.73
CA ASN P 147 6.90 -49.50 -38.13
C ASN P 147 7.69 -48.99 -36.93
N ALA P 148 6.98 -48.63 -35.87
CA ALA P 148 7.60 -48.13 -34.65
C ALA P 148 8.30 -49.22 -33.87
N ASN P 149 7.84 -50.45 -34.03
CA ASN P 149 8.40 -51.59 -33.34
C ASN P 149 8.76 -52.75 -34.28
N PRO P 150 9.89 -52.65 -35.04
CA PRO P 150 10.39 -53.57 -36.06
C PRO P 150 10.76 -54.96 -35.56
N GLY P 151 10.97 -55.12 -34.26
CA GLY P 151 11.38 -56.39 -33.71
C GLY P 151 12.88 -56.54 -33.75
N GLU P 152 13.35 -57.79 -33.75
CA GLU P 152 14.78 -58.10 -33.63
C GLU P 152 15.55 -57.65 -34.85
N ARG P 153 14.83 -57.38 -35.91
CA ARG P 153 15.36 -56.93 -37.17
C ARG P 153 15.89 -55.51 -37.11
N GLY P 154 15.22 -54.64 -36.36
CA GLY P 154 15.59 -53.23 -36.33
C GLY P 154 15.23 -52.56 -37.64
N GLY P 155 15.85 -51.42 -37.87
CA GLY P 155 15.66 -50.60 -39.05
C GLY P 155 17.00 -50.05 -39.51
N GLU P 156 16.97 -49.13 -40.47
CA GLU P 156 18.18 -48.56 -41.05
C GLU P 156 18.07 -47.07 -41.22
N PHE P 157 19.22 -46.41 -41.29
CA PHE P 157 19.27 -44.98 -41.56
C PHE P 157 19.50 -44.68 -43.02
N THR P 158 18.99 -43.54 -43.43
CA THR P 158 19.15 -43.00 -44.77
C THR P 158 19.93 -41.71 -44.77
N ASN P 159 20.21 -41.21 -45.96
CA ASN P 159 20.90 -39.95 -46.10
C ASN P 159 20.07 -38.94 -46.86
N THR P 160 18.80 -39.24 -47.02
CA THR P 160 17.90 -38.33 -47.71
C THR P 160 16.51 -38.37 -47.13
N TYR P 161 15.81 -37.25 -47.21
CA TYR P 161 14.46 -37.17 -46.71
C TYR P 161 13.52 -37.04 -47.87
N ASN P 162 12.69 -38.05 -48.05
CA ASN P 162 11.79 -38.08 -49.18
C ASN P 162 10.40 -38.47 -48.74
N PRO P 163 9.68 -37.60 -48.03
CA PRO P 163 8.38 -37.84 -47.45
C PRO P 163 7.35 -37.98 -48.53
N SER P 164 6.26 -38.74 -48.25
CA SER P 164 5.11 -38.90 -49.14
C SER P 164 4.00 -37.98 -48.62
N SER P 169 0.78 -44.02 -47.85
CA SER P 169 1.08 -45.42 -47.58
C SER P 169 2.43 -45.58 -46.85
N GLU P 170 3.47 -44.84 -47.33
CA GLU P 170 4.84 -44.84 -46.84
C GLU P 170 4.99 -43.78 -45.76
N GLY P 171 3.93 -43.01 -45.56
CA GLY P 171 3.93 -41.91 -44.63
C GLY P 171 3.86 -42.38 -43.19
N ARG P 172 3.64 -43.67 -43.02
CA ARG P 172 3.51 -44.27 -41.71
C ARG P 172 4.82 -44.90 -41.27
N LYS P 173 5.84 -44.77 -42.12
CA LYS P 173 7.17 -45.29 -41.87
C LYS P 173 8.01 -44.16 -41.31
N PHE P 174 9.12 -44.50 -40.69
CA PHE P 174 10.00 -43.49 -40.13
C PHE P 174 10.99 -42.88 -41.07
N ALA P 175 11.19 -41.60 -40.85
CA ALA P 175 12.22 -40.84 -41.52
C ALA P 175 13.48 -41.18 -40.79
N ALA P 176 14.61 -41.29 -41.45
CA ALA P 176 15.78 -41.63 -40.66
C ALA P 176 17.03 -40.99 -41.13
N LEU P 177 17.08 -39.69 -41.19
CA LEU P 177 18.34 -39.11 -41.66
C LEU P 177 19.44 -39.43 -40.70
N ASP P 178 20.59 -39.82 -41.22
CA ASP P 178 21.69 -40.20 -40.36
C ASP P 178 22.31 -39.00 -39.70
N TYR P 179 22.59 -37.97 -40.45
CA TYR P 179 23.26 -36.79 -39.92
C TYR P 179 22.37 -36.07 -38.92
N LEU P 180 21.04 -36.29 -38.99
CA LEU P 180 20.13 -35.69 -38.02
C LEU P 180 19.55 -36.68 -36.99
N LEU P 181 20.08 -37.90 -36.96
CA LEU P 181 19.68 -39.00 -36.08
C LEU P 181 18.21 -39.34 -36.14
N GLY P 182 17.56 -39.05 -37.25
CA GLY P 182 16.16 -39.32 -37.43
C GLY P 182 15.24 -38.37 -36.69
N SER P 183 15.79 -37.39 -35.95
CA SER P 183 14.96 -36.48 -35.14
C SER P 183 15.18 -35.01 -35.40
N GLY P 184 16.17 -34.64 -36.19
CA GLY P 184 16.36 -33.23 -36.43
C GLY P 184 17.37 -32.56 -35.53
N VAL P 185 18.28 -33.32 -34.96
CA VAL P 185 19.33 -32.80 -34.08
C VAL P 185 20.59 -33.18 -34.79
N LEU P 186 21.73 -32.55 -34.56
CA LEU P 186 22.89 -33.06 -35.29
C LEU P 186 23.51 -34.24 -34.62
N ALA P 187 23.98 -35.17 -35.44
CA ALA P 187 24.64 -36.39 -35.00
C ALA P 187 25.89 -36.11 -34.21
N GLY P 188 26.57 -35.02 -34.43
CA GLY P 188 27.78 -34.79 -33.67
C GLY P 188 27.51 -34.63 -32.18
N ASN P 189 26.27 -34.33 -31.83
CA ASN P 189 25.93 -34.12 -30.46
C ASN P 189 25.38 -35.38 -29.84
N ALA P 190 25.42 -36.48 -30.60
CA ALA P 190 24.95 -37.79 -30.18
C ALA P 190 25.74 -38.29 -29.00
N PHE P 191 26.95 -37.79 -28.89
CA PHE P 191 27.91 -38.18 -27.88
C PHE P 191 27.49 -37.74 -26.49
N VAL P 192 26.44 -36.92 -26.40
CA VAL P 192 25.92 -36.53 -25.10
C VAL P 192 25.30 -37.77 -24.43
N TYR P 193 24.83 -38.70 -25.25
CA TYR P 193 24.20 -39.91 -24.79
C TYR P 193 25.30 -40.87 -24.41
N PRO P 194 25.06 -41.85 -23.54
CA PRO P 194 26.07 -42.84 -23.23
C PRO P 194 26.42 -43.52 -24.52
N HIS P 195 27.70 -43.68 -24.75
CA HIS P 195 28.17 -44.23 -25.99
C HIS P 195 29.53 -44.84 -25.87
N GLN P 196 29.90 -45.59 -26.89
CA GLN P 196 31.21 -46.17 -26.99
C GLN P 196 31.53 -46.32 -28.49
N ILE P 197 32.79 -46.37 -28.86
CA ILE P 197 33.12 -46.43 -30.29
C ILE P 197 33.87 -47.68 -30.64
N ILE P 198 33.45 -48.34 -31.70
CA ILE P 198 34.23 -49.47 -32.14
C ILE P 198 35.06 -48.96 -33.27
N ASN P 199 36.32 -48.77 -32.99
CA ASN P 199 37.25 -48.26 -33.96
C ASN P 199 37.92 -49.48 -34.46
N LEU P 200 37.80 -49.82 -35.73
CA LEU P 200 38.35 -51.11 -36.12
C LEU P 200 39.86 -51.16 -35.86
N ARG P 201 40.51 -50.01 -35.82
CA ARG P 201 41.93 -49.87 -35.55
C ARG P 201 42.30 -50.23 -34.12
N THR P 202 41.34 -50.15 -33.22
CA THR P 202 41.58 -50.33 -31.81
C THR P 202 40.89 -51.48 -31.13
N ASN P 203 39.63 -51.70 -31.42
CA ASN P 203 38.83 -52.69 -30.70
C ASN P 203 37.79 -53.31 -31.57
N ASN P 204 37.24 -54.45 -31.15
CA ASN P 204 36.20 -55.06 -31.97
C ASN P 204 34.90 -55.13 -31.22
N SER P 205 34.81 -54.41 -30.13
CA SER P 205 33.58 -54.46 -29.41
C SER P 205 33.36 -53.29 -28.49
N ALA P 206 32.12 -53.14 -28.10
CA ALA P 206 31.73 -52.12 -27.14
C ALA P 206 30.66 -52.65 -26.21
N THR P 207 30.74 -52.31 -24.92
CA THR P 207 29.75 -52.74 -23.96
C THR P 207 29.18 -51.60 -23.16
N ILE P 208 27.87 -51.49 -23.15
CA ILE P 208 27.24 -50.46 -22.37
C ILE P 208 26.16 -51.04 -21.45
N VAL P 209 26.22 -50.70 -20.18
CA VAL P 209 25.25 -51.11 -19.20
C VAL P 209 24.21 -50.01 -19.09
N VAL P 210 22.97 -50.43 -19.18
CA VAL P 210 21.85 -49.55 -19.22
C VAL P 210 20.90 -49.65 -18.03
N PRO P 211 20.74 -48.61 -17.21
CA PRO P 211 19.82 -48.53 -16.10
C PRO P 211 18.45 -48.36 -16.69
N TYR P 212 17.41 -48.71 -15.97
CA TYR P 212 16.09 -48.41 -16.48
C TYR P 212 15.80 -46.94 -16.33
N VAL P 213 15.42 -46.29 -17.41
CA VAL P 213 15.15 -44.87 -17.34
C VAL P 213 13.77 -44.50 -17.86
N ASN P 214 13.03 -43.86 -16.98
CA ASN P 214 11.71 -43.37 -17.27
C ASN P 214 11.35 -42.32 -16.22
N SER P 215 10.16 -41.74 -16.37
CA SER P 215 9.56 -40.85 -15.39
C SER P 215 8.81 -41.67 -14.36
N LEU P 216 8.72 -42.96 -14.65
CA LEU P 216 8.06 -43.95 -13.87
C LEU P 216 9.01 -44.99 -13.39
N VAL P 217 8.68 -45.65 -12.30
CA VAL P 217 9.54 -46.73 -11.87
C VAL P 217 9.38 -47.95 -12.77
N ILE P 218 8.17 -48.17 -13.29
CA ILE P 218 7.86 -49.33 -14.11
C ILE P 218 6.88 -48.90 -15.20
N ASP P 219 6.88 -49.52 -16.38
CA ASP P 219 5.91 -49.10 -17.39
C ASP P 219 5.46 -50.27 -18.26
N CYS P 220 4.58 -50.02 -19.21
CA CYS P 220 4.12 -51.12 -20.03
C CYS P 220 5.08 -51.32 -21.18
N MET P 221 5.62 -52.52 -21.24
CA MET P 221 6.65 -52.88 -22.19
C MET P 221 6.15 -52.85 -23.62
N ALA P 222 4.88 -53.12 -23.82
CA ALA P 222 4.32 -53.13 -25.16
C ALA P 222 3.92 -51.75 -25.64
N LYS P 223 4.03 -50.74 -24.79
CA LYS P 223 3.60 -49.42 -25.18
C LYS P 223 4.77 -48.50 -25.34
N HIS P 224 5.76 -48.66 -24.49
CA HIS P 224 6.87 -47.73 -24.47
C HIS P 224 8.24 -48.35 -24.53
N ASN P 225 9.06 -47.77 -25.40
CA ASN P 225 10.44 -48.18 -25.53
C ASN P 225 11.34 -47.27 -24.72
N ASN P 226 11.91 -47.77 -23.64
CA ASN P 226 12.69 -46.91 -22.77
C ASN P 226 13.97 -46.40 -23.37
N TRP P 227 14.59 -47.20 -24.21
CA TRP P 227 15.84 -46.87 -24.87
C TRP P 227 15.83 -47.32 -26.30
N GLY P 228 16.63 -46.67 -27.14
CA GLY P 228 16.88 -47.14 -28.49
C GLY P 228 18.38 -47.35 -28.69
N ILE P 229 18.74 -48.09 -29.72
CA ILE P 229 20.13 -48.33 -30.05
C ILE P 229 20.43 -47.76 -31.40
N VAL P 230 21.42 -46.91 -31.46
CA VAL P 230 21.83 -46.33 -32.71
C VAL P 230 23.26 -46.62 -33.06
N ILE P 231 23.46 -47.18 -34.23
CA ILE P 231 24.80 -47.42 -34.69
C ILE P 231 25.02 -46.71 -36.00
N LEU P 232 26.03 -45.86 -36.04
CA LEU P 232 26.33 -45.12 -37.26
C LEU P 232 27.78 -45.29 -37.59
N PRO P 233 28.19 -45.40 -38.84
CA PRO P 233 29.56 -45.30 -39.16
C PRO P 233 29.96 -43.88 -38.81
N LEU P 234 31.12 -43.72 -38.23
CA LEU P 234 31.66 -42.40 -37.95
C LEU P 234 32.71 -42.16 -38.99
N ALA P 235 33.33 -43.25 -39.43
CA ALA P 235 34.38 -43.24 -40.43
C ALA P 235 34.03 -44.41 -41.34
N PRO P 236 34.21 -44.30 -42.66
CA PRO P 236 33.78 -45.28 -43.61
C PRO P 236 34.55 -46.55 -43.53
N LEU P 237 33.88 -47.63 -43.85
CA LEU P 237 34.55 -48.90 -43.92
C LEU P 237 35.43 -48.88 -45.12
N ALA P 238 36.67 -49.28 -44.99
CA ALA P 238 37.45 -49.34 -46.20
C ALA P 238 38.57 -50.35 -46.12
N PHE P 239 38.89 -50.90 -47.28
CA PHE P 239 39.97 -51.84 -47.43
C PHE P 239 40.53 -51.70 -48.83
N ALA P 240 41.80 -51.35 -48.92
CA ALA P 240 42.44 -51.07 -50.19
C ALA P 240 42.41 -52.21 -51.18
N ALA P 241 42.41 -53.43 -50.69
CA ALA P 241 42.44 -54.58 -51.56
C ALA P 241 41.09 -54.91 -52.22
N THR P 242 40.01 -54.21 -51.89
CA THR P 242 38.75 -54.56 -52.51
C THR P 242 37.84 -53.40 -52.86
N SER P 243 37.02 -53.62 -53.88
CA SER P 243 36.04 -52.63 -54.29
C SER P 243 34.81 -52.61 -53.40
N SER P 244 34.62 -53.67 -52.62
CA SER P 244 33.45 -53.74 -51.76
C SER P 244 33.72 -54.54 -50.49
N PRO P 245 34.31 -53.95 -49.46
CA PRO P 245 34.59 -54.62 -48.23
C PRO P 245 33.28 -54.80 -47.53
N GLN P 246 33.15 -55.86 -46.78
CA GLN P 246 31.95 -56.06 -46.00
C GLN P 246 32.34 -56.65 -44.67
N VAL P 247 31.77 -56.15 -43.60
CA VAL P 247 32.03 -56.74 -42.29
C VAL P 247 30.69 -56.84 -41.58
N PRO P 248 30.36 -57.93 -40.91
CA PRO P 248 29.14 -58.05 -40.14
C PRO P 248 29.23 -57.27 -38.85
N ILE P 249 28.07 -56.87 -38.36
CA ILE P 249 27.90 -56.29 -37.05
C ILE P 249 26.89 -57.12 -36.30
N THR P 250 27.24 -57.56 -35.11
CA THR P 250 26.34 -58.38 -34.31
C THR P 250 26.01 -57.68 -33.02
N VAL P 251 24.75 -57.64 -32.67
CA VAL P 251 24.37 -57.01 -31.43
C VAL P 251 23.78 -58.03 -30.48
N THR P 252 24.40 -58.18 -29.32
CA THR P 252 23.97 -59.18 -28.37
C THR P 252 23.47 -58.48 -27.09
N ILE P 253 22.22 -58.75 -26.71
CA ILE P 253 21.63 -58.03 -25.59
C ILE P 253 21.03 -58.86 -24.50
N ALA P 254 21.38 -58.54 -23.26
CA ALA P 254 20.74 -59.21 -22.14
C ALA P 254 19.96 -58.23 -21.31
N PRO P 255 18.75 -58.54 -20.86
CA PRO P 255 18.04 -57.80 -19.86
C PRO P 255 18.78 -58.05 -18.56
N MET P 256 18.65 -57.18 -17.60
CA MET P 256 19.17 -57.50 -16.29
C MET P 256 18.30 -56.92 -15.18
N CYS P 257 18.26 -57.63 -14.07
CA CYS P 257 17.44 -57.22 -12.92
C CYS P 257 16.01 -57.06 -13.39
N THR P 258 15.56 -57.98 -14.23
CA THR P 258 14.23 -57.95 -14.81
C THR P 258 13.15 -58.13 -13.78
N GLU P 259 12.13 -57.28 -13.86
CA GLU P 259 10.97 -57.33 -12.98
C GLU P 259 9.63 -57.13 -13.73
N PHE P 260 8.63 -57.93 -13.39
CA PHE P 260 7.30 -57.76 -13.97
C PHE P 260 6.18 -57.73 -12.95
N ASN P 261 5.14 -56.98 -13.26
CA ASN P 261 3.97 -56.84 -12.41
C ASN P 261 2.71 -56.80 -13.26
N GLY P 262 1.56 -57.12 -12.71
CA GLY P 262 0.36 -56.99 -13.53
C GLY P 262 0.07 -58.16 -14.45
N LEU P 263 0.08 -59.38 -13.92
CA LEU P 263 -0.17 -60.58 -14.71
C LEU P 263 -1.55 -60.62 -15.35
N ARG P 264 -1.58 -60.96 -16.64
CA ARG P 264 -2.80 -61.04 -17.43
C ARG P 264 -2.65 -62.08 -18.54
N ASN P 265 -3.69 -62.24 -19.33
CA ASN P 265 -3.67 -63.16 -20.45
C ASN P 265 -2.69 -62.63 -21.47
N ILE P 266 -2.10 -63.50 -22.27
CA ILE P 266 -1.06 -63.02 -23.16
C ILE P 266 -1.54 -62.00 -24.14
N THR P 267 -0.73 -60.97 -24.29
CA THR P 267 -0.97 -59.90 -25.21
C THR P 267 -0.46 -60.27 -26.55
N VAL P 268 -1.30 -60.15 -27.56
CA VAL P 268 -0.84 -60.40 -28.90
C VAL P 268 -1.17 -59.15 -29.72
N PRO P 269 -0.19 -58.31 -30.06
CA PRO P 269 -0.28 -57.02 -30.71
C PRO P 269 -0.58 -57.14 -32.19
N VAL P 270 -0.93 -56.02 -32.80
CA VAL P 270 -1.05 -56.02 -34.26
C VAL P 270 0.29 -56.41 -34.81
N HIS P 271 0.27 -57.32 -35.78
CA HIS P 271 1.48 -57.80 -36.40
C HIS P 271 1.21 -57.94 -37.89
N GLN P 272 2.29 -57.98 -38.69
CA GLN P 272 2.32 -58.16 -40.15
C GLN P 272 3.37 -59.21 -40.47
N GLY Q 1 -3.97 0.90 6.51
CA GLY Q 1 -3.58 0.99 7.89
C GLY Q 1 -2.14 1.48 8.01
N LEU Q 2 -1.15 0.61 7.66
CA LEU Q 2 0.29 0.89 7.69
C LEU Q 2 0.71 1.83 6.56
N PRO Q 3 1.15 3.06 6.81
CA PRO Q 3 1.51 4.01 5.80
C PRO Q 3 2.58 3.44 4.89
N THR Q 4 2.38 3.56 3.59
CA THR Q 4 3.33 3.02 2.64
C THR Q 4 3.57 3.93 1.46
N MET Q 5 4.59 3.65 0.68
CA MET Q 5 4.78 4.44 -0.52
C MET Q 5 5.17 3.58 -1.70
N ASN Q 6 4.51 3.77 -2.82
CA ASN Q 6 4.86 2.96 -3.99
C ASN Q 6 6.04 3.51 -4.74
N THR Q 7 7.11 2.75 -4.80
CA THR Q 7 8.34 3.16 -5.44
C THR Q 7 8.27 2.88 -6.94
N PRO Q 8 9.18 3.45 -7.76
CA PRO Q 8 9.31 3.15 -9.16
C PRO Q 8 9.49 1.67 -9.30
N GLY Q 9 8.93 1.17 -10.38
CA GLY Q 9 8.89 -0.24 -10.67
C GLY Q 9 7.58 -0.87 -10.24
N SER Q 10 6.80 -0.18 -9.43
CA SER Q 10 5.56 -0.79 -8.99
C SER Q 10 4.64 -1.13 -10.14
N ASN Q 11 4.06 -2.32 -10.06
CA ASN Q 11 3.12 -2.97 -10.98
C ASN Q 11 3.69 -3.37 -12.32
N GLN Q 12 5.00 -3.36 -12.46
CA GLN Q 12 5.67 -3.80 -13.68
C GLN Q 12 5.82 -5.30 -13.73
N PHE Q 13 5.96 -5.85 -14.94
CA PHE Q 13 6.30 -7.27 -15.10
C PHE Q 13 7.64 -7.53 -15.78
N LEU Q 14 8.57 -8.11 -15.04
CA LEU Q 14 9.89 -8.40 -15.59
C LEU Q 14 10.02 -9.92 -15.75
N THR Q 15 10.49 -10.36 -16.89
CA THR Q 15 10.57 -11.79 -17.14
C THR Q 15 11.64 -12.48 -16.29
N SER Q 16 12.50 -11.70 -15.69
CA SER Q 16 13.54 -12.19 -14.81
C SER Q 16 13.18 -11.98 -13.33
N ASP Q 17 11.91 -11.62 -13.06
CA ASP Q 17 11.40 -11.44 -11.72
C ASP Q 17 11.48 -12.67 -10.87
N ASP Q 18 11.79 -12.48 -9.60
CA ASP Q 18 11.79 -13.58 -8.67
C ASP Q 18 11.03 -13.20 -7.41
N PHE Q 19 9.73 -13.47 -7.43
CA PHE Q 19 8.82 -13.11 -6.37
C PHE Q 19 7.94 -14.27 -6.03
N GLN Q 20 7.32 -14.21 -4.87
CA GLN Q 20 6.39 -15.22 -4.45
C GLN Q 20 5.05 -14.97 -5.11
N SER Q 21 4.25 -16.00 -5.22
CA SER Q 21 2.92 -15.83 -5.82
C SER Q 21 1.95 -16.84 -5.23
N PRO Q 22 0.66 -16.53 -5.15
CA PRO Q 22 -0.35 -17.42 -4.61
C PRO Q 22 -0.47 -18.61 -5.49
N CYS Q 23 -0.75 -19.75 -4.87
CA CYS Q 23 -0.92 -20.97 -5.60
C CYS Q 23 -2.34 -21.09 -6.12
N ALA Q 24 -2.46 -21.48 -7.37
CA ALA Q 24 -3.73 -21.69 -8.03
C ALA Q 24 -4.44 -22.93 -7.52
N LEU Q 25 -3.67 -23.84 -6.97
CA LEU Q 25 -4.14 -25.12 -6.47
C LEU Q 25 -3.68 -25.41 -5.05
N PRO Q 26 -4.21 -24.72 -4.04
CA PRO Q 26 -3.76 -24.81 -2.67
C PRO Q 26 -3.84 -26.21 -2.17
N ASN Q 27 -2.82 -26.63 -1.42
CA ASN Q 27 -2.75 -27.96 -0.83
C ASN Q 27 -2.63 -29.06 -1.88
N PHE Q 28 -2.31 -28.72 -3.10
CA PHE Q 28 -2.16 -29.78 -4.08
C PHE Q 28 -1.11 -30.78 -3.65
N ASP Q 29 -1.44 -32.05 -3.78
CA ASP Q 29 -0.51 -33.10 -3.40
C ASP Q 29 0.39 -33.45 -4.57
N VAL Q 30 1.66 -33.07 -4.46
CA VAL Q 30 2.64 -33.28 -5.51
C VAL Q 30 3.19 -34.69 -5.48
N THR Q 31 3.17 -35.36 -6.62
CA THR Q 31 3.63 -36.73 -6.73
C THR Q 31 5.01 -36.88 -6.10
N PRO Q 32 5.22 -37.84 -5.18
CA PRO Q 32 6.47 -38.11 -4.53
C PRO Q 32 7.50 -38.35 -5.62
N PRO Q 33 8.75 -37.92 -5.46
CA PRO Q 33 9.85 -38.08 -6.39
C PRO Q 33 10.39 -39.48 -6.38
N ILE Q 34 11.07 -39.86 -7.44
CA ILE Q 34 11.84 -41.09 -7.48
C ILE Q 34 13.18 -40.70 -8.03
N HIS Q 35 14.19 -41.50 -7.78
CA HIS Q 35 15.46 -41.19 -8.42
C HIS Q 35 15.48 -41.63 -9.87
N ILE Q 36 15.96 -40.75 -10.72
CA ILE Q 36 16.11 -41.04 -12.13
C ILE Q 36 17.60 -40.88 -12.47
N PRO Q 37 18.26 -41.88 -13.05
CA PRO Q 37 19.65 -41.86 -13.41
C PRO Q 37 19.92 -40.74 -14.39
N GLY Q 38 21.10 -40.12 -14.33
CA GLY Q 38 21.44 -39.06 -15.28
C GLY Q 38 21.06 -37.64 -14.90
N GLU Q 39 20.80 -37.38 -13.62
CA GLU Q 39 20.42 -36.02 -13.23
C GLU Q 39 21.46 -35.00 -13.62
N VAL Q 40 20.98 -33.90 -14.16
CA VAL Q 40 21.80 -32.78 -14.55
C VAL Q 40 21.53 -31.68 -13.55
N LYS Q 41 22.58 -31.06 -13.04
CA LYS Q 41 22.40 -29.97 -12.09
C LYS Q 41 22.81 -28.64 -12.70
N ASN Q 42 23.73 -28.69 -13.65
CA ASN Q 42 24.30 -27.50 -14.25
C ASN Q 42 24.53 -27.73 -15.74
N MET Q 43 24.33 -26.72 -16.57
CA MET Q 43 24.55 -26.86 -18.01
C MET Q 43 26.00 -27.15 -18.33
N MET Q 44 26.89 -26.76 -17.44
CA MET Q 44 28.29 -26.98 -17.68
C MET Q 44 28.68 -28.45 -17.66
N GLU Q 45 27.85 -29.28 -17.05
CA GLU Q 45 28.12 -30.69 -17.02
C GLU Q 45 28.00 -31.25 -18.43
N LEU Q 46 27.29 -30.53 -19.30
CA LEU Q 46 27.11 -31.03 -20.63
C LEU Q 46 28.17 -30.40 -21.53
N ALA Q 47 28.58 -29.20 -21.18
CA ALA Q 47 29.60 -28.46 -21.92
C ALA Q 47 30.93 -29.21 -21.92
N GLU Q 48 31.19 -29.95 -20.84
CA GLU Q 48 32.42 -30.70 -20.69
C GLU Q 48 32.42 -32.06 -21.42
N ILE Q 49 31.37 -32.40 -22.14
CA ILE Q 49 31.31 -33.68 -22.85
C ILE Q 49 31.90 -33.55 -24.26
N ASP Q 50 32.82 -34.45 -24.63
CA ASP Q 50 33.39 -34.35 -25.97
C ASP Q 50 32.32 -34.51 -27.05
N THR Q 51 32.27 -33.54 -27.94
CA THR Q 51 31.33 -33.46 -29.05
C THR Q 51 32.01 -33.56 -30.38
N LEU Q 52 31.45 -34.30 -31.32
CA LEU Q 52 32.10 -34.41 -32.62
C LEU Q 52 31.81 -33.15 -33.43
N ILE Q 53 32.86 -32.51 -33.96
CA ILE Q 53 32.73 -31.24 -34.70
C ILE Q 53 32.67 -31.40 -36.22
N PRO Q 54 31.68 -30.81 -36.93
CA PRO Q 54 31.52 -30.90 -38.36
C PRO Q 54 32.52 -30.00 -39.05
N MET Q 55 33.78 -30.34 -38.88
CA MET Q 55 34.85 -29.53 -39.36
C MET Q 55 34.95 -29.48 -40.87
N ASN Q 56 34.64 -30.57 -41.55
CA ASN Q 56 34.79 -30.62 -43.00
C ASN Q 56 33.50 -30.22 -43.67
N ALA Q 57 33.04 -29.06 -43.29
CA ALA Q 57 31.81 -28.50 -43.79
C ALA Q 57 32.06 -27.78 -45.07
N VAL Q 58 32.41 -28.52 -46.08
CA VAL Q 58 32.78 -27.92 -47.34
C VAL Q 58 31.76 -28.32 -48.34
N ASP Q 59 31.70 -27.62 -49.44
CA ASP Q 59 30.63 -27.90 -50.38
C ASP Q 59 30.60 -29.35 -50.82
N GLY Q 60 29.42 -29.92 -50.72
CA GLY Q 60 29.09 -31.30 -51.02
C GLY Q 60 29.04 -32.17 -49.78
N LYS Q 61 29.58 -31.68 -48.67
CA LYS Q 61 29.61 -32.39 -47.41
C LYS Q 61 28.85 -31.65 -46.33
N VAL Q 62 28.33 -30.48 -46.65
CA VAL Q 62 27.69 -29.71 -45.61
C VAL Q 62 26.34 -30.34 -45.43
N ASN Q 63 26.01 -30.60 -44.19
CA ASN Q 63 24.80 -31.28 -43.78
C ASN Q 63 24.77 -32.72 -44.28
N THR Q 64 25.91 -33.35 -44.44
CA THR Q 64 25.94 -34.77 -44.75
C THR Q 64 26.79 -35.36 -43.64
N MET Q 65 26.86 -36.68 -43.52
CA MET Q 65 27.66 -37.23 -42.44
C MET Q 65 29.16 -36.94 -42.61
N GLU Q 66 29.61 -36.77 -43.83
CA GLU Q 66 31.01 -36.56 -44.17
C GLU Q 66 31.61 -35.30 -43.57
N MET Q 67 30.80 -34.38 -43.07
CA MET Q 67 31.30 -33.15 -42.46
C MET Q 67 32.06 -33.45 -41.20
N TYR Q 68 31.87 -34.62 -40.65
CA TYR Q 68 32.56 -34.92 -39.43
C TYR Q 68 33.86 -35.66 -39.69
N GLN Q 69 34.22 -35.83 -40.96
CA GLN Q 69 35.40 -36.59 -41.29
C GLN Q 69 36.52 -35.75 -41.89
N ILE Q 70 37.67 -35.70 -41.21
CA ILE Q 70 38.80 -34.92 -41.69
C ILE Q 70 39.64 -35.87 -42.52
N PRO Q 71 39.83 -35.63 -43.82
CA PRO Q 71 40.57 -36.51 -44.69
C PRO Q 71 42.05 -36.41 -44.42
N LEU Q 72 42.73 -37.53 -44.58
CA LEU Q 72 44.18 -37.60 -44.50
C LEU Q 72 44.73 -38.49 -45.60
N ASN Q 73 45.82 -38.07 -46.22
CA ASN Q 73 46.49 -38.86 -47.24
C ASN Q 73 47.81 -39.37 -46.75
N ASP Q 74 48.27 -40.48 -47.31
CA ASP Q 74 49.62 -40.94 -47.05
C ASP Q 74 50.63 -40.06 -47.79
N ASN Q 75 50.19 -39.54 -48.91
CA ASN Q 75 51.01 -38.68 -49.74
C ASN Q 75 51.47 -37.45 -48.97
N LEU Q 76 52.75 -37.15 -49.13
CA LEU Q 76 53.38 -36.04 -48.45
C LEU Q 76 52.82 -34.70 -48.89
N SER Q 77 52.52 -33.85 -47.91
CA SER Q 77 52.01 -32.51 -48.16
C SER Q 77 52.45 -31.56 -47.08
N LYS Q 78 52.73 -30.33 -47.46
CA LYS Q 78 53.15 -29.28 -46.53
C LYS Q 78 52.00 -28.36 -46.14
N ALA Q 79 50.84 -28.60 -46.72
CA ALA Q 79 49.66 -27.82 -46.47
C ALA Q 79 49.06 -28.17 -45.13
N PRO Q 80 48.29 -27.28 -44.49
CA PRO Q 80 47.53 -27.61 -43.31
C PRO Q 80 46.47 -28.57 -43.74
N ILE Q 81 46.07 -29.44 -42.85
CA ILE Q 81 44.99 -30.35 -43.15
C ILE Q 81 43.69 -29.68 -42.76
N PHE Q 82 43.75 -28.86 -41.72
CA PHE Q 82 42.57 -28.09 -41.32
C PHE Q 82 42.97 -26.86 -40.56
N CYS Q 83 42.04 -25.89 -40.52
CA CYS Q 83 42.20 -24.70 -39.71
C CYS Q 83 40.85 -24.22 -39.13
N LEU Q 84 40.84 -23.78 -37.86
CA LEU Q 84 39.64 -23.23 -37.22
C LEU Q 84 39.86 -21.90 -36.55
N SER Q 85 38.81 -21.10 -36.45
CA SER Q 85 38.92 -19.88 -35.67
C SER Q 85 38.44 -20.24 -34.28
N LEU Q 86 39.19 -19.91 -33.23
CA LEU Q 86 38.72 -20.32 -31.90
C LEU Q 86 37.75 -19.34 -31.28
N SER Q 87 36.61 -19.30 -31.91
CA SER Q 87 35.51 -18.45 -31.59
C SER Q 87 34.29 -19.36 -31.52
N PRO Q 88 33.97 -19.92 -30.35
CA PRO Q 88 32.95 -20.90 -30.13
C PRO Q 88 31.57 -20.61 -30.68
N ALA Q 89 31.14 -19.34 -30.76
CA ALA Q 89 29.80 -19.13 -31.31
C ALA Q 89 29.84 -18.58 -32.75
N SER Q 90 30.98 -18.01 -33.18
CA SER Q 90 31.00 -17.42 -34.51
C SER Q 90 31.58 -18.32 -35.59
N ASP Q 91 32.40 -19.30 -35.22
CA ASP Q 91 32.89 -20.20 -36.24
C ASP Q 91 31.73 -21.12 -36.46
N LYS Q 92 31.19 -21.12 -37.66
CA LYS Q 92 29.96 -21.84 -37.95
C LYS Q 92 30.05 -23.35 -37.78
N ARG Q 93 31.26 -23.89 -37.81
CA ARG Q 93 31.38 -25.33 -37.69
C ARG Q 93 31.43 -25.67 -36.23
N LEU Q 94 32.01 -24.76 -35.48
CA LEU Q 94 32.17 -24.91 -34.05
C LEU Q 94 30.88 -24.55 -33.29
N SER Q 95 30.12 -23.60 -33.82
CA SER Q 95 28.92 -23.06 -33.18
C SER Q 95 27.79 -24.03 -33.12
N HIS Q 96 27.87 -25.13 -33.86
CA HIS Q 96 26.78 -26.09 -33.80
C HIS Q 96 27.10 -27.33 -32.98
N THR Q 97 28.25 -27.34 -32.33
CA THR Q 97 28.61 -28.46 -31.47
C THR Q 97 27.89 -28.20 -30.17
N MET Q 98 27.77 -29.19 -29.30
CA MET Q 98 27.17 -28.97 -27.99
C MET Q 98 27.86 -27.87 -27.22
N LEU Q 99 29.19 -27.76 -27.32
CA LEU Q 99 29.81 -26.68 -26.58
C LEU Q 99 29.38 -25.38 -27.17
N GLY Q 100 29.38 -25.31 -28.49
CA GLY Q 100 28.99 -24.08 -29.17
C GLY Q 100 27.55 -23.74 -28.84
N GLU Q 101 26.71 -24.75 -28.76
CA GLU Q 101 25.30 -24.54 -28.52
C GLU Q 101 25.06 -24.06 -27.13
N ILE Q 102 25.75 -24.59 -26.15
CA ILE Q 102 25.50 -24.08 -24.82
C ILE Q 102 25.93 -22.64 -24.82
N LEU Q 103 27.06 -22.35 -25.42
CA LEU Q 103 27.57 -21.00 -25.52
C LEU Q 103 26.70 -20.09 -26.35
N ASN Q 104 25.88 -20.61 -27.25
CA ASN Q 104 25.02 -19.76 -28.03
C ASN Q 104 23.90 -19.17 -27.17
N TYR Q 105 23.78 -19.62 -25.92
CA TYR Q 105 22.79 -19.08 -25.00
C TYR Q 105 23.47 -18.15 -24.03
N TYR Q 106 24.75 -17.86 -24.24
CA TYR Q 106 25.44 -16.96 -23.35
C TYR Q 106 26.14 -15.85 -24.11
N THR Q 107 26.27 -14.71 -23.49
CA THR Q 107 26.93 -13.61 -24.16
C THR Q 107 28.44 -13.63 -24.01
N HIS Q 108 28.91 -13.97 -22.81
CA HIS Q 108 30.30 -13.94 -22.41
C HIS Q 108 30.76 -15.30 -21.91
N TRP Q 109 32.03 -15.63 -22.14
CA TRP Q 109 32.57 -16.91 -21.65
C TRP Q 109 34.05 -16.88 -21.29
N THR Q 110 34.46 -17.83 -20.44
CA THR Q 110 35.85 -17.99 -20.00
C THR Q 110 36.30 -19.42 -20.06
N GLY Q 111 37.59 -19.64 -19.85
CA GLY Q 111 38.16 -20.97 -19.72
C GLY Q 111 38.83 -21.52 -20.94
N SER Q 112 39.57 -22.58 -20.71
CA SER Q 112 40.35 -23.26 -21.71
C SER Q 112 39.43 -24.22 -22.45
N ILE Q 113 39.76 -24.53 -23.70
CA ILE Q 113 38.98 -25.49 -24.49
C ILE Q 113 39.84 -26.64 -25.00
N ARG Q 114 39.36 -27.86 -24.82
CA ARG Q 114 40.11 -29.01 -25.25
C ARG Q 114 39.65 -29.55 -26.59
N PHE Q 115 40.63 -29.89 -27.41
CA PHE Q 115 40.39 -30.46 -28.72
C PHE Q 115 41.00 -31.84 -28.78
N THR Q 116 40.16 -32.82 -29.02
CA THR Q 116 40.61 -34.21 -29.01
C THR Q 116 40.49 -34.84 -30.37
N PHE Q 117 41.54 -35.48 -30.82
CA PHE Q 117 41.51 -36.07 -32.14
C PHE Q 117 41.71 -37.55 -32.17
N LEU Q 118 40.76 -38.24 -32.81
CA LEU Q 118 40.75 -39.69 -32.97
C LEU Q 118 41.12 -40.15 -34.37
N PHE Q 119 42.13 -41.01 -34.47
CA PHE Q 119 42.54 -41.52 -35.77
C PHE Q 119 41.78 -42.80 -36.07
N CYS Q 120 41.13 -42.89 -37.23
CA CYS Q 120 40.34 -44.06 -37.60
C CYS Q 120 40.87 -44.79 -38.84
N GLY Q 121 42.17 -44.78 -39.01
CA GLY Q 121 42.81 -45.41 -40.17
C GLY Q 121 43.08 -46.87 -39.90
N SER Q 122 43.89 -47.50 -40.72
CA SER Q 122 44.20 -48.91 -40.48
C SER Q 122 45.22 -49.00 -39.34
N MET Q 123 45.42 -50.21 -38.78
CA MET Q 123 46.38 -50.37 -37.69
C MET Q 123 47.78 -50.33 -38.19
N MET Q 124 47.89 -50.51 -39.47
CA MET Q 124 49.14 -50.61 -40.14
C MET Q 124 49.64 -49.25 -40.61
N ALA Q 125 48.83 -48.20 -40.41
CA ALA Q 125 49.20 -46.86 -40.82
C ALA Q 125 49.84 -46.14 -39.65
N THR Q 126 50.98 -45.51 -39.88
CA THR Q 126 51.71 -44.80 -38.83
C THR Q 126 52.11 -43.41 -39.28
N GLY Q 127 52.57 -42.57 -38.38
CA GLY Q 127 52.95 -41.21 -38.75
C GLY Q 127 52.79 -40.31 -37.55
N LYS Q 128 52.89 -39.00 -37.77
CA LYS Q 128 52.79 -38.06 -36.67
C LYS Q 128 52.06 -36.81 -37.13
N LEU Q 129 51.13 -36.32 -36.32
CA LEU Q 129 50.42 -35.09 -36.66
C LEU Q 129 50.73 -33.98 -35.68
N LEU Q 130 50.84 -32.77 -36.19
CA LEU Q 130 51.10 -31.61 -35.36
C LEU Q 130 49.86 -30.80 -35.10
N LEU Q 131 49.48 -30.68 -33.85
CA LEU Q 131 48.29 -29.91 -33.51
C LEU Q 131 48.76 -28.65 -32.81
N SER Q 132 48.23 -27.48 -33.19
CA SER Q 132 48.67 -26.27 -32.51
C SER Q 132 47.66 -25.14 -32.37
N TYR Q 133 47.90 -24.30 -31.37
CA TYR Q 133 47.11 -23.10 -31.11
C TYR Q 133 47.94 -21.85 -30.96
N SER Q 134 47.62 -20.86 -31.75
CA SER Q 134 48.29 -19.59 -31.66
C SER Q 134 47.31 -18.59 -31.11
N PRO Q 135 47.73 -17.69 -30.25
CA PRO Q 135 46.90 -16.65 -29.72
C PRO Q 135 46.61 -15.64 -30.84
N PRO Q 136 45.65 -14.73 -30.63
CA PRO Q 136 45.19 -13.67 -31.50
C PRO Q 136 46.18 -12.55 -31.70
N GLY Q 137 45.86 -11.61 -32.59
CA GLY Q 137 46.73 -10.45 -32.75
C GLY Q 137 48.00 -10.82 -33.48
N ALA Q 138 47.86 -11.76 -34.40
CA ALA Q 138 48.97 -12.30 -35.15
C ALA Q 138 48.54 -12.75 -36.51
N LYS Q 139 49.52 -12.89 -37.38
CA LYS Q 139 49.28 -13.42 -38.70
C LYS Q 139 48.79 -14.84 -38.51
N PRO Q 140 47.69 -15.27 -39.12
CA PRO Q 140 47.22 -16.62 -39.00
C PRO Q 140 48.38 -17.44 -39.51
N PRO Q 141 48.69 -18.58 -38.94
CA PRO Q 141 49.77 -19.45 -39.38
C PRO Q 141 49.44 -19.97 -40.75
N THR Q 142 50.44 -20.05 -41.62
CA THR Q 142 50.16 -20.58 -42.96
C THR Q 142 50.90 -21.88 -43.26
N ASN Q 143 51.88 -22.21 -42.45
CA ASN Q 143 52.69 -23.37 -42.69
C ASN Q 143 53.16 -23.96 -41.37
N ARG Q 144 53.89 -25.07 -41.45
CA ARG Q 144 54.36 -25.75 -40.26
C ARG Q 144 55.33 -24.92 -39.43
N LYS Q 145 56.11 -24.06 -40.07
CA LYS Q 145 57.10 -23.28 -39.34
C LYS Q 145 56.40 -22.32 -38.42
N ASP Q 146 55.26 -21.83 -38.85
CA ASP Q 146 54.50 -20.92 -38.01
C ASP Q 146 53.83 -21.73 -36.91
N ALA Q 147 53.36 -22.92 -37.26
CA ALA Q 147 52.67 -23.75 -36.29
C ALA Q 147 53.57 -24.08 -35.11
N MET Q 148 54.85 -24.29 -35.41
CA MET Q 148 55.88 -24.61 -34.44
C MET Q 148 56.13 -23.50 -33.43
N LEU Q 149 55.78 -22.27 -33.76
CA LEU Q 149 56.05 -21.17 -32.85
C LEU Q 149 54.90 -20.98 -31.90
N GLY Q 150 53.72 -21.44 -32.27
CA GLY Q 150 52.58 -21.31 -31.38
C GLY Q 150 52.63 -22.48 -30.40
N THR Q 151 51.57 -22.66 -29.63
CA THR Q 151 51.57 -23.73 -28.65
C THR Q 151 51.28 -25.01 -29.37
N HIS Q 152 52.08 -26.04 -29.18
CA HIS Q 152 51.80 -27.23 -29.94
C HIS Q 152 52.17 -28.52 -29.30
N ILE Q 153 51.50 -29.56 -29.80
CA ILE Q 153 51.74 -30.93 -29.39
C ILE Q 153 51.94 -31.81 -30.60
N ILE Q 154 52.89 -32.73 -30.51
CA ILE Q 154 53.05 -33.67 -31.59
C ILE Q 154 52.47 -34.99 -31.18
N TRP Q 155 51.56 -35.47 -31.98
CA TRP Q 155 50.87 -36.69 -31.73
C TRP Q 155 51.40 -37.86 -32.51
N ASP Q 156 52.03 -38.78 -31.79
CA ASP Q 156 52.58 -39.95 -32.41
C ASP Q 156 51.44 -40.91 -32.61
N LEU Q 157 51.17 -41.32 -33.85
CA LEU Q 157 50.06 -42.20 -34.04
C LEU Q 157 50.52 -43.56 -33.53
N GLY Q 158 49.70 -44.26 -32.77
CA GLY Q 158 50.14 -45.54 -32.22
C GLY Q 158 49.01 -46.27 -31.53
N LEU Q 159 49.34 -47.11 -30.55
CA LEU Q 159 48.30 -47.91 -29.89
C LEU Q 159 47.19 -47.03 -29.40
N GLN Q 160 47.53 -45.93 -28.76
CA GLN Q 160 46.46 -45.07 -28.36
C GLN Q 160 46.11 -44.24 -29.58
N SER Q 161 44.83 -44.26 -29.90
CA SER Q 161 44.25 -43.62 -31.07
C SER Q 161 43.83 -42.21 -30.89
N SER Q 162 43.92 -41.68 -29.69
CA SER Q 162 43.43 -40.35 -29.50
C SER Q 162 44.33 -39.51 -28.67
N CYS Q 163 44.39 -38.24 -28.98
CA CYS Q 163 45.20 -37.37 -28.16
C CYS Q 163 44.54 -36.06 -28.10
N SER Q 164 45.05 -35.20 -27.24
CA SER Q 164 44.45 -33.91 -27.19
C SER Q 164 45.42 -32.80 -26.96
N MET Q 165 44.93 -31.63 -27.31
CA MET Q 165 45.60 -30.38 -27.11
C MET Q 165 44.65 -29.49 -26.38
N VAL Q 166 45.18 -28.60 -25.59
CA VAL Q 166 44.32 -27.68 -24.93
C VAL Q 166 44.69 -26.32 -25.37
N ALA Q 167 43.70 -25.57 -25.80
CA ALA Q 167 43.89 -24.19 -26.17
C ALA Q 167 43.67 -23.47 -24.85
N PRO Q 168 44.73 -23.05 -24.14
CA PRO Q 168 44.66 -22.52 -22.82
C PRO Q 168 43.95 -21.20 -22.85
N TRP Q 169 43.35 -20.79 -21.75
CA TRP Q 169 42.80 -19.45 -21.76
C TRP Q 169 43.88 -18.41 -21.80
N ILE Q 170 44.19 -17.94 -23.00
CA ILE Q 170 45.14 -16.88 -23.19
C ILE Q 170 44.36 -15.69 -23.68
N SER Q 171 44.10 -14.75 -22.81
CA SER Q 171 43.30 -13.62 -23.20
C SER Q 171 43.65 -12.46 -22.34
N ASN Q 172 43.47 -11.27 -22.87
CA ASN Q 172 43.70 -10.09 -22.08
C ASN Q 172 42.57 -9.86 -21.11
N THR Q 173 41.39 -10.25 -21.54
CA THR Q 173 40.18 -10.10 -20.79
C THR Q 173 39.90 -11.26 -19.90
N VAL Q 174 38.91 -11.06 -19.03
CA VAL Q 174 38.48 -12.10 -18.16
C VAL Q 174 37.53 -12.95 -18.94
N TYR Q 175 36.65 -12.27 -19.68
CA TYR Q 175 35.67 -12.92 -20.52
C TYR Q 175 35.83 -12.52 -21.97
N ARG Q 176 35.48 -13.40 -22.86
CA ARG Q 176 35.43 -13.08 -24.28
C ARG Q 176 33.99 -13.12 -24.70
N ARG Q 177 33.67 -12.41 -25.76
CA ARG Q 177 32.31 -12.48 -26.24
C ARG Q 177 32.12 -13.77 -26.98
N CYS Q 178 30.94 -14.35 -26.84
CA CYS Q 178 30.59 -15.48 -27.65
C CYS Q 178 30.37 -14.93 -29.04
N ALA Q 179 29.75 -13.76 -29.07
CA ALA Q 179 29.38 -13.05 -30.26
C ALA Q 179 30.58 -12.74 -31.11
N ARG Q 180 30.42 -12.78 -32.43
CA ARG Q 180 31.55 -12.45 -33.26
C ARG Q 180 32.00 -11.06 -32.94
N ASP Q 181 33.29 -10.89 -32.80
CA ASP Q 181 33.89 -9.62 -32.47
C ASP Q 181 35.28 -9.49 -33.03
N ASP Q 182 35.70 -8.26 -33.30
CA ASP Q 182 37.04 -8.01 -33.80
C ASP Q 182 38.05 -7.93 -32.68
N PHE Q 183 37.63 -7.48 -31.50
CA PHE Q 183 38.55 -7.32 -30.40
C PHE Q 183 38.77 -8.62 -29.69
N THR Q 184 37.70 -9.32 -29.35
CA THR Q 184 37.85 -10.58 -28.64
C THR Q 184 38.07 -11.70 -29.64
N GLU Q 185 39.16 -11.58 -30.38
CA GLU Q 185 39.55 -12.49 -31.42
C GLU Q 185 39.86 -13.84 -30.78
N GLY Q 186 39.40 -14.90 -31.42
CA GLY Q 186 39.56 -16.26 -30.91
C GLY Q 186 40.98 -16.83 -30.85
N GLY Q 187 41.78 -16.55 -31.85
CA GLY Q 187 43.10 -17.15 -31.99
C GLY Q 187 42.95 -18.23 -33.05
N PHE Q 188 44.01 -18.99 -33.30
CA PHE Q 188 43.93 -19.91 -34.42
C PHE Q 188 44.27 -21.34 -34.07
N ILE Q 189 43.49 -22.29 -34.57
CA ILE Q 189 43.83 -23.69 -34.38
C ILE Q 189 44.08 -24.37 -35.69
N THR Q 190 45.24 -24.96 -35.81
CA THR Q 190 45.56 -25.64 -37.05
C THR Q 190 46.19 -26.99 -36.84
N CYS Q 191 46.23 -27.75 -37.92
CA CYS Q 191 46.96 -28.99 -37.93
C CYS Q 191 47.68 -29.21 -39.22
N PHE Q 192 48.93 -29.62 -39.05
CA PHE Q 192 49.88 -29.96 -40.11
C PHE Q 192 50.44 -31.33 -39.95
N TYR Q 193 50.90 -31.93 -41.01
CA TYR Q 193 51.57 -33.19 -40.80
C TYR Q 193 52.91 -32.91 -40.19
N GLN Q 194 53.31 -33.73 -39.22
CA GLN Q 194 54.65 -33.60 -38.66
C GLN Q 194 55.52 -34.45 -39.56
N THR Q 195 54.93 -35.52 -40.06
CA THR Q 195 55.53 -36.45 -40.99
C THR Q 195 54.42 -37.09 -41.79
N ARG Q 196 54.75 -37.62 -42.96
CA ARG Q 196 53.77 -38.27 -43.80
C ARG Q 196 53.21 -39.50 -43.13
N ILE Q 197 51.97 -39.85 -43.44
CA ILE Q 197 51.46 -41.08 -42.90
C ILE Q 197 51.98 -42.19 -43.78
N VAL Q 198 52.61 -43.14 -43.17
CA VAL Q 198 53.19 -44.24 -43.89
C VAL Q 198 52.23 -45.39 -43.90
N VAL Q 199 51.97 -45.88 -45.09
CA VAL Q 199 51.03 -46.95 -45.28
C VAL Q 199 51.68 -48.08 -46.11
N PRO Q 200 51.63 -49.33 -45.67
CA PRO Q 200 52.13 -50.50 -46.34
C PRO Q 200 51.23 -50.89 -47.50
N ALA Q 201 51.64 -51.88 -48.26
CA ALA Q 201 50.85 -52.34 -49.40
C ALA Q 201 49.49 -52.90 -48.99
N SER Q 202 48.51 -52.74 -49.88
CA SER Q 202 47.14 -53.26 -49.72
C SER Q 202 46.53 -52.80 -48.42
N THR Q 203 46.80 -51.55 -48.11
CA THR Q 203 46.33 -50.91 -46.91
C THR Q 203 45.79 -49.56 -47.37
N PRO Q 204 44.66 -49.05 -46.85
CA PRO Q 204 44.11 -47.76 -47.25
C PRO Q 204 45.10 -46.63 -47.14
N THR Q 205 45.15 -45.82 -48.20
CA THR Q 205 46.05 -44.68 -48.32
C THR Q 205 45.32 -43.37 -48.07
N SER Q 206 44.03 -43.51 -47.83
CA SER Q 206 43.16 -42.40 -47.55
C SER Q 206 42.31 -42.79 -46.38
N MET Q 207 42.49 -42.07 -45.31
CA MET Q 207 41.87 -42.35 -44.04
C MET Q 207 41.31 -41.11 -43.42
N PHE Q 208 40.54 -41.29 -42.36
CA PHE Q 208 39.94 -40.14 -41.71
C PHE Q 208 40.25 -40.02 -40.24
N MET Q 209 40.20 -38.78 -39.80
CA MET Q 209 40.34 -38.41 -38.42
C MET Q 209 39.07 -37.70 -37.94
N LEU Q 210 38.69 -37.97 -36.72
CA LEU Q 210 37.51 -37.36 -36.14
C LEU Q 210 37.88 -36.41 -35.01
N GLY Q 211 37.54 -35.14 -35.16
CA GLY Q 211 37.88 -34.19 -34.10
C GLY Q 211 36.70 -34.00 -33.17
N PHE Q 212 36.99 -33.81 -31.90
CA PHE Q 212 36.02 -33.55 -30.87
C PHE Q 212 36.34 -32.29 -30.08
N VAL Q 213 35.31 -31.62 -29.57
CA VAL Q 213 35.54 -30.40 -28.80
C VAL Q 213 34.80 -30.41 -27.47
N SER Q 214 35.46 -29.96 -26.39
CA SER Q 214 34.81 -29.84 -25.07
C SER Q 214 35.40 -28.78 -24.15
N ALA Q 215 34.59 -28.38 -23.18
CA ALA Q 215 35.04 -27.43 -22.17
C ALA Q 215 36.03 -28.04 -21.20
N CYS Q 216 36.97 -27.23 -20.72
CA CYS Q 216 37.86 -27.67 -19.67
C CYS Q 216 37.18 -27.34 -18.33
N PRO Q 217 37.59 -27.89 -17.20
CA PRO Q 217 37.06 -27.65 -15.87
C PRO Q 217 37.10 -26.19 -15.38
N ASP Q 218 37.91 -25.32 -16.01
CA ASP Q 218 37.97 -23.93 -15.60
C ASP Q 218 36.98 -23.07 -16.40
N PHE Q 219 36.18 -23.71 -17.24
CA PHE Q 219 35.24 -23.04 -18.14
C PHE Q 219 34.02 -22.50 -17.44
N SER Q 220 33.57 -21.34 -17.89
CA SER Q 220 32.37 -20.71 -17.35
C SER Q 220 31.65 -19.83 -18.37
N VAL Q 221 30.35 -19.64 -18.16
CA VAL Q 221 29.58 -18.76 -19.02
C VAL Q 221 28.87 -17.73 -18.14
N ARG Q 222 28.58 -16.54 -18.68
CA ARG Q 222 27.99 -15.53 -17.80
C ARG Q 222 26.61 -14.88 -18.04
N LEU Q 223 26.18 -14.63 -19.26
CA LEU Q 223 24.87 -13.94 -19.41
C LEU Q 223 23.94 -14.65 -20.31
N LEU Q 224 22.83 -15.15 -19.77
CA LEU Q 224 21.89 -15.90 -20.56
C LEU Q 224 21.30 -15.01 -21.68
N ARG Q 225 21.25 -15.52 -22.90
CA ARG Q 225 20.71 -14.78 -24.05
C ARG Q 225 19.99 -15.71 -25.02
N ASP Q 226 19.15 -15.15 -25.87
CA ASP Q 226 18.49 -15.95 -26.89
C ASP Q 226 19.47 -16.39 -27.96
N THR Q 227 19.33 -17.63 -28.41
CA THR Q 227 20.24 -18.22 -29.38
C THR Q 227 19.78 -18.17 -30.85
N PRO Q 228 20.49 -17.48 -31.75
CA PRO Q 228 20.14 -17.27 -33.14
C PRO Q 228 20.46 -18.48 -34.01
N HIS Q 229 19.94 -19.62 -33.61
CA HIS Q 229 20.09 -20.88 -34.30
C HIS Q 229 18.71 -21.39 -34.48
N ILE Q 230 17.81 -20.75 -33.76
CA ILE Q 230 16.41 -21.14 -33.80
C ILE Q 230 15.51 -19.98 -34.17
N SER Q 231 14.58 -20.28 -35.07
CA SER Q 231 13.63 -19.31 -35.54
C SER Q 231 12.25 -19.89 -35.68
N GLN Q 232 11.29 -19.00 -35.92
CA GLN Q 232 9.91 -19.37 -36.05
C GLN Q 232 9.21 -18.33 -36.90
N SER Q 233 8.11 -18.74 -37.52
CA SER Q 233 7.28 -17.84 -38.29
C SER Q 233 6.48 -16.94 -37.34
N LYS Q 234 5.86 -15.91 -37.88
CA LYS Q 234 5.07 -15.03 -37.03
C LYS Q 234 3.91 -15.79 -36.41
N LEU Q 235 3.69 -15.59 -35.11
CA LEU Q 235 2.61 -16.25 -34.40
C LEU Q 235 1.36 -15.39 -34.27
N ILE Q 236 0.25 -15.88 -34.80
CA ILE Q 236 -1.02 -15.19 -34.76
C ILE Q 236 -2.05 -16.14 -34.14
N GLY Q 237 -2.77 -15.71 -33.12
CA GLY Q 237 -3.73 -16.57 -32.45
C GLY Q 237 -5.05 -16.77 -33.20
N ARG Q 238 -5.66 -17.94 -33.03
CA ARG Q 238 -6.99 -18.32 -33.56
C ARG Q 238 -7.24 -18.11 -35.07
N THR Q 239 -6.30 -18.55 -35.93
CA THR Q 239 -6.39 -18.43 -37.39
C THR Q 239 -6.92 -19.75 -37.95
N GLY R 2 9.39 -16.58 10.92
CA GLY R 2 10.38 -17.60 10.60
C GLY R 2 11.21 -17.23 9.36
N ALA R 3 11.77 -16.01 9.36
CA ALA R 3 12.58 -15.43 8.28
C ALA R 3 13.89 -16.14 8.06
N GLN R 4 14.25 -16.24 6.80
CA GLN R 4 15.48 -16.83 6.39
C GLN R 4 16.44 -15.71 6.11
N VAL R 5 17.67 -15.87 6.51
CA VAL R 5 18.66 -14.87 6.17
C VAL R 5 19.78 -15.54 5.43
N SER R 6 20.12 -15.00 4.29
CA SER R 6 21.19 -15.62 3.53
C SER R 6 22.08 -14.63 2.83
N THR R 7 23.04 -15.16 2.11
CA THR R 7 24.07 -14.39 1.44
C THR R 7 23.72 -14.00 0.01
N GLN R 8 23.95 -12.74 -0.31
CA GLN R 8 23.70 -12.17 -1.62
C GLN R 8 24.81 -12.44 -2.61
N LYS R 9 24.46 -12.39 -3.88
CA LYS R 9 25.45 -12.47 -4.93
C LYS R 9 26.19 -11.15 -4.99
N THR R 10 27.49 -11.20 -5.22
CA THR R 10 28.30 -10.00 -5.25
C THR R 10 28.04 -9.04 -6.41
N GLY R 11 28.18 -7.72 -6.14
CA GLY R 11 28.05 -6.64 -7.14
C GLY R 11 29.40 -5.94 -7.39
N ALA R 12 29.38 -4.72 -7.93
CA ALA R 12 30.61 -3.97 -8.22
C ALA R 12 31.35 -3.46 -6.98
N HIS R 13 30.71 -2.60 -6.16
CA HIS R 13 31.39 -2.08 -4.97
C HIS R 13 31.16 -3.04 -3.85
N GLU R 14 31.82 -4.15 -3.99
CA GLU R 14 31.61 -5.26 -3.12
C GLU R 14 32.90 -5.61 -2.44
N ASN R 15 32.83 -6.61 -1.61
CA ASN R 15 33.94 -7.16 -0.91
C ASN R 15 34.71 -8.06 -1.84
N GLN R 16 35.72 -8.72 -1.32
CA GLN R 16 36.58 -9.53 -2.15
C GLN R 16 35.86 -10.79 -2.59
N ASN R 17 36.56 -11.60 -3.36
CA ASN R 17 36.01 -12.77 -4.04
C ASN R 17 35.63 -13.92 -3.11
N VAL R 18 35.93 -13.75 -1.85
CA VAL R 18 35.57 -14.63 -0.78
C VAL R 18 34.04 -14.62 -0.61
N ALA R 19 33.43 -13.43 -0.77
CA ALA R 19 31.99 -13.27 -0.61
C ALA R 19 31.51 -13.71 0.76
N ALA R 20 32.31 -13.42 1.77
CA ALA R 20 31.96 -13.74 3.13
C ALA R 20 32.65 -12.73 4.02
N ASN R 21 32.37 -11.46 3.76
CA ASN R 21 32.99 -10.37 4.47
C ASN R 21 32.03 -9.20 4.66
N GLY R 22 31.54 -9.05 5.88
CA GLY R 22 30.57 -8.01 6.19
C GLY R 22 29.16 -8.56 6.32
N SER R 23 28.31 -7.79 7.00
CA SER R 23 26.91 -8.13 7.21
C SER R 23 26.06 -7.52 6.12
N THR R 24 26.68 -6.69 5.32
CA THR R 24 26.04 -5.89 4.30
C THR R 24 25.68 -6.70 3.09
N ILE R 25 26.11 -7.94 3.08
CA ILE R 25 25.86 -8.83 1.97
C ILE R 25 24.76 -9.81 2.33
N ASN R 26 24.09 -9.63 3.46
CA ASN R 26 23.00 -10.52 3.81
C ASN R 26 21.66 -9.96 3.34
N TYR R 27 20.67 -10.84 3.15
CA TYR R 27 19.32 -10.40 2.80
C TYR R 27 18.28 -11.28 3.47
N THR R 28 17.06 -10.76 3.61
CA THR R 28 16.02 -11.50 4.30
C THR R 28 14.84 -11.94 3.44
N THR R 29 14.47 -13.22 3.57
CA THR R 29 13.31 -13.79 2.88
C THR R 29 12.30 -14.41 3.82
N ILE R 30 11.05 -14.03 3.66
CA ILE R 30 9.98 -14.60 4.44
C ILE R 30 9.00 -15.22 3.49
N ASN R 31 8.66 -16.47 3.71
CA ASN R 31 7.69 -17.11 2.87
C ASN R 31 6.32 -16.72 3.38
N TYR R 32 5.42 -16.37 2.47
CA TYR R 32 4.10 -15.90 2.88
C TYR R 32 2.97 -16.88 2.60
N TYR R 33 3.20 -17.84 1.74
CA TYR R 33 2.13 -18.71 1.29
C TYR R 33 2.28 -20.14 1.80
N LYS R 34 1.15 -20.83 1.90
CA LYS R 34 1.06 -22.22 2.34
C LYS R 34 1.77 -23.29 1.49
N ASP R 35 1.83 -23.12 0.19
CA ASP R 35 2.46 -24.14 -0.62
C ASP R 35 3.90 -23.74 -0.86
N SER R 36 4.83 -24.68 -0.92
CA SER R 36 6.20 -24.29 -1.23
C SER R 36 6.32 -23.87 -2.68
N ALA R 37 5.35 -24.28 -3.49
CA ALA R 37 5.35 -23.93 -4.91
C ALA R 37 5.24 -22.43 -5.10
N SER R 38 4.76 -21.74 -4.07
CA SER R 38 4.57 -20.31 -4.08
C SER R 38 5.80 -19.53 -3.69
N ASN R 39 6.84 -20.24 -3.29
CA ASN R 39 8.08 -19.63 -2.86
C ASN R 39 8.81 -19.08 -4.04
N SER R 40 9.71 -18.17 -3.78
CA SER R 40 10.58 -17.60 -4.77
C SER R 40 11.52 -18.71 -5.20
N ALA R 41 12.33 -18.47 -6.23
CA ALA R 41 13.23 -19.49 -6.78
C ALA R 41 14.20 -19.99 -5.73
N THR R 42 14.71 -21.20 -5.95
CA THR R 42 15.60 -21.84 -5.00
C THR R 42 16.98 -21.22 -5.00
N ARG R 43 17.74 -21.58 -3.99
CA ARG R 43 19.10 -21.11 -3.83
C ARG R 43 19.97 -21.82 -4.83
N GLN R 44 20.99 -21.15 -5.33
CA GLN R 44 21.93 -21.79 -6.26
C GLN R 44 22.57 -22.99 -5.59
N ASP R 45 22.70 -24.11 -6.30
CA ASP R 45 23.36 -25.25 -5.68
C ASP R 45 24.84 -25.27 -5.94
N LEU R 46 25.21 -24.94 -7.17
CA LEU R 46 26.60 -24.95 -7.66
C LEU R 46 27.30 -26.29 -7.52
N SER R 47 26.54 -27.34 -7.27
CA SER R 47 27.07 -28.68 -7.16
C SER R 47 27.00 -29.35 -8.49
N GLN R 48 28.03 -30.09 -8.82
CA GLN R 48 28.10 -30.77 -10.09
C GLN R 48 28.82 -32.08 -9.98
N ASP R 49 28.56 -32.97 -10.93
CA ASP R 49 29.27 -34.22 -11.03
C ASP R 49 29.48 -34.63 -12.48
N PRO R 50 30.39 -33.99 -13.20
CA PRO R 50 30.64 -34.17 -14.60
C PRO R 50 30.96 -35.61 -14.97
N SER R 51 31.46 -36.41 -14.03
CA SER R 51 31.83 -37.78 -14.37
C SER R 51 30.64 -38.60 -14.84
N LYS R 52 29.43 -38.16 -14.50
CA LYS R 52 28.24 -38.87 -14.91
C LYS R 52 28.14 -38.92 -16.41
N PHE R 53 28.62 -37.87 -17.07
CA PHE R 53 28.49 -37.82 -18.50
C PHE R 53 29.82 -37.84 -19.21
N THR R 54 30.91 -37.46 -18.53
CA THR R 54 32.17 -37.37 -19.22
C THR R 54 33.04 -38.59 -19.03
N GLU R 55 32.81 -39.37 -17.99
CA GLU R 55 33.63 -40.54 -17.82
C GLU R 55 32.92 -41.60 -16.99
N PRO R 56 31.73 -42.06 -17.40
CA PRO R 56 30.94 -43.07 -16.73
C PRO R 56 31.47 -44.45 -17.07
N VAL R 57 32.70 -44.71 -16.68
CA VAL R 57 33.39 -45.92 -17.06
C VAL R 57 33.36 -46.89 -15.90
N LYS R 58 33.07 -48.17 -16.17
CA LYS R 58 33.05 -49.17 -15.11
C LYS R 58 34.44 -49.38 -14.51
N ASP R 59 35.40 -49.48 -15.40
CA ASP R 59 36.79 -49.72 -15.04
C ASP R 59 37.39 -48.40 -14.62
N LEU R 60 38.42 -48.44 -13.78
CA LEU R 60 39.03 -47.18 -13.38
C LEU R 60 40.24 -46.80 -14.21
N MET R 61 40.22 -45.58 -14.72
CA MET R 61 41.34 -45.02 -15.44
C MET R 61 41.79 -43.79 -14.70
N LEU R 62 43.08 -43.58 -14.66
CA LEU R 62 43.64 -42.39 -14.05
C LEU R 62 44.11 -41.51 -15.18
N LYS R 63 44.20 -40.22 -14.98
CA LYS R 63 44.55 -39.34 -16.08
C LYS R 63 45.85 -39.62 -16.81
N THR R 64 46.89 -40.04 -16.13
CA THR R 64 48.17 -40.25 -16.79
C THR R 64 48.35 -41.71 -17.17
N ALA R 65 47.37 -42.52 -16.86
CA ALA R 65 47.43 -43.92 -17.16
C ALA R 65 47.16 -44.04 -18.63
N PRO R 66 47.68 -45.04 -19.32
CA PRO R 66 47.29 -45.27 -20.68
C PRO R 66 45.84 -45.63 -20.58
N ALA R 67 45.02 -45.15 -21.51
CA ALA R 67 43.60 -45.46 -21.47
C ALA R 67 43.38 -46.95 -21.68
N LEU R 68 44.23 -47.53 -22.52
CA LEU R 68 44.15 -48.94 -22.85
C LEU R 68 45.46 -49.64 -22.50
N ASN R 69 45.38 -50.81 -21.82
CA ASN R 69 46.51 -51.65 -21.40
C ASN R 69 45.94 -53.03 -21.07
N VAL S 16 7.40 -29.32 13.75
CA VAL S 16 7.39 -29.77 12.36
C VAL S 16 7.40 -31.31 12.36
N SER S 17 6.44 -31.93 11.65
CA SER S 17 6.29 -33.39 11.51
C SER S 17 5.65 -33.77 10.20
N GLN S 18 5.82 -35.03 9.84
CA GLN S 18 5.28 -35.63 8.64
C GLN S 18 3.77 -35.79 8.79
N PRO S 19 2.94 -35.41 7.82
CA PRO S 19 1.51 -35.54 7.86
C PRO S 19 1.14 -37.00 7.67
N PRO S 20 -0.05 -37.44 8.11
CA PRO S 20 -0.63 -38.74 7.85
C PRO S 20 -0.77 -38.98 6.36
N SER S 21 -0.64 -40.24 5.95
CA SER S 21 -0.74 -40.63 4.55
C SER S 21 -1.76 -41.75 4.39
N THR S 22 -1.98 -42.18 3.15
CA THR S 22 -2.94 -43.23 2.87
C THR S 22 -2.37 -44.53 3.34
N GLN S 23 -3.20 -45.56 3.43
CA GLN S 23 -2.66 -46.81 3.93
C GLN S 23 -1.60 -47.39 3.02
N SER S 24 -0.53 -47.88 3.64
CA SER S 24 0.61 -48.54 3.01
C SER S 24 0.28 -49.99 2.76
N THR S 25 1.10 -50.67 1.98
CA THR S 25 0.85 -52.10 1.75
C THR S 25 1.96 -52.98 2.28
N GLU S 26 1.59 -53.97 3.07
CA GLU S 26 2.54 -54.92 3.61
C GLU S 26 2.75 -56.04 2.61
N ALA S 27 3.90 -56.69 2.65
CA ALA S 27 4.09 -57.83 1.77
C ALA S 27 3.32 -59.04 2.30
N THR S 28 2.79 -59.86 1.39
CA THR S 28 2.07 -61.08 1.79
C THR S 28 2.44 -62.30 0.97
N SER S 29 1.89 -63.44 1.38
CA SER S 29 2.10 -64.73 0.74
C SER S 29 0.78 -65.49 0.74
N GLY S 30 0.76 -66.68 0.13
CA GLY S 30 -0.49 -67.46 0.05
C GLY S 30 -0.98 -67.95 1.40
N VAL S 31 -2.31 -67.98 1.54
CA VAL S 31 -2.97 -68.40 2.76
C VAL S 31 -3.99 -69.51 2.54
N ASN S 32 -3.91 -70.56 3.35
CA ASN S 32 -4.85 -71.68 3.31
C ASN S 32 -5.62 -71.83 4.63
N SER S 33 -5.72 -70.73 5.35
CA SER S 33 -6.38 -70.59 6.64
C SER S 33 -7.88 -70.74 6.57
N GLN S 34 -8.44 -71.21 7.67
CA GLN S 34 -9.88 -71.31 7.82
C GLN S 34 -10.55 -69.94 7.74
N GLU S 35 -9.88 -68.91 8.22
CA GLU S 35 -10.49 -67.59 8.19
C GLU S 35 -10.29 -66.93 6.84
N VAL S 36 -11.40 -66.52 6.22
CA VAL S 36 -11.33 -65.94 4.91
C VAL S 36 -11.92 -64.53 4.83
N PRO S 37 -11.08 -63.48 4.78
CA PRO S 37 -11.47 -62.07 4.81
C PRO S 37 -12.19 -61.63 3.55
N ALA S 38 -12.11 -62.44 2.50
CA ALA S 38 -12.75 -62.10 1.24
C ALA S 38 -14.24 -62.39 1.27
N LEU S 39 -14.72 -63.06 2.31
CA LEU S 39 -16.14 -63.34 2.33
C LEU S 39 -16.75 -62.49 3.41
N THR S 40 -17.96 -62.03 3.17
CA THR S 40 -18.62 -61.18 4.15
C THR S 40 -20.14 -61.27 4.09
N ALA S 41 -20.78 -60.29 4.68
CA ALA S 41 -22.23 -60.22 4.68
C ALA S 41 -22.63 -58.79 4.76
N VAL S 42 -22.92 -58.18 3.62
CA VAL S 42 -23.22 -56.75 3.58
C VAL S 42 -24.53 -56.42 4.25
N GLU S 43 -25.30 -57.44 4.58
CA GLU S 43 -26.57 -57.26 5.24
C GLU S 43 -26.42 -56.65 6.60
N THR S 44 -25.22 -56.71 7.19
CA THR S 44 -25.01 -56.17 8.52
C THR S 44 -24.96 -54.67 8.50
N GLY S 45 -24.88 -54.06 7.32
CA GLY S 45 -24.81 -52.62 7.18
C GLY S 45 -23.39 -52.14 7.03
N ALA S 46 -22.45 -53.04 7.25
CA ALA S 46 -21.06 -52.68 7.09
C ALA S 46 -20.66 -52.87 5.66
N SER S 47 -19.71 -52.06 5.22
CA SER S 47 -19.10 -52.19 3.93
C SER S 47 -18.08 -53.31 3.99
N GLY S 48 -17.68 -53.81 2.84
CA GLY S 48 -16.64 -54.83 2.85
C GLY S 48 -15.37 -54.17 3.36
N GLN S 49 -14.52 -54.92 4.03
CA GLN S 49 -13.27 -54.34 4.52
C GLN S 49 -12.02 -54.85 3.83
N ALA S 50 -12.19 -55.66 2.80
CA ALA S 50 -11.06 -56.27 2.14
C ALA S 50 -10.13 -55.26 1.48
N ILE S 51 -8.83 -55.54 1.59
CA ILE S 51 -7.81 -54.72 0.96
C ILE S 51 -6.97 -55.66 0.09
N PRO S 52 -6.12 -55.20 -0.82
CA PRO S 52 -5.33 -56.04 -1.70
C PRO S 52 -4.54 -57.13 -1.00
N SER S 53 -4.06 -56.88 0.20
CA SER S 53 -3.26 -57.86 0.92
C SER S 53 -4.05 -59.09 1.37
N ASP S 54 -5.36 -59.00 1.29
CA ASP S 54 -6.27 -60.06 1.64
C ASP S 54 -6.64 -60.94 0.44
N VAL S 55 -6.41 -60.43 -0.76
CA VAL S 55 -6.87 -61.10 -1.97
C VAL S 55 -5.72 -61.69 -2.78
N VAL S 56 -4.64 -60.94 -2.95
CA VAL S 56 -3.53 -61.40 -3.76
C VAL S 56 -2.26 -61.32 -2.98
N GLU S 57 -1.23 -62.01 -3.42
CA GLU S 57 0.03 -61.83 -2.77
C GLU S 57 0.46 -60.40 -3.11
N THR S 58 0.91 -59.64 -2.14
CA THR S 58 1.35 -58.25 -2.33
C THR S 58 2.80 -58.03 -1.97
N ARG S 59 3.31 -56.88 -2.41
CA ARG S 59 4.67 -56.48 -2.09
C ARG S 59 4.65 -55.36 -1.11
N HIS S 60 5.78 -55.10 -0.48
CA HIS S 60 5.81 -53.96 0.40
C HIS S 60 5.78 -52.69 -0.45
N VAL S 61 4.89 -51.77 -0.11
CA VAL S 61 4.80 -50.47 -0.79
C VAL S 61 4.72 -49.35 0.23
N VAL S 62 5.57 -48.35 0.08
CA VAL S 62 5.49 -47.26 1.01
C VAL S 62 4.71 -46.11 0.42
N ASN S 63 3.58 -45.79 1.03
CA ASN S 63 2.72 -44.74 0.53
C ASN S 63 2.86 -43.44 1.27
N TYR S 64 3.31 -42.44 0.52
CA TYR S 64 3.51 -41.09 1.02
C TYR S 64 2.45 -40.18 0.45
N LYS S 65 1.50 -40.79 -0.24
CA LYS S 65 0.42 -40.08 -0.91
C LYS S 65 -0.54 -39.58 0.14
N THR S 66 -1.10 -38.39 -0.04
CA THR S 66 -1.95 -37.80 0.99
C THR S 66 -3.37 -37.43 0.55
N ARG S 67 -4.34 -37.61 1.43
CA ARG S 67 -5.70 -37.19 1.13
C ARG S 67 -5.87 -35.70 1.41
N SER S 68 -5.20 -34.91 0.60
CA SER S 68 -5.14 -33.47 0.78
C SER S 68 -6.18 -32.64 0.05
N GLU S 69 -6.24 -32.80 -1.27
CA GLU S 69 -7.14 -32.02 -2.13
C GLU S 69 -8.58 -32.28 -1.73
N SER S 70 -8.79 -33.45 -1.17
CA SER S 70 -10.05 -33.97 -0.73
C SER S 70 -10.50 -33.58 0.66
N CYS S 71 -9.69 -32.85 1.40
CA CYS S 71 -10.12 -32.48 2.74
C CYS S 71 -11.36 -31.65 2.58
N LEU S 72 -12.30 -31.73 3.52
CA LEU S 72 -13.53 -30.97 3.36
C LEU S 72 -13.27 -29.49 3.10
N GLU S 73 -12.26 -28.95 3.78
CA GLU S 73 -11.89 -27.57 3.66
C GLU S 73 -11.41 -27.24 2.25
N SER S 74 -10.71 -28.17 1.60
CA SER S 74 -10.18 -27.95 0.27
C SER S 74 -11.28 -28.09 -0.76
N PHE S 75 -12.19 -29.03 -0.52
CA PHE S 75 -13.29 -29.33 -1.43
C PHE S 75 -14.11 -28.08 -1.62
N PHE S 76 -14.39 -27.39 -0.54
CA PHE S 76 -15.18 -26.18 -0.59
C PHE S 76 -14.32 -24.93 -0.61
N GLY S 77 -13.07 -25.04 -1.01
CA GLY S 77 -12.13 -23.94 -0.95
C GLY S 77 -12.13 -22.93 -2.09
N ARG S 78 -13.07 -22.99 -3.03
CA ARG S 78 -13.07 -22.03 -4.13
C ARG S 78 -14.27 -21.09 -4.05
N ALA S 79 -14.07 -19.86 -4.51
CA ALA S 79 -15.15 -18.90 -4.55
C ALA S 79 -15.96 -19.09 -5.82
N ALA S 80 -17.13 -19.67 -5.68
CA ALA S 80 -17.97 -20.02 -6.82
C ALA S 80 -18.84 -18.86 -7.21
N CYS S 81 -19.22 -18.78 -8.48
CA CYS S 81 -20.23 -17.80 -8.81
C CYS S 81 -21.52 -18.24 -8.20
N VAL S 82 -22.19 -17.33 -7.56
CA VAL S 82 -23.48 -17.57 -6.96
C VAL S 82 -24.58 -16.91 -7.71
N THR S 83 -24.40 -15.66 -8.06
CA THR S 83 -25.50 -15.04 -8.78
C THR S 83 -25.07 -13.90 -9.64
N ILE S 84 -25.93 -13.53 -10.57
CA ILE S 84 -25.68 -12.40 -11.44
C ILE S 84 -26.80 -11.40 -11.31
N LEU S 85 -26.46 -10.18 -10.97
CA LEU S 85 -27.45 -9.12 -10.82
C LEU S 85 -27.20 -8.02 -11.83
N SER S 86 -28.24 -7.38 -12.34
CA SER S 86 -27.98 -6.27 -13.24
C SER S 86 -28.53 -4.98 -12.68
N LEU S 87 -27.93 -3.88 -13.08
CA LEU S 87 -28.43 -2.57 -12.73
C LEU S 87 -28.02 -1.61 -13.82
N THR S 88 -28.89 -0.70 -14.19
CA THR S 88 -28.57 0.21 -15.28
C THR S 88 -28.59 1.65 -14.87
N ASN S 89 -27.53 2.40 -15.22
CA ASN S 89 -27.47 3.84 -14.94
C ASN S 89 -27.91 4.62 -16.18
N SER S 90 -29.08 5.26 -16.11
CA SER S 90 -29.63 5.96 -17.28
C SER S 90 -30.56 7.11 -17.00
N SER S 91 -30.59 8.07 -17.91
CA SER S 91 -31.46 9.23 -17.81
C SER S 91 -32.92 8.97 -18.17
N LYS S 92 -33.20 7.83 -18.80
CA LYS S 92 -34.57 7.52 -19.19
C LYS S 92 -35.35 7.24 -17.90
N SER S 93 -36.57 7.72 -17.78
CA SER S 93 -37.32 7.61 -16.53
C SER S 93 -37.61 6.22 -15.99
N GLY S 94 -37.70 5.20 -16.82
CA GLY S 94 -37.99 3.87 -16.29
C GLY S 94 -36.75 3.23 -15.69
N GLU S 95 -35.64 3.92 -15.82
CA GLU S 95 -34.41 3.38 -15.38
C GLU S 95 -34.24 3.69 -13.91
N GLU S 96 -35.14 4.51 -13.34
CA GLU S 96 -35.02 4.83 -11.93
C GLU S 96 -35.12 3.55 -11.13
N LYS S 97 -35.95 2.64 -11.60
CA LYS S 97 -36.06 1.37 -10.93
C LYS S 97 -34.96 0.45 -11.41
N LYS S 98 -34.49 0.61 -12.64
CA LYS S 98 -33.43 -0.28 -13.08
C LYS S 98 -32.06 0.02 -12.45
N HIS S 99 -31.87 1.17 -11.80
CA HIS S 99 -30.60 1.50 -11.10
C HIS S 99 -30.49 0.74 -9.79
N PHE S 100 -31.60 0.12 -9.42
CA PHE S 100 -31.80 -0.53 -8.15
C PHE S 100 -32.08 -2.04 -8.18
N ASN S 101 -31.20 -2.85 -7.60
CA ASN S 101 -31.44 -4.29 -7.65
C ASN S 101 -31.37 -5.00 -6.30
N ILE S 102 -32.53 -5.44 -5.80
CA ILE S 102 -32.56 -6.17 -4.53
C ILE S 102 -32.64 -7.66 -4.79
N TRP S 103 -31.71 -8.40 -4.19
CA TRP S 103 -31.59 -9.84 -4.33
C TRP S 103 -31.67 -10.63 -3.02
N ASN S 104 -32.43 -11.72 -3.05
CA ASN S 104 -32.55 -12.57 -1.87
C ASN S 104 -31.30 -13.38 -1.73
N ILE S 105 -30.75 -13.43 -0.54
CA ILE S 105 -29.53 -14.17 -0.42
C ILE S 105 -29.79 -15.65 -0.35
N THR S 106 -29.13 -16.35 -1.25
CA THR S 106 -29.24 -17.78 -1.42
C THR S 106 -28.05 -18.32 -2.16
N TYR S 107 -27.82 -19.60 -2.03
CA TYR S 107 -26.78 -20.25 -2.81
C TYR S 107 -27.38 -21.08 -3.94
N THR S 108 -28.68 -20.99 -4.10
CA THR S 108 -29.39 -21.82 -5.06
C THR S 108 -29.53 -21.28 -6.48
N ASP S 109 -28.99 -20.10 -6.76
CA ASP S 109 -29.12 -19.57 -8.12
C ASP S 109 -28.23 -20.31 -9.13
N THR S 110 -27.10 -20.87 -8.67
CA THR S 110 -26.18 -21.61 -9.53
C THR S 110 -26.02 -23.06 -9.08
N VAL S 111 -25.91 -23.94 -10.05
CA VAL S 111 -25.82 -25.36 -9.75
C VAL S 111 -24.49 -25.87 -9.28
N GLN S 112 -23.37 -25.34 -9.75
CA GLN S 112 -22.19 -26.02 -9.29
C GLN S 112 -21.96 -25.88 -7.79
N LEU S 113 -22.24 -24.71 -7.22
CA LEU S 113 -22.03 -24.59 -5.78
C LEU S 113 -23.11 -25.33 -5.05
N ARG S 114 -24.34 -25.23 -5.53
CA ARG S 114 -25.39 -25.88 -4.82
C ARG S 114 -25.14 -27.36 -4.75
N ARG S 115 -24.77 -27.98 -5.86
CA ARG S 115 -24.59 -29.42 -5.81
C ARG S 115 -23.54 -29.82 -4.82
N LYS S 116 -22.43 -29.11 -4.75
CA LYS S 116 -21.42 -29.50 -3.78
C LYS S 116 -21.94 -29.38 -2.33
N LEU S 117 -22.67 -28.30 -2.04
CA LEU S 117 -23.20 -28.10 -0.70
C LEU S 117 -24.22 -29.16 -0.33
N GLU S 118 -24.97 -29.61 -1.33
CA GLU S 118 -26.05 -30.59 -1.15
C GLU S 118 -25.52 -31.97 -0.80
N PHE S 119 -24.20 -32.17 -0.80
CA PHE S 119 -23.66 -33.44 -0.32
C PHE S 119 -23.88 -33.56 1.17
N PHE S 120 -24.04 -32.44 1.86
CA PHE S 120 -24.18 -32.52 3.29
C PHE S 120 -25.54 -32.10 3.76
N THR S 121 -25.99 -32.71 4.84
CA THR S 121 -27.29 -32.34 5.38
C THR S 121 -27.21 -31.04 6.14
N TYR S 122 -26.16 -30.90 6.93
CA TYR S 122 -25.96 -29.73 7.76
C TYR S 122 -24.54 -29.27 7.63
N SER S 123 -24.31 -27.97 7.73
CA SER S 123 -22.94 -27.48 7.75
C SER S 123 -22.81 -26.19 8.52
N ARG S 124 -21.62 -25.94 9.01
CA ARG S 124 -21.32 -24.72 9.72
C ARG S 124 -20.07 -24.11 9.14
N PHE S 125 -20.16 -22.87 8.73
CA PHE S 125 -19.02 -22.22 8.12
C PHE S 125 -19.06 -20.72 8.17
N ASP S 126 -17.91 -20.11 7.97
CA ASP S 126 -17.80 -18.68 7.81
C ASP S 126 -17.81 -18.47 6.31
N LEU S 127 -18.25 -17.31 5.86
CA LEU S 127 -18.31 -17.09 4.43
C LEU S 127 -17.52 -15.92 3.89
N GLU S 128 -16.74 -16.17 2.86
CA GLU S 128 -16.04 -15.08 2.22
C GLU S 128 -16.76 -14.63 0.96
N MET S 129 -17.08 -13.35 0.89
CA MET S 129 -17.77 -12.85 -0.29
C MET S 129 -16.90 -11.91 -1.09
N THR S 130 -16.94 -12.08 -2.41
CA THR S 130 -16.21 -11.24 -3.34
C THR S 130 -17.14 -10.81 -4.45
N PHE S 131 -17.00 -9.59 -4.94
CA PHE S 131 -17.89 -9.20 -6.03
C PHE S 131 -17.12 -8.81 -7.26
N VAL S 132 -17.68 -9.07 -8.44
CA VAL S 132 -17.04 -8.66 -9.68
C VAL S 132 -17.96 -7.78 -10.51
N PHE S 133 -17.50 -6.59 -10.86
CA PHE S 133 -18.31 -5.66 -11.63
C PHE S 133 -17.82 -5.47 -13.04
N THR S 134 -18.75 -5.61 -14.00
CA THR S 134 -18.45 -5.41 -15.44
C THR S 134 -19.45 -4.42 -16.04
N GLU S 135 -19.02 -3.60 -17.02
CA GLU S 135 -19.91 -2.62 -17.63
C GLU S 135 -19.91 -2.66 -19.16
N ASN S 136 -21.02 -2.24 -19.76
CA ASN S 136 -21.08 -2.04 -21.21
C ASN S 136 -22.11 -1.00 -21.58
N TYR S 137 -22.06 -0.54 -22.80
CA TYR S 137 -23.09 0.34 -23.31
C TYR S 137 -24.11 -0.57 -24.00
N PRO S 138 -25.37 -0.64 -23.56
CA PRO S 138 -26.40 -1.51 -24.08
C PRO S 138 -27.11 -0.96 -25.30
N SER S 139 -26.65 0.18 -25.80
CA SER S 139 -27.29 0.84 -26.91
C SER S 139 -26.20 1.36 -27.80
N THR S 140 -26.56 2.09 -28.83
CA THR S 140 -25.59 2.60 -29.79
C THR S 140 -24.98 3.91 -29.33
N ALA S 141 -25.43 4.40 -28.20
CA ALA S 141 -24.93 5.64 -27.64
C ALA S 141 -23.66 5.32 -26.86
N SER S 142 -22.51 5.80 -27.34
CA SER S 142 -21.21 5.47 -26.77
C SER S 142 -20.38 6.69 -26.38
N GLY S 143 -21.03 7.70 -25.82
CA GLY S 143 -20.27 8.88 -25.44
C GLY S 143 -19.73 8.77 -24.03
N GLU S 144 -19.11 9.83 -23.57
CA GLU S 144 -18.49 9.84 -22.27
C GLU S 144 -19.45 9.74 -21.10
N VAL S 145 -19.04 8.89 -20.17
CA VAL S 145 -19.66 8.66 -18.88
C VAL S 145 -18.56 8.63 -17.83
N ARG S 146 -18.77 9.28 -16.69
CA ARG S 146 -17.76 9.33 -15.65
C ARG S 146 -17.67 8.00 -14.90
N ASN S 147 -16.57 7.78 -14.19
CA ASN S 147 -16.39 6.55 -13.43
C ASN S 147 -17.52 6.37 -12.45
N GLN S 148 -18.06 5.15 -12.45
CA GLN S 148 -19.17 4.79 -11.62
C GLN S 148 -18.74 4.21 -10.29
N VAL S 149 -19.51 4.52 -9.29
CA VAL S 149 -19.34 4.01 -7.96
C VAL S 149 -20.58 3.23 -7.62
N TYR S 150 -20.39 2.11 -6.99
CA TYR S 150 -21.48 1.26 -6.58
C TYR S 150 -21.47 1.04 -5.10
N GLN S 151 -22.66 0.85 -4.52
CA GLN S 151 -22.77 0.53 -3.08
C GLN S 151 -23.52 -0.79 -2.91
N ILE S 152 -23.03 -1.68 -2.05
CA ILE S 152 -23.80 -2.85 -1.72
C ILE S 152 -24.22 -2.75 -0.29
N MET S 153 -25.51 -2.77 -0.05
CA MET S 153 -25.98 -2.72 1.32
C MET S 153 -26.62 -4.02 1.71
N TYR S 154 -26.28 -4.50 2.87
CA TYR S 154 -26.91 -5.70 3.35
C TYR S 154 -28.05 -5.37 4.23
N ILE S 155 -29.20 -5.92 3.90
CA ILE S 155 -30.37 -5.66 4.66
C ILE S 155 -30.87 -6.93 5.33
N PRO S 156 -30.62 -7.13 6.62
CA PRO S 156 -31.05 -8.26 7.39
C PRO S 156 -32.56 -8.25 7.37
N PRO S 157 -33.23 -9.37 7.56
CA PRO S 157 -34.65 -9.41 7.57
C PRO S 157 -35.13 -8.57 8.71
N GLY S 158 -36.18 -7.80 8.47
CA GLY S 158 -36.76 -6.94 9.48
C GLY S 158 -36.31 -5.49 9.33
N ALA S 159 -35.24 -5.29 8.56
CA ALA S 159 -34.71 -3.96 8.31
C ALA S 159 -35.58 -3.35 7.23
N PRO S 160 -35.67 -2.02 7.09
CA PRO S 160 -36.38 -1.37 6.02
C PRO S 160 -35.61 -1.56 4.74
N ARG S 161 -36.31 -1.53 3.63
CA ARG S 161 -35.67 -1.63 2.34
C ARG S 161 -35.96 -0.34 1.61
N PRO S 162 -35.09 0.09 0.70
CA PRO S 162 -35.28 1.26 -0.14
C PRO S 162 -36.41 1.05 -1.10
N SER S 163 -37.15 2.11 -1.40
CA SER S 163 -38.19 2.04 -2.41
C SER S 163 -37.63 2.43 -3.77
N SER S 164 -36.42 2.96 -3.76
CA SER S 164 -35.75 3.46 -4.94
C SER S 164 -34.25 3.41 -4.81
N TRP S 165 -33.59 3.57 -5.94
CA TRP S 165 -32.14 3.54 -5.99
C TRP S 165 -31.52 4.61 -5.11
N ASP S 166 -32.22 5.72 -4.91
CA ASP S 166 -31.74 6.82 -4.12
C ASP S 166 -32.53 7.10 -2.87
N ASP S 167 -33.15 6.09 -2.26
CA ASP S 167 -33.98 6.42 -1.11
C ASP S 167 -33.15 6.68 0.15
N TYR S 168 -33.80 7.05 1.24
CA TYR S 168 -33.11 7.41 2.47
C TYR S 168 -32.44 6.26 3.15
N THR S 169 -32.90 5.06 2.89
CA THR S 169 -32.39 3.91 3.59
C THR S 169 -30.97 3.60 3.24
N TRP S 170 -30.43 4.23 2.18
CA TRP S 170 -29.04 3.97 1.74
C TRP S 170 -28.03 4.66 2.66
N GLN S 171 -28.51 5.32 3.72
CA GLN S 171 -27.67 6.02 4.70
C GLN S 171 -26.83 4.99 5.43
N SER S 172 -27.35 3.77 5.50
CA SER S 172 -26.68 2.63 6.09
C SER S 172 -26.15 2.85 7.49
N SER S 173 -26.92 3.44 8.40
CA SER S 173 -26.31 3.66 9.71
C SER S 173 -26.03 2.38 10.46
N SER S 174 -26.93 1.42 10.40
CA SER S 174 -26.70 0.15 11.06
C SER S 174 -26.49 -1.00 10.09
N ASN S 175 -27.06 -0.93 8.89
CA ASN S 175 -26.83 -1.99 7.95
C ASN S 175 -25.39 -1.86 7.45
N PRO S 176 -24.59 -2.91 7.36
CA PRO S 176 -23.26 -2.82 6.83
C PRO S 176 -23.39 -2.57 5.37
N SER S 177 -22.44 -1.87 4.81
CA SER S 177 -22.42 -1.65 3.39
C SER S 177 -21.02 -1.41 2.90
N ILE S 178 -20.83 -1.63 1.62
CA ILE S 178 -19.54 -1.38 1.00
C ILE S 178 -19.61 -0.53 -0.24
N PHE S 179 -18.70 0.40 -0.35
CA PHE S 179 -18.58 1.27 -1.49
C PHE S 179 -17.39 0.93 -2.36
N TYR S 180 -17.69 0.60 -3.59
CA TYR S 180 -16.69 0.20 -4.55
C TYR S 180 -16.65 1.09 -5.75
N MET S 181 -15.46 1.56 -6.06
CA MET S 181 -15.31 2.38 -7.23
C MET S 181 -14.82 1.52 -8.35
N TYR S 182 -15.49 1.62 -9.46
CA TYR S 182 -15.20 0.76 -10.56
C TYR S 182 -13.78 0.88 -11.05
N GLY S 183 -13.14 -0.27 -11.18
CA GLY S 183 -11.77 -0.35 -11.66
C GLY S 183 -10.81 -0.73 -10.55
N ASN S 184 -11.24 -0.62 -9.30
CA ASN S 184 -10.35 -1.02 -8.23
C ASN S 184 -10.42 -2.52 -8.02
N ALA S 185 -9.63 -3.04 -7.09
CA ALA S 185 -9.65 -4.46 -6.90
C ALA S 185 -11.06 -4.88 -6.50
N PRO S 186 -11.55 -6.03 -6.97
CA PRO S 186 -12.87 -6.52 -6.65
C PRO S 186 -12.99 -6.44 -5.14
N PRO S 187 -14.09 -5.91 -4.59
CA PRO S 187 -14.30 -5.73 -3.18
C PRO S 187 -14.47 -7.09 -2.55
N ARG S 188 -14.03 -7.20 -1.30
CA ARG S 188 -14.12 -8.45 -0.54
C ARG S 188 -14.42 -8.25 0.95
N MET S 189 -15.20 -9.15 1.53
CA MET S 189 -15.46 -9.11 2.97
C MET S 189 -15.76 -10.45 3.58
N SER S 190 -15.47 -10.60 4.87
CA SER S 190 -15.85 -11.81 5.57
C SER S 190 -17.15 -11.70 6.34
N ILE S 191 -17.93 -12.75 6.27
CA ILE S 191 -19.18 -12.87 6.99
C ILE S 191 -19.03 -14.04 7.98
N PRO S 192 -19.25 -13.88 9.27
CA PRO S 192 -19.13 -14.91 10.26
C PRO S 192 -20.31 -15.83 10.10
N TYR S 193 -20.26 -17.03 10.64
CA TYR S 193 -21.45 -17.88 10.65
C TYR S 193 -22.60 -17.12 11.28
N VAL S 194 -23.72 -17.07 10.59
CA VAL S 194 -24.90 -16.34 11.07
C VAL S 194 -26.16 -17.15 11.26
N GLY S 195 -26.04 -18.44 11.42
CA GLY S 195 -27.24 -19.23 11.62
C GLY S 195 -27.79 -19.00 13.02
N ILE S 196 -29.05 -19.38 13.22
CA ILE S 196 -29.72 -19.24 14.52
C ILE S 196 -29.94 -20.60 15.13
N ALA S 197 -29.34 -21.54 14.46
CA ALA S 197 -29.24 -22.94 14.74
C ALA S 197 -27.77 -23.17 14.91
N ASN S 198 -27.33 -24.36 15.23
CA ASN S 198 -25.92 -24.51 15.47
C ASN S 198 -25.20 -24.88 14.17
N ALA S 199 -25.99 -25.03 13.13
CA ALA S 199 -25.56 -25.35 11.78
C ALA S 199 -26.61 -24.88 10.81
N TYR S 200 -26.23 -24.64 9.58
CA TYR S 200 -27.20 -24.30 8.58
C TYR S 200 -27.75 -25.60 8.11
N SER S 201 -29.02 -25.62 7.81
CA SER S 201 -29.58 -26.84 7.26
C SER S 201 -29.66 -26.68 5.77
N HIS S 202 -29.40 -27.74 5.04
CA HIS S 202 -29.54 -27.69 3.59
C HIS S 202 -30.85 -28.36 3.19
N PHE S 203 -31.49 -28.97 4.16
CA PHE S 203 -32.75 -29.65 3.96
C PHE S 203 -33.65 -29.38 5.13
N TYR S 204 -34.94 -29.28 4.89
CA TYR S 204 -35.86 -29.18 6.01
C TYR S 204 -37.13 -29.92 5.76
N ASP S 205 -37.25 -31.09 6.35
CA ASP S 205 -38.44 -31.88 6.11
C ASP S 205 -39.52 -31.44 7.06
N GLY S 206 -40.09 -30.30 6.77
CA GLY S 206 -41.05 -29.74 7.67
C GLY S 206 -41.65 -28.44 7.24
N PHE S 207 -42.46 -27.93 8.14
CA PHE S 207 -43.20 -26.72 7.94
C PHE S 207 -42.75 -25.64 8.91
N ALA S 208 -42.91 -24.38 8.52
CA ALA S 208 -42.61 -23.27 9.43
C ALA S 208 -43.61 -23.18 10.57
N ARG S 209 -44.86 -23.54 10.31
CA ARG S 209 -45.90 -23.43 11.30
C ARG S 209 -46.75 -24.68 11.29
N VAL S 210 -47.25 -25.07 12.46
CA VAL S 210 -48.16 -26.20 12.48
C VAL S 210 -49.53 -25.64 12.17
N PRO S 211 -50.19 -26.02 11.08
CA PRO S 211 -51.49 -25.53 10.77
C PRO S 211 -52.37 -26.25 11.75
N LEU S 212 -53.41 -25.61 12.25
CA LEU S 212 -54.29 -26.24 13.24
C LEU S 212 -55.56 -26.78 12.66
N GLU S 213 -56.27 -27.60 13.43
CA GLU S 213 -57.51 -28.23 12.97
C GLU S 213 -58.59 -27.26 12.50
N GLY S 214 -58.54 -26.01 12.94
CA GLY S 214 -59.55 -25.04 12.53
C GLY S 214 -59.22 -24.38 11.18
N GLU S 215 -58.07 -24.74 10.61
CA GLU S 215 -57.60 -24.20 9.36
C GLU S 215 -57.99 -25.09 8.20
N ASN S 216 -57.99 -24.50 7.02
CA ASN S 216 -58.33 -25.23 5.82
C ASN S 216 -57.31 -26.34 5.58
N THR S 217 -57.80 -27.50 5.15
CA THR S 217 -56.97 -28.67 4.88
C THR S 217 -56.19 -28.55 3.58
N ASP S 218 -56.58 -27.59 2.76
CA ASP S 218 -55.96 -27.36 1.47
C ASP S 218 -54.53 -26.89 1.58
N ALA S 219 -53.67 -27.61 0.91
CA ALA S 219 -52.27 -27.29 0.82
C ALA S 219 -51.63 -26.90 2.17
N GLY S 220 -51.27 -25.62 2.32
CA GLY S 220 -50.48 -25.21 3.48
C GLY S 220 -49.02 -25.32 3.01
N ASP S 221 -48.87 -25.43 1.70
CA ASP S 221 -47.66 -25.59 0.92
C ASP S 221 -46.74 -24.41 1.06
N THR S 222 -47.34 -23.29 1.33
CA THR S 222 -46.68 -22.04 1.52
C THR S 222 -45.75 -22.10 2.71
N PHE S 223 -45.99 -23.04 3.63
CA PHE S 223 -45.18 -23.15 4.80
C PHE S 223 -44.19 -24.31 4.71
N TYR S 224 -44.06 -24.98 3.56
CA TYR S 224 -43.19 -26.15 3.48
C TYR S 224 -41.84 -25.98 2.83
N GLY S 225 -40.85 -26.65 3.40
CA GLY S 225 -39.53 -26.77 2.80
C GLY S 225 -38.49 -25.86 3.38
N LEU S 226 -37.27 -25.99 2.92
CA LEU S 226 -36.19 -25.20 3.48
C LEU S 226 -36.42 -23.73 3.26
N VAL S 227 -37.00 -23.41 2.12
CA VAL S 227 -37.28 -22.04 1.70
C VAL S 227 -38.24 -21.34 2.63
N SER S 228 -38.99 -22.13 3.39
CA SER S 228 -39.94 -21.66 4.34
C SER S 228 -39.23 -21.03 5.53
N ILE S 229 -38.09 -21.61 5.93
CA ILE S 229 -37.40 -21.16 7.13
C ILE S 229 -36.15 -20.30 6.88
N ASN S 230 -35.40 -20.55 5.80
CA ASN S 230 -34.21 -19.76 5.56
C ASN S 230 -34.52 -18.40 5.00
N ASP S 231 -33.97 -17.41 5.67
CA ASP S 231 -34.09 -16.01 5.31
C ASP S 231 -32.85 -15.31 5.82
N PHE S 232 -32.00 -14.93 4.90
CA PHE S 232 -30.74 -14.33 5.26
C PHE S 232 -30.73 -12.87 4.90
N GLY S 233 -31.88 -12.33 4.61
CA GLY S 233 -31.96 -10.94 4.22
C GLY S 233 -31.67 -10.83 2.75
N VAL S 234 -31.47 -9.60 2.32
CA VAL S 234 -31.24 -9.31 0.92
C VAL S 234 -30.04 -8.40 0.71
N LEU S 235 -29.53 -8.37 -0.51
CA LEU S 235 -28.52 -7.37 -0.82
C LEU S 235 -29.19 -6.33 -1.68
N ALA S 236 -28.86 -5.09 -1.45
CA ALA S 236 -29.34 -4.03 -2.30
C ALA S 236 -28.16 -3.42 -3.01
N VAL S 237 -28.08 -3.67 -4.31
CA VAL S 237 -26.96 -3.19 -5.07
C VAL S 237 -27.40 -1.98 -5.86
N ARG S 238 -26.76 -0.84 -5.61
CA ARG S 238 -27.23 0.41 -6.26
C ARG S 238 -26.04 1.15 -6.86
N ALA S 239 -26.29 1.81 -7.99
CA ALA S 239 -25.34 2.78 -8.52
C ALA S 239 -25.45 3.96 -7.60
N VAL S 240 -24.34 4.67 -7.34
CA VAL S 240 -24.41 5.85 -6.44
C VAL S 240 -24.07 7.13 -7.21
N ASN S 241 -24.15 7.08 -8.55
CA ASN S 241 -23.95 8.24 -9.40
C ASN S 241 -25.31 8.70 -9.92
N ARG S 242 -25.41 9.96 -10.29
CA ARG S 242 -26.63 10.42 -10.91
C ARG S 242 -26.58 10.02 -12.39
N SER S 243 -27.72 10.07 -13.05
CA SER S 243 -27.77 9.66 -14.44
C SER S 243 -27.00 10.52 -15.40
N ASN S 244 -26.41 9.85 -16.38
CA ASN S 244 -25.65 10.40 -17.48
C ASN S 244 -26.45 10.35 -18.79
N PRO S 245 -26.13 11.17 -19.80
CA PRO S 245 -26.72 11.17 -21.14
C PRO S 245 -26.57 9.83 -21.88
N HIS S 246 -25.62 9.00 -21.49
CA HIS S 246 -25.40 7.72 -22.14
C HIS S 246 -25.65 6.63 -21.11
N THR S 247 -26.22 5.53 -21.56
CA THR S 247 -26.58 4.44 -20.66
C THR S 247 -25.50 3.43 -20.38
N ILE S 248 -25.30 3.13 -19.09
CA ILE S 248 -24.37 2.09 -18.70
C ILE S 248 -25.06 0.92 -18.04
N HIS S 249 -24.83 -0.24 -18.60
CA HIS S 249 -25.40 -1.44 -18.07
C HIS S 249 -24.37 -2.16 -17.25
N THR S 250 -24.68 -2.40 -16.01
CA THR S 250 -23.73 -3.03 -15.12
C THR S 250 -24.16 -4.41 -14.72
N SER S 251 -23.22 -5.31 -14.80
CA SER S 251 -23.41 -6.69 -14.42
C SER S 251 -22.58 -6.99 -13.20
N VAL S 252 -23.22 -7.43 -12.13
CA VAL S 252 -22.52 -7.68 -10.90
C VAL S 252 -22.58 -9.14 -10.55
N ARG S 253 -21.42 -9.76 -10.41
CA ARG S 253 -21.43 -11.16 -10.09
C ARG S 253 -20.99 -11.33 -8.66
N VAL S 254 -21.71 -12.15 -7.95
CA VAL S 254 -21.45 -12.41 -6.54
C VAL S 254 -20.80 -13.75 -6.41
N TYR S 255 -19.67 -13.79 -5.72
CA TYR S 255 -18.94 -15.01 -5.49
C TYR S 255 -18.93 -15.38 -4.02
N MET S 256 -18.98 -16.68 -3.74
CA MET S 256 -18.92 -17.16 -2.37
C MET S 256 -17.98 -18.31 -2.13
N LYS S 257 -17.22 -18.21 -1.06
CA LYS S 257 -16.33 -19.26 -0.61
C LYS S 257 -16.55 -19.64 0.83
N PRO S 258 -17.25 -20.72 1.14
CA PRO S 258 -17.42 -21.19 2.49
C PRO S 258 -16.02 -21.48 2.97
N LYS S 259 -15.70 -21.16 4.19
CA LYS S 259 -14.39 -21.44 4.75
C LYS S 259 -14.51 -21.76 6.21
N HIS S 260 -13.50 -22.39 6.81
CA HIS S 260 -13.63 -22.74 8.21
C HIS S 260 -14.89 -23.59 8.31
N ILE S 261 -14.93 -24.66 7.50
CA ILE S 261 -16.14 -25.47 7.38
C ILE S 261 -16.12 -26.85 8.00
N ARG S 262 -17.24 -27.18 8.64
CA ARG S 262 -17.51 -28.49 9.22
C ARG S 262 -18.89 -28.97 8.75
N CYS S 263 -19.00 -30.24 8.41
CA CYS S 263 -20.27 -30.82 7.96
C CYS S 263 -20.61 -32.06 8.75
N TRP S 264 -21.91 -32.33 8.92
CA TRP S 264 -22.29 -33.50 9.72
C TRP S 264 -23.04 -34.65 9.15
N CYS S 265 -23.27 -34.71 7.87
CA CYS S 265 -23.97 -35.89 7.40
C CYS S 265 -23.91 -35.98 5.93
N PRO S 266 -23.36 -37.03 5.34
CA PRO S 266 -23.24 -37.18 3.93
C PRO S 266 -24.58 -37.50 3.34
N ARG S 267 -24.77 -37.12 2.09
CA ARG S 267 -25.95 -37.44 1.33
C ARG S 267 -25.54 -37.76 -0.09
N PRO S 268 -26.34 -38.46 -0.89
CA PRO S 268 -26.13 -38.66 -2.29
C PRO S 268 -26.19 -37.29 -2.95
N PRO S 269 -25.46 -37.04 -4.02
CA PRO S 269 -25.49 -35.84 -4.81
C PRO S 269 -26.73 -35.80 -5.66
N ARG S 270 -27.15 -34.62 -6.03
CA ARG S 270 -28.27 -34.51 -6.95
C ARG S 270 -27.91 -35.13 -8.29
N ALA S 271 -28.79 -36.01 -8.79
CA ALA S 271 -28.58 -36.70 -10.06
C ALA S 271 -29.31 -36.05 -11.23
N VAL S 272 -30.25 -35.17 -10.94
CA VAL S 272 -31.08 -34.56 -11.98
C VAL S 272 -31.11 -33.04 -11.91
N LEU S 273 -31.51 -32.39 -12.97
CA LEU S 273 -31.60 -30.95 -13.00
C LEU S 273 -32.58 -30.43 -11.94
N TYR S 274 -32.21 -29.36 -11.21
CA TYR S 274 -33.06 -28.79 -10.16
C TYR S 274 -34.24 -27.97 -10.67
N ARG S 275 -35.40 -28.09 -10.00
CA ARG S 275 -36.53 -27.23 -10.31
C ARG S 275 -36.78 -26.33 -9.13
N GLY S 276 -36.24 -25.13 -9.18
CA GLY S 276 -36.39 -24.23 -8.05
C GLY S 276 -35.41 -24.53 -6.93
N GLU S 277 -35.67 -23.92 -5.79
CA GLU S 277 -34.84 -23.92 -4.58
C GLU S 277 -35.01 -25.15 -3.69
N GLY S 278 -36.01 -25.97 -3.97
CA GLY S 278 -36.32 -27.15 -3.18
C GLY S 278 -35.73 -28.39 -3.82
N VAL S 279 -36.38 -29.54 -3.68
CA VAL S 279 -35.82 -30.77 -4.23
C VAL S 279 -36.64 -31.21 -5.42
N ASP S 280 -37.50 -30.33 -5.85
CA ASP S 280 -38.38 -30.63 -6.93
C ASP S 280 -37.67 -31.03 -8.21
N MET S 281 -38.23 -32.04 -8.86
CA MET S 281 -37.72 -32.64 -10.08
C MET S 281 -38.45 -32.10 -11.30
N ILE S 282 -37.79 -32.12 -12.44
CA ILE S 282 -38.36 -31.61 -13.68
C ILE S 282 -38.82 -32.72 -14.59
N SER S 283 -40.10 -32.71 -14.97
CA SER S 283 -40.58 -33.75 -15.84
C SER S 283 -39.76 -33.86 -17.10
N SER S 284 -39.50 -35.10 -17.50
CA SER S 284 -38.71 -35.48 -18.66
C SER S 284 -37.21 -35.18 -18.56
N ALA S 285 -36.74 -34.78 -17.39
CA ALA S 285 -35.31 -34.55 -17.15
C ALA S 285 -34.86 -35.37 -15.97
N ILE S 286 -35.46 -36.54 -15.82
CA ILE S 286 -35.20 -37.42 -14.70
C ILE S 286 -34.62 -38.77 -15.07
N LEU S 287 -33.87 -38.82 -16.16
CA LEU S 287 -33.28 -40.06 -16.63
C LEU S 287 -31.75 -39.93 -16.80
N PRO S 288 -30.96 -39.89 -15.72
CA PRO S 288 -29.54 -39.62 -15.69
C PRO S 288 -28.57 -40.54 -16.42
N LEU S 289 -28.93 -41.79 -16.71
CA LEU S 289 -27.94 -42.65 -17.32
C LEU S 289 -28.08 -42.91 -18.81
N ALA S 290 -26.92 -43.10 -19.42
CA ALA S 290 -26.76 -43.52 -20.79
C ALA S 290 -26.93 -45.02 -20.88
N LYS S 291 -27.31 -45.50 -22.04
CA LYS S 291 -27.41 -46.93 -22.28
C LYS S 291 -26.11 -47.54 -22.74
N VAL S 292 -25.96 -48.83 -22.45
CA VAL S 292 -24.86 -49.61 -22.99
C VAL S 292 -25.53 -50.69 -23.81
N ASP S 293 -24.81 -51.30 -24.75
CA ASP S 293 -25.45 -52.29 -25.59
C ASP S 293 -25.94 -53.49 -24.81
N SER S 294 -25.16 -53.90 -23.83
CA SER S 294 -25.53 -55.01 -23.00
C SER S 294 -24.73 -54.98 -21.73
N ILE S 295 -25.17 -55.76 -20.76
CA ILE S 295 -24.48 -55.91 -19.48
C ILE S 295 -23.10 -56.56 -19.63
N THR S 296 -22.88 -57.25 -20.76
CA THR S 296 -21.65 -57.96 -21.06
C THR S 296 -20.75 -57.16 -22.00
N THR S 297 -21.09 -55.91 -22.26
CA THR S 297 -20.20 -55.10 -23.07
C THR S 297 -19.26 -54.34 -22.12
N PHE S 298 -17.93 -54.48 -22.30
CA PHE S 298 -16.89 -53.87 -21.45
C PHE S 298 -16.94 -52.32 -21.50
N ASP T 11 -24.54 -63.93 17.47
CA ASP T 11 -24.78 -62.64 16.80
C ASP T 11 -26.12 -62.57 16.00
N ARG T 12 -26.69 -63.74 15.64
CA ARG T 12 -27.95 -63.86 14.90
C ARG T 12 -29.13 -63.85 15.85
N VAL T 13 -28.83 -64.08 17.11
CA VAL T 13 -29.88 -64.13 18.09
C VAL T 13 -29.84 -62.88 18.91
N ARG T 14 -30.94 -62.15 18.89
CA ARG T 14 -30.97 -60.88 19.58
C ARG T 14 -32.21 -60.68 20.40
N GLN T 15 -32.09 -59.80 21.37
CA GLN T 15 -33.19 -59.37 22.19
C GLN T 15 -33.07 -57.91 22.49
N ILE T 16 -34.12 -57.16 22.19
CA ILE T 16 -34.12 -55.75 22.47
C ILE T 16 -35.19 -55.45 23.47
N THR T 17 -34.81 -55.02 24.66
CA THR T 17 -35.82 -54.74 25.66
C THR T 17 -35.75 -53.33 26.17
N LEU T 18 -36.89 -52.68 26.18
CA LEU T 18 -36.99 -51.34 26.73
C LEU T 18 -38.41 -51.14 27.16
N GLY T 19 -38.62 -50.38 28.22
CA GLY T 19 -39.98 -50.12 28.66
C GLY T 19 -40.63 -51.43 29.04
N ASN T 20 -41.80 -51.70 28.49
CA ASN T 20 -42.52 -52.91 28.78
C ASN T 20 -42.66 -53.79 27.56
N SER T 21 -41.73 -53.67 26.62
CA SER T 21 -41.83 -54.51 25.43
C SER T 21 -40.49 -55.02 24.96
N THR T 22 -40.54 -56.18 24.32
CA THR T 22 -39.34 -56.83 23.82
C THR T 22 -39.47 -57.36 22.41
N ILE T 23 -38.41 -57.18 21.65
CA ILE T 23 -38.32 -57.79 20.34
C ILE T 23 -37.26 -58.84 20.33
N THR T 24 -37.59 -60.03 19.86
CA THR T 24 -36.60 -61.06 19.77
C THR T 24 -36.53 -61.59 18.37
N THR T 25 -35.37 -62.11 18.02
CA THR T 25 -35.20 -62.75 16.73
C THR T 25 -34.08 -63.75 16.74
N GLN T 26 -34.20 -64.76 15.88
CA GLN T 26 -33.15 -65.76 15.71
C GLN T 26 -32.40 -65.58 14.41
N GLU T 27 -32.77 -64.55 13.65
CA GLU T 27 -32.19 -64.36 12.33
C GLU T 27 -31.77 -62.92 12.04
N ALA T 28 -31.08 -62.28 12.98
CA ALA T 28 -30.59 -60.92 12.77
C ALA T 28 -29.29 -60.93 12.01
N ALA T 29 -29.00 -59.89 11.27
CA ALA T 29 -27.67 -59.82 10.70
C ALA T 29 -26.72 -59.22 11.74
N ASN T 30 -27.14 -58.09 12.28
CA ASN T 30 -26.42 -57.32 13.29
C ASN T 30 -27.30 -56.15 13.67
N ALA T 31 -26.85 -55.31 14.56
CA ALA T 31 -27.54 -54.06 14.82
C ALA T 31 -26.63 -52.93 14.40
N ILE T 32 -27.22 -51.87 13.90
CA ILE T 32 -26.49 -50.70 13.45
C ILE T 32 -26.61 -49.54 14.35
N VAL T 33 -25.51 -48.93 14.67
CA VAL T 33 -25.62 -47.72 15.46
C VAL T 33 -25.22 -46.58 14.57
N ALA T 34 -26.19 -45.78 14.14
CA ALA T 34 -25.86 -44.78 13.15
C ALA T 34 -24.83 -43.85 13.71
N TYR T 35 -23.82 -43.60 12.90
CA TYR T 35 -22.71 -42.71 13.18
C TYR T 35 -21.92 -43.08 14.44
N GLY T 36 -22.14 -44.28 14.96
CA GLY T 36 -21.42 -44.74 16.12
C GLY T 36 -21.97 -44.17 17.43
N GLU T 37 -23.15 -43.54 17.40
CA GLU T 37 -23.63 -42.95 18.64
C GLU T 37 -24.99 -43.42 19.06
N TRP T 38 -25.16 -43.48 20.37
CA TRP T 38 -26.41 -43.85 20.98
C TRP T 38 -27.18 -42.60 21.30
N PRO T 39 -28.49 -42.64 21.35
CA PRO T 39 -29.27 -41.56 21.87
C PRO T 39 -28.89 -41.30 23.30
N THR T 40 -28.75 -40.05 23.65
CA THR T 40 -28.44 -39.64 25.01
C THR T 40 -29.34 -38.48 25.32
N TYR T 41 -29.39 -38.08 26.58
CA TYR T 41 -30.14 -36.91 27.01
C TYR T 41 -29.33 -35.65 26.78
N ILE T 42 -30.01 -34.51 26.69
CA ILE T 42 -29.29 -33.27 26.47
C ILE T 42 -28.42 -32.93 27.66
N ASN T 43 -27.15 -32.66 27.38
CA ASN T 43 -26.20 -32.28 28.41
C ASN T 43 -26.47 -30.86 28.80
N ASP T 44 -26.23 -30.50 30.05
CA ASP T 44 -26.47 -29.13 30.46
C ASP T 44 -25.69 -28.14 29.60
N SER T 45 -24.48 -28.55 29.16
CA SER T 45 -23.60 -27.68 28.40
C SER T 45 -24.14 -27.27 27.05
N GLU T 46 -25.12 -28.01 26.53
CA GLU T 46 -25.71 -27.70 25.24
C GLU T 46 -27.18 -27.37 25.35
N ALA T 47 -27.70 -27.24 26.55
CA ALA T 47 -29.12 -27.03 26.65
C ALA T 47 -29.52 -25.70 26.05
N ASN T 48 -30.63 -25.71 25.33
CA ASN T 48 -31.21 -24.48 24.80
C ASN T 48 -32.32 -23.91 25.67
N PRO T 49 -33.46 -24.61 25.91
CA PRO T 49 -34.59 -24.13 26.65
C PRO T 49 -34.23 -24.07 28.11
N VAL T 50 -34.91 -23.23 28.86
CA VAL T 50 -34.61 -23.19 30.29
C VAL T 50 -35.58 -23.93 31.19
N ASP T 51 -36.74 -24.32 30.71
CA ASP T 51 -37.66 -24.95 31.63
C ASP T 51 -37.22 -26.35 31.97
N ALA T 52 -37.60 -26.79 33.14
CA ALA T 52 -37.26 -28.14 33.50
C ALA T 52 -37.94 -29.05 32.48
N PRO T 53 -37.24 -30.03 31.92
CA PRO T 53 -37.71 -30.98 30.95
C PRO T 53 -38.58 -32.04 31.55
N THR T 54 -39.38 -32.64 30.71
CA THR T 54 -40.14 -33.82 31.02
C THR T 54 -39.42 -34.99 30.42
N GLU T 55 -39.23 -36.04 31.19
CA GLU T 55 -38.58 -37.25 30.69
C GLU T 55 -39.49 -38.43 30.95
N PRO T 56 -40.41 -38.77 30.05
CA PRO T 56 -41.41 -39.81 30.22
C PRO T 56 -40.79 -41.16 30.52
N ASP T 57 -39.54 -41.36 30.14
CA ASP T 57 -38.85 -42.59 30.39
C ASP T 57 -39.66 -43.75 29.82
N VAL T 58 -39.86 -44.80 30.60
CA VAL T 58 -40.57 -45.98 30.12
C VAL T 58 -42.02 -45.75 29.77
N SER T 59 -42.55 -44.59 30.08
CA SER T 59 -43.90 -44.27 29.72
C SER T 59 -44.04 -44.30 28.21
N SER T 60 -43.03 -43.78 27.50
CA SER T 60 -43.09 -43.73 26.05
C SER T 60 -41.96 -44.50 25.39
N ASN T 61 -40.91 -44.85 26.12
CA ASN T 61 -39.79 -45.54 25.49
C ASN T 61 -40.09 -47.03 25.42
N ARG T 62 -41.01 -47.39 24.56
CA ARG T 62 -41.48 -48.77 24.37
C ARG T 62 -41.74 -48.98 22.91
N PHE T 63 -41.80 -50.22 22.46
CA PHE T 63 -42.09 -50.45 21.06
C PHE T 63 -43.54 -50.36 20.70
N TYR T 64 -43.77 -49.76 19.54
CA TYR T 64 -45.08 -49.70 18.95
C TYR T 64 -45.02 -50.31 17.58
N THR T 65 -46.06 -50.99 17.14
CA THR T 65 -46.01 -51.57 15.81
C THR T 65 -46.90 -50.78 14.85
N LEU T 66 -46.33 -50.41 13.71
CA LEU T 66 -47.04 -49.65 12.70
C LEU T 66 -47.83 -50.61 11.87
N GLU T 67 -48.91 -50.16 11.26
CA GLU T 67 -49.65 -51.07 10.40
C GLU T 67 -48.70 -51.64 9.37
N SER T 68 -48.74 -52.94 9.20
CA SER T 68 -47.86 -53.62 8.27
C SER T 68 -48.25 -53.34 6.84
N VAL T 69 -47.34 -53.63 5.92
CA VAL T 69 -47.61 -53.44 4.51
C VAL T 69 -47.36 -54.72 3.77
N SER T 70 -47.93 -54.87 2.59
CA SER T 70 -47.69 -56.08 1.84
C SER T 70 -46.67 -55.88 0.75
N TRP T 71 -45.74 -56.80 0.67
CA TRP T 71 -44.74 -56.81 -0.35
C TRP T 71 -45.12 -57.78 -1.43
N LYS T 72 -45.44 -57.18 -2.56
CA LYS T 72 -45.90 -57.83 -3.76
C LYS T 72 -44.78 -57.72 -4.75
N THR T 73 -44.83 -58.50 -5.80
CA THR T 73 -43.80 -58.48 -6.83
C THR T 73 -43.82 -57.19 -7.63
N THR T 74 -44.87 -56.42 -7.47
CA THR T 74 -45.07 -55.17 -8.15
C THR T 74 -44.87 -53.94 -7.26
N SER T 75 -44.51 -54.14 -5.99
CA SER T 75 -44.32 -52.97 -5.13
C SER T 75 -43.05 -52.27 -5.47
N ARG T 76 -43.03 -50.96 -5.34
CA ARG T 76 -41.81 -50.23 -5.63
C ARG T 76 -41.16 -49.67 -4.38
N GLY T 77 -41.72 -49.98 -3.22
CA GLY T 77 -41.17 -49.46 -1.97
C GLY T 77 -42.20 -48.75 -1.10
N TRP T 78 -41.79 -48.49 0.14
CA TRP T 78 -42.64 -47.86 1.16
C TRP T 78 -41.89 -46.80 1.93
N TRP T 79 -42.61 -45.81 2.45
CA TRP T 79 -41.92 -44.84 3.29
C TRP T 79 -42.70 -44.26 4.46
N TRP T 80 -41.95 -43.83 5.46
CA TRP T 80 -42.49 -43.18 6.63
C TRP T 80 -41.67 -41.98 7.05
N LYS T 81 -42.32 -41.05 7.70
CA LYS T 81 -41.63 -39.96 8.37
C LYS T 81 -41.69 -40.35 9.82
N LEU T 82 -40.55 -40.37 10.49
CA LEU T 82 -40.52 -40.98 11.81
C LEU T 82 -41.28 -40.27 12.95
N PRO T 83 -41.02 -39.02 13.34
CA PRO T 83 -41.79 -38.36 14.38
C PRO T 83 -43.28 -38.39 14.06
N ASP T 84 -43.61 -38.39 12.77
CA ASP T 84 -44.98 -38.45 12.31
C ASP T 84 -45.59 -39.83 12.46
N CYS T 85 -44.86 -40.89 12.14
CA CYS T 85 -45.50 -42.19 12.19
C CYS T 85 -45.87 -42.56 13.62
N LEU T 86 -45.18 -41.98 14.60
CA LEU T 86 -45.53 -42.29 15.98
C LEU T 86 -46.47 -41.27 16.61
N LYS T 87 -47.00 -40.32 15.85
CA LYS T 87 -47.80 -39.27 16.45
C LYS T 87 -49.03 -39.76 17.20
N ASP T 88 -49.58 -40.90 16.81
CA ASP T 88 -50.77 -41.42 17.46
C ASP T 88 -50.43 -42.57 18.39
N MET T 89 -49.15 -42.79 18.60
CA MET T 89 -48.72 -43.91 19.39
C MET T 89 -48.69 -43.74 20.89
N GLY T 90 -49.87 -43.84 21.47
CA GLY T 90 -50.03 -43.82 22.91
C GLY T 90 -49.47 -42.59 23.57
N MET T 91 -48.64 -42.84 24.58
CA MET T 91 -48.01 -41.80 25.35
C MET T 91 -46.99 -41.04 24.58
N PHE T 92 -46.36 -41.64 23.58
CA PHE T 92 -45.40 -40.87 22.84
C PHE T 92 -46.19 -39.80 22.15
N GLY T 93 -47.27 -40.26 21.54
CA GLY T 93 -48.14 -39.39 20.80
C GLY T 93 -48.65 -38.25 21.66
N GLN T 94 -49.16 -38.57 22.84
CA GLN T 94 -49.68 -37.52 23.68
C GLN T 94 -48.62 -36.54 24.12
N ASN T 95 -47.43 -37.00 24.43
CA ASN T 95 -46.45 -36.04 24.86
C ASN T 95 -46.01 -35.17 23.70
N MET T 96 -45.98 -35.76 22.51
CA MET T 96 -45.55 -35.00 21.37
C MET T 96 -46.51 -33.85 21.12
N TYR T 97 -47.82 -34.10 21.25
CA TYR T 97 -48.76 -33.02 20.99
C TYR T 97 -48.84 -32.00 22.12
N TYR T 98 -48.58 -32.44 23.35
CA TYR T 98 -48.62 -31.56 24.51
C TYR T 98 -47.42 -30.62 24.65
N HIS T 99 -46.28 -30.97 24.10
CA HIS T 99 -45.14 -30.07 24.26
C HIS T 99 -44.72 -29.41 22.97
N TYR T 100 -44.29 -28.16 23.05
CA TYR T 100 -43.79 -27.48 21.87
C TYR T 100 -42.55 -28.12 21.34
N LEU T 101 -41.63 -28.42 22.23
CA LEU T 101 -40.35 -28.97 21.86
C LEU T 101 -40.19 -30.40 22.30
N GLY T 102 -39.39 -31.15 21.59
CA GLY T 102 -39.05 -32.47 22.03
C GLY T 102 -37.87 -33.03 21.29
N ARG T 103 -37.33 -34.09 21.86
CA ARG T 103 -36.18 -34.72 21.30
C ARG T 103 -36.20 -36.20 21.54
N SER T 104 -35.90 -36.98 20.54
CA SER T 104 -35.83 -38.41 20.78
C SER T 104 -34.98 -39.15 19.78
N GLY T 105 -34.42 -40.25 20.23
CA GLY T 105 -33.73 -41.17 19.35
C GLY T 105 -34.73 -42.26 19.11
N TYR T 106 -34.35 -43.24 18.32
CA TYR T 106 -35.27 -44.33 18.04
C TYR T 106 -34.61 -45.69 17.87
N THR T 107 -35.37 -46.73 18.08
CA THR T 107 -34.92 -48.04 17.68
C THR T 107 -35.87 -48.46 16.59
N ILE T 108 -35.33 -48.75 15.44
CA ILE T 108 -36.18 -49.14 14.34
C ILE T 108 -35.96 -50.59 14.05
N HIS T 109 -37.00 -51.37 14.08
CA HIS T 109 -36.84 -52.77 13.78
C HIS T 109 -37.79 -53.20 12.67
N VAL T 110 -37.22 -53.76 11.64
CA VAL T 110 -38.05 -54.16 10.50
C VAL T 110 -38.02 -55.66 10.38
N GLN T 111 -39.20 -56.26 10.34
CA GLN T 111 -39.31 -57.70 10.24
C GLN T 111 -39.99 -58.18 8.98
N CYS T 112 -39.43 -59.20 8.35
CA CYS T 112 -40.05 -59.77 7.17
C CYS T 112 -39.70 -61.24 7.04
N ASN T 113 -40.63 -62.10 7.41
CA ASN T 113 -40.42 -63.54 7.42
C ASN T 113 -40.54 -64.09 6.04
N ALA T 114 -39.83 -65.16 5.76
CA ALA T 114 -39.93 -65.77 4.44
C ALA T 114 -39.53 -67.21 4.46
N SER T 115 -39.95 -67.92 3.44
CA SER T 115 -39.60 -69.32 3.29
C SER T 115 -38.20 -69.43 2.70
N LYS T 116 -37.60 -70.61 2.83
CA LYS T 116 -36.27 -70.88 2.30
C LYS T 116 -36.23 -70.74 0.78
N PHE T 117 -37.39 -70.90 0.19
CA PHE T 117 -37.59 -70.87 -1.24
C PHE T 117 -37.98 -69.51 -1.76
N HIS T 118 -37.95 -68.51 -0.91
CA HIS T 118 -38.26 -67.18 -1.36
C HIS T 118 -37.01 -66.42 -1.70
N GLN T 119 -37.15 -65.52 -2.65
CA GLN T 119 -36.07 -64.68 -3.10
C GLN T 119 -36.45 -63.24 -2.92
N GLY T 120 -35.44 -62.38 -2.88
CA GLY T 120 -35.70 -60.95 -2.78
C GLY T 120 -34.99 -60.33 -1.62
N ALA T 121 -34.88 -59.01 -1.64
CA ALA T 121 -34.19 -58.31 -0.59
C ALA T 121 -34.75 -56.92 -0.42
N LEU T 122 -34.77 -56.47 0.82
CA LEU T 122 -35.24 -55.16 1.14
C LEU T 122 -34.18 -54.26 1.73
N GLY T 123 -33.96 -53.15 1.10
CA GLY T 123 -33.00 -52.23 1.63
C GLY T 123 -33.73 -51.38 2.61
N VAL T 124 -33.22 -51.29 3.83
CA VAL T 124 -33.85 -50.47 4.83
C VAL T 124 -32.95 -49.31 5.10
N PHE T 125 -33.42 -48.13 4.79
CA PHE T 125 -32.58 -46.97 4.93
C PHE T 125 -33.13 -46.00 5.94
N LEU T 126 -32.26 -45.49 6.76
CA LEU T 126 -32.61 -44.46 7.70
C LEU T 126 -32.12 -43.15 7.11
N ILE T 127 -33.01 -42.26 6.76
CA ILE T 127 -32.57 -41.06 6.08
C ILE T 127 -32.90 -39.78 6.81
N PRO T 128 -31.94 -38.94 7.21
CA PRO T 128 -32.18 -37.72 7.91
C PRO T 128 -32.78 -36.75 6.93
N GLU T 129 -33.61 -35.85 7.40
CA GLU T 129 -34.18 -34.81 6.56
C GLU T 129 -34.65 -35.38 5.23
N PHE T 130 -35.51 -36.38 5.27
CA PHE T 130 -35.96 -36.99 4.04
C PHE T 130 -37.01 -36.14 3.34
N VAL T 131 -36.51 -35.08 2.71
CA VAL T 131 -37.30 -34.12 1.98
C VAL T 131 -37.61 -34.69 0.62
N MET T 132 -38.87 -34.66 0.24
CA MET T 132 -39.31 -35.22 -1.02
C MET T 132 -39.94 -34.14 -1.89
N ALA T 133 -39.79 -34.32 -3.19
CA ALA T 133 -40.34 -33.47 -4.23
C ALA T 133 -41.84 -33.58 -4.30
N CYS T 134 -42.50 -32.52 -4.72
CA CYS T 134 -43.95 -32.59 -4.88
C CYS T 134 -44.29 -33.04 -6.29
N ASN T 135 -45.48 -33.59 -6.47
CA ASN T 135 -45.91 -34.05 -7.79
C ASN T 135 -46.73 -33.02 -8.55
N THR T 136 -46.27 -31.80 -8.53
CA THR T 136 -46.85 -30.71 -9.27
C THR T 136 -45.75 -30.08 -10.09
N GLU T 137 -45.94 -29.93 -11.39
CA GLU T 137 -44.90 -29.33 -12.23
C GLU T 137 -44.84 -27.81 -12.09
N SER T 138 -46.00 -27.20 -11.90
CA SER T 138 -46.14 -25.76 -11.85
C SER T 138 -45.79 -25.06 -10.53
N LYS T 139 -45.76 -25.77 -9.43
CA LYS T 139 -45.50 -25.18 -8.13
C LYS T 139 -44.35 -25.93 -7.49
N THR T 140 -43.61 -25.27 -6.61
CA THR T 140 -42.54 -25.96 -5.90
C THR T 140 -42.89 -26.08 -4.44
N SER T 141 -42.35 -27.11 -3.77
CA SER T 141 -42.60 -27.40 -2.35
C SER T 141 -44.10 -27.50 -2.09
N TYR T 142 -44.82 -27.88 -3.12
CA TYR T 142 -46.25 -27.90 -3.07
C TYR T 142 -46.83 -29.18 -2.56
N VAL T 143 -46.67 -29.41 -1.28
CA VAL T 143 -47.24 -30.60 -0.67
C VAL T 143 -48.07 -30.14 0.50
N SER T 144 -49.25 -30.73 0.65
CA SER T 144 -50.07 -30.32 1.77
C SER T 144 -49.55 -30.87 3.08
N TYR T 145 -50.00 -30.27 4.17
CA TYR T 145 -49.61 -30.75 5.50
C TYR T 145 -50.03 -32.18 5.68
N ILE T 146 -51.24 -32.50 5.26
CA ILE T 146 -51.76 -33.83 5.44
C ILE T 146 -50.99 -34.86 4.65
N ASN T 147 -50.69 -34.57 3.40
CA ASN T 147 -49.97 -35.53 2.60
C ASN T 147 -48.53 -35.64 3.03
N ALA T 148 -48.01 -34.55 3.58
CA ALA T 148 -46.67 -34.51 4.08
C ALA T 148 -46.55 -35.33 5.35
N ASN T 149 -47.63 -35.50 6.09
CA ASN T 149 -47.64 -36.24 7.34
C ASN T 149 -48.71 -37.34 7.38
N PRO T 150 -48.52 -38.48 6.69
CA PRO T 150 -49.46 -39.57 6.51
C PRO T 150 -49.76 -40.37 7.77
N GLY T 151 -48.93 -40.24 8.80
CA GLY T 151 -49.12 -40.99 10.03
C GLY T 151 -48.53 -42.38 9.90
N GLU T 152 -48.99 -43.29 10.77
CA GLU T 152 -48.47 -44.66 10.91
C GLU T 152 -48.62 -45.46 9.65
N ARG T 153 -49.56 -45.02 8.84
CA ARG T 153 -49.91 -45.62 7.59
C ARG T 153 -48.76 -45.55 6.61
N GLY T 154 -48.01 -44.45 6.64
CA GLY T 154 -46.91 -44.24 5.73
C GLY T 154 -47.42 -43.96 4.34
N GLY T 155 -46.52 -44.06 3.38
CA GLY T 155 -46.80 -43.84 2.00
C GLY T 155 -46.10 -44.90 1.16
N GLU T 156 -46.16 -44.74 -0.14
CA GLU T 156 -45.58 -45.70 -1.07
C GLU T 156 -44.81 -45.05 -2.19
N PHE T 157 -43.93 -45.81 -2.81
CA PHE T 157 -43.21 -45.32 -3.96
C PHE T 157 -43.83 -45.80 -5.26
N THR T 158 -43.65 -45.00 -6.29
CA THR T 158 -44.09 -45.28 -7.65
C THR T 158 -42.93 -45.51 -8.56
N ASN T 159 -43.21 -45.89 -9.78
CA ASN T 159 -42.15 -46.07 -10.76
C ASN T 159 -42.29 -45.09 -11.90
N THR T 160 -43.32 -44.25 -11.82
CA THR T 160 -43.57 -43.26 -12.83
C THR T 160 -43.77 -41.89 -12.25
N TYR T 161 -43.05 -40.91 -12.77
CA TYR T 161 -43.28 -39.55 -12.36
C TYR T 161 -44.32 -38.98 -13.27
N ASN T 162 -45.43 -38.59 -12.70
CA ASN T 162 -46.54 -38.10 -13.50
C ASN T 162 -47.27 -36.97 -12.74
N PRO T 163 -46.92 -35.64 -12.92
CA PRO T 163 -47.52 -34.50 -12.23
C PRO T 163 -48.78 -34.02 -12.97
N ALA T 168 -53.34 -27.76 -7.88
CA ALA T 168 -54.57 -28.20 -8.51
C ALA T 168 -54.53 -29.72 -8.70
N SER T 169 -55.73 -30.34 -8.92
CA SER T 169 -55.97 -31.77 -9.22
C SER T 169 -55.27 -32.75 -8.28
N GLU T 170 -55.24 -32.40 -7.01
CA GLU T 170 -54.59 -33.19 -5.98
C GLU T 170 -53.17 -33.61 -6.33
N GLY T 171 -52.38 -32.69 -6.90
CA GLY T 171 -50.99 -32.97 -7.20
C GLY T 171 -50.10 -32.63 -6.02
N ARG T 172 -50.70 -32.19 -4.93
CA ARG T 172 -50.00 -31.76 -3.72
C ARG T 172 -49.70 -32.93 -2.78
N LYS T 173 -49.08 -33.93 -3.39
CA LYS T 173 -48.64 -35.20 -2.87
C LYS T 173 -47.19 -35.36 -3.23
N PHE T 174 -46.49 -36.26 -2.58
CA PHE T 174 -45.10 -36.41 -2.97
C PHE T 174 -44.93 -37.19 -4.25
N ALA T 175 -43.93 -36.75 -4.99
CA ALA T 175 -43.48 -37.38 -6.21
C ALA T 175 -42.54 -38.48 -5.81
N ALA T 176 -43.08 -39.49 -5.17
CA ALA T 176 -42.30 -40.54 -4.56
C ALA T 176 -41.84 -41.55 -5.55
N LEU T 177 -40.95 -41.15 -6.43
CA LEU T 177 -40.41 -42.04 -7.43
C LEU T 177 -39.39 -42.92 -6.76
N ASP T 178 -39.47 -44.24 -6.94
CA ASP T 178 -38.52 -45.12 -6.24
C ASP T 178 -37.12 -44.93 -6.78
N TYR T 179 -37.05 -44.75 -8.06
CA TYR T 179 -35.83 -44.62 -8.79
C TYR T 179 -34.92 -43.54 -8.23
N LEU T 180 -35.50 -42.37 -7.91
CA LEU T 180 -34.73 -41.27 -7.38
C LEU T 180 -35.01 -40.97 -5.90
N LEU T 181 -35.61 -41.92 -5.20
CA LEU T 181 -36.02 -41.84 -3.80
C LEU T 181 -36.95 -40.68 -3.52
N GLY T 182 -37.66 -40.23 -4.51
CA GLY T 182 -38.57 -39.12 -4.33
C GLY T 182 -37.87 -37.77 -4.21
N SER T 183 -36.53 -37.72 -4.30
CA SER T 183 -35.85 -36.44 -4.08
C SER T 183 -34.92 -36.02 -5.20
N GLY T 184 -34.63 -36.89 -6.16
CA GLY T 184 -33.74 -36.46 -7.22
C GLY T 184 -32.33 -36.99 -7.12
N VAL T 185 -32.13 -38.05 -6.36
CA VAL T 185 -30.80 -38.62 -6.26
C VAL T 185 -30.89 -40.04 -6.68
N LEU T 186 -29.83 -40.69 -7.09
CA LEU T 186 -30.05 -42.08 -7.45
C LEU T 186 -30.16 -42.95 -6.23
N ALA T 187 -31.09 -43.89 -6.27
CA ALA T 187 -31.30 -44.82 -5.18
C ALA T 187 -30.06 -45.64 -4.85
N GLY T 188 -29.19 -45.90 -5.81
CA GLY T 188 -28.01 -46.72 -5.52
C GLY T 188 -27.06 -46.06 -4.52
N ASN T 189 -27.21 -44.76 -4.32
CA ASN T 189 -26.35 -44.04 -3.41
C ASN T 189 -26.99 -43.91 -2.04
N ALA T 190 -28.16 -44.53 -1.86
CA ALA T 190 -28.91 -44.49 -0.61
C ALA T 190 -28.14 -45.11 0.52
N PHE T 191 -27.20 -45.96 0.16
CA PHE T 191 -26.37 -46.71 1.05
C PHE T 191 -25.42 -45.83 1.82
N VAL T 192 -25.29 -44.56 1.42
CA VAL T 192 -24.46 -43.64 2.16
C VAL T 192 -25.10 -43.39 3.53
N TYR T 193 -26.42 -43.54 3.61
CA TYR T 193 -27.16 -43.32 4.82
C TYR T 193 -27.05 -44.62 5.63
N PRO T 194 -27.23 -44.61 6.95
CA PRO T 194 -27.21 -45.83 7.72
C PRO T 194 -28.24 -46.75 7.11
N HIS T 195 -27.87 -47.99 6.91
CA HIS T 195 -28.78 -48.90 6.27
C HIS T 195 -28.49 -50.32 6.60
N GLN T 196 -29.47 -51.17 6.39
CA GLN T 196 -29.28 -52.57 6.61
C GLN T 196 -30.10 -53.29 5.58
N ILE T 197 -29.72 -54.51 5.23
CA ILE T 197 -30.50 -55.19 4.21
C ILE T 197 -31.15 -56.43 4.74
N ILE T 198 -32.43 -56.57 4.47
CA ILE T 198 -33.05 -57.81 4.83
C ILE T 198 -33.02 -58.65 3.61
N ASN T 199 -32.15 -59.63 3.61
CA ASN T 199 -31.98 -60.52 2.50
C ASN T 199 -32.80 -61.68 2.89
N LEU T 200 -33.84 -62.03 2.17
CA LEU T 200 -34.69 -63.07 2.70
C LEU T 200 -33.91 -64.37 2.87
N ARG T 201 -32.83 -64.49 2.10
CA ARG T 201 -31.93 -65.61 2.13
C ARG T 201 -31.13 -65.76 3.45
N THR T 202 -30.78 -64.65 4.09
CA THR T 202 -29.93 -64.72 5.29
C THR T 202 -30.48 -64.17 6.59
N ASN T 203 -31.45 -63.30 6.54
CA ASN T 203 -31.95 -62.67 7.77
C ASN T 203 -33.38 -62.27 7.60
N ASN T 204 -34.11 -62.17 8.69
CA ASN T 204 -35.49 -61.74 8.57
C ASN T 204 -35.71 -60.46 9.31
N SER T 205 -34.63 -59.80 9.65
CA SER T 205 -34.78 -58.56 10.34
C SER T 205 -33.65 -57.60 10.19
N ALA T 206 -33.97 -56.36 10.48
CA ALA T 206 -33.01 -55.29 10.51
C ALA T 206 -33.24 -54.44 11.73
N THR T 207 -32.15 -54.02 12.39
CA THR T 207 -32.24 -53.16 13.55
C THR T 207 -31.35 -51.96 13.42
N ILE T 208 -31.92 -50.77 13.53
CA ILE T 208 -31.11 -49.57 13.46
C ILE T 208 -31.35 -48.66 14.66
N VAL T 209 -30.28 -48.24 15.30
CA VAL T 209 -30.31 -47.30 16.39
C VAL T 209 -30.14 -45.93 15.79
N VAL T 210 -31.09 -45.08 16.08
CA VAL T 210 -31.17 -43.75 15.53
C VAL T 210 -30.92 -42.67 16.57
N PRO T 211 -29.84 -41.91 16.53
CA PRO T 211 -29.51 -40.84 17.43
C PRO T 211 -30.38 -39.68 17.04
N TYR T 212 -30.62 -38.74 17.92
CA TYR T 212 -31.34 -37.57 17.48
C TYR T 212 -30.41 -36.74 16.63
N VAL T 213 -30.83 -36.39 15.42
CA VAL T 213 -30.00 -35.57 14.57
C VAL T 213 -30.73 -34.37 14.02
N ASN T 214 -30.17 -33.22 14.28
CA ASN T 214 -30.69 -31.98 13.78
C ASN T 214 -29.60 -30.92 13.86
N SER T 215 -29.92 -29.72 13.39
CA SER T 215 -29.08 -28.54 13.52
C SER T 215 -29.32 -27.89 14.88
N LEU T 216 -30.36 -28.36 15.53
CA LEU T 216 -30.79 -27.90 16.82
C LEU T 216 -30.70 -28.98 17.84
N VAL T 217 -30.56 -28.59 19.09
CA VAL T 217 -30.53 -29.58 20.14
C VAL T 217 -31.87 -30.26 20.32
N ILE T 218 -32.93 -29.46 20.32
CA ILE T 218 -34.30 -29.90 20.53
C ILE T 218 -35.18 -29.20 19.49
N ASP T 219 -36.28 -29.80 19.03
CA ASP T 219 -37.10 -29.08 18.04
C ASP T 219 -38.60 -29.40 18.14
N CYS T 220 -39.42 -28.80 17.32
CA CYS T 220 -40.84 -29.06 17.39
C CYS T 220 -41.30 -30.16 16.46
N MET T 221 -41.72 -31.27 17.05
CA MET T 221 -42.09 -32.48 16.34
C MET T 221 -43.33 -32.32 15.47
N ALA T 222 -44.20 -31.39 15.80
CA ALA T 222 -45.39 -31.19 15.01
C ALA T 222 -45.06 -30.47 13.69
N LYS T 223 -43.86 -29.91 13.59
CA LYS T 223 -43.44 -29.20 12.40
C LYS T 223 -42.38 -29.92 11.61
N HIS T 224 -41.50 -30.63 12.29
CA HIS T 224 -40.35 -31.19 11.62
C HIS T 224 -40.07 -32.66 11.80
N ASN T 225 -39.87 -33.34 10.69
CA ASN T 225 -39.51 -34.74 10.70
C ASN T 225 -38.01 -34.89 10.50
N ASN T 226 -37.28 -35.10 11.57
CA ASN T 226 -35.83 -35.13 11.44
C ASN T 226 -35.32 -36.39 10.75
N TRP T 227 -36.07 -37.45 10.82
CA TRP T 227 -35.73 -38.69 10.17
C TRP T 227 -36.88 -39.26 9.41
N GLY T 228 -36.57 -39.95 8.31
CA GLY T 228 -37.55 -40.74 7.59
C GLY T 228 -37.03 -42.17 7.43
N ILE T 229 -37.93 -43.06 7.03
CA ILE T 229 -37.63 -44.45 6.81
C ILE T 229 -38.00 -44.85 5.41
N VAL T 230 -37.06 -45.41 4.69
CA VAL T 230 -37.31 -45.87 3.34
C VAL T 230 -37.02 -47.34 3.14
N ILE T 231 -37.98 -48.08 2.64
CA ILE T 231 -37.75 -49.49 2.38
C ILE T 231 -37.92 -49.78 0.90
N LEU T 232 -36.88 -50.35 0.28
CA LEU T 232 -36.96 -50.62 -1.15
C LEU T 232 -36.74 -52.08 -1.53
N PRO T 233 -37.42 -52.58 -2.55
CA PRO T 233 -37.27 -53.90 -3.12
C PRO T 233 -36.04 -53.95 -4.00
N LEU T 234 -34.88 -53.94 -3.37
CA LEU T 234 -33.61 -53.93 -4.06
C LEU T 234 -33.50 -55.14 -4.95
N ALA T 235 -34.04 -56.25 -4.48
CA ALA T 235 -34.09 -57.47 -5.27
C ALA T 235 -35.56 -57.86 -5.21
N PRO T 236 -36.17 -58.30 -6.32
CA PRO T 236 -37.58 -58.56 -6.41
C PRO T 236 -37.99 -59.76 -5.63
N LEU T 237 -39.22 -59.75 -5.19
CA LEU T 237 -39.78 -60.89 -4.52
C LEU T 237 -40.03 -61.97 -5.53
N ALA T 238 -39.69 -63.20 -5.19
CA ALA T 238 -40.03 -64.29 -6.10
C ALA T 238 -40.22 -65.59 -5.34
N PHE T 239 -41.07 -66.43 -5.92
CA PHE T 239 -41.37 -67.76 -5.41
C PHE T 239 -41.83 -68.61 -6.57
N ALA T 240 -41.17 -69.72 -6.86
CA ALA T 240 -41.52 -70.49 -8.05
C ALA T 240 -42.94 -70.99 -8.06
N ALA T 241 -43.48 -71.27 -6.89
CA ALA T 241 -44.82 -71.80 -6.72
C ALA T 241 -45.95 -70.87 -7.17
N THR T 242 -45.72 -69.57 -7.30
CA THR T 242 -46.83 -68.70 -7.64
C THR T 242 -46.49 -67.42 -8.37
N SER T 243 -47.43 -66.96 -9.17
CA SER T 243 -47.30 -65.71 -9.90
C SER T 243 -47.53 -64.49 -9.02
N SER T 244 -48.10 -64.72 -7.84
CA SER T 244 -48.37 -63.60 -6.97
C SER T 244 -48.07 -63.92 -5.51
N PRO T 245 -46.78 -64.08 -5.15
CA PRO T 245 -46.36 -64.33 -3.82
C PRO T 245 -46.54 -63.04 -3.09
N GLN T 246 -46.83 -63.12 -1.82
CA GLN T 246 -46.93 -61.92 -1.03
C GLN T 246 -46.31 -62.20 0.31
N VAL T 247 -45.55 -61.26 0.81
CA VAL T 247 -44.98 -61.43 2.13
C VAL T 247 -45.22 -60.12 2.90
N PRO T 248 -45.66 -60.13 4.14
CA PRO T 248 -45.84 -58.93 4.92
C PRO T 248 -44.52 -58.35 5.37
N ILE T 249 -44.50 -57.05 5.57
CA ILE T 249 -43.40 -56.35 6.20
C ILE T 249 -43.93 -55.61 7.40
N THR T 250 -43.36 -55.85 8.56
CA THR T 250 -43.82 -55.18 9.76
C THR T 250 -42.76 -54.28 10.33
N VAL T 251 -43.11 -53.03 10.61
CA VAL T 251 -42.14 -52.11 11.15
C VAL T 251 -42.53 -51.73 12.57
N THR T 252 -41.62 -52.00 13.50
CA THR T 252 -41.83 -51.73 14.92
C THR T 252 -40.81 -50.71 15.41
N ILE T 253 -41.30 -49.67 16.05
CA ILE T 253 -40.46 -48.55 16.48
C ILE T 253 -40.58 -48.13 17.91
N ALA T 254 -39.46 -47.83 18.56
CA ALA T 254 -39.53 -47.27 19.91
C ALA T 254 -38.71 -46.00 20.00
N PRO T 255 -39.15 -44.96 20.69
CA PRO T 255 -38.39 -43.79 21.07
C PRO T 255 -37.29 -44.17 22.03
N MET T 256 -36.22 -43.42 22.05
CA MET T 256 -35.15 -43.61 23.01
C MET T 256 -34.76 -42.30 23.65
N CYS T 257 -34.50 -42.33 24.94
CA CYS T 257 -34.10 -41.11 25.66
C CYS T 257 -35.05 -39.96 25.37
N THR T 258 -36.36 -40.23 25.36
CA THR T 258 -37.27 -39.17 25.02
C THR T 258 -37.33 -38.07 26.05
N GLU T 259 -37.29 -36.81 25.61
CA GLU T 259 -37.51 -35.68 26.51
C GLU T 259 -38.29 -34.56 25.83
N PHE T 260 -39.03 -33.79 26.64
CA PHE T 260 -39.82 -32.66 26.12
C PHE T 260 -39.74 -31.38 26.93
N ASN T 261 -39.97 -30.25 26.26
CA ASN T 261 -39.99 -28.92 26.88
C ASN T 261 -41.15 -28.07 26.36
N GLY T 262 -41.60 -27.10 27.14
CA GLY T 262 -42.64 -26.25 26.58
C GLY T 262 -44.06 -26.80 26.68
N LEU T 263 -44.47 -27.25 27.86
CA LEU T 263 -45.81 -27.78 28.05
C LEU T 263 -46.88 -26.72 27.81
N ARG T 264 -47.82 -27.06 26.91
CA ARG T 264 -48.90 -26.14 26.42
C ARG T 264 -50.23 -26.90 26.45
N ASN T 265 -51.34 -26.21 26.15
CA ASN T 265 -52.57 -26.87 25.80
C ASN T 265 -52.32 -27.70 24.57
N ILE T 266 -52.84 -28.92 24.56
CA ILE T 266 -52.57 -29.83 23.47
C ILE T 266 -52.86 -29.25 22.12
N THR T 267 -51.92 -29.45 21.23
CA THR T 267 -52.06 -28.99 19.89
C THR T 267 -52.72 -30.00 19.03
N VAL T 268 -53.76 -29.56 18.36
CA VAL T 268 -54.46 -30.43 17.45
C VAL T 268 -54.33 -29.84 16.05
N PRO T 269 -53.53 -30.45 15.18
CA PRO T 269 -53.14 -30.02 13.86
C PRO T 269 -54.21 -30.23 12.84
N VAL T 270 -53.99 -29.67 11.68
CA VAL T 270 -54.82 -29.99 10.54
C VAL T 270 -54.78 -31.46 10.28
N HIS T 271 -55.96 -31.99 10.09
CA HIS T 271 -56.12 -33.39 9.83
C HIS T 271 -57.16 -33.50 8.73
N GLN T 272 -57.19 -34.66 8.05
CA GLN T 272 -58.15 -34.98 6.98
C GLN T 272 -59.52 -35.35 7.57
N GLY U 1 5.88 7.11 4.95
CA GLY U 1 5.43 5.98 4.17
C GLY U 1 6.59 5.01 3.91
N LEU U 2 6.41 3.72 4.31
CA LEU U 2 7.34 2.61 4.08
C LEU U 2 7.44 2.26 2.61
N PRO U 3 8.57 2.39 1.95
CA PRO U 3 8.72 2.09 0.55
C PRO U 3 8.33 0.66 0.26
N THR U 4 7.50 0.49 -0.78
CA THR U 4 7.00 -0.79 -1.21
C THR U 4 6.87 -0.85 -2.73
N MET U 5 6.93 -2.04 -3.30
CA MET U 5 6.76 -2.14 -4.74
C MET U 5 5.73 -3.17 -5.13
N ASN U 6 4.72 -2.83 -5.93
CA ASN U 6 3.77 -3.86 -6.27
C ASN U 6 4.36 -4.81 -7.28
N THR U 7 4.14 -6.09 -7.08
CA THR U 7 4.59 -7.09 -8.02
C THR U 7 3.42 -7.49 -8.89
N PRO U 8 3.65 -8.21 -9.99
CA PRO U 8 2.62 -8.79 -10.78
C PRO U 8 1.80 -9.59 -9.83
N GLY U 9 0.54 -9.65 -10.16
CA GLY U 9 -0.47 -10.26 -9.36
C GLY U 9 -1.28 -9.22 -8.59
N SER U 10 -0.79 -7.99 -8.47
CA SER U 10 -1.60 -7.04 -7.73
C SER U 10 -2.95 -6.76 -8.37
N ASN U 11 -3.94 -6.61 -7.49
CA ASN U 11 -5.33 -6.32 -7.78
C ASN U 11 -5.97 -7.37 -8.64
N GLN U 12 -5.67 -8.63 -8.37
CA GLN U 12 -6.27 -9.71 -9.13
C GLN U 12 -7.16 -10.50 -8.22
N PHE U 13 -8.16 -11.14 -8.78
CA PHE U 13 -9.00 -12.03 -7.99
C PHE U 13 -8.90 -13.46 -8.39
N LEU U 14 -8.23 -14.23 -7.56
CA LEU U 14 -8.05 -15.64 -7.81
C LEU U 14 -9.07 -16.36 -6.96
N THR U 15 -9.91 -17.15 -7.60
CA THR U 15 -11.03 -17.79 -6.90
C THR U 15 -10.58 -18.88 -5.97
N SER U 16 -9.34 -19.27 -6.11
CA SER U 16 -8.73 -20.29 -5.28
C SER U 16 -7.70 -19.71 -4.31
N ASP U 17 -7.65 -18.39 -4.13
CA ASP U 17 -6.63 -17.87 -3.22
C ASP U 17 -7.04 -17.92 -1.76
N ASP U 18 -6.15 -17.46 -0.90
CA ASP U 18 -6.39 -17.52 0.52
C ASP U 18 -5.82 -16.32 1.27
N PHE U 19 -6.57 -15.23 1.30
CA PHE U 19 -6.11 -14.02 1.94
C PHE U 19 -7.06 -13.62 3.02
N GLN U 20 -6.53 -12.92 4.00
CA GLN U 20 -7.36 -12.41 5.08
C GLN U 20 -8.12 -11.20 4.60
N SER U 21 -9.31 -11.00 5.15
CA SER U 21 -10.10 -9.85 4.76
C SER U 21 -10.92 -9.38 5.94
N PRO U 22 -11.28 -8.10 6.04
CA PRO U 22 -12.03 -7.56 7.13
C PRO U 22 -13.39 -8.16 7.19
N CYS U 23 -13.87 -8.34 8.39
CA CYS U 23 -15.19 -8.85 8.61
C CYS U 23 -16.17 -7.72 8.51
N ALA U 24 -17.27 -7.95 7.84
CA ALA U 24 -18.28 -6.92 7.69
C ALA U 24 -19.15 -6.78 8.93
N LEU U 25 -19.04 -7.72 9.85
CA LEU U 25 -19.79 -7.76 11.09
C LEU U 25 -18.88 -7.86 12.32
N PRO U 26 -18.20 -6.79 12.73
CA PRO U 26 -17.24 -6.80 13.82
C PRO U 26 -17.88 -7.22 15.10
N ASN U 27 -17.15 -7.97 15.90
CA ASN U 27 -17.54 -8.47 17.22
C ASN U 27 -18.76 -9.36 17.18
N PHE U 28 -19.09 -9.90 16.02
CA PHE U 28 -20.26 -10.74 15.93
C PHE U 28 -20.20 -11.93 16.84
N ASP U 29 -21.29 -12.16 17.56
CA ASP U 29 -21.34 -13.28 18.48
C ASP U 29 -21.88 -14.52 17.78
N VAL U 30 -21.00 -15.47 17.49
CA VAL U 30 -21.37 -16.67 16.76
C VAL U 30 -22.04 -17.70 17.64
N THR U 31 -23.17 -18.21 17.17
CA THR U 31 -23.96 -19.22 17.85
C THR U 31 -23.01 -20.35 18.21
N PRO U 32 -22.96 -20.81 19.47
CA PRO U 32 -22.03 -21.82 19.90
C PRO U 32 -22.33 -23.10 19.18
N PRO U 33 -21.33 -23.95 18.97
CA PRO U 33 -21.44 -25.26 18.36
C PRO U 33 -22.04 -26.24 19.32
N ILE U 34 -22.65 -27.29 18.79
CA ILE U 34 -23.13 -28.41 19.58
C ILE U 34 -22.62 -29.63 18.90
N HIS U 35 -22.59 -30.75 19.59
CA HIS U 35 -22.20 -31.95 18.90
C HIS U 35 -23.33 -32.47 18.05
N ILE U 36 -23.01 -32.79 16.81
CA ILE U 36 -23.98 -33.36 15.89
C ILE U 36 -23.36 -34.67 15.41
N PRO U 37 -24.05 -35.81 15.51
CA PRO U 37 -23.57 -37.09 15.04
C PRO U 37 -23.31 -37.04 13.56
N GLY U 38 -22.32 -37.78 13.08
CA GLY U 38 -22.06 -37.85 11.64
C GLY U 38 -20.99 -36.90 11.08
N GLU U 39 -20.15 -36.30 11.93
CA GLU U 39 -19.15 -35.39 11.36
C GLU U 39 -18.30 -36.04 10.30
N VAL U 40 -18.17 -35.33 9.19
CA VAL U 40 -17.37 -35.71 8.04
C VAL U 40 -16.13 -34.85 8.03
N LYS U 41 -14.96 -35.44 7.81
CA LYS U 41 -13.75 -34.62 7.78
C LYS U 41 -13.10 -34.56 6.40
N ASN U 42 -13.27 -35.60 5.62
CA ASN U 42 -12.59 -35.69 4.34
C ASN U 42 -13.52 -36.33 3.33
N MET U 43 -13.53 -35.86 2.09
CA MET U 43 -14.42 -36.44 1.09
C MET U 43 -14.06 -37.87 0.78
N MET U 44 -12.82 -38.24 1.04
CA MET U 44 -12.38 -39.58 0.75
C MET U 44 -13.05 -40.56 1.69
N GLU U 45 -13.51 -40.11 2.85
CA GLU U 45 -14.14 -41.05 3.77
C GLU U 45 -15.38 -41.64 3.13
N LEU U 46 -16.06 -40.87 2.30
CA LEU U 46 -17.31 -41.34 1.78
C LEU U 46 -17.09 -42.22 0.58
N ALA U 47 -15.86 -42.26 0.12
CA ALA U 47 -15.52 -43.02 -1.05
C ALA U 47 -15.32 -44.46 -0.65
N GLU U 48 -15.29 -44.72 0.66
CA GLU U 48 -15.07 -46.05 1.18
C GLU U 48 -16.40 -46.73 1.48
N ILE U 49 -17.52 -46.06 1.19
CA ILE U 49 -18.82 -46.63 1.49
C ILE U 49 -19.35 -47.39 0.30
N ASP U 50 -19.70 -48.65 0.51
CA ASP U 50 -20.18 -49.46 -0.61
C ASP U 50 -21.42 -48.86 -1.26
N THR U 51 -21.34 -48.67 -2.57
CA THR U 51 -22.40 -48.10 -3.41
C THR U 51 -22.92 -49.03 -4.46
N LEU U 52 -24.24 -49.11 -4.61
CA LEU U 52 -24.80 -50.04 -5.57
C LEU U 52 -24.55 -49.58 -7.02
N ILE U 53 -24.02 -50.48 -7.83
CA ILE U 53 -23.62 -50.21 -9.22
C ILE U 53 -24.74 -50.47 -10.22
N PRO U 54 -25.14 -49.53 -11.07
CA PRO U 54 -26.20 -49.68 -12.05
C PRO U 54 -25.73 -50.45 -13.26
N MET U 55 -25.41 -51.71 -13.05
CA MET U 55 -24.84 -52.57 -14.07
C MET U 55 -25.68 -52.87 -15.29
N ASN U 56 -26.97 -53.02 -15.10
CA ASN U 56 -27.85 -53.42 -16.16
C ASN U 56 -28.49 -52.20 -16.77
N ALA U 57 -27.66 -51.25 -17.12
CA ALA U 57 -28.07 -50.00 -17.73
C ALA U 57 -28.24 -50.21 -19.22
N VAL U 58 -29.21 -51.01 -19.55
CA VAL U 58 -29.45 -51.44 -20.92
C VAL U 58 -30.81 -51.01 -21.35
N ASP U 59 -31.06 -51.05 -22.63
CA ASP U 59 -32.34 -50.57 -23.08
C ASP U 59 -33.48 -51.35 -22.44
N GLY U 60 -34.40 -50.60 -21.86
CA GLY U 60 -35.57 -51.08 -21.15
C GLY U 60 -35.39 -51.20 -19.64
N LYS U 61 -34.15 -51.12 -19.16
CA LYS U 61 -33.85 -51.24 -17.74
C LYS U 61 -33.20 -49.96 -17.26
N VAL U 62 -32.50 -49.32 -18.16
CA VAL U 62 -31.76 -48.13 -17.84
C VAL U 62 -32.74 -47.12 -17.29
N ASN U 63 -32.29 -46.46 -16.26
CA ASN U 63 -33.03 -45.46 -15.52
C ASN U 63 -34.27 -45.97 -14.78
N THR U 64 -34.27 -47.25 -14.41
CA THR U 64 -35.29 -47.80 -13.54
C THR U 64 -34.51 -48.57 -12.46
N MET U 65 -35.17 -49.03 -11.41
CA MET U 65 -34.46 -49.74 -10.33
C MET U 65 -33.79 -51.04 -10.75
N GLU U 66 -34.30 -51.65 -11.79
CA GLU U 66 -33.82 -52.92 -12.31
C GLU U 66 -32.41 -52.82 -12.87
N MET U 67 -31.93 -51.60 -13.09
CA MET U 67 -30.60 -51.38 -13.60
C MET U 67 -29.57 -51.83 -12.58
N TYR U 68 -29.97 -51.97 -11.33
CA TYR U 68 -29.02 -52.38 -10.32
C TYR U 68 -29.01 -53.89 -10.11
N GLN U 69 -29.81 -54.63 -10.87
CA GLN U 69 -29.91 -56.06 -10.66
C GLN U 69 -29.24 -56.90 -11.74
N ILE U 70 -28.19 -57.63 -11.38
CA ILE U 70 -27.46 -58.45 -12.34
C ILE U 70 -28.19 -59.77 -12.42
N PRO U 71 -28.68 -60.22 -13.58
CA PRO U 71 -29.40 -61.46 -13.70
C PRO U 71 -28.47 -62.64 -13.58
N LEU U 72 -28.97 -63.68 -12.95
CA LEU U 72 -28.34 -64.98 -12.82
C LEU U 72 -29.37 -66.07 -13.02
N ASN U 73 -28.94 -67.22 -13.52
CA ASN U 73 -29.89 -68.31 -13.66
C ASN U 73 -29.22 -69.66 -13.52
N ASP U 74 -30.01 -70.72 -13.60
CA ASP U 74 -29.47 -72.06 -13.43
C ASP U 74 -29.09 -72.79 -14.71
N ASN U 75 -29.05 -72.09 -15.84
CA ASN U 75 -28.73 -72.74 -17.10
C ASN U 75 -27.26 -72.76 -17.38
N LEU U 76 -26.85 -73.67 -18.24
CA LEU U 76 -25.47 -73.70 -18.66
C LEU U 76 -25.17 -72.51 -19.52
N SER U 77 -24.09 -71.84 -19.21
CA SER U 77 -23.63 -70.72 -19.99
C SER U 77 -22.15 -70.61 -19.88
N LYS U 78 -21.52 -70.27 -20.98
CA LYS U 78 -20.08 -70.08 -21.01
C LYS U 78 -19.78 -68.60 -21.22
N ALA U 79 -20.83 -67.82 -21.26
CA ALA U 79 -20.78 -66.41 -21.51
C ALA U 79 -20.44 -65.67 -20.25
N PRO U 80 -19.92 -64.46 -20.32
CA PRO U 80 -19.76 -63.61 -19.18
C PRO U 80 -21.15 -63.32 -18.66
N ILE U 81 -21.24 -63.15 -17.38
CA ILE U 81 -22.41 -62.73 -16.66
C ILE U 81 -22.48 -61.24 -16.86
N PHE U 82 -21.34 -60.60 -16.69
CA PHE U 82 -21.24 -59.18 -16.91
C PHE U 82 -19.83 -58.77 -17.30
N CYS U 83 -19.73 -57.57 -17.86
CA CYS U 83 -18.46 -56.94 -18.20
C CYS U 83 -18.48 -55.46 -17.81
N LEU U 84 -17.44 -55.03 -17.16
CA LEU U 84 -17.31 -53.68 -16.66
C LEU U 84 -15.86 -53.16 -16.77
N SER U 85 -15.66 -51.90 -17.14
CA SER U 85 -14.31 -51.38 -17.18
C SER U 85 -13.93 -50.89 -15.80
N LEU U 86 -12.67 -50.53 -15.64
CA LEU U 86 -12.19 -49.95 -14.39
C LEU U 86 -11.93 -48.47 -14.46
N SER U 87 -12.67 -47.76 -15.30
CA SER U 87 -12.51 -46.31 -15.32
C SER U 87 -13.68 -45.68 -14.53
N PRO U 88 -13.53 -45.43 -13.19
CA PRO U 88 -14.59 -45.06 -12.28
C PRO U 88 -15.23 -43.73 -12.53
N ALA U 89 -14.57 -42.88 -13.27
CA ALA U 89 -15.12 -41.58 -13.54
C ALA U 89 -15.62 -41.43 -14.97
N SER U 90 -15.35 -42.40 -15.85
CA SER U 90 -15.76 -42.22 -17.23
C SER U 90 -16.70 -43.32 -17.70
N ASP U 91 -16.71 -44.44 -17.01
CA ASP U 91 -17.60 -45.51 -17.42
C ASP U 91 -19.03 -45.08 -17.26
N LYS U 92 -19.86 -45.46 -18.20
CA LYS U 92 -21.27 -45.10 -18.15
C LYS U 92 -21.97 -45.54 -16.90
N ARG U 93 -21.58 -46.66 -16.31
CA ARG U 93 -22.26 -47.09 -15.11
C ARG U 93 -21.55 -46.56 -13.88
N LEU U 94 -20.22 -46.63 -13.89
CA LEU U 94 -19.50 -46.28 -12.66
C LEU U 94 -19.48 -44.81 -12.33
N SER U 95 -19.58 -43.93 -13.31
CA SER U 95 -19.46 -42.52 -13.04
C SER U 95 -20.61 -42.00 -12.20
N HIS U 96 -21.70 -42.76 -12.05
CA HIS U 96 -22.81 -42.26 -11.26
C HIS U 96 -22.93 -42.84 -9.86
N THR U 97 -21.97 -43.66 -9.46
CA THR U 97 -22.01 -44.22 -8.13
C THR U 97 -21.43 -43.16 -7.23
N MET U 98 -21.60 -43.23 -5.93
CA MET U 98 -20.94 -42.28 -5.05
C MET U 98 -19.46 -42.23 -5.28
N LEU U 99 -18.83 -43.36 -5.54
CA LEU U 99 -17.41 -43.28 -5.77
C LEU U 99 -17.15 -42.48 -7.02
N GLY U 100 -17.89 -42.77 -8.08
CA GLY U 100 -17.69 -42.05 -9.32
C GLY U 100 -18.00 -40.58 -9.15
N GLU U 101 -19.03 -40.26 -8.39
CA GLU U 101 -19.46 -38.89 -8.22
C GLU U 101 -18.48 -38.09 -7.44
N ILE U 102 -17.84 -38.68 -6.46
CA ILE U 102 -16.83 -37.92 -5.76
C ILE U 102 -15.71 -37.69 -6.77
N LEU U 103 -15.36 -38.71 -7.54
CA LEU U 103 -14.29 -38.60 -8.48
C LEU U 103 -14.63 -37.78 -9.70
N ASN U 104 -15.89 -37.45 -9.91
CA ASN U 104 -16.22 -36.59 -11.01
C ASN U 104 -15.79 -35.16 -10.71
N TYR U 105 -15.35 -34.92 -9.46
CA TYR U 105 -14.84 -33.63 -9.06
C TYR U 105 -13.35 -33.65 -9.04
N TYR U 106 -12.72 -34.71 -9.53
CA TYR U 106 -11.27 -34.77 -9.55
C TYR U 106 -10.71 -35.22 -10.88
N THR U 107 -9.50 -34.79 -11.19
CA THR U 107 -8.84 -35.21 -12.41
C THR U 107 -7.97 -36.42 -12.30
N HIS U 108 -7.61 -36.80 -11.10
CA HIS U 108 -6.73 -37.92 -10.89
C HIS U 108 -7.21 -38.80 -9.79
N TRP U 109 -7.01 -40.10 -9.92
CA TRP U 109 -7.31 -40.99 -8.77
C TRP U 109 -6.32 -42.14 -8.71
N THR U 110 -5.88 -42.45 -7.50
CA THR U 110 -4.98 -43.56 -7.22
C THR U 110 -5.56 -44.43 -6.14
N GLY U 111 -5.24 -45.72 -6.19
CA GLY U 111 -5.64 -46.65 -5.15
C GLY U 111 -6.44 -47.84 -5.65
N SER U 112 -6.40 -48.92 -4.87
CA SER U 112 -7.11 -50.15 -5.18
C SER U 112 -8.63 -49.94 -5.03
N ILE U 113 -9.40 -50.70 -5.83
CA ILE U 113 -10.86 -50.65 -5.81
C ILE U 113 -11.50 -51.94 -5.36
N ARG U 114 -12.47 -51.84 -4.45
CA ARG U 114 -13.16 -53.03 -3.99
C ARG U 114 -14.55 -53.17 -4.58
N PHE U 115 -14.84 -54.37 -5.04
CA PHE U 115 -16.15 -54.69 -5.57
C PHE U 115 -16.79 -55.79 -4.76
N THR U 116 -17.91 -55.49 -4.15
CA THR U 116 -18.52 -56.48 -3.31
C THR U 116 -19.80 -56.94 -3.93
N PHE U 117 -19.98 -58.23 -3.99
CA PHE U 117 -21.20 -58.74 -4.58
C PHE U 117 -22.04 -59.44 -3.55
N LEU U 118 -23.34 -59.32 -3.73
CA LEU U 118 -24.34 -59.94 -2.88
C LEU U 118 -25.34 -60.79 -3.63
N PHE U 119 -25.48 -62.04 -3.20
CA PHE U 119 -26.44 -62.92 -3.84
C PHE U 119 -27.80 -62.86 -3.13
N CYS U 120 -28.89 -62.61 -3.87
CA CYS U 120 -30.23 -62.50 -3.28
C CYS U 120 -31.21 -63.60 -3.71
N GLY U 121 -30.68 -64.77 -4.05
CA GLY U 121 -31.50 -65.88 -4.50
C GLY U 121 -32.04 -66.64 -3.29
N SER U 122 -32.55 -67.83 -3.50
CA SER U 122 -33.14 -68.58 -2.41
C SER U 122 -32.03 -69.22 -1.58
N MET U 123 -32.39 -69.74 -0.41
CA MET U 123 -31.41 -70.38 0.47
C MET U 123 -31.02 -71.71 -0.07
N MET U 124 -31.83 -72.20 -0.97
CA MET U 124 -31.68 -73.49 -1.53
C MET U 124 -30.80 -73.47 -2.77
N ALA U 125 -30.39 -72.26 -3.17
CA ALA U 125 -29.61 -72.10 -4.37
C ALA U 125 -28.13 -72.09 -4.06
N THR U 126 -27.37 -72.92 -4.79
CA THR U 126 -25.93 -73.01 -4.62
C THR U 126 -25.25 -72.91 -5.97
N GLY U 127 -23.96 -72.67 -5.97
CA GLY U 127 -23.20 -72.58 -7.21
C GLY U 127 -21.96 -71.77 -6.94
N LYS U 128 -21.15 -71.51 -7.97
CA LYS U 128 -19.91 -70.78 -7.74
C LYS U 128 -19.72 -69.75 -8.83
N LEU U 129 -19.37 -68.55 -8.42
CA LEU U 129 -19.12 -67.51 -9.39
C LEU U 129 -17.68 -67.12 -9.41
N LEU U 130 -17.18 -66.82 -10.58
CA LEU U 130 -15.82 -66.35 -10.72
C LEU U 130 -15.77 -64.85 -10.91
N LEU U 131 -15.15 -64.15 -9.98
CA LEU U 131 -15.03 -62.71 -10.13
C LEU U 131 -13.62 -62.51 -10.63
N SER U 132 -13.41 -61.64 -11.62
CA SER U 132 -12.05 -61.44 -12.12
C SER U 132 -11.67 -60.07 -12.64
N TYR U 133 -10.45 -59.67 -12.30
CA TYR U 133 -9.85 -58.43 -12.77
C TYR U 133 -8.53 -58.60 -13.49
N SER U 134 -8.43 -58.00 -14.65
CA SER U 134 -7.19 -58.03 -15.39
C SER U 134 -6.79 -56.63 -15.80
N PRO U 135 -5.50 -56.27 -15.74
CA PRO U 135 -4.98 -55.00 -16.16
C PRO U 135 -5.12 -54.96 -17.67
N PRO U 136 -5.11 -53.76 -18.26
CA PRO U 136 -5.32 -53.44 -19.67
C PRO U 136 -4.16 -53.77 -20.55
N GLY U 137 -4.38 -53.72 -21.87
CA GLY U 137 -3.28 -53.89 -22.81
C GLY U 137 -3.20 -55.27 -23.41
N ALA U 138 -4.26 -56.05 -23.24
CA ALA U 138 -4.34 -57.40 -23.73
C ALA U 138 -5.77 -57.64 -24.09
N LYS U 139 -6.01 -58.66 -24.89
CA LYS U 139 -7.36 -58.98 -25.29
C LYS U 139 -8.22 -59.00 -24.03
N PRO U 140 -9.39 -58.38 -24.00
CA PRO U 140 -10.24 -58.34 -22.84
C PRO U 140 -10.62 -59.77 -22.54
N PRO U 141 -10.93 -60.10 -21.28
CA PRO U 141 -11.25 -61.42 -20.80
C PRO U 141 -12.61 -61.89 -21.22
N THR U 142 -12.69 -62.18 -22.51
CA THR U 142 -13.89 -62.63 -23.19
C THR U 142 -14.31 -64.02 -22.76
N ASN U 143 -13.35 -64.94 -22.66
CA ASN U 143 -13.65 -66.31 -22.27
C ASN U 143 -13.33 -66.53 -20.80
N ARG U 144 -13.93 -67.53 -20.18
CA ARG U 144 -13.57 -67.81 -18.79
C ARG U 144 -12.08 -68.15 -18.67
N LYS U 145 -11.51 -68.81 -19.69
CA LYS U 145 -10.11 -69.20 -19.63
C LYS U 145 -9.21 -67.99 -19.72
N ASP U 146 -9.72 -66.85 -20.16
CA ASP U 146 -8.88 -65.68 -20.22
C ASP U 146 -9.03 -65.00 -18.89
N ALA U 147 -10.23 -65.08 -18.33
CA ALA U 147 -10.55 -64.42 -17.09
C ALA U 147 -9.72 -64.96 -15.94
N MET U 148 -9.41 -66.24 -15.96
CA MET U 148 -8.62 -66.83 -14.88
C MET U 148 -7.17 -66.37 -14.90
N LEU U 149 -6.70 -65.86 -16.02
CA LEU U 149 -5.32 -65.45 -16.13
C LEU U 149 -5.23 -64.01 -15.72
N GLY U 150 -5.38 -63.81 -14.43
CA GLY U 150 -5.46 -62.49 -13.82
C GLY U 150 -5.82 -62.63 -12.36
N THR U 151 -6.31 -61.56 -11.75
CA THR U 151 -6.66 -61.59 -10.35
C THR U 151 -8.04 -62.12 -10.21
N HIS U 152 -8.24 -63.16 -9.42
CA HIS U 152 -9.60 -63.64 -9.36
C HIS U 152 -9.96 -64.36 -8.09
N ILE U 153 -11.25 -64.39 -7.82
CA ILE U 153 -11.83 -65.10 -6.70
C ILE U 153 -12.92 -66.05 -7.09
N ILE U 154 -12.84 -67.27 -6.60
CA ILE U 154 -13.96 -68.15 -6.84
C ILE U 154 -14.78 -68.12 -5.58
N TRP U 155 -15.98 -67.63 -5.75
CA TRP U 155 -16.92 -67.41 -4.69
C TRP U 155 -17.95 -68.50 -4.60
N ASP U 156 -17.84 -69.28 -3.56
CA ASP U 156 -18.73 -70.40 -3.36
C ASP U 156 -19.88 -69.83 -2.53
N LEU U 157 -21.05 -69.74 -3.15
CA LEU U 157 -22.18 -69.10 -2.52
C LEU U 157 -22.57 -69.94 -1.32
N GLY U 158 -22.77 -69.34 -0.17
CA GLY U 158 -23.08 -70.15 0.98
C GLY U 158 -23.73 -69.35 2.09
N LEU U 159 -23.32 -69.64 3.33
CA LEU U 159 -23.88 -68.99 4.50
C LEU U 159 -23.51 -67.52 4.49
N GLN U 160 -22.33 -67.22 3.98
CA GLN U 160 -21.92 -65.85 3.87
C GLN U 160 -22.38 -65.50 2.47
N SER U 161 -23.25 -64.52 2.38
CA SER U 161 -23.90 -64.09 1.16
C SER U 161 -23.12 -63.16 0.29
N SER U 162 -22.03 -62.62 0.80
CA SER U 162 -21.30 -61.66 0.03
C SER U 162 -19.87 -62.06 -0.19
N CYS U 163 -19.27 -61.45 -1.20
CA CYS U 163 -17.86 -61.63 -1.48
C CYS U 163 -17.22 -60.37 -1.96
N SER U 164 -16.06 -60.06 -1.41
CA SER U 164 -15.36 -58.85 -1.77
C SER U 164 -14.09 -59.12 -2.54
N MET U 165 -14.06 -58.61 -3.76
CA MET U 165 -12.90 -58.75 -4.60
C MET U 165 -12.20 -57.43 -4.66
N VAL U 166 -10.90 -57.47 -4.66
CA VAL U 166 -10.18 -56.24 -4.80
C VAL U 166 -9.41 -56.25 -6.08
N ALA U 167 -9.59 -55.18 -6.83
CA ALA U 167 -8.86 -54.95 -8.04
C ALA U 167 -7.69 -54.10 -7.59
N PRO U 168 -6.50 -54.67 -7.41
CA PRO U 168 -5.39 -54.04 -6.78
C PRO U 168 -4.88 -52.93 -7.64
N TRP U 169 -4.27 -51.97 -7.04
CA TRP U 169 -3.70 -50.89 -7.81
C TRP U 169 -2.53 -51.27 -8.66
N ILE U 170 -2.83 -51.63 -9.88
CA ILE U 170 -1.81 -51.93 -10.86
C ILE U 170 -1.84 -50.81 -11.86
N SER U 171 -0.75 -50.06 -11.93
CA SER U 171 -0.66 -48.90 -12.79
C SER U 171 0.76 -48.56 -13.12
N ASN U 172 1.00 -48.09 -14.34
CA ASN U 172 2.31 -47.62 -14.71
C ASN U 172 2.53 -46.26 -14.09
N THR U 173 1.52 -45.43 -14.22
CA THR U 173 1.55 -44.08 -13.73
C THR U 173 1.33 -44.11 -12.26
N VAL U 174 1.59 -43.00 -11.59
CA VAL U 174 1.38 -42.99 -10.17
C VAL U 174 -0.11 -42.82 -9.96
N TYR U 175 -0.70 -41.92 -10.75
CA TYR U 175 -2.13 -41.63 -10.75
C TYR U 175 -2.74 -41.84 -12.10
N ARG U 176 -4.00 -42.19 -12.16
CA ARG U 176 -4.67 -42.31 -13.42
C ARG U 176 -5.56 -41.10 -13.64
N ARG U 177 -5.77 -40.71 -14.88
CA ARG U 177 -6.68 -39.60 -15.12
C ARG U 177 -8.12 -40.05 -14.96
N CYS U 178 -8.97 -39.15 -14.49
CA CYS U 178 -10.41 -39.38 -14.38
C CYS U 178 -11.12 -38.99 -15.67
N ALA U 179 -10.32 -38.49 -16.58
CA ALA U 179 -10.72 -38.05 -17.90
C ALA U 179 -10.90 -39.26 -18.78
N ARG U 180 -11.60 -39.12 -19.91
CA ARG U 180 -11.70 -40.27 -20.80
C ARG U 180 -10.42 -40.38 -21.62
N ASP U 181 -9.38 -40.81 -20.93
CA ASP U 181 -8.02 -40.94 -21.37
C ASP U 181 -7.69 -42.32 -21.89
N ASP U 182 -7.38 -42.43 -23.17
CA ASP U 182 -7.06 -43.72 -23.76
C ASP U 182 -5.80 -44.32 -23.16
N PHE U 183 -4.86 -43.48 -22.73
CA PHE U 183 -3.61 -43.97 -22.19
C PHE U 183 -3.76 -44.70 -20.87
N THR U 184 -4.41 -44.08 -19.90
CA THR U 184 -4.57 -44.69 -18.60
C THR U 184 -5.81 -45.58 -18.51
N GLU U 185 -5.86 -46.58 -19.38
CA GLU U 185 -6.97 -47.51 -19.39
C GLU U 185 -6.95 -48.23 -18.06
N GLY U 186 -8.10 -48.39 -17.42
CA GLY U 186 -8.12 -49.01 -16.10
C GLY U 186 -8.12 -50.54 -16.04
N GLY U 187 -8.25 -51.18 -17.17
CA GLY U 187 -8.34 -52.63 -17.20
C GLY U 187 -9.79 -53.07 -17.17
N PHE U 188 -9.99 -54.37 -16.98
CA PHE U 188 -11.31 -54.94 -17.09
C PHE U 188 -11.71 -55.78 -15.91
N ILE U 189 -12.98 -55.71 -15.56
CA ILE U 189 -13.57 -56.57 -14.55
C ILE U 189 -14.72 -57.36 -15.13
N THR U 190 -14.70 -58.64 -14.90
CA THR U 190 -15.74 -59.49 -15.41
C THR U 190 -16.18 -60.54 -14.44
N CYS U 191 -17.22 -61.25 -14.81
CA CYS U 191 -17.67 -62.37 -14.02
C CYS U 191 -18.23 -63.47 -14.88
N PHE U 192 -17.82 -64.70 -14.56
CA PHE U 192 -18.25 -65.94 -15.22
C PHE U 192 -18.77 -66.98 -14.25
N TYR U 193 -19.59 -67.89 -14.72
CA TYR U 193 -19.95 -68.93 -13.78
C TYR U 193 -18.76 -69.86 -13.67
N GLN U 194 -18.45 -70.32 -12.46
CA GLN U 194 -17.40 -71.31 -12.27
C GLN U 194 -18.11 -72.65 -12.40
N THR U 195 -19.36 -72.65 -11.95
CA THR U 195 -20.29 -73.77 -12.07
C THR U 195 -21.66 -73.14 -12.09
N ARG U 196 -22.62 -73.77 -12.76
CA ARG U 196 -23.93 -73.18 -12.86
C ARG U 196 -24.62 -73.16 -11.52
N ILE U 197 -25.57 -72.26 -11.39
CA ILE U 197 -26.34 -72.23 -10.18
C ILE U 197 -27.31 -73.38 -10.25
N VAL U 198 -27.38 -74.13 -9.20
CA VAL U 198 -28.24 -75.28 -9.14
C VAL U 198 -29.28 -75.08 -8.09
N VAL U 199 -30.53 -75.32 -8.48
CA VAL U 199 -31.60 -75.16 -7.54
C VAL U 199 -32.49 -76.39 -7.58
N PRO U 200 -33.21 -76.69 -6.50
CA PRO U 200 -34.22 -77.71 -6.38
C PRO U 200 -35.56 -77.26 -6.94
N ALA U 201 -36.48 -78.18 -7.00
CA ALA U 201 -37.83 -77.85 -7.38
C ALA U 201 -38.38 -76.84 -6.40
N SER U 202 -39.24 -75.96 -6.92
CA SER U 202 -39.91 -74.87 -6.19
C SER U 202 -39.00 -73.67 -5.91
N THR U 203 -37.78 -73.71 -6.40
CA THR U 203 -36.90 -72.57 -6.31
C THR U 203 -36.90 -71.90 -7.68
N PRO U 204 -37.03 -70.56 -7.78
CA PRO U 204 -36.98 -69.85 -9.02
C PRO U 204 -35.67 -70.11 -9.70
N THR U 205 -35.69 -70.07 -11.02
CA THR U 205 -34.53 -70.30 -11.85
C THR U 205 -33.90 -69.01 -12.33
N SER U 206 -34.46 -67.90 -11.85
CA SER U 206 -34.03 -66.55 -12.17
C SER U 206 -33.82 -65.80 -10.87
N MET U 207 -32.60 -65.34 -10.70
CA MET U 207 -32.10 -64.70 -9.50
C MET U 207 -31.36 -63.45 -9.80
N PHE U 208 -31.20 -62.61 -8.80
CA PHE U 208 -30.39 -61.45 -9.01
C PHE U 208 -29.28 -61.30 -8.02
N MET U 209 -28.23 -60.67 -8.50
CA MET U 209 -27.08 -60.31 -7.72
C MET U 209 -26.90 -58.81 -7.74
N LEU U 210 -26.51 -58.28 -6.61
CA LEU U 210 -26.24 -56.86 -6.54
C LEU U 210 -24.75 -56.69 -6.47
N GLY U 211 -24.23 -55.65 -7.08
CA GLY U 211 -22.80 -55.40 -6.95
C GLY U 211 -22.62 -54.01 -6.40
N PHE U 212 -21.61 -53.83 -5.57
CA PHE U 212 -21.32 -52.57 -4.97
C PHE U 212 -19.88 -52.15 -5.17
N VAL U 213 -19.63 -50.87 -5.34
CA VAL U 213 -18.25 -50.42 -5.50
C VAL U 213 -17.86 -49.39 -4.45
N SER U 214 -16.64 -49.54 -3.96
CA SER U 214 -16.04 -48.63 -3.02
C SER U 214 -14.55 -48.67 -3.13
N ALA U 215 -13.91 -47.66 -2.57
CA ALA U 215 -12.47 -47.63 -2.54
C ALA U 215 -11.89 -48.41 -1.36
N CYS U 216 -10.70 -48.96 -1.55
CA CYS U 216 -9.95 -49.62 -0.48
C CYS U 216 -9.33 -48.47 0.29
N PRO U 217 -8.74 -48.62 1.48
CA PRO U 217 -8.08 -47.57 2.27
C PRO U 217 -6.84 -46.88 1.68
N ASP U 218 -6.26 -47.46 0.62
CA ASP U 218 -5.08 -46.89 0.00
C ASP U 218 -5.36 -45.92 -1.15
N PHE U 219 -5.95 -44.74 -0.87
CA PHE U 219 -6.63 -43.95 -1.93
C PHE U 219 -6.43 -42.43 -1.76
N SER U 220 -6.27 -41.68 -2.88
CA SER U 220 -6.40 -40.25 -2.90
C SER U 220 -6.72 -39.73 -4.30
N VAL U 221 -7.00 -38.45 -4.35
CA VAL U 221 -7.24 -37.71 -5.58
C VAL U 221 -6.35 -36.48 -5.61
N ARG U 222 -6.13 -35.87 -6.79
CA ARG U 222 -5.24 -34.68 -6.82
C ARG U 222 -5.74 -33.28 -7.24
N LEU U 223 -6.58 -33.13 -8.26
CA LEU U 223 -6.99 -31.77 -8.67
C LEU U 223 -8.48 -31.66 -8.66
N LEU U 224 -9.01 -30.70 -7.94
CA LEU U 224 -10.44 -30.51 -7.92
C LEU U 224 -10.88 -29.90 -9.26
N ARG U 225 -12.01 -30.35 -9.81
CA ARG U 225 -12.55 -29.80 -11.07
C ARG U 225 -14.07 -29.68 -10.99
N ASP U 226 -14.67 -28.80 -11.78
CA ASP U 226 -16.13 -28.77 -11.82
C ASP U 226 -16.63 -30.08 -12.40
N THR U 227 -17.69 -30.64 -11.80
CA THR U 227 -18.22 -31.90 -12.31
C THR U 227 -19.01 -31.77 -13.60
N PRO U 228 -18.84 -32.69 -14.55
CA PRO U 228 -19.59 -32.77 -15.78
C PRO U 228 -20.99 -33.25 -15.60
N HIS U 229 -21.35 -33.74 -14.42
CA HIS U 229 -22.68 -34.27 -14.28
C HIS U 229 -23.81 -33.27 -14.06
N ILE U 230 -23.55 -32.04 -13.64
CA ILE U 230 -24.72 -31.19 -13.47
C ILE U 230 -24.70 -30.04 -14.45
N SER U 231 -25.83 -29.88 -15.12
CA SER U 231 -26.06 -28.84 -16.10
C SER U 231 -26.90 -27.72 -15.55
N GLN U 232 -26.95 -26.62 -16.31
CA GLN U 232 -27.80 -25.50 -15.98
C GLN U 232 -28.08 -24.70 -17.24
N SER U 233 -29.22 -24.03 -17.28
CA SER U 233 -29.53 -23.14 -18.38
C SER U 233 -28.69 -21.90 -18.22
N LYS U 234 -28.62 -21.04 -19.22
CA LYS U 234 -27.79 -19.88 -18.98
C LYS U 234 -28.41 -19.00 -17.94
N LEU U 235 -27.57 -18.43 -17.08
CA LEU U 235 -28.05 -17.50 -16.09
C LEU U 235 -27.88 -16.12 -16.70
N ILE U 236 -28.99 -15.44 -16.87
CA ILE U 236 -28.99 -14.15 -17.55
C ILE U 236 -28.84 -12.98 -16.61
N GLY U 237 -29.59 -12.97 -15.53
CA GLY U 237 -29.55 -11.86 -14.60
C GLY U 237 -30.94 -11.49 -14.13
N ARG U 238 -30.97 -10.47 -13.29
CA ARG U 238 -32.19 -9.96 -12.68
C ARG U 238 -32.24 -8.44 -12.81
N THR U 239 -33.47 -7.85 -12.81
CA THR U 239 -33.82 -6.41 -12.90
C THR U 239 -32.64 -5.40 -12.83
N GLY V 2 2.64 -11.49 17.19
CA GLY V 2 2.30 -12.84 17.58
C GLY V 2 2.09 -13.74 16.35
N ALA V 3 3.13 -13.82 15.49
CA ALA V 3 3.17 -14.62 14.25
C ALA V 3 3.24 -16.09 14.53
N GLN V 4 2.59 -16.87 13.68
CA GLN V 4 2.69 -18.29 13.80
C GLN V 4 3.52 -18.81 12.64
N VAL V 5 4.25 -19.89 12.87
CA VAL V 5 5.01 -20.47 11.79
C VAL V 5 4.57 -21.89 11.58
N SER V 6 4.20 -22.17 10.35
CA SER V 6 3.71 -23.47 9.97
C SER V 6 4.48 -24.06 8.83
N THR V 7 4.40 -25.37 8.70
CA THR V 7 5.08 -26.11 7.64
C THR V 7 4.34 -25.95 6.32
N GLN V 8 5.08 -25.76 5.25
CA GLN V 8 4.55 -25.66 3.90
C GLN V 8 4.36 -27.01 3.26
N LYS V 9 3.49 -27.05 2.28
CA LYS V 9 3.30 -28.28 1.52
C LYS V 9 4.45 -28.53 0.56
N THR V 10 4.79 -29.81 0.40
CA THR V 10 5.86 -30.33 -0.45
C THR V 10 5.71 -29.89 -1.91
N GLY V 11 6.81 -29.42 -2.50
CA GLY V 11 6.85 -28.95 -3.89
C GLY V 11 7.70 -29.86 -4.79
N ALA V 12 8.03 -29.35 -5.98
CA ALA V 12 8.82 -30.13 -6.94
C ALA V 12 10.28 -30.33 -6.55
N HIS V 13 10.87 -29.30 -5.94
CA HIS V 13 12.28 -29.35 -5.56
C HIS V 13 12.36 -29.69 -4.10
N GLU V 14 11.51 -29.05 -3.32
CA GLU V 14 11.45 -29.34 -1.91
C GLU V 14 10.50 -30.48 -1.84
N ASN V 15 11.03 -31.62 -2.22
CA ASN V 15 10.36 -32.85 -2.51
C ASN V 15 10.52 -33.88 -1.42
N GLN V 16 10.77 -33.42 -0.23
CA GLN V 16 10.98 -34.35 0.84
C GLN V 16 9.65 -34.81 1.37
N ASN V 17 9.47 -36.12 1.42
CA ASN V 17 8.18 -36.71 1.76
C ASN V 17 7.94 -36.77 3.24
N VAL V 18 8.91 -36.30 4.00
CA VAL V 18 8.83 -36.29 5.44
C VAL V 18 8.43 -34.91 5.95
N ALA V 19 8.41 -33.91 5.07
CA ALA V 19 8.05 -32.54 5.43
C ALA V 19 8.84 -32.04 6.62
N ALA V 20 10.10 -32.42 6.71
CA ALA V 20 10.92 -32.01 7.83
C ALA V 20 12.35 -31.80 7.44
N ASN V 21 12.59 -31.61 6.15
CA ASN V 21 13.94 -31.41 5.69
C ASN V 21 14.08 -30.05 5.05
N GLY V 22 14.85 -29.21 5.71
CA GLY V 22 15.07 -27.85 5.28
C GLY V 22 14.40 -26.85 6.21
N SER V 23 14.94 -25.63 6.24
CA SER V 23 14.43 -24.54 7.05
C SER V 23 13.55 -23.64 6.22
N THR V 24 13.51 -23.94 4.94
CA THR V 24 12.85 -23.15 3.91
C THR V 24 11.49 -23.68 3.55
N ILE V 25 11.05 -24.68 4.29
CA ILE V 25 9.78 -25.32 4.06
C ILE V 25 8.76 -24.80 5.03
N ASN V 26 9.01 -23.61 5.56
CA ASN V 26 8.15 -22.97 6.55
C ASN V 26 7.59 -21.67 6.02
N TYR V 27 6.45 -21.25 6.55
CA TYR V 27 5.89 -19.95 6.17
C TYR V 27 5.33 -19.25 7.38
N THR V 28 5.24 -17.94 7.29
CA THR V 28 4.77 -17.17 8.43
C THR V 28 3.44 -16.51 8.19
N THR V 29 2.53 -16.67 9.15
CA THR V 29 1.22 -16.03 9.10
C THR V 29 0.89 -15.24 10.35
N ILE V 30 0.44 -14.01 10.15
CA ILE V 30 0.00 -13.13 11.21
C ILE V 30 -1.42 -12.79 10.95
N ASN V 31 -2.29 -12.94 11.93
CA ASN V 31 -3.66 -12.55 11.74
C ASN V 31 -3.74 -11.05 11.95
N TYR V 32 -4.41 -10.35 11.05
CA TYR V 32 -4.49 -8.90 11.14
C TYR V 32 -5.84 -8.37 11.55
N TYR V 33 -6.76 -9.24 11.91
CA TYR V 33 -8.09 -8.79 12.22
C TYR V 33 -8.59 -9.27 13.57
N LYS V 34 -9.45 -8.46 14.17
CA LYS V 34 -10.09 -8.74 15.45
C LYS V 34 -11.04 -9.93 15.46
N ASP V 35 -11.70 -10.13 14.33
CA ASP V 35 -12.67 -11.17 14.15
C ASP V 35 -12.05 -12.41 13.53
N SER V 36 -12.08 -13.56 14.19
CA SER V 36 -11.42 -14.73 13.62
C SER V 36 -12.05 -15.17 12.30
N ALA V 37 -13.25 -14.70 12.00
CA ALA V 37 -13.92 -15.03 10.73
C ALA V 37 -13.11 -14.48 9.56
N SER V 38 -12.23 -13.51 9.83
CA SER V 38 -11.39 -12.86 8.85
C SER V 38 -10.12 -13.63 8.57
N ASN V 39 -9.86 -14.67 9.35
CA ASN V 39 -8.66 -15.44 9.20
C ASN V 39 -8.69 -16.22 7.92
N SER V 40 -7.51 -16.53 7.46
CA SER V 40 -7.30 -17.31 6.27
C SER V 40 -7.75 -18.72 6.58
N ALA V 41 -7.82 -19.56 5.59
CA ALA V 41 -8.32 -20.93 5.75
C ALA V 41 -7.55 -21.67 6.82
N THR V 42 -8.21 -22.63 7.45
CA THR V 42 -7.64 -23.36 8.56
C THR V 42 -6.47 -24.22 8.14
N ARG V 43 -5.73 -24.67 9.14
CA ARG V 43 -4.63 -25.54 8.92
C ARG V 43 -5.18 -26.85 8.45
N GLN V 44 -4.47 -27.51 7.57
CA GLN V 44 -4.93 -28.78 7.09
C GLN V 44 -4.97 -29.79 8.19
N ASP V 45 -6.05 -30.55 8.22
CA ASP V 45 -6.24 -31.58 9.22
C ASP V 45 -6.65 -32.85 8.51
N LEU V 46 -5.76 -33.80 8.51
CA LEU V 46 -5.92 -35.06 7.81
C LEU V 46 -6.51 -36.15 8.67
N SER V 47 -6.94 -35.79 9.86
CA SER V 47 -7.55 -36.77 10.74
C SER V 47 -8.79 -37.27 10.05
N GLN V 48 -9.07 -38.55 10.23
CA GLN V 48 -10.25 -39.13 9.61
C GLN V 48 -10.71 -40.34 10.37
N ASP V 49 -11.96 -40.74 10.18
CA ASP V 49 -12.49 -41.93 10.81
C ASP V 49 -13.61 -42.54 10.01
N PRO V 50 -13.33 -43.17 8.88
CA PRO V 50 -14.29 -43.65 7.92
C PRO V 50 -15.17 -44.75 8.47
N SER V 51 -14.75 -45.38 9.58
CA SER V 51 -15.51 -46.48 10.18
C SER V 51 -16.84 -45.98 10.67
N LYS V 52 -16.94 -44.67 10.86
CA LYS V 52 -18.17 -44.06 11.30
C LYS V 52 -19.28 -44.36 10.31
N PHE V 53 -18.94 -44.44 9.04
CA PHE V 53 -19.93 -44.66 8.04
C PHE V 53 -19.81 -46.05 7.42
N THR V 54 -18.61 -46.67 7.47
CA THR V 54 -18.44 -47.96 6.82
C THR V 54 -18.63 -49.16 7.74
N GLU V 55 -18.53 -48.97 9.05
CA GLU V 55 -18.74 -50.06 9.97
C GLU V 55 -19.51 -49.61 11.20
N PRO V 56 -20.73 -49.07 11.06
CA PRO V 56 -21.54 -48.58 12.16
C PRO V 56 -22.21 -49.77 12.81
N VAL V 57 -21.41 -50.63 13.39
CA VAL V 57 -21.90 -51.90 13.89
C VAL V 57 -21.83 -52.03 15.38
N LYS V 58 -22.95 -52.40 16.00
CA LYS V 58 -22.93 -52.56 17.44
C LYS V 58 -22.06 -53.71 17.88
N ASP V 59 -22.24 -54.90 17.29
CA ASP V 59 -21.43 -56.03 17.71
C ASP V 59 -20.30 -56.19 16.71
N LEU V 60 -19.12 -55.79 17.15
CA LEU V 60 -17.98 -55.74 16.26
C LEU V 60 -17.45 -57.10 15.91
N MET V 61 -17.05 -57.23 14.66
CA MET V 61 -16.49 -58.45 14.13
C MET V 61 -15.14 -58.16 13.52
N LEU V 62 -14.25 -59.10 13.61
CA LEU V 62 -12.96 -58.99 12.94
C LEU V 62 -13.24 -59.19 11.48
N LYS V 63 -12.47 -58.56 10.61
CA LYS V 63 -12.71 -58.74 9.18
C LYS V 63 -12.49 -60.16 8.71
N THR V 64 -11.75 -60.94 9.47
CA THR V 64 -11.44 -62.30 9.10
C THR V 64 -12.49 -63.26 9.65
N ALA V 65 -13.35 -62.78 10.53
CA ALA V 65 -14.37 -63.61 11.11
C ALA V 65 -15.40 -63.82 10.05
N PRO V 66 -16.15 -64.91 10.03
CA PRO V 66 -17.28 -65.01 9.16
C PRO V 66 -18.10 -63.82 9.57
N ALA V 67 -18.63 -63.05 8.62
CA ALA V 67 -19.40 -61.89 9.03
C ALA V 67 -20.59 -62.29 9.89
N LEU V 68 -21.18 -63.42 9.57
CA LEU V 68 -22.30 -63.94 10.35
C LEU V 68 -21.89 -65.29 10.90
N ASN V 69 -22.19 -65.58 12.20
CA ASN V 69 -21.86 -66.87 12.84
C ASN V 69 -22.37 -66.90 14.30
#